data_2LTD
#
_entry.id   2LTD
#
_entity_poly.entity_id   1
_entity_poly.type   'polypeptide(L)'
_entity_poly.pdbx_seq_one_letter_code
;MADKLKFEIIEELIVLSENAKGWRKELNRVSWNDAEPKYDIRTWSPDHEKMGKGITLSEEEFGVLLKELGNKLEHHHHHH
;
_entity_poly.pdbx_strand_id   A,B
#
# COMPACT_ATOMS: atom_id res chain seq x y z
N MET A 1 23.44 -13.77 8.78
CA MET A 1 22.80 -14.99 9.33
C MET A 1 21.57 -14.59 10.16
N ALA A 2 20.40 -14.64 9.51
CA ALA A 2 19.09 -14.40 10.14
C ALA A 2 18.01 -15.12 9.33
N ASP A 3 17.17 -15.91 10.02
CA ASP A 3 16.06 -16.66 9.38
C ASP A 3 15.03 -15.66 8.84
N LYS A 4 14.48 -14.83 9.77
CA LYS A 4 13.65 -13.65 9.42
C LYS A 4 14.48 -12.63 8.61
N LEU A 5 13.78 -11.70 7.93
CA LEU A 5 14.43 -10.60 7.22
C LEU A 5 14.64 -9.45 8.20
N LYS A 6 15.86 -8.93 8.20
CA LYS A 6 16.19 -7.71 8.95
C LYS A 6 15.56 -6.48 8.28
N PHE A 7 15.14 -5.51 9.11
CA PHE A 7 14.50 -4.27 8.66
C PHE A 7 14.68 -3.17 9.73
N GLU A 8 14.64 -1.90 9.31
CA GLU A 8 14.66 -0.75 10.22
C GLU A 8 13.88 0.41 9.61
N ILE A 9 13.07 1.11 10.42
CA ILE A 9 12.26 2.23 9.95
C ILE A 9 13.12 3.49 9.99
N ILE A 10 13.42 4.00 8.80
CA ILE A 10 14.29 5.17 8.60
C ILE A 10 13.48 6.45 8.82
N GLU A 11 12.22 6.43 8.38
CA GLU A 11 11.32 7.59 8.45
C GLU A 11 9.86 7.12 8.39
N GLU A 12 8.96 7.91 9.00
CA GLU A 12 7.50 7.73 8.90
C GLU A 12 6.95 8.77 7.92
N LEU A 13 5.99 8.37 7.07
CA LEU A 13 5.39 9.27 6.07
C LEU A 13 3.94 9.60 6.46
N ILE A 14 3.12 8.56 6.57
CA ILE A 14 1.67 8.67 6.78
C ILE A 14 1.23 7.62 7.80
N VAL A 15 0.34 8.00 8.72
CA VAL A 15 -0.43 7.04 9.53
C VAL A 15 -1.89 7.08 9.04
N LEU A 16 -2.38 5.95 8.55
CA LEU A 16 -3.72 5.85 7.93
C LEU A 16 -4.80 5.58 8.98
N SER A 17 -4.39 4.92 10.10
CA SER A 17 -5.26 4.53 11.21
C SER A 17 -4.48 3.71 12.27
N GLU A 18 -5.11 3.55 13.45
CA GLU A 18 -4.52 2.94 14.65
C GLU A 18 -5.46 1.85 15.18
N ASN A 19 -4.89 0.70 15.61
CA ASN A 19 -5.69 -0.47 16.07
C ASN A 19 -5.98 -0.36 17.58
N ALA A 20 -6.86 -1.24 18.11
CA ALA A 20 -7.16 -1.34 19.55
C ALA A 20 -5.88 -1.63 20.35
N LYS A 21 -5.06 -2.58 19.85
CA LYS A 21 -3.71 -2.89 20.43
C LYS A 21 -2.66 -1.84 20.02
N GLY A 22 -3.09 -0.89 19.17
CA GLY A 22 -2.29 0.23 18.72
C GLY A 22 -1.88 0.07 17.27
N TRP A 23 -1.75 -1.20 16.81
CA TRP A 23 -1.17 -1.57 15.50
C TRP A 23 -1.65 -0.64 14.35
N ARG A 24 -0.74 0.23 13.88
CA ARG A 24 -1.07 1.31 12.97
C ARG A 24 -0.81 0.86 11.54
N LYS A 25 -1.80 1.02 10.65
CA LYS A 25 -1.57 0.76 9.22
C LYS A 25 -1.04 2.07 8.64
N GLU A 26 0.24 2.06 8.33
CA GLU A 26 0.98 3.26 7.98
C GLU A 26 1.92 3.01 6.80
N LEU A 27 2.24 4.12 6.14
CA LEU A 27 3.23 4.21 5.08
C LEU A 27 4.48 4.88 5.67
N ASN A 28 5.60 4.17 5.62
CA ASN A 28 6.89 4.64 6.16
C ASN A 28 8.04 4.06 5.35
N ARG A 29 9.19 4.71 5.42
CA ARG A 29 10.40 4.34 4.69
C ARG A 29 11.23 3.42 5.57
N VAL A 30 11.45 2.18 5.07
CA VAL A 30 12.18 1.12 5.78
C VAL A 30 13.36 0.65 4.94
N SER A 31 14.49 0.36 5.61
CA SER A 31 15.70 -0.20 4.98
C SER A 31 15.72 -1.70 5.32
N TRP A 32 15.75 -2.55 4.29
CA TRP A 32 15.69 -4.01 4.45
C TRP A 32 17.11 -4.59 4.40
N ASN A 33 17.47 -5.31 5.49
CA ASN A 33 18.73 -6.09 5.59
C ASN A 33 19.97 -5.24 5.27
N ASP A 34 20.04 -4.04 5.89
CA ASP A 34 21.18 -3.08 5.75
C ASP A 34 21.35 -2.54 4.31
N ALA A 35 20.30 -2.69 3.48
CA ALA A 35 20.32 -2.27 2.06
C ALA A 35 19.55 -0.95 1.85
N GLU A 36 19.40 -0.56 0.57
CA GLU A 36 18.75 0.69 0.14
C GLU A 36 17.33 0.82 0.76
N PRO A 37 17.04 1.93 1.53
CA PRO A 37 15.69 2.16 2.07
C PRO A 37 14.67 2.42 0.95
N LYS A 38 13.46 1.90 1.16
CA LYS A 38 12.35 2.00 0.22
C LYS A 38 11.08 2.33 1.00
N TYR A 39 9.98 2.53 0.29
CA TYR A 39 8.68 2.83 0.88
C TYR A 39 7.96 1.51 1.23
N ASP A 40 7.32 1.48 2.38
CA ASP A 40 6.63 0.29 2.91
C ASP A 40 5.27 0.70 3.47
N ILE A 41 4.25 -0.10 3.15
CA ILE A 41 2.87 0.18 3.53
C ILE A 41 2.27 -1.11 4.11
N ARG A 42 1.96 -1.06 5.40
CA ARG A 42 1.50 -2.24 6.18
C ARG A 42 1.07 -1.82 7.56
N THR A 43 0.62 -2.79 8.35
CA THR A 43 0.24 -2.57 9.73
C THR A 43 1.46 -2.95 10.58
N TRP A 44 1.93 -1.99 11.36
CA TRP A 44 3.08 -2.12 12.25
C TRP A 44 2.57 -2.03 13.69
N SER A 45 3.38 -2.52 14.63
CA SER A 45 3.17 -2.26 16.06
C SER A 45 3.28 -0.73 16.34
N PRO A 46 2.60 -0.19 17.40
CA PRO A 46 2.79 1.24 17.79
C PRO A 46 4.27 1.55 18.18
N ASP A 47 4.95 0.55 18.78
CA ASP A 47 6.39 0.61 19.11
C ASP A 47 7.27 0.27 17.87
N HIS A 48 6.61 -0.20 16.79
CA HIS A 48 7.23 -0.62 15.51
C HIS A 48 8.15 -1.85 15.69
N GLU A 49 7.93 -2.62 16.79
CA GLU A 49 8.70 -3.83 17.12
C GLU A 49 8.42 -4.96 16.12
N LYS A 50 7.22 -4.92 15.51
CA LYS A 50 6.74 -5.97 14.59
C LYS A 50 5.98 -5.32 13.41
N MET A 51 5.61 -6.20 12.47
CA MET A 51 5.00 -5.85 11.18
C MET A 51 4.05 -6.98 10.75
N GLY A 52 3.28 -6.74 9.68
CA GLY A 52 2.42 -7.78 9.12
C GLY A 52 2.02 -7.52 7.69
N LYS A 53 0.74 -7.84 7.36
CA LYS A 53 0.15 -7.76 6.02
C LYS A 53 0.40 -6.39 5.38
N GLY A 54 1.25 -6.39 4.32
CA GLY A 54 1.59 -5.20 3.58
C GLY A 54 2.70 -5.48 2.59
N ILE A 55 3.12 -4.43 1.88
CA ILE A 55 3.94 -4.59 0.67
C ILE A 55 5.05 -3.52 0.60
N THR A 56 6.12 -3.88 -0.14
CA THR A 56 7.26 -3.01 -0.44
C THR A 56 7.01 -2.25 -1.76
N LEU A 57 7.41 -0.98 -1.76
CA LEU A 57 7.33 -0.06 -2.91
C LEU A 57 8.69 0.64 -3.04
N SER A 58 9.23 0.67 -4.25
CA SER A 58 10.51 1.34 -4.54
C SER A 58 10.24 2.75 -5.07
N GLU A 59 11.31 3.47 -5.47
CA GLU A 59 11.21 4.77 -6.15
C GLU A 59 10.29 4.70 -7.38
N GLU A 60 10.52 3.65 -8.18
CA GLU A 60 9.73 3.32 -9.39
C GLU A 60 8.23 3.34 -9.10
N GLU A 61 7.86 2.43 -8.20
CA GLU A 61 6.48 2.00 -7.97
C GLU A 61 5.71 3.05 -7.17
N PHE A 62 6.37 3.62 -6.14
CA PHE A 62 5.81 4.71 -5.33
C PHE A 62 5.66 5.98 -6.17
N GLY A 63 6.63 6.24 -7.08
CA GLY A 63 6.55 7.36 -8.01
C GLY A 63 5.32 7.28 -8.91
N VAL A 64 5.13 6.11 -9.55
CA VAL A 64 3.95 5.80 -10.38
C VAL A 64 2.65 5.94 -9.54
N LEU A 65 2.70 5.50 -8.27
CA LEU A 65 1.54 5.58 -7.34
C LEU A 65 1.12 7.05 -7.18
N LEU A 66 2.09 7.91 -6.79
CA LEU A 66 1.88 9.37 -6.57
C LEU A 66 1.29 10.05 -7.81
N LYS A 67 1.83 9.66 -8.98
CA LYS A 67 1.41 10.19 -10.29
C LYS A 67 -0.07 9.94 -10.56
N GLU A 68 -0.45 8.65 -10.54
CA GLU A 68 -1.76 8.21 -10.99
C GLU A 68 -2.84 8.49 -9.94
N LEU A 69 -2.43 8.60 -8.65
CA LEU A 69 -3.31 9.08 -7.57
C LEU A 69 -3.55 10.58 -7.74
N GLY A 70 -2.47 11.31 -8.08
CA GLY A 70 -2.53 12.74 -8.36
C GLY A 70 -3.46 13.07 -9.53
N ASN A 71 -3.53 12.12 -10.49
CA ASN A 71 -4.53 12.15 -11.57
C ASN A 71 -5.94 11.98 -10.97
N LYS A 72 -6.17 10.79 -10.33
CA LYS A 72 -7.44 10.40 -9.63
C LYS A 72 -8.06 11.49 -8.73
N LEU A 73 -7.22 12.39 -8.17
CA LEU A 73 -7.68 13.53 -7.33
C LEU A 73 -8.50 14.58 -8.12
N GLU A 74 -8.64 14.36 -9.45
CA GLU A 74 -9.57 15.11 -10.32
C GLU A 74 -11.02 14.79 -9.92
N HIS A 75 -11.25 13.49 -9.61
CA HIS A 75 -12.52 12.99 -9.08
C HIS A 75 -12.67 13.47 -7.64
N HIS A 76 -13.76 14.21 -7.36
CA HIS A 76 -14.09 14.69 -6.01
C HIS A 76 -14.77 13.57 -5.22
N HIS A 77 -14.01 12.47 -5.01
CA HIS A 77 -14.47 11.32 -4.22
C HIS A 77 -14.30 11.71 -2.74
N HIS A 78 -15.44 12.00 -2.08
CA HIS A 78 -15.50 12.57 -0.72
C HIS A 78 -14.97 11.61 0.36
N HIS A 79 -14.56 10.37 -0.04
CA HIS A 79 -14.11 9.28 0.86
C HIS A 79 -15.11 9.05 2.01
N HIS A 80 -16.38 9.29 1.64
CA HIS A 80 -17.57 9.16 2.47
C HIS A 80 -18.78 9.13 1.50
N MET B 1 -21.18 -20.19 5.95
CA MET B 1 -19.97 -20.39 6.79
C MET B 1 -18.72 -20.44 5.91
N ALA B 2 -17.63 -19.80 6.37
CA ALA B 2 -16.37 -19.75 5.62
C ALA B 2 -15.17 -19.73 6.59
N ASP B 3 -14.25 -20.68 6.41
CA ASP B 3 -12.93 -20.72 7.09
C ASP B 3 -11.88 -19.94 6.26
N LYS B 4 -12.37 -19.23 5.23
CA LYS B 4 -11.57 -18.56 4.21
C LYS B 4 -12.19 -17.18 3.93
N LEU B 5 -11.40 -16.22 3.42
CA LEU B 5 -11.97 -14.96 2.90
C LEU B 5 -12.18 -15.10 1.40
N LYS B 6 -13.13 -14.34 0.88
CA LYS B 6 -13.52 -14.33 -0.53
C LYS B 6 -13.21 -12.93 -1.06
N PHE B 7 -12.76 -12.83 -2.30
CA PHE B 7 -12.33 -11.56 -2.90
C PHE B 7 -12.83 -11.50 -4.34
N GLU B 8 -13.35 -10.33 -4.74
CA GLU B 8 -13.81 -10.07 -6.09
C GLU B 8 -13.34 -8.67 -6.48
N ILE B 9 -12.55 -8.58 -7.55
CA ILE B 9 -11.89 -7.32 -7.94
C ILE B 9 -12.94 -6.44 -8.66
N ILE B 10 -13.23 -5.30 -8.07
CA ILE B 10 -14.28 -4.38 -8.55
C ILE B 10 -13.70 -3.43 -9.62
N GLU B 11 -12.51 -2.89 -9.34
CA GLU B 11 -11.87 -1.87 -10.22
C GLU B 11 -10.35 -1.90 -10.05
N GLU B 12 -9.61 -1.83 -11.17
CA GLU B 12 -8.14 -1.79 -11.17
C GLU B 12 -7.72 -0.32 -11.21
N LEU B 13 -6.92 0.13 -10.22
CA LEU B 13 -6.59 1.56 -10.09
C LEU B 13 -5.26 1.89 -10.76
N ILE B 14 -4.18 1.22 -10.30
CA ILE B 14 -2.80 1.50 -10.74
C ILE B 14 -2.02 0.19 -10.72
N VAL B 15 -1.33 -0.16 -11.82
CA VAL B 15 -0.32 -1.23 -11.81
C VAL B 15 1.06 -0.58 -11.57
N LEU B 16 1.74 -1.01 -10.51
CA LEU B 16 2.99 -0.38 -10.04
C LEU B 16 4.23 -1.04 -10.66
N SER B 17 4.10 -2.33 -11.06
CA SER B 17 5.15 -3.13 -11.70
C SER B 17 4.66 -4.57 -12.00
N GLU B 18 5.38 -5.24 -12.92
CA GLU B 18 5.06 -6.59 -13.44
C GLU B 18 6.31 -7.50 -13.34
N ASN B 19 6.12 -8.76 -12.93
CA ASN B 19 7.25 -9.69 -12.68
C ASN B 19 7.59 -10.48 -13.97
N ALA B 20 8.75 -11.19 -13.98
CA ALA B 20 9.12 -12.10 -15.07
C ALA B 20 8.10 -13.25 -15.20
N LYS B 21 7.60 -13.72 -14.02
CA LYS B 21 6.50 -14.71 -13.96
C LYS B 21 5.13 -14.04 -14.25
N GLY B 22 5.13 -12.70 -14.21
CA GLY B 22 3.99 -11.85 -14.52
C GLY B 22 3.52 -11.07 -13.29
N TRP B 23 3.72 -11.67 -12.09
CA TRP B 23 3.16 -11.18 -10.79
C TRP B 23 3.26 -9.65 -10.65
N ARG B 24 2.10 -8.98 -10.74
CA ARG B 24 2.02 -7.52 -10.77
C ARG B 24 1.65 -7.01 -9.40
N LYS B 25 2.45 -6.08 -8.86
CA LYS B 25 2.07 -5.41 -7.63
C LYS B 25 1.24 -4.20 -8.02
N GLU B 26 -0.04 -4.27 -7.72
CA GLU B 26 -1.02 -3.30 -8.16
C GLU B 26 -1.93 -2.86 -7.00
N LEU B 27 -2.35 -1.60 -7.11
CA LEU B 27 -3.41 -1.01 -6.33
C LEU B 27 -4.73 -1.16 -7.11
N ASN B 28 -5.71 -1.75 -6.46
CA ASN B 28 -7.07 -1.96 -7.00
C ASN B 28 -8.09 -1.76 -5.87
N ARG B 29 -9.36 -1.97 -6.19
CA ARG B 29 -10.48 -2.01 -5.25
C ARG B 29 -11.12 -3.38 -5.36
N VAL B 30 -11.18 -4.09 -4.24
CA VAL B 30 -11.75 -5.45 -4.13
C VAL B 30 -12.88 -5.46 -3.08
N SER B 31 -13.89 -6.31 -3.31
CA SER B 31 -14.98 -6.55 -2.38
C SER B 31 -14.67 -7.88 -1.69
N TRP B 32 -14.64 -7.87 -0.35
CA TRP B 32 -14.35 -9.08 0.44
C TRP B 32 -15.64 -9.66 0.98
N ASN B 33 -15.86 -10.97 0.72
CA ASN B 33 -16.96 -11.77 1.29
C ASN B 33 -18.34 -11.23 0.86
N ASP B 34 -18.40 -10.66 -0.37
CA ASP B 34 -19.61 -9.98 -0.94
C ASP B 34 -20.08 -8.79 -0.10
N ALA B 35 -19.17 -8.26 0.74
CA ALA B 35 -19.47 -7.17 1.69
C ALA B 35 -18.94 -5.84 1.12
N GLU B 36 -18.68 -4.85 1.99
CA GLU B 36 -18.12 -3.53 1.61
C GLU B 36 -16.87 -3.66 0.67
N PRO B 37 -16.90 -3.04 -0.56
CA PRO B 37 -15.71 -2.92 -1.42
C PRO B 37 -14.77 -1.81 -0.89
N LYS B 38 -13.48 -2.12 -0.86
CA LYS B 38 -12.44 -1.25 -0.32
C LYS B 38 -11.20 -1.34 -1.19
N TYR B 39 -10.21 -0.50 -0.88
CA TYR B 39 -8.95 -0.43 -1.63
C TYR B 39 -7.97 -1.51 -1.14
N ASP B 40 -7.38 -2.21 -2.10
CA ASP B 40 -6.42 -3.30 -1.87
C ASP B 40 -5.14 -3.01 -2.62
N ILE B 41 -4.00 -3.25 -1.98
CA ILE B 41 -2.68 -3.03 -2.59
C ILE B 41 -1.78 -4.22 -2.23
N ARG B 42 -1.36 -4.96 -3.26
CA ARG B 42 -0.56 -6.21 -3.08
C ARG B 42 -0.04 -6.70 -4.42
N THR B 43 0.72 -7.81 -4.39
CA THR B 43 1.20 -8.47 -5.59
C THR B 43 0.23 -9.61 -5.91
N TRP B 44 -0.33 -9.56 -7.11
CA TRP B 44 -1.27 -10.54 -7.63
C TRP B 44 -0.58 -11.29 -8.77
N SER B 45 -1.08 -12.48 -9.09
CA SER B 45 -0.70 -13.21 -10.30
C SER B 45 -1.15 -12.42 -11.57
N PRO B 46 -0.54 -12.65 -12.77
CA PRO B 46 -1.01 -12.04 -14.04
C PRO B 46 -2.48 -12.41 -14.34
N ASP B 47 -2.86 -13.63 -13.93
CA ASP B 47 -4.23 -14.17 -14.07
C ASP B 47 -5.11 -13.84 -12.84
N HIS B 48 -4.50 -13.20 -11.81
CA HIS B 48 -5.16 -12.87 -10.51
C HIS B 48 -5.62 -14.13 -9.75
N GLU B 49 -5.09 -15.30 -10.17
CA GLU B 49 -5.43 -16.62 -9.60
C GLU B 49 -4.89 -16.75 -8.17
N LYS B 50 -3.82 -15.99 -7.86
CA LYS B 50 -3.18 -15.99 -6.55
C LYS B 50 -2.86 -14.53 -6.15
N MET B 51 -2.36 -14.40 -4.93
CA MET B 51 -2.10 -13.11 -4.28
C MET B 51 -1.06 -13.30 -3.17
N GLY B 52 -0.56 -12.19 -2.62
CA GLY B 52 0.43 -12.26 -1.55
C GLY B 52 0.48 -10.99 -0.72
N LYS B 53 1.71 -10.66 -0.27
CA LYS B 53 1.99 -9.57 0.68
C LYS B 53 1.32 -8.26 0.26
N GLY B 54 0.39 -7.78 1.09
CA GLY B 54 -0.33 -6.56 0.84
C GLY B 54 -1.34 -6.29 1.91
N ILE B 55 -2.07 -5.18 1.78
CA ILE B 55 -2.93 -4.65 2.85
C ILE B 55 -4.25 -4.09 2.27
N THR B 56 -5.29 -4.15 3.13
CA THR B 56 -6.63 -3.61 2.88
C THR B 56 -6.74 -2.20 3.52
N LEU B 57 -7.36 -1.29 2.77
CA LEU B 57 -7.53 0.13 3.12
C LEU B 57 -9.00 0.51 2.85
N SER B 58 -9.62 1.21 3.79
CA SER B 58 -11.01 1.69 3.64
C SER B 58 -10.99 3.00 2.85
N GLU B 59 -12.17 3.51 2.44
CA GLU B 59 -12.25 4.80 1.72
C GLU B 59 -11.71 5.95 2.58
N GLU B 60 -11.96 5.86 3.91
CA GLU B 60 -11.44 6.81 4.92
C GLU B 60 -9.90 6.81 4.96
N GLU B 61 -9.33 5.61 5.09
CA GLU B 61 -7.88 5.40 5.32
C GLU B 61 -7.08 5.74 4.06
N PHE B 62 -7.55 5.22 2.92
CA PHE B 62 -7.01 5.53 1.59
C PHE B 62 -7.23 7.02 1.27
N GLY B 63 -8.33 7.60 1.79
CA GLY B 63 -8.55 9.04 1.72
C GLY B 63 -7.42 9.82 2.37
N VAL B 64 -7.02 9.38 3.60
CA VAL B 64 -5.87 9.95 4.33
C VAL B 64 -4.57 9.79 3.51
N LEU B 65 -4.43 8.62 2.83
CA LEU B 65 -3.27 8.34 1.96
C LEU B 65 -3.18 9.41 0.84
N LEU B 66 -4.31 9.62 0.12
CA LEU B 66 -4.43 10.61 -0.98
C LEU B 66 -4.08 12.04 -0.52
N LYS B 67 -4.61 12.40 0.67
CA LYS B 67 -4.43 13.71 1.31
C LYS B 67 -2.95 14.01 1.57
N GLU B 68 -2.33 13.13 2.34
CA GLU B 68 -0.96 13.28 2.82
C GLU B 68 0.07 13.13 1.66
N LEU B 69 -0.18 12.19 0.72
CA LEU B 69 0.66 12.05 -0.50
C LEU B 69 0.59 13.31 -1.34
N GLY B 70 -0.65 13.84 -1.49
CA GLY B 70 -0.90 15.07 -2.23
C GLY B 70 -0.16 16.26 -1.63
N ASN B 71 -0.08 16.29 -0.28
CA ASN B 71 0.68 17.29 0.47
C ASN B 71 2.18 17.18 0.13
N LYS B 72 2.77 16.00 0.45
CA LYS B 72 4.19 15.62 0.14
C LYS B 72 4.65 15.94 -1.30
N LEU B 73 3.70 15.97 -2.27
CA LEU B 73 4.00 16.34 -3.68
C LEU B 73 4.47 17.82 -3.82
N GLU B 74 4.40 18.62 -2.72
CA GLU B 74 4.98 19.98 -2.69
C GLU B 74 6.51 19.90 -2.80
N HIS B 75 7.06 18.88 -2.13
CA HIS B 75 8.45 18.48 -2.24
C HIS B 75 8.65 17.73 -3.57
N HIS B 76 8.80 18.52 -4.66
CA HIS B 76 9.07 18.01 -6.01
C HIS B 76 10.46 17.37 -6.07
N HIS B 77 10.53 16.06 -5.80
CA HIS B 77 11.74 15.27 -5.95
C HIS B 77 11.42 14.09 -6.86
N HIS B 78 12.11 14.02 -8.01
CA HIS B 78 11.90 12.95 -8.98
C HIS B 78 12.36 11.62 -8.37
N HIS B 79 11.43 10.68 -8.33
CA HIS B 79 11.70 9.29 -7.94
C HIS B 79 12.38 8.60 -9.11
N HIS B 80 13.24 7.62 -8.83
CA HIS B 80 14.06 6.95 -9.84
C HIS B 80 13.26 5.78 -10.46
N MET A 1 16.37 -15.59 0.30
CA MET A 1 16.80 -16.82 1.00
C MET A 1 17.82 -16.45 2.09
N ALA A 2 17.31 -16.05 3.27
CA ALA A 2 18.14 -15.67 4.44
C ALA A 2 17.38 -15.99 5.74
N ASP A 3 18.11 -16.47 6.77
CA ASP A 3 17.54 -16.92 8.06
C ASP A 3 16.66 -15.82 8.69
N LYS A 4 17.31 -14.74 9.14
CA LYS A 4 16.65 -13.57 9.71
C LYS A 4 17.06 -12.33 8.91
N LEU A 5 16.08 -11.51 8.54
CA LEU A 5 16.30 -10.24 7.85
C LEU A 5 16.56 -9.13 8.87
N LYS A 6 17.04 -8.02 8.36
CA LYS A 6 17.23 -6.79 9.13
C LYS A 6 16.31 -5.76 8.52
N PHE A 7 15.65 -4.97 9.36
CA PHE A 7 14.78 -3.87 8.93
C PHE A 7 14.97 -2.71 9.88
N GLU A 8 14.93 -1.49 9.37
CA GLU A 8 14.99 -0.27 10.19
C GLU A 8 14.09 0.78 9.56
N ILE A 9 13.23 1.38 10.38
CA ILE A 9 12.31 2.43 9.94
C ILE A 9 13.12 3.72 9.82
N ILE A 10 13.36 4.13 8.57
CA ILE A 10 14.16 5.31 8.24
C ILE A 10 13.31 6.55 8.56
N GLU A 11 12.02 6.47 8.22
CA GLU A 11 11.08 7.59 8.43
C GLU A 11 9.64 7.06 8.44
N GLU A 12 8.76 7.76 9.15
CA GLU A 12 7.31 7.54 9.15
C GLU A 12 6.69 8.60 8.23
N LEU A 13 5.81 8.20 7.30
CA LEU A 13 5.27 9.14 6.29
C LEU A 13 3.84 9.57 6.65
N ILE A 14 2.94 8.58 6.74
CA ILE A 14 1.50 8.82 6.93
C ILE A 14 0.92 7.70 7.81
N VAL A 15 0.23 8.04 8.90
CA VAL A 15 -0.55 7.05 9.67
C VAL A 15 -1.96 6.99 9.08
N LEU A 16 -2.32 5.84 8.51
CA LEU A 16 -3.57 5.64 7.75
C LEU A 16 -4.71 5.20 8.69
N SER A 17 -4.33 4.55 9.81
CA SER A 17 -5.27 4.00 10.81
C SER A 17 -4.50 3.52 12.05
N GLU A 18 -5.20 3.41 13.19
CA GLU A 18 -4.66 2.90 14.47
C GLU A 18 -5.67 1.91 15.07
N ASN A 19 -5.18 0.80 15.67
CA ASN A 19 -6.07 -0.26 16.20
C ASN A 19 -6.40 0.03 17.69
N ALA A 20 -7.44 -0.62 18.22
CA ALA A 20 -7.75 -0.62 19.67
C ALA A 20 -6.63 -1.33 20.48
N LYS A 21 -5.97 -2.30 19.82
CA LYS A 21 -4.72 -2.92 20.34
C LYS A 21 -3.50 -2.00 20.11
N GLY A 22 -3.69 -0.98 19.25
CA GLY A 22 -2.71 0.05 18.94
C GLY A 22 -2.27 -0.04 17.49
N TRP A 23 -2.25 -1.30 16.96
CA TRP A 23 -1.65 -1.65 15.65
C TRP A 23 -2.00 -0.62 14.53
N ARG A 24 -1.01 0.18 14.14
CA ARG A 24 -1.19 1.31 13.25
C ARG A 24 -0.95 0.90 11.81
N LYS A 25 -1.99 0.97 10.98
CA LYS A 25 -1.86 0.75 9.55
C LYS A 25 -1.30 2.03 8.96
N GLU A 26 -0.03 2.01 8.57
CA GLU A 26 0.69 3.20 8.12
C GLU A 26 1.57 2.93 6.91
N LEU A 27 1.97 4.03 6.29
CA LEU A 27 2.97 4.10 5.23
C LEU A 27 4.24 4.74 5.82
N ASN A 28 5.35 4.02 5.75
CA ASN A 28 6.65 4.45 6.27
C ASN A 28 7.76 4.05 5.29
N ARG A 29 8.94 4.66 5.41
CA ARG A 29 10.13 4.28 4.63
C ARG A 29 11.02 3.42 5.52
N VAL A 30 11.31 2.20 5.03
CA VAL A 30 12.13 1.19 5.71
C VAL A 30 13.34 0.82 4.82
N SER A 31 14.43 0.39 5.44
CA SER A 31 15.58 -0.18 4.75
C SER A 31 15.72 -1.63 5.22
N TRP A 32 15.92 -2.54 4.26
CA TRP A 32 16.05 -3.98 4.51
C TRP A 32 17.51 -4.40 4.27
N ASN A 33 18.15 -4.94 5.33
CA ASN A 33 19.53 -5.50 5.28
C ASN A 33 20.57 -4.45 4.84
N ASP A 34 20.34 -3.18 5.25
CA ASP A 34 21.18 -2.00 4.91
C ASP A 34 21.26 -1.76 3.39
N ALA A 35 20.18 -2.13 2.66
CA ALA A 35 20.07 -1.90 1.20
C ALA A 35 19.43 -0.52 0.95
N GLU A 36 19.14 -0.23 -0.32
CA GLU A 36 18.42 0.99 -0.73
C GLU A 36 17.10 1.18 0.07
N PRO A 37 16.92 2.33 0.80
CA PRO A 37 15.68 2.62 1.56
C PRO A 37 14.52 2.88 0.59
N LYS A 38 13.37 2.31 0.89
CA LYS A 38 12.20 2.37 0.01
C LYS A 38 10.93 2.38 0.85
N TYR A 39 9.80 2.55 0.17
CA TYR A 39 8.49 2.72 0.80
C TYR A 39 7.91 1.37 1.20
N ASP A 40 7.28 1.35 2.35
CA ASP A 40 6.63 0.16 2.90
C ASP A 40 5.29 0.57 3.48
N ILE A 41 4.28 -0.28 3.27
CA ILE A 41 2.92 -0.05 3.77
C ILE A 41 2.47 -1.33 4.49
N ARG A 42 2.31 -1.18 5.80
CA ARG A 42 2.17 -2.27 6.76
C ARG A 42 1.41 -1.76 7.98
N THR A 43 0.81 -2.68 8.74
CA THR A 43 0.23 -2.43 10.04
C THR A 43 1.26 -2.88 11.07
N TRP A 44 1.73 -1.95 11.91
CA TRP A 44 2.83 -2.19 12.87
C TRP A 44 2.24 -2.12 14.28
N SER A 45 2.95 -2.69 15.25
CA SER A 45 2.64 -2.44 16.68
C SER A 45 2.91 -0.94 17.02
N PRO A 46 2.40 -0.41 18.19
CA PRO A 46 2.87 0.91 18.72
C PRO A 46 4.40 0.95 18.91
N ASP A 47 4.96 -0.25 19.21
CA ASP A 47 6.41 -0.45 19.41
C ASP A 47 7.14 -0.58 18.07
N HIS A 48 6.37 -0.71 16.95
CA HIS A 48 6.92 -0.72 15.56
C HIS A 48 7.85 -1.90 15.28
N GLU A 49 7.68 -3.00 16.02
CA GLU A 49 8.50 -4.22 15.86
C GLU A 49 7.65 -5.42 15.40
N LYS A 50 6.32 -5.28 15.51
CA LYS A 50 5.38 -6.37 15.16
C LYS A 50 4.76 -6.05 13.81
N MET A 51 4.88 -7.01 12.89
CA MET A 51 4.49 -6.89 11.48
C MET A 51 3.83 -8.18 10.99
N GLY A 52 3.27 -8.12 9.78
CA GLY A 52 2.58 -9.23 9.14
C GLY A 52 2.52 -8.99 7.63
N LYS A 53 1.35 -9.20 7.01
CA LYS A 53 1.19 -9.07 5.54
C LYS A 53 1.04 -7.60 5.12
N GLY A 54 2.13 -7.05 4.56
CA GLY A 54 2.17 -5.72 3.95
C GLY A 54 2.94 -5.81 2.64
N ILE A 55 3.27 -4.68 2.01
CA ILE A 55 3.98 -4.69 0.72
C ILE A 55 4.97 -3.52 0.65
N THR A 56 6.12 -3.78 0.01
CA THR A 56 7.20 -2.82 -0.17
C THR A 56 7.22 -2.34 -1.64
N LEU A 57 7.58 -1.07 -1.83
CA LEU A 57 7.56 -0.35 -3.10
C LEU A 57 8.87 0.45 -3.20
N SER A 58 9.46 0.49 -4.39
CA SER A 58 10.69 1.27 -4.65
C SER A 58 10.28 2.71 -4.99
N GLU A 59 11.23 3.64 -4.97
CA GLU A 59 10.95 5.08 -5.17
C GLU A 59 10.31 5.36 -6.55
N GLU A 60 10.75 4.58 -7.55
CA GLU A 60 10.21 4.64 -8.93
C GLU A 60 8.72 4.19 -8.97
N GLU A 61 8.44 3.03 -8.35
CA GLU A 61 7.11 2.37 -8.36
C GLU A 61 6.08 3.21 -7.60
N PHE A 62 6.50 3.64 -6.40
CA PHE A 62 5.73 4.54 -5.53
C PHE A 62 5.55 5.91 -6.21
N GLY A 63 6.56 6.36 -6.96
CA GLY A 63 6.46 7.57 -7.79
C GLY A 63 5.33 7.46 -8.80
N VAL A 64 5.25 6.29 -9.48
CA VAL A 64 4.15 5.98 -10.42
C VAL A 64 2.79 6.04 -9.69
N LEU A 65 2.75 5.50 -8.45
CA LEU A 65 1.54 5.53 -7.60
C LEU A 65 1.05 6.97 -7.42
N LEU A 66 1.98 7.86 -6.97
CA LEU A 66 1.70 9.29 -6.70
C LEU A 66 1.13 10.02 -7.93
N LYS A 67 1.81 9.82 -9.07
CA LYS A 67 1.47 10.43 -10.37
C LYS A 67 0.05 10.07 -10.82
N GLU A 68 -0.22 8.75 -10.85
CA GLU A 68 -1.50 8.23 -11.33
C GLU A 68 -2.63 8.57 -10.35
N LEU A 69 -2.34 8.60 -9.03
CA LEU A 69 -3.29 9.05 -8.01
C LEU A 69 -3.71 10.50 -8.28
N GLY A 70 -2.71 11.38 -8.51
CA GLY A 70 -2.96 12.80 -8.77
C GLY A 70 -3.84 13.03 -9.99
N ASN A 71 -3.63 12.17 -11.02
CA ASN A 71 -4.47 12.14 -12.24
C ASN A 71 -5.94 11.77 -11.88
N LYS A 72 -6.11 10.57 -11.29
CA LYS A 72 -7.40 10.12 -10.70
C LYS A 72 -8.12 11.18 -9.82
N LEU A 73 -7.34 12.01 -9.08
CA LEU A 73 -7.88 13.00 -8.11
C LEU A 73 -8.21 14.37 -8.74
N GLU A 74 -8.20 14.46 -10.09
CA GLU A 74 -8.69 15.68 -10.79
C GLU A 74 -10.18 15.90 -10.45
N HIS A 75 -10.96 14.83 -10.68
CA HIS A 75 -12.39 14.76 -10.37
C HIS A 75 -12.80 13.30 -10.16
N HIS A 76 -13.92 13.10 -9.45
CA HIS A 76 -14.38 11.75 -9.05
C HIS A 76 -15.04 11.00 -10.22
N HIS A 77 -15.54 11.77 -11.22
CA HIS A 77 -16.10 11.25 -12.50
C HIS A 77 -17.47 10.54 -12.29
N HIS A 78 -18.01 10.57 -11.05
CA HIS A 78 -19.27 9.88 -10.71
C HIS A 78 -20.49 10.72 -11.16
N HIS A 79 -20.27 12.03 -11.36
CA HIS A 79 -21.30 12.97 -11.83
C HIS A 79 -20.74 13.81 -12.98
N HIS A 80 -21.58 14.04 -13.99
CA HIS A 80 -21.30 14.91 -15.13
C HIS A 80 -21.95 16.29 -14.87
N MET B 1 -17.45 -12.77 11.81
CA MET B 1 -17.09 -14.20 11.86
C MET B 1 -17.44 -14.85 10.51
N ALA B 2 -16.43 -14.94 9.61
CA ALA B 2 -16.54 -15.60 8.30
C ALA B 2 -15.31 -16.49 8.11
N ASP B 3 -15.51 -17.83 8.06
CA ASP B 3 -14.43 -18.82 7.91
C ASP B 3 -13.73 -18.64 6.55
N LYS B 4 -14.44 -19.01 5.46
CA LYS B 4 -13.93 -18.83 4.10
C LYS B 4 -14.25 -17.42 3.62
N LEU B 5 -13.25 -16.72 3.07
CA LEU B 5 -13.43 -15.39 2.52
C LEU B 5 -13.69 -15.50 1.01
N LYS B 6 -14.34 -14.46 0.49
CA LYS B 6 -14.56 -14.27 -0.93
C LYS B 6 -13.92 -12.94 -1.30
N PHE B 7 -13.41 -12.82 -2.52
CA PHE B 7 -12.84 -11.56 -3.01
C PHE B 7 -13.30 -11.38 -4.45
N GLU B 8 -13.77 -10.18 -4.78
CA GLU B 8 -14.19 -9.80 -6.13
C GLU B 8 -13.54 -8.47 -6.45
N ILE B 9 -12.78 -8.40 -7.54
CA ILE B 9 -12.12 -7.15 -7.95
C ILE B 9 -13.17 -6.26 -8.60
N ILE B 10 -13.51 -5.20 -7.88
CA ILE B 10 -14.52 -4.23 -8.26
C ILE B 10 -13.97 -3.34 -9.38
N GLU B 11 -12.69 -2.95 -9.23
CA GLU B 11 -12.03 -2.05 -10.20
C GLU B 11 -10.52 -2.18 -10.08
N GLU B 12 -9.79 -1.91 -11.18
CA GLU B 12 -8.32 -1.87 -11.20
C GLU B 12 -7.84 -0.41 -11.34
N LEU B 13 -6.95 0.04 -10.43
CA LEU B 13 -6.62 1.47 -10.32
C LEU B 13 -5.28 1.79 -11.01
N ILE B 14 -4.20 1.15 -10.53
CA ILE B 14 -2.81 1.44 -10.95
C ILE B 14 -1.98 0.14 -10.90
N VAL B 15 -1.19 -0.15 -11.95
CA VAL B 15 -0.13 -1.17 -11.89
C VAL B 15 1.21 -0.44 -11.64
N LEU B 16 1.95 -0.88 -10.62
CA LEU B 16 3.24 -0.27 -10.22
C LEU B 16 4.43 -1.08 -10.74
N SER B 17 4.18 -2.38 -11.02
CA SER B 17 5.24 -3.34 -11.35
C SER B 17 4.63 -4.65 -11.86
N GLU B 18 5.43 -5.38 -12.68
CA GLU B 18 5.09 -6.69 -13.25
C GLU B 18 6.32 -7.61 -13.12
N ASN B 19 6.12 -8.89 -12.75
CA ASN B 19 7.25 -9.83 -12.50
C ASN B 19 7.59 -10.60 -13.78
N ALA B 20 8.75 -11.27 -13.81
CA ALA B 20 9.11 -12.26 -14.87
C ALA B 20 8.11 -13.44 -14.86
N LYS B 21 7.61 -13.75 -13.64
CA LYS B 21 6.51 -14.74 -13.43
C LYS B 21 5.14 -14.11 -13.77
N GLY B 22 5.13 -12.77 -13.85
CA GLY B 22 3.97 -11.95 -14.23
C GLY B 22 3.48 -11.11 -13.06
N TRP B 23 3.70 -11.65 -11.84
CA TRP B 23 3.14 -11.11 -10.57
C TRP B 23 3.29 -9.58 -10.44
N ARG B 24 2.16 -8.89 -10.54
CA ARG B 24 2.09 -7.44 -10.60
C ARG B 24 1.88 -6.85 -9.21
N LYS B 25 2.74 -5.90 -8.81
CA LYS B 25 2.52 -5.14 -7.57
C LYS B 25 1.61 -3.98 -7.94
N GLU B 26 0.32 -4.14 -7.64
CA GLU B 26 -0.71 -3.22 -8.13
C GLU B 26 -1.67 -2.79 -7.01
N LEU B 27 -2.31 -1.64 -7.27
CA LEU B 27 -3.40 -1.09 -6.48
C LEU B 27 -4.72 -1.30 -7.26
N ASN B 28 -5.65 -2.03 -6.66
CA ASN B 28 -7.00 -2.26 -7.22
C ASN B 28 -8.02 -2.35 -6.08
N ARG B 29 -9.29 -2.13 -6.39
CA ARG B 29 -10.38 -2.17 -5.41
C ARG B 29 -11.02 -3.55 -5.44
N VAL B 30 -11.14 -4.15 -4.25
CA VAL B 30 -11.70 -5.49 -4.02
C VAL B 30 -12.84 -5.40 -2.98
N SER B 31 -13.82 -6.30 -3.08
CA SER B 31 -14.89 -6.48 -2.10
C SER B 31 -14.69 -7.85 -1.45
N TRP B 32 -14.67 -7.90 -0.12
CA TRP B 32 -14.45 -9.12 0.66
C TRP B 32 -15.79 -9.59 1.24
N ASN B 33 -16.27 -10.75 0.73
CA ASN B 33 -17.56 -11.37 1.14
C ASN B 33 -18.76 -10.43 0.85
N ASP B 34 -18.63 -9.63 -0.23
CA ASP B 34 -19.62 -8.59 -0.63
C ASP B 34 -19.92 -7.59 0.49
N ALA B 35 -18.89 -7.24 1.28
CA ALA B 35 -18.97 -6.17 2.27
C ALA B 35 -18.65 -4.83 1.58
N GLU B 36 -18.40 -3.78 2.38
CA GLU B 36 -17.91 -2.48 1.89
C GLU B 36 -16.70 -2.67 0.92
N PRO B 37 -16.86 -2.37 -0.42
CA PRO B 37 -15.75 -2.45 -1.37
C PRO B 37 -14.68 -1.42 -0.99
N LYS B 38 -13.41 -1.85 -0.98
CA LYS B 38 -12.31 -1.05 -0.45
C LYS B 38 -11.07 -1.28 -1.31
N TYR B 39 -10.05 -0.49 -1.04
CA TYR B 39 -8.81 -0.46 -1.81
C TYR B 39 -7.88 -1.59 -1.35
N ASP B 40 -7.11 -2.13 -2.27
CA ASP B 40 -6.15 -3.22 -1.99
C ASP B 40 -4.84 -2.92 -2.73
N ILE B 41 -3.72 -3.14 -2.03
CA ILE B 41 -2.38 -2.88 -2.56
C ILE B 41 -1.51 -4.11 -2.24
N ARG B 42 -1.27 -4.90 -3.27
CA ARG B 42 -0.75 -6.27 -3.14
C ARG B 42 -0.09 -6.72 -4.42
N THR B 43 0.70 -7.81 -4.35
CA THR B 43 1.28 -8.44 -5.51
C THR B 43 0.31 -9.57 -5.90
N TRP B 44 -0.30 -9.43 -7.07
CA TRP B 44 -1.30 -10.37 -7.58
C TRP B 44 -0.73 -11.05 -8.82
N SER B 45 -1.31 -12.18 -9.19
CA SER B 45 -1.03 -12.84 -10.47
C SER B 45 -1.75 -12.08 -11.61
N PRO B 46 -1.32 -12.26 -12.91
CA PRO B 46 -2.11 -11.76 -14.07
C PRO B 46 -3.52 -12.38 -14.10
N ASP B 47 -3.62 -13.62 -13.57
CA ASP B 47 -4.88 -14.37 -13.48
C ASP B 47 -5.68 -14.01 -12.23
N HIS B 48 -5.06 -13.21 -11.31
CA HIS B 48 -5.72 -12.63 -10.11
C HIS B 48 -6.29 -13.68 -9.13
N GLU B 49 -5.82 -14.93 -9.23
CA GLU B 49 -6.27 -16.04 -8.35
C GLU B 49 -5.15 -16.43 -7.37
N LYS B 50 -3.95 -15.92 -7.64
CA LYS B 50 -2.76 -16.11 -6.79
C LYS B 50 -2.35 -14.73 -6.25
N MET B 51 -1.91 -14.68 -4.99
CA MET B 51 -1.50 -13.44 -4.33
C MET B 51 -0.49 -13.71 -3.21
N GLY B 52 0.12 -12.63 -2.71
CA GLY B 52 1.20 -12.69 -1.73
C GLY B 52 1.29 -11.38 -0.98
N LYS B 53 2.54 -10.84 -0.82
CA LYS B 53 2.82 -9.58 -0.10
C LYS B 53 1.82 -8.47 -0.46
N GLY B 54 0.96 -8.09 0.51
CA GLY B 54 0.09 -6.96 0.32
C GLY B 54 -0.79 -6.71 1.54
N ILE B 55 -1.59 -5.66 1.45
CA ILE B 55 -2.44 -5.19 2.55
C ILE B 55 -3.66 -4.44 1.98
N THR B 56 -4.78 -4.49 2.72
CA THR B 56 -6.04 -3.87 2.31
C THR B 56 -6.22 -2.54 3.08
N LEU B 57 -6.81 -1.56 2.40
CA LEU B 57 -7.09 -0.22 2.89
C LEU B 57 -8.58 0.03 2.72
N SER B 58 -9.23 0.59 3.73
CA SER B 58 -10.64 1.04 3.61
C SER B 58 -10.59 2.50 3.09
N GLU B 59 -11.77 3.06 2.77
CA GLU B 59 -11.88 4.43 2.20
C GLU B 59 -11.29 5.49 3.16
N GLU B 60 -11.35 5.20 4.48
CA GLU B 60 -10.71 6.01 5.54
C GLU B 60 -9.19 6.08 5.34
N GLU B 61 -8.53 4.90 5.33
CA GLU B 61 -7.06 4.79 5.23
C GLU B 61 -6.55 5.43 3.94
N PHE B 62 -7.19 5.05 2.83
CA PHE B 62 -6.81 5.48 1.49
C PHE B 62 -7.11 6.97 1.29
N GLY B 63 -8.20 7.49 1.89
CA GLY B 63 -8.51 8.92 1.84
C GLY B 63 -7.44 9.77 2.52
N VAL B 64 -7.04 9.33 3.74
CA VAL B 64 -5.92 9.95 4.49
C VAL B 64 -4.60 9.85 3.68
N LEU B 65 -4.42 8.71 2.98
CA LEU B 65 -3.25 8.46 2.11
C LEU B 65 -3.18 9.52 1.01
N LEU B 66 -4.30 9.67 0.24
CA LEU B 66 -4.41 10.62 -0.89
C LEU B 66 -4.11 12.06 -0.44
N LYS B 67 -4.73 12.43 0.70
CA LYS B 67 -4.58 13.75 1.36
C LYS B 67 -3.10 14.09 1.61
N GLU B 68 -2.46 13.24 2.41
CA GLU B 68 -1.13 13.51 2.94
C GLU B 68 -0.04 13.28 1.88
N LEU B 69 -0.32 12.40 0.89
CA LEU B 69 0.53 12.26 -0.31
C LEU B 69 0.47 13.54 -1.13
N GLY B 70 -0.77 14.06 -1.31
CA GLY B 70 -1.02 15.29 -2.05
C GLY B 70 -0.32 16.49 -1.43
N ASN B 71 -0.17 16.45 -0.09
CA ASN B 71 0.68 17.41 0.65
C ASN B 71 2.15 17.21 0.24
N LYS B 72 2.67 15.98 0.50
CA LYS B 72 4.05 15.53 0.13
C LYS B 72 4.42 15.74 -1.38
N LEU B 73 3.41 15.95 -2.25
CA LEU B 73 3.64 16.24 -3.70
C LEU B 73 4.10 17.70 -3.97
N GLU B 74 4.60 18.40 -2.93
CA GLU B 74 5.32 19.69 -3.08
C GLU B 74 6.52 19.51 -4.02
N HIS B 75 7.48 18.70 -3.53
CA HIS B 75 8.71 18.32 -4.22
C HIS B 75 9.45 17.28 -3.35
N HIS B 76 9.90 16.16 -3.96
CA HIS B 76 10.51 15.03 -3.24
C HIS B 76 11.99 15.31 -2.90
N HIS B 77 12.18 16.21 -1.90
CA HIS B 77 13.46 16.58 -1.27
C HIS B 77 13.24 17.88 -0.46
N HIS B 78 14.25 18.30 0.30
CA HIS B 78 14.27 19.64 0.92
C HIS B 78 14.47 20.71 -0.18
N HIS B 79 14.23 21.99 0.16
CA HIS B 79 14.14 23.12 -0.80
C HIS B 79 15.33 23.19 -1.81
N HIS B 80 16.53 22.74 -1.39
CA HIS B 80 17.73 22.63 -2.28
C HIS B 80 18.50 21.34 -1.92
N MET A 1 24.40 -13.42 1.46
CA MET A 1 23.18 -14.24 1.27
C MET A 1 22.17 -13.93 2.38
N ALA A 2 21.22 -13.02 2.10
CA ALA A 2 20.26 -12.52 3.11
C ALA A 2 18.97 -13.38 3.12
N ASP A 3 19.07 -14.58 3.71
CA ASP A 3 17.90 -15.48 3.93
C ASP A 3 16.99 -14.86 5.00
N LYS A 4 17.63 -14.49 6.12
CA LYS A 4 17.00 -13.72 7.18
C LYS A 4 17.00 -12.25 6.76
N LEU A 5 15.83 -11.60 6.85
CA LEU A 5 15.70 -10.19 6.47
C LEU A 5 15.75 -9.32 7.73
N LYS A 6 16.30 -8.13 7.58
CA LYS A 6 16.36 -7.12 8.65
C LYS A 6 15.49 -5.96 8.19
N PHE A 7 14.87 -5.23 9.11
CA PHE A 7 14.00 -4.08 8.78
C PHE A 7 14.39 -2.93 9.70
N GLU A 8 14.69 -1.77 9.12
CA GLU A 8 15.07 -0.56 9.88
C GLU A 8 14.27 0.61 9.34
N ILE A 9 13.49 1.26 10.22
CA ILE A 9 12.61 2.36 9.83
C ILE A 9 13.44 3.63 9.68
N ILE A 10 13.67 4.00 8.41
CA ILE A 10 14.48 5.15 8.02
C ILE A 10 13.69 6.44 8.28
N GLU A 11 12.37 6.36 8.05
CA GLU A 11 11.45 7.50 8.22
C GLU A 11 9.99 7.00 8.29
N GLU A 12 9.12 7.80 8.94
CA GLU A 12 7.66 7.57 8.97
C GLU A 12 6.97 8.64 8.12
N LEU A 13 6.06 8.22 7.21
CA LEU A 13 5.48 9.14 6.22
C LEU A 13 4.02 9.50 6.55
N ILE A 14 3.14 8.49 6.63
CA ILE A 14 1.68 8.68 6.74
C ILE A 14 1.07 7.60 7.65
N VAL A 15 0.42 7.99 8.76
CA VAL A 15 -0.41 7.04 9.54
C VAL A 15 -1.82 7.01 8.92
N LEU A 16 -2.22 5.84 8.42
CA LEU A 16 -3.52 5.65 7.74
C LEU A 16 -4.62 5.38 8.76
N SER A 17 -4.25 4.66 9.84
CA SER A 17 -5.20 4.16 10.85
C SER A 17 -4.43 3.51 12.02
N GLU A 18 -5.09 3.50 13.19
CA GLU A 18 -4.54 2.96 14.45
C GLU A 18 -5.56 1.98 15.04
N ASN A 19 -5.11 0.80 15.48
CA ASN A 19 -6.05 -0.29 15.88
C ASN A 19 -6.54 -0.07 17.33
N ALA A 20 -7.60 -0.82 17.74
CA ALA A 20 -8.06 -0.89 19.15
C ALA A 20 -6.98 -1.51 20.06
N LYS A 21 -6.06 -2.25 19.43
CA LYS A 21 -4.89 -2.87 20.10
C LYS A 21 -3.66 -1.96 19.92
N GLY A 22 -3.83 -0.94 19.05
CA GLY A 22 -2.81 0.04 18.72
C GLY A 22 -2.30 -0.10 17.29
N TRP A 23 -2.31 -1.35 16.76
CA TRP A 23 -1.61 -1.71 15.50
C TRP A 23 -1.91 -0.72 14.35
N ARG A 24 -0.88 0.06 13.97
CA ARG A 24 -1.04 1.19 13.06
C ARG A 24 -0.68 0.76 11.65
N LYS A 25 -1.64 0.83 10.73
CA LYS A 25 -1.34 0.63 9.31
C LYS A 25 -0.85 1.97 8.77
N GLU A 26 0.38 1.98 8.29
CA GLU A 26 1.01 3.19 7.82
C GLU A 26 1.96 2.95 6.67
N LEU A 27 2.30 4.07 6.04
CA LEU A 27 3.32 4.17 5.03
C LEU A 27 4.56 4.79 5.70
N ASN A 28 5.65 4.04 5.70
CA ASN A 28 6.94 4.47 6.27
C ASN A 28 8.07 3.98 5.35
N ARG A 29 9.20 4.69 5.36
CA ARG A 29 10.36 4.29 4.56
C ARG A 29 11.22 3.38 5.41
N VAL A 30 11.44 2.15 4.91
CA VAL A 30 12.19 1.09 5.59
C VAL A 30 13.34 0.62 4.67
N SER A 31 14.45 0.21 5.30
CA SER A 31 15.57 -0.41 4.62
C SER A 31 15.57 -1.88 5.03
N TRP A 32 15.64 -2.78 4.05
CA TRP A 32 15.71 -4.22 4.28
C TRP A 32 17.16 -4.68 4.11
N ASN A 33 17.77 -5.13 5.23
CA ASN A 33 19.17 -5.64 5.25
C ASN A 33 20.18 -4.52 4.89
N ASP A 34 19.88 -3.28 5.34
CA ASP A 34 20.68 -2.05 5.07
C ASP A 34 20.95 -1.85 3.55
N ALA A 35 19.93 -2.14 2.73
CA ALA A 35 19.96 -1.92 1.27
C ALA A 35 19.45 -0.49 0.96
N GLU A 36 19.18 -0.22 -0.33
CA GLU A 36 18.53 1.05 -0.77
C GLU A 36 17.22 1.31 0.03
N PRO A 37 17.11 2.44 0.80
CA PRO A 37 15.87 2.78 1.54
C PRO A 37 14.69 2.94 0.57
N LYS A 38 13.58 2.25 0.85
CA LYS A 38 12.43 2.17 -0.05
C LYS A 38 11.15 2.35 0.78
N TYR A 39 10.02 2.52 0.09
CA TYR A 39 8.73 2.77 0.72
C TYR A 39 8.10 1.46 1.18
N ASP A 40 7.48 1.48 2.34
CA ASP A 40 6.80 0.31 2.91
C ASP A 40 5.41 0.72 3.39
N ILE A 41 4.41 -0.12 3.11
CA ILE A 41 3.02 0.14 3.49
C ILE A 41 2.45 -1.17 4.07
N ARG A 42 2.21 -1.15 5.38
CA ARG A 42 1.86 -2.35 6.16
C ARG A 42 1.31 -1.96 7.51
N THR A 43 0.88 -2.96 8.30
CA THR A 43 0.42 -2.73 9.65
C THR A 43 1.57 -3.12 10.60
N TRP A 44 1.92 -2.17 11.47
CA TRP A 44 2.96 -2.33 12.50
C TRP A 44 2.27 -2.31 13.86
N SER A 45 2.99 -2.73 14.90
CA SER A 45 2.51 -2.56 16.29
C SER A 45 2.55 -1.06 16.69
N PRO A 46 1.89 -0.63 17.81
CA PRO A 46 2.01 0.76 18.32
C PRO A 46 3.47 1.18 18.62
N ASP A 47 4.35 0.18 18.87
CA ASP A 47 5.78 0.40 19.18
C ASP A 47 6.70 0.01 17.99
N HIS A 48 6.09 -0.48 16.88
CA HIS A 48 6.80 -0.88 15.62
C HIS A 48 7.78 -2.07 15.80
N GLU A 49 7.65 -2.77 16.93
CA GLU A 49 8.44 -3.99 17.22
C GLU A 49 7.86 -5.22 16.47
N LYS A 50 6.61 -5.07 16.02
CA LYS A 50 5.88 -6.13 15.30
C LYS A 50 5.45 -5.59 13.93
N MET A 51 5.24 -6.51 12.98
CA MET A 51 4.76 -6.23 11.62
C MET A 51 3.81 -7.34 11.16
N GLY A 52 3.09 -7.12 10.05
CA GLY A 52 2.18 -8.13 9.51
C GLY A 52 1.84 -7.91 8.05
N LYS A 53 0.54 -8.01 7.70
CA LYS A 53 0.05 -7.89 6.31
C LYS A 53 0.47 -6.55 5.69
N GLY A 54 1.24 -6.61 4.59
CA GLY A 54 1.62 -5.43 3.86
C GLY A 54 2.57 -5.74 2.72
N ILE A 55 3.00 -4.68 2.03
CA ILE A 55 3.80 -4.77 0.82
C ILE A 55 4.82 -3.62 0.82
N THR A 56 5.99 -3.89 0.24
CA THR A 56 7.07 -2.90 0.10
C THR A 56 7.15 -2.48 -1.37
N LEU A 57 7.48 -1.21 -1.60
CA LEU A 57 7.48 -0.55 -2.91
C LEU A 57 8.84 0.13 -3.13
N SER A 58 9.27 0.16 -4.38
CA SER A 58 10.48 0.86 -4.81
C SER A 58 10.10 2.30 -5.21
N GLU A 59 11.09 3.18 -5.36
CA GLU A 59 10.86 4.59 -5.75
C GLU A 59 10.15 4.71 -7.11
N GLU A 60 10.48 3.77 -8.02
CA GLU A 60 9.83 3.63 -9.35
C GLU A 60 8.31 3.43 -9.19
N GLU A 61 7.98 2.38 -8.43
CA GLU A 61 6.62 1.84 -8.29
C GLU A 61 5.72 2.84 -7.54
N PHE A 62 6.26 3.33 -6.43
CA PHE A 62 5.61 4.34 -5.59
C PHE A 62 5.49 5.68 -6.31
N GLY A 63 6.49 6.01 -7.16
CA GLY A 63 6.42 7.20 -8.03
C GLY A 63 5.25 7.13 -9.00
N VAL A 64 5.07 5.94 -9.62
CA VAL A 64 3.91 5.66 -10.48
C VAL A 64 2.60 5.83 -9.69
N LEU A 65 2.59 5.36 -8.41
CA LEU A 65 1.43 5.49 -7.50
C LEU A 65 1.07 6.98 -7.32
N LEU A 66 2.07 7.82 -6.99
CA LEU A 66 1.91 9.28 -6.75
C LEU A 66 1.31 10.00 -7.97
N LYS A 67 1.87 9.70 -9.16
CA LYS A 67 1.43 10.27 -10.45
C LYS A 67 -0.05 9.98 -10.70
N GLU A 68 -0.36 8.67 -10.74
CA GLU A 68 -1.67 8.17 -11.14
C GLU A 68 -2.74 8.59 -10.11
N LEU A 69 -2.39 8.57 -8.81
CA LEU A 69 -3.28 9.07 -7.74
C LEU A 69 -3.54 10.58 -7.91
N GLY A 70 -2.47 11.31 -8.27
CA GLY A 70 -2.56 12.75 -8.57
C GLY A 70 -3.60 13.06 -9.66
N ASN A 71 -3.64 12.17 -10.68
CA ASN A 71 -4.68 12.23 -11.73
C ASN A 71 -6.05 11.86 -11.13
N LYS A 72 -6.13 10.65 -10.55
CA LYS A 72 -7.34 10.09 -9.86
C LYS A 72 -7.97 11.01 -8.78
N LEU A 73 -7.25 12.09 -8.36
CA LEU A 73 -7.80 13.12 -7.44
C LEU A 73 -8.74 14.11 -8.18
N GLU A 74 -9.01 13.85 -9.46
CA GLU A 74 -10.05 14.55 -10.25
C GLU A 74 -11.43 13.86 -10.04
N HIS A 75 -11.38 12.58 -9.62
CA HIS A 75 -12.57 11.79 -9.28
C HIS A 75 -12.49 11.36 -7.79
N HIS A 76 -13.11 12.14 -6.91
CA HIS A 76 -13.18 11.82 -5.47
C HIS A 76 -14.41 10.94 -5.18
N HIS A 77 -14.29 10.10 -4.14
CA HIS A 77 -15.45 9.47 -3.49
C HIS A 77 -16.00 10.49 -2.48
N HIS A 78 -17.29 10.88 -2.62
CA HIS A 78 -17.89 11.97 -1.83
C HIS A 78 -17.86 11.66 -0.32
N HIS A 79 -16.90 12.29 0.35
CA HIS A 79 -16.73 12.26 1.80
C HIS A 79 -17.07 13.67 2.35
N HIS A 80 -16.31 14.17 3.36
CA HIS A 80 -16.58 15.45 4.08
C HIS A 80 -15.59 15.59 5.26
N MET B 1 -22.35 -17.31 9.68
CA MET B 1 -21.22 -18.23 9.38
C MET B 1 -20.37 -17.64 8.26
N ALA B 2 -19.06 -17.43 8.54
CA ALA B 2 -18.10 -16.89 7.55
C ALA B 2 -16.68 -17.41 7.85
N ASP B 3 -16.48 -18.71 7.61
CA ASP B 3 -15.14 -19.34 7.63
C ASP B 3 -14.45 -19.09 6.27
N LYS B 4 -15.18 -19.41 5.20
CA LYS B 4 -14.74 -19.15 3.82
C LYS B 4 -14.74 -17.64 3.57
N LEU B 5 -13.59 -17.12 3.13
CA LEU B 5 -13.46 -15.72 2.70
C LEU B 5 -13.70 -15.66 1.20
N LYS B 6 -14.50 -14.67 0.82
CA LYS B 6 -14.78 -14.38 -0.58
C LYS B 6 -14.09 -13.05 -0.89
N PHE B 7 -13.60 -12.89 -2.11
CA PHE B 7 -13.02 -11.63 -2.58
C PHE B 7 -13.33 -11.49 -4.06
N GLU B 8 -13.64 -10.27 -4.49
CA GLU B 8 -13.87 -9.96 -5.91
C GLU B 8 -13.21 -8.64 -6.24
N ILE B 9 -12.50 -8.58 -7.37
CA ILE B 9 -11.90 -7.34 -7.85
C ILE B 9 -13.02 -6.50 -8.48
N ILE B 10 -13.44 -5.49 -7.73
CA ILE B 10 -14.52 -4.57 -8.10
C ILE B 10 -14.01 -3.61 -9.16
N GLU B 11 -12.78 -3.11 -8.95
CA GLU B 11 -12.22 -2.03 -9.78
C GLU B 11 -10.68 -2.12 -9.78
N GLU B 12 -10.06 -1.88 -10.94
CA GLU B 12 -8.58 -1.88 -11.10
C GLU B 12 -8.10 -0.42 -11.32
N LEU B 13 -7.20 0.07 -10.43
CA LEU B 13 -6.87 1.51 -10.35
C LEU B 13 -5.53 1.83 -11.02
N ILE B 14 -4.44 1.23 -10.50
CA ILE B 14 -3.05 1.54 -10.90
C ILE B 14 -2.24 0.24 -10.96
N VAL B 15 -1.36 0.11 -11.97
CA VAL B 15 -0.30 -0.92 -11.99
C VAL B 15 1.05 -0.21 -11.74
N LEU B 16 1.76 -0.65 -10.69
CA LEU B 16 3.00 0.00 -10.22
C LEU B 16 4.24 -0.60 -10.90
N SER B 17 4.16 -1.91 -11.23
CA SER B 17 5.29 -2.71 -11.75
C SER B 17 4.90 -4.20 -11.90
N GLU B 18 5.74 -4.97 -12.64
CA GLU B 18 5.49 -6.37 -13.06
C GLU B 18 6.72 -7.26 -12.74
N ASN B 19 6.49 -8.50 -12.26
CA ASN B 19 7.60 -9.44 -11.90
C ASN B 19 8.12 -10.19 -13.14
N ALA B 20 9.26 -10.90 -12.99
CA ALA B 20 9.76 -11.86 -14.00
C ALA B 20 8.68 -12.90 -14.36
N LYS B 21 8.04 -13.48 -13.33
CA LYS B 21 6.87 -14.38 -13.51
C LYS B 21 5.53 -13.61 -13.62
N GLY B 22 5.63 -12.28 -13.78
CA GLY B 22 4.52 -11.42 -14.13
C GLY B 22 3.94 -10.69 -12.95
N TRP B 23 4.05 -11.30 -11.73
CA TRP B 23 3.42 -10.80 -10.48
C TRP B 23 3.52 -9.26 -10.31
N ARG B 24 2.38 -8.58 -10.46
CA ARG B 24 2.33 -7.13 -10.53
C ARG B 24 1.96 -6.55 -9.18
N LYS B 25 2.74 -5.57 -8.73
CA LYS B 25 2.36 -4.77 -7.56
C LYS B 25 1.37 -3.74 -8.07
N GLU B 26 0.11 -3.92 -7.73
CA GLU B 26 -0.96 -3.08 -8.25
C GLU B 26 -1.92 -2.65 -7.14
N LEU B 27 -2.54 -1.50 -7.38
CA LEU B 27 -3.60 -0.93 -6.58
C LEU B 27 -4.94 -1.20 -7.30
N ASN B 28 -5.80 -1.94 -6.64
CA ASN B 28 -7.16 -2.26 -7.13
C ASN B 28 -8.17 -1.92 -6.01
N ARG B 29 -9.40 -2.41 -6.13
CA ARG B 29 -10.48 -2.17 -5.16
C ARG B 29 -11.27 -3.47 -5.10
N VAL B 30 -11.34 -4.07 -3.91
CA VAL B 30 -11.87 -5.44 -3.68
C VAL B 30 -13.04 -5.41 -2.67
N SER B 31 -14.01 -6.30 -2.88
CA SER B 31 -15.10 -6.55 -1.92
C SER B 31 -14.78 -7.88 -1.23
N TRP B 32 -14.80 -7.89 0.12
CA TRP B 32 -14.52 -9.10 0.91
C TRP B 32 -15.83 -9.63 1.53
N ASN B 33 -16.23 -10.84 1.09
CA ASN B 33 -17.42 -11.56 1.63
C ASN B 33 -18.73 -10.74 1.46
N ASP B 34 -18.83 -10.01 0.32
CA ASP B 34 -19.96 -9.10 0.02
C ASP B 34 -20.13 -7.99 1.07
N ALA B 35 -18.99 -7.52 1.60
CA ALA B 35 -18.93 -6.31 2.45
C ALA B 35 -18.54 -5.10 1.59
N GLU B 36 -18.56 -3.90 2.21
CA GLU B 36 -18.25 -2.61 1.55
C GLU B 36 -16.89 -2.66 0.80
N PRO B 37 -16.89 -2.54 -0.59
CA PRO B 37 -15.66 -2.53 -1.40
C PRO B 37 -14.68 -1.44 -0.94
N LYS B 38 -13.43 -1.83 -0.78
CA LYS B 38 -12.37 -1.01 -0.21
C LYS B 38 -11.10 -1.23 -1.04
N TYR B 39 -10.19 -0.28 -0.96
CA TYR B 39 -9.01 -0.23 -1.83
C TYR B 39 -8.00 -1.30 -1.40
N ASP B 40 -7.30 -1.90 -2.34
CA ASP B 40 -6.33 -2.97 -2.05
C ASP B 40 -5.01 -2.72 -2.80
N ILE B 41 -3.88 -2.97 -2.12
CA ILE B 41 -2.55 -2.79 -2.70
C ILE B 41 -1.71 -4.03 -2.35
N ARG B 42 -1.39 -4.81 -3.39
CA ARG B 42 -0.81 -6.16 -3.24
C ARG B 42 -0.07 -6.57 -4.50
N THR B 43 0.76 -7.62 -4.40
CA THR B 43 1.40 -8.22 -5.56
C THR B 43 0.51 -9.42 -5.94
N TRP B 44 -0.07 -9.35 -7.13
CA TRP B 44 -1.00 -10.37 -7.65
C TRP B 44 -0.33 -11.05 -8.85
N SER B 45 -0.76 -12.27 -9.19
CA SER B 45 -0.24 -12.99 -10.37
C SER B 45 -0.74 -12.28 -11.66
N PRO B 46 -0.10 -12.52 -12.87
CA PRO B 46 -0.60 -11.94 -14.15
C PRO B 46 -2.04 -12.39 -14.49
N ASP B 47 -2.48 -13.50 -13.88
CA ASP B 47 -3.83 -14.07 -14.08
C ASP B 47 -4.78 -13.69 -12.91
N HIS B 48 -4.20 -13.05 -11.85
CA HIS B 48 -4.92 -12.63 -10.59
C HIS B 48 -5.53 -13.83 -9.82
N GLU B 49 -5.07 -15.05 -10.15
CA GLU B 49 -5.48 -16.31 -9.49
C GLU B 49 -4.75 -16.46 -8.14
N LYS B 50 -3.57 -15.83 -8.05
CA LYS B 50 -2.65 -15.94 -6.91
C LYS B 50 -2.42 -14.55 -6.31
N MET B 51 -2.12 -14.56 -5.00
CA MET B 51 -1.88 -13.35 -4.20
C MET B 51 -0.76 -13.61 -3.18
N GLY B 52 -0.24 -12.54 -2.57
CA GLY B 52 0.83 -12.66 -1.57
C GLY B 52 0.91 -11.43 -0.67
N LYS B 53 2.14 -10.92 -0.45
CA LYS B 53 2.41 -9.71 0.36
C LYS B 53 1.57 -8.51 -0.13
N GLY B 54 0.64 -8.05 0.72
CA GLY B 54 -0.17 -6.89 0.43
C GLY B 54 -1.06 -6.53 1.61
N ILE B 55 -1.73 -5.40 1.51
CA ILE B 55 -2.57 -4.84 2.58
C ILE B 55 -3.81 -4.19 1.94
N THR B 56 -4.93 -4.28 2.67
CA THR B 56 -6.21 -3.71 2.25
C THR B 56 -6.45 -2.42 3.06
N LEU B 57 -7.06 -1.42 2.41
CA LEU B 57 -7.28 -0.07 2.95
C LEU B 57 -8.75 0.30 2.74
N SER B 58 -9.36 0.94 3.73
CA SER B 58 -10.76 1.42 3.65
C SER B 58 -10.77 2.82 3.02
N GLU B 59 -11.96 3.34 2.68
CA GLU B 59 -12.09 4.68 2.04
C GLU B 59 -11.56 5.81 2.94
N GLU B 60 -11.74 5.65 4.27
CA GLU B 60 -11.16 6.54 5.30
C GLU B 60 -9.63 6.61 5.18
N GLU B 61 -9.02 5.41 5.24
CA GLU B 61 -7.56 5.22 5.42
C GLU B 61 -6.79 5.58 4.13
N PHE B 62 -7.33 5.09 3.00
CA PHE B 62 -6.82 5.42 1.67
C PHE B 62 -7.07 6.91 1.35
N GLY B 63 -8.18 7.48 1.89
CA GLY B 63 -8.39 8.92 1.84
C GLY B 63 -7.26 9.70 2.51
N VAL B 64 -6.86 9.24 3.73
CA VAL B 64 -5.72 9.80 4.47
C VAL B 64 -4.42 9.71 3.62
N LEU B 65 -4.26 8.55 2.92
CA LEU B 65 -3.11 8.31 2.02
C LEU B 65 -3.07 9.37 0.90
N LEU B 66 -4.22 9.56 0.20
CA LEU B 66 -4.35 10.54 -0.92
C LEU B 66 -3.99 11.97 -0.48
N LYS B 67 -4.55 12.37 0.67
CA LYS B 67 -4.34 13.70 1.27
C LYS B 67 -2.85 13.96 1.53
N GLU B 68 -2.25 13.09 2.35
CA GLU B 68 -0.87 13.26 2.81
C GLU B 68 0.16 13.04 1.68
N LEU B 69 -0.18 12.21 0.67
CA LEU B 69 0.68 12.05 -0.53
C LEU B 69 0.67 13.34 -1.35
N GLY B 70 -0.55 13.92 -1.54
CA GLY B 70 -0.72 15.17 -2.27
C GLY B 70 0.04 16.33 -1.63
N ASN B 71 0.09 16.29 -0.28
CA ASN B 71 0.91 17.23 0.51
C ASN B 71 2.41 16.96 0.23
N LYS B 72 2.86 15.73 0.55
CA LYS B 72 4.24 15.23 0.28
C LYS B 72 4.73 15.39 -1.19
N LEU B 73 3.82 15.69 -2.13
CA LEU B 73 4.20 16.02 -3.53
C LEU B 73 4.86 17.43 -3.65
N GLU B 74 5.02 18.11 -2.49
CA GLU B 74 5.87 19.32 -2.35
C GLU B 74 7.35 18.95 -2.57
N HIS B 75 7.65 17.66 -2.41
CA HIS B 75 8.98 17.08 -2.63
C HIS B 75 8.84 15.68 -3.25
N HIS B 76 8.97 15.61 -4.57
CA HIS B 76 9.13 14.33 -5.28
C HIS B 76 10.62 13.91 -5.16
N HIS B 77 10.88 12.59 -5.21
CA HIS B 77 12.27 12.05 -5.23
C HIS B 77 12.87 12.21 -6.64
N HIS B 78 14.21 12.12 -6.73
CA HIS B 78 15.01 12.54 -7.93
C HIS B 78 14.74 11.63 -9.15
N HIS B 79 13.62 11.92 -9.82
CA HIS B 79 13.15 11.25 -11.06
C HIS B 79 12.39 12.30 -11.90
N HIS B 80 13.17 13.06 -12.70
CA HIS B 80 12.70 14.23 -13.51
C HIS B 80 12.54 15.46 -12.59
N MET A 1 21.30 -14.82 0.51
CA MET A 1 20.97 -15.44 1.81
C MET A 1 19.99 -14.55 2.57
N ALA A 2 18.70 -14.86 2.44
CA ALA A 2 17.61 -14.19 3.17
C ALA A 2 17.02 -15.18 4.18
N ASP A 3 17.92 -15.74 5.04
CA ASP A 3 17.54 -16.69 6.11
C ASP A 3 16.75 -15.94 7.19
N LYS A 4 17.44 -15.09 7.96
CA LYS A 4 16.82 -14.09 8.82
C LYS A 4 16.97 -12.71 8.17
N LEU A 5 15.91 -11.91 8.23
CA LEU A 5 15.93 -10.53 7.71
C LEU A 5 16.22 -9.53 8.82
N LYS A 6 16.80 -8.41 8.42
CA LYS A 6 16.98 -7.23 9.28
C LYS A 6 16.09 -6.14 8.70
N PHE A 7 15.55 -5.28 9.54
CA PHE A 7 14.69 -4.16 9.12
C PHE A 7 14.79 -3.07 10.19
N GLU A 8 14.60 -1.81 9.75
CA GLU A 8 14.37 -0.68 10.67
C GLU A 8 13.72 0.46 9.90
N ILE A 9 12.83 1.18 10.59
CA ILE A 9 12.06 2.27 10.00
C ILE A 9 12.93 3.53 9.95
N ILE A 10 13.25 3.96 8.73
CA ILE A 10 14.13 5.09 8.45
C ILE A 10 13.31 6.38 8.54
N GLU A 11 12.02 6.30 8.16
CA GLU A 11 11.11 7.45 8.19
C GLU A 11 9.65 6.98 8.28
N GLU A 12 8.80 7.77 8.95
CA GLU A 12 7.34 7.57 8.98
C GLU A 12 6.71 8.54 7.97
N LEU A 13 5.90 8.02 7.01
CA LEU A 13 5.34 8.85 5.94
C LEU A 13 3.93 9.32 6.32
N ILE A 14 3.03 8.34 6.52
CA ILE A 14 1.60 8.55 6.78
C ILE A 14 1.12 7.48 7.79
N VAL A 15 0.23 7.86 8.73
CA VAL A 15 -0.60 6.88 9.49
C VAL A 15 -2.02 6.91 8.91
N LEU A 16 -2.48 5.76 8.39
CA LEU A 16 -3.77 5.63 7.68
C LEU A 16 -4.90 5.27 8.66
N SER A 17 -4.52 4.56 9.73
CA SER A 17 -5.44 4.05 10.75
C SER A 17 -4.64 3.61 12.00
N GLU A 18 -5.30 3.62 13.17
CA GLU A 18 -4.69 3.25 14.46
C GLU A 18 -5.65 2.33 15.24
N ASN A 19 -5.11 1.28 15.88
CA ASN A 19 -5.92 0.24 16.55
C ASN A 19 -6.12 0.57 18.04
N ALA A 20 -7.05 -0.16 18.69
CA ALA A 20 -7.28 -0.10 20.15
C ALA A 20 -5.98 -0.36 20.95
N LYS A 21 -5.26 -1.44 20.57
CA LYS A 21 -3.93 -1.75 21.15
C LYS A 21 -2.81 -0.90 20.50
N GLY A 22 -3.19 -0.05 19.54
CA GLY A 22 -2.33 0.95 18.94
C GLY A 22 -2.02 0.63 17.49
N TRP A 23 -1.98 -0.71 17.15
CA TRP A 23 -1.51 -1.25 15.85
C TRP A 23 -1.88 -0.33 14.66
N ARG A 24 -0.90 0.44 14.17
CA ARG A 24 -1.14 1.52 13.21
C ARG A 24 -0.96 0.97 11.81
N LYS A 25 -2.03 1.02 11.01
CA LYS A 25 -1.97 0.68 9.60
C LYS A 25 -1.38 1.91 8.91
N GLU A 26 -0.07 1.88 8.65
CA GLU A 26 0.68 3.06 8.22
C GLU A 26 1.53 2.76 6.98
N LEU A 27 1.90 3.87 6.32
CA LEU A 27 2.89 3.92 5.25
C LEU A 27 4.17 4.57 5.84
N ASN A 28 5.28 3.87 5.74
CA ASN A 28 6.58 4.31 6.25
C ASN A 28 7.69 3.83 5.31
N ARG A 29 8.91 4.35 5.49
CA ARG A 29 10.09 3.89 4.76
C ARG A 29 10.95 3.04 5.70
N VAL A 30 11.29 1.83 5.24
CA VAL A 30 12.13 0.84 5.95
C VAL A 30 13.38 0.51 5.11
N SER A 31 14.50 0.26 5.79
CA SER A 31 15.70 -0.30 5.17
C SER A 31 15.75 -1.76 5.62
N TRP A 32 15.83 -2.68 4.64
CA TRP A 32 15.87 -4.13 4.87
C TRP A 32 17.31 -4.63 4.65
N ASN A 33 17.89 -5.23 5.70
CA ASN A 33 19.25 -5.82 5.68
C ASN A 33 20.33 -4.77 5.33
N ASP A 34 20.11 -3.52 5.81
CA ASP A 34 20.99 -2.35 5.55
C ASP A 34 21.18 -2.09 4.04
N ALA A 35 20.12 -2.32 3.26
CA ALA A 35 20.08 -2.03 1.81
C ALA A 35 19.43 -0.65 1.60
N GLU A 36 19.00 -0.39 0.35
CA GLU A 36 18.21 0.79 -0.03
C GLU A 36 17.01 1.01 0.93
N PRO A 37 16.94 2.20 1.63
CA PRO A 37 15.71 2.63 2.33
C PRO A 37 14.59 2.87 1.29
N LYS A 38 13.47 2.16 1.45
CA LYS A 38 12.42 2.08 0.43
C LYS A 38 11.06 2.11 1.11
N TYR A 39 10.01 2.25 0.31
CA TYR A 39 8.65 2.44 0.80
C TYR A 39 8.06 1.10 1.24
N ASP A 40 7.42 1.12 2.40
CA ASP A 40 6.81 -0.05 3.04
C ASP A 40 5.41 0.35 3.56
N ILE A 41 4.43 -0.54 3.42
CA ILE A 41 3.06 -0.27 3.88
C ILE A 41 2.46 -1.54 4.50
N ARG A 42 2.00 -1.41 5.75
CA ARG A 42 1.46 -2.51 6.57
C ARG A 42 0.96 -1.98 7.90
N THR A 43 0.53 -2.90 8.78
CA THR A 43 0.16 -2.57 10.15
C THR A 43 1.35 -2.92 11.06
N TRP A 44 1.79 -1.95 11.85
CA TRP A 44 2.88 -2.11 12.83
C TRP A 44 2.32 -1.91 14.24
N SER A 45 3.13 -2.21 15.26
CA SER A 45 2.85 -1.78 16.63
C SER A 45 3.27 -0.29 16.79
N PRO A 46 2.78 0.48 17.82
CA PRO A 46 3.31 1.84 18.14
C PRO A 46 4.86 1.83 18.30
N ASP A 47 5.37 0.72 18.86
CA ASP A 47 6.80 0.50 19.13
C ASP A 47 7.55 0.00 17.89
N HIS A 48 6.81 -0.32 16.79
CA HIS A 48 7.38 -0.80 15.50
C HIS A 48 8.24 -2.09 15.63
N GLU A 49 7.99 -2.84 16.72
CA GLU A 49 8.69 -4.12 17.01
C GLU A 49 7.82 -5.31 16.55
N LYS A 50 6.54 -5.03 16.27
CA LYS A 50 5.55 -6.01 15.76
C LYS A 50 5.01 -5.51 14.41
N MET A 51 4.65 -6.47 13.53
CA MET A 51 4.27 -6.22 12.11
C MET A 51 3.41 -7.37 11.57
N GLY A 52 2.86 -7.20 10.35
CA GLY A 52 2.06 -8.25 9.71
C GLY A 52 2.06 -8.13 8.19
N LYS A 53 0.92 -8.44 7.56
CA LYS A 53 0.80 -8.46 6.09
C LYS A 53 0.98 -7.05 5.49
N GLY A 54 1.94 -6.93 4.55
CA GLY A 54 2.28 -5.65 3.96
C GLY A 54 3.27 -5.80 2.83
N ILE A 55 3.53 -4.72 2.08
CA ILE A 55 4.25 -4.79 0.81
C ILE A 55 5.27 -3.63 0.70
N THR A 56 6.38 -3.90 -0.02
CA THR A 56 7.42 -2.91 -0.32
C THR A 56 7.25 -2.38 -1.75
N LEU A 57 7.56 -1.09 -1.91
CA LEU A 57 7.48 -0.34 -3.17
C LEU A 57 8.83 0.37 -3.39
N SER A 58 9.27 0.44 -4.64
CA SER A 58 10.51 1.12 -5.04
C SER A 58 10.21 2.61 -5.31
N GLU A 59 11.26 3.42 -5.52
CA GLU A 59 11.11 4.85 -5.92
C GLU A 59 10.29 4.99 -7.22
N GLU A 60 10.55 4.06 -8.16
CA GLU A 60 9.81 3.96 -9.43
C GLU A 60 8.33 3.62 -9.22
N GLU A 61 8.07 2.57 -8.46
CA GLU A 61 6.73 1.97 -8.29
C GLU A 61 5.80 2.91 -7.50
N PHE A 62 6.33 3.38 -6.36
CA PHE A 62 5.68 4.36 -5.49
C PHE A 62 5.55 5.70 -6.24
N GLY A 63 6.54 6.02 -7.11
CA GLY A 63 6.44 7.18 -8.02
C GLY A 63 5.23 7.08 -8.94
N VAL A 64 5.01 5.88 -9.53
CA VAL A 64 3.85 5.61 -10.39
C VAL A 64 2.53 5.74 -9.58
N LEU A 65 2.56 5.30 -8.29
CA LEU A 65 1.42 5.44 -7.36
C LEU A 65 1.04 6.92 -7.22
N LEU A 66 2.05 7.74 -6.86
CA LEU A 66 1.90 9.20 -6.65
C LEU A 66 1.29 9.92 -7.87
N LYS A 67 1.84 9.57 -9.05
CA LYS A 67 1.43 10.11 -10.36
C LYS A 67 -0.06 9.82 -10.64
N GLU A 68 -0.40 8.53 -10.66
CA GLU A 68 -1.73 8.06 -11.08
C GLU A 68 -2.80 8.44 -10.04
N LEU A 69 -2.41 8.54 -8.76
CA LEU A 69 -3.29 9.06 -7.70
C LEU A 69 -3.56 10.56 -7.95
N GLY A 70 -2.50 11.31 -8.31
CA GLY A 70 -2.62 12.74 -8.64
C GLY A 70 -3.58 12.99 -9.81
N ASN A 71 -3.57 12.05 -10.77
CA ASN A 71 -4.54 12.04 -11.91
C ASN A 71 -5.96 11.82 -11.36
N LYS A 72 -6.14 10.67 -10.66
CA LYS A 72 -7.38 10.31 -9.93
C LYS A 72 -7.91 11.42 -8.99
N LEU A 73 -7.03 12.34 -8.52
CA LEU A 73 -7.41 13.49 -7.65
C LEU A 73 -8.08 14.64 -8.44
N GLU A 74 -8.41 14.40 -9.73
CA GLU A 74 -9.40 15.21 -10.48
C GLU A 74 -10.78 14.92 -9.87
N HIS A 75 -11.03 13.63 -9.61
CA HIS A 75 -12.12 13.19 -8.73
C HIS A 75 -11.56 13.20 -7.31
N HIS A 76 -11.68 14.36 -6.65
CA HIS A 76 -11.26 14.55 -5.25
C HIS A 76 -12.08 13.62 -4.37
N HIS A 77 -11.45 12.48 -3.99
CA HIS A 77 -12.09 11.43 -3.18
C HIS A 77 -12.61 12.03 -1.85
N HIS A 78 -13.73 11.47 -1.37
CA HIS A 78 -14.44 11.90 -0.15
C HIS A 78 -13.47 11.97 1.06
N HIS A 79 -13.03 13.19 1.36
CA HIS A 79 -12.19 13.49 2.54
C HIS A 79 -13.09 13.92 3.71
N HIS A 80 -12.56 13.88 4.94
CA HIS A 80 -13.28 14.30 6.15
C HIS A 80 -12.84 15.74 6.54
N MET B 1 -18.51 -15.90 13.41
CA MET B 1 -18.07 -17.07 12.62
C MET B 1 -18.26 -16.78 11.13
N ALA B 2 -17.21 -17.05 10.35
CA ALA B 2 -17.22 -16.96 8.88
C ALA B 2 -16.57 -18.24 8.33
N ASP B 3 -17.41 -19.15 7.78
CA ASP B 3 -17.00 -20.46 7.23
C ASP B 3 -15.95 -20.29 6.11
N LYS B 4 -16.39 -19.70 4.99
CA LYS B 4 -15.55 -19.42 3.82
C LYS B 4 -15.47 -17.90 3.63
N LEU B 5 -14.29 -17.42 3.24
CA LEU B 5 -14.07 -16.02 2.87
C LEU B 5 -13.98 -15.94 1.34
N LYS B 6 -14.44 -14.83 0.79
CA LYS B 6 -14.41 -14.55 -0.65
C LYS B 6 -13.60 -13.28 -0.91
N PHE B 7 -13.20 -13.09 -2.16
CA PHE B 7 -12.65 -11.82 -2.65
C PHE B 7 -12.94 -11.73 -4.15
N GLU B 8 -13.22 -10.53 -4.63
CA GLU B 8 -13.40 -10.27 -6.07
C GLU B 8 -12.82 -8.91 -6.42
N ILE B 9 -12.16 -8.83 -7.57
CA ILE B 9 -11.58 -7.59 -8.06
C ILE B 9 -12.70 -6.78 -8.75
N ILE B 10 -13.08 -5.69 -8.10
CA ILE B 10 -14.19 -4.83 -8.51
C ILE B 10 -13.71 -3.81 -9.54
N GLU B 11 -12.47 -3.31 -9.35
CA GLU B 11 -11.84 -2.33 -10.24
C GLU B 11 -10.32 -2.45 -10.13
N GLU B 12 -9.61 -2.21 -11.24
CA GLU B 12 -8.14 -2.09 -11.27
C GLU B 12 -7.78 -0.60 -11.37
N LEU B 13 -6.98 -0.08 -10.43
CA LEU B 13 -6.71 1.38 -10.37
C LEU B 13 -5.37 1.70 -11.06
N ILE B 14 -4.29 1.12 -10.52
CA ILE B 14 -2.90 1.47 -10.88
C ILE B 14 -2.04 0.19 -10.86
N VAL B 15 -1.20 0.00 -11.89
CA VAL B 15 -0.11 -1.00 -11.86
C VAL B 15 1.21 -0.26 -11.51
N LEU B 16 1.84 -0.64 -10.38
CA LEU B 16 3.06 0.02 -9.86
C LEU B 16 4.32 -0.67 -10.41
N SER B 17 4.15 -1.97 -10.66
CA SER B 17 5.24 -2.86 -11.04
C SER B 17 4.64 -4.10 -11.69
N GLU B 18 5.34 -4.64 -12.70
CA GLU B 18 4.96 -5.86 -13.44
C GLU B 18 6.15 -6.82 -13.48
N ASN B 19 5.89 -8.13 -13.42
CA ASN B 19 6.96 -9.17 -13.48
C ASN B 19 6.98 -9.77 -14.90
N ALA B 20 8.08 -10.48 -15.24
CA ALA B 20 8.19 -11.21 -16.53
C ALA B 20 7.16 -12.36 -16.61
N LYS B 21 6.89 -12.99 -15.46
CA LYS B 21 5.77 -13.96 -15.30
C LYS B 21 4.41 -13.22 -15.20
N GLY B 22 4.48 -11.90 -14.93
CA GLY B 22 3.34 -11.00 -14.92
C GLY B 22 3.14 -10.33 -13.57
N TRP B 23 3.51 -11.07 -12.47
CA TRP B 23 3.23 -10.68 -11.05
C TRP B 23 3.32 -9.15 -10.80
N ARG B 24 2.14 -8.51 -10.77
CA ARG B 24 2.00 -7.06 -10.70
C ARG B 24 1.82 -6.63 -9.26
N LYS B 25 2.75 -5.78 -8.76
CA LYS B 25 2.56 -5.11 -7.48
C LYS B 25 1.73 -3.89 -7.78
N GLU B 26 0.43 -3.97 -7.50
CA GLU B 26 -0.56 -3.00 -7.97
C GLU B 26 -1.55 -2.61 -6.87
N LEU B 27 -2.29 -1.53 -7.17
CA LEU B 27 -3.40 -1.01 -6.36
C LEU B 27 -4.72 -1.20 -7.14
N ASN B 28 -5.65 -1.90 -6.52
CA ASN B 28 -6.98 -2.17 -7.09
C ASN B 28 -8.03 -2.22 -5.99
N ARG B 29 -9.30 -2.14 -6.39
CA ARG B 29 -10.44 -2.21 -5.46
C ARG B 29 -10.99 -3.64 -5.47
N VAL B 30 -11.03 -4.24 -4.28
CA VAL B 30 -11.51 -5.61 -4.04
C VAL B 30 -12.69 -5.58 -3.04
N SER B 31 -13.68 -6.46 -3.25
CA SER B 31 -14.77 -6.71 -2.31
C SER B 31 -14.40 -7.98 -1.56
N TRP B 32 -14.33 -7.91 -0.22
CA TRP B 32 -13.94 -9.06 0.61
C TRP B 32 -15.19 -9.67 1.27
N ASN B 33 -15.51 -10.91 0.86
CA ASN B 33 -16.57 -11.74 1.44
C ASN B 33 -17.95 -11.04 1.37
N ASP B 34 -18.25 -10.51 0.16
CA ASP B 34 -19.52 -9.83 -0.18
C ASP B 34 -19.77 -8.54 0.63
N ALA B 35 -18.69 -7.95 1.18
CA ALA B 35 -18.74 -6.69 1.94
C ALA B 35 -18.55 -5.48 0.99
N GLU B 36 -18.73 -4.27 1.54
CA GLU B 36 -18.55 -3.00 0.80
C GLU B 36 -17.13 -2.93 0.20
N PRO B 37 -16.99 -2.62 -1.14
CA PRO B 37 -15.68 -2.68 -1.85
C PRO B 37 -14.72 -1.60 -1.33
N LYS B 38 -13.46 -1.99 -1.16
CA LYS B 38 -12.42 -1.15 -0.59
C LYS B 38 -11.14 -1.37 -1.36
N TYR B 39 -10.11 -0.61 -1.02
CA TYR B 39 -8.82 -0.67 -1.68
C TYR B 39 -7.97 -1.82 -1.13
N ASP B 40 -7.18 -2.39 -2.01
CA ASP B 40 -6.18 -3.41 -1.70
C ASP B 40 -4.93 -3.13 -2.53
N ILE B 41 -3.77 -3.32 -1.92
CA ILE B 41 -2.47 -3.09 -2.55
C ILE B 41 -1.56 -4.29 -2.22
N ARG B 42 -1.18 -5.01 -3.28
CA ARG B 42 -0.44 -6.30 -3.14
C ARG B 42 0.09 -6.75 -4.48
N THR B 43 0.77 -7.90 -4.50
CA THR B 43 1.24 -8.51 -5.73
C THR B 43 0.20 -9.57 -6.17
N TRP B 44 -0.31 -9.44 -7.39
CA TRP B 44 -1.26 -10.38 -8.00
C TRP B 44 -0.57 -11.04 -9.21
N SER B 45 -1.14 -12.15 -9.66
CA SER B 45 -0.79 -12.73 -10.98
C SER B 45 -1.63 -12.01 -12.07
N PRO B 46 -1.22 -12.04 -13.38
CA PRO B 46 -2.03 -11.47 -14.49
C PRO B 46 -3.38 -12.22 -14.65
N ASP B 47 -3.38 -13.49 -14.19
CA ASP B 47 -4.56 -14.37 -14.17
C ASP B 47 -5.44 -14.12 -12.93
N HIS B 48 -4.91 -13.30 -11.97
CA HIS B 48 -5.60 -12.88 -10.72
C HIS B 48 -6.02 -14.07 -9.81
N GLU B 49 -5.45 -15.25 -10.09
CA GLU B 49 -5.74 -16.50 -9.34
C GLU B 49 -4.77 -16.65 -8.15
N LYS B 50 -3.64 -15.91 -8.22
CA LYS B 50 -2.58 -15.92 -7.22
C LYS B 50 -2.36 -14.51 -6.66
N MET B 51 -1.86 -14.47 -5.42
CA MET B 51 -1.62 -13.24 -4.64
C MET B 51 -0.49 -13.48 -3.62
N GLY B 52 -0.03 -12.40 -2.97
CA GLY B 52 1.06 -12.48 -1.99
C GLY B 52 0.96 -11.37 -0.96
N LYS B 53 2.13 -10.82 -0.54
CA LYS B 53 2.19 -9.81 0.52
C LYS B 53 1.47 -8.51 0.10
N GLY B 54 0.65 -7.97 1.02
CA GLY B 54 -0.03 -6.70 0.79
C GLY B 54 -0.98 -6.37 1.94
N ILE B 55 -1.84 -5.36 1.74
CA ILE B 55 -2.73 -4.86 2.81
C ILE B 55 -4.02 -4.25 2.22
N THR B 56 -5.10 -4.27 3.03
CA THR B 56 -6.39 -3.64 2.72
C THR B 56 -6.42 -2.21 3.28
N LEU B 57 -7.03 -1.28 2.52
CA LEU B 57 -7.24 0.10 2.92
C LEU B 57 -8.72 0.43 2.66
N SER B 58 -9.38 1.07 3.63
CA SER B 58 -10.78 1.50 3.50
C SER B 58 -10.83 2.88 2.82
N GLU B 59 -12.04 3.41 2.61
CA GLU B 59 -12.25 4.77 2.07
C GLU B 59 -11.57 5.85 2.94
N GLU B 60 -11.73 5.69 4.27
CA GLU B 60 -11.14 6.60 5.28
C GLU B 60 -9.60 6.59 5.22
N GLU B 61 -9.02 5.37 5.28
CA GLU B 61 -7.55 5.13 5.28
C GLU B 61 -6.90 5.68 4.01
N PHE B 62 -7.48 5.28 2.87
CA PHE B 62 -7.01 5.67 1.54
C PHE B 62 -7.23 7.17 1.28
N GLY B 63 -8.28 7.75 1.89
CA GLY B 63 -8.48 9.20 1.87
C GLY B 63 -7.31 9.94 2.52
N VAL B 64 -6.90 9.45 3.72
CA VAL B 64 -5.72 9.95 4.43
C VAL B 64 -4.44 9.77 3.56
N LEU B 65 -4.34 8.63 2.84
CA LEU B 65 -3.21 8.32 1.93
C LEU B 65 -3.08 9.42 0.85
N LEU B 66 -4.19 9.66 0.12
CA LEU B 66 -4.27 10.66 -0.99
C LEU B 66 -3.89 12.07 -0.52
N LYS B 67 -4.38 12.42 0.68
CA LYS B 67 -4.12 13.72 1.35
C LYS B 67 -2.62 13.93 1.55
N GLU B 68 -2.02 13.04 2.35
CA GLU B 68 -0.66 13.22 2.86
C GLU B 68 0.39 12.94 1.75
N LEU B 69 0.02 12.09 0.77
CA LEU B 69 0.81 11.91 -0.48
C LEU B 69 0.75 13.20 -1.31
N GLY B 70 -0.46 13.82 -1.38
CA GLY B 70 -0.65 15.09 -2.07
C GLY B 70 0.23 16.22 -1.50
N ASN B 71 0.43 16.18 -0.15
CA ASN B 71 1.37 17.07 0.55
C ASN B 71 2.82 16.79 0.08
N LYS B 72 3.19 15.51 0.14
CA LYS B 72 4.47 14.98 -0.41
C LYS B 72 4.64 15.26 -1.93
N LEU B 73 3.53 15.50 -2.65
CA LEU B 73 3.55 15.89 -4.08
C LEU B 73 3.83 17.40 -4.27
N GLU B 74 3.58 18.21 -3.21
CA GLU B 74 4.00 19.62 -3.17
C GLU B 74 5.54 19.69 -3.20
N HIS B 75 6.17 18.78 -2.45
CA HIS B 75 7.59 18.42 -2.64
C HIS B 75 7.72 17.69 -4.00
N HIS B 76 8.07 18.43 -5.06
CA HIS B 76 7.96 17.96 -6.44
C HIS B 76 8.90 16.75 -6.70
N HIS B 77 8.30 15.53 -6.67
CA HIS B 77 8.96 14.27 -7.06
C HIS B 77 9.22 14.26 -8.58
N HIS B 78 10.47 13.92 -8.95
CA HIS B 78 10.89 13.79 -10.36
C HIS B 78 10.86 12.31 -10.74
N HIS B 79 9.87 11.91 -11.55
CA HIS B 79 9.74 10.53 -12.05
C HIS B 79 8.88 10.51 -13.33
N HIS B 80 9.40 9.83 -14.38
CA HIS B 80 8.69 9.60 -15.65
C HIS B 80 7.26 9.03 -15.39
N MET A 1 24.67 -14.10 5.72
CA MET A 1 23.38 -13.57 5.25
C MET A 1 22.62 -12.92 6.39
N ALA A 2 21.46 -12.32 6.07
CA ALA A 2 20.46 -11.91 7.05
C ALA A 2 19.51 -13.09 7.27
N ASP A 3 19.94 -14.03 8.16
CA ASP A 3 19.19 -15.25 8.52
C ASP A 3 17.86 -14.92 9.25
N LYS A 4 17.77 -13.66 9.65
CA LYS A 4 16.55 -13.01 10.11
C LYS A 4 16.58 -11.60 9.51
N LEU A 5 15.43 -11.11 9.02
CA LEU A 5 15.41 -9.91 8.21
C LEU A 5 15.48 -8.66 9.10
N LYS A 6 16.16 -7.64 8.59
CA LYS A 6 16.45 -6.42 9.34
C LYS A 6 15.62 -5.29 8.74
N PHE A 7 15.02 -4.47 9.60
CA PHE A 7 14.20 -3.34 9.19
C PHE A 7 14.61 -2.13 10.02
N GLU A 8 14.89 -1.00 9.36
CA GLU A 8 15.20 0.26 10.03
C GLU A 8 14.26 1.30 9.46
N ILE A 9 13.33 1.81 10.28
CA ILE A 9 12.35 2.78 9.80
C ILE A 9 13.07 4.13 9.61
N ILE A 10 13.26 4.48 8.35
CA ILE A 10 13.97 5.68 7.92
C ILE A 10 13.10 6.91 8.17
N GLU A 11 11.78 6.74 7.93
CA GLU A 11 10.80 7.81 8.14
C GLU A 11 9.38 7.23 8.21
N GLU A 12 8.49 7.93 8.93
CA GLU A 12 7.03 7.66 8.90
C GLU A 12 6.39 8.68 7.95
N LEU A 13 5.69 8.19 6.93
CA LEU A 13 5.14 9.05 5.88
C LEU A 13 3.71 9.46 6.23
N ILE A 14 2.84 8.46 6.40
CA ILE A 14 1.39 8.66 6.64
C ILE A 14 0.89 7.57 7.60
N VAL A 15 0.27 7.97 8.72
CA VAL A 15 -0.47 7.05 9.59
C VAL A 15 -1.91 6.96 9.05
N LEU A 16 -2.28 5.76 8.60
CA LEU A 16 -3.60 5.49 7.97
C LEU A 16 -4.64 5.08 9.02
N SER A 17 -4.17 4.45 10.09
CA SER A 17 -5.02 3.89 11.15
C SER A 17 -4.16 3.50 12.36
N GLU A 18 -4.82 3.37 13.52
CA GLU A 18 -4.20 2.96 14.79
C GLU A 18 -5.20 2.08 15.55
N ASN A 19 -4.72 0.95 16.12
CA ASN A 19 -5.61 -0.10 16.71
C ASN A 19 -5.80 0.13 18.23
N ALA A 20 -6.76 -0.59 18.85
CA ALA A 20 -6.94 -0.61 20.31
C ALA A 20 -5.66 -1.11 21.02
N LYS A 21 -5.08 -2.20 20.48
CA LYS A 21 -3.73 -2.68 20.87
C LYS A 21 -2.64 -1.63 20.54
N GLY A 22 -2.95 -0.77 19.57
CA GLY A 22 -2.05 0.28 19.07
C GLY A 22 -1.69 0.07 17.62
N TRP A 23 -1.67 -1.23 17.19
CA TRP A 23 -1.19 -1.66 15.85
C TRP A 23 -1.67 -0.73 14.72
N ARG A 24 -0.74 0.06 14.19
CA ARG A 24 -1.02 1.07 13.19
C ARG A 24 -0.98 0.47 11.81
N LYS A 25 -1.83 0.95 10.91
CA LYS A 25 -1.62 0.78 9.47
C LYS A 25 -0.95 2.06 9.02
N GLU A 26 0.31 2.00 8.60
CA GLU A 26 1.01 3.19 8.11
C GLU A 26 1.87 2.90 6.88
N LEU A 27 1.96 3.95 6.05
CA LEU A 27 2.94 4.07 4.99
C LEU A 27 4.19 4.74 5.58
N ASN A 28 5.32 4.05 5.50
CA ASN A 28 6.59 4.53 6.06
C ASN A 28 7.77 4.02 5.21
N ARG A 29 8.90 4.74 5.24
CA ARG A 29 10.09 4.35 4.49
C ARG A 29 10.96 3.51 5.43
N VAL A 30 11.33 2.32 4.97
CA VAL A 30 12.16 1.37 5.72
C VAL A 30 13.42 1.00 4.89
N SER A 31 14.50 0.62 5.58
CA SER A 31 15.69 0.04 4.97
C SER A 31 15.69 -1.44 5.36
N TRP A 32 15.59 -2.31 4.34
CA TRP A 32 15.45 -3.76 4.54
C TRP A 32 16.79 -4.44 4.23
N ASN A 33 17.38 -5.08 5.27
CA ASN A 33 18.65 -5.84 5.15
C ASN A 33 19.80 -4.98 4.56
N ASP A 34 19.82 -3.69 4.96
CA ASP A 34 20.82 -2.68 4.51
C ASP A 34 20.68 -2.35 3.00
N ALA A 35 19.48 -2.54 2.44
CA ALA A 35 19.17 -2.12 1.05
C ALA A 35 18.79 -0.64 1.03
N GLU A 36 18.81 -0.06 -0.18
CA GLU A 36 18.42 1.34 -0.43
C GLU A 36 17.06 1.68 0.26
N PRO A 37 16.98 2.79 1.07
CA PRO A 37 15.75 3.19 1.77
C PRO A 37 14.57 3.33 0.79
N LYS A 38 13.51 2.57 1.03
CA LYS A 38 12.38 2.47 0.10
C LYS A 38 11.08 2.48 0.88
N TYR A 39 9.98 2.62 0.16
CA TYR A 39 8.66 2.82 0.74
C TYR A 39 8.05 1.47 1.11
N ASP A 40 7.32 1.45 2.21
CA ASP A 40 6.60 0.26 2.66
C ASP A 40 5.24 0.68 3.23
N ILE A 41 4.23 -0.15 3.03
CA ILE A 41 2.87 0.11 3.52
C ILE A 41 2.36 -1.18 4.16
N ARG A 42 2.15 -1.13 5.48
CA ARG A 42 1.82 -2.33 6.27
C ARG A 42 1.27 -1.95 7.64
N THR A 43 0.99 -2.97 8.45
CA THR A 43 0.61 -2.78 9.83
C THR A 43 1.85 -3.06 10.71
N TRP A 44 2.20 -2.08 11.55
CA TRP A 44 3.26 -2.22 12.56
C TRP A 44 2.60 -2.16 13.95
N SER A 45 3.31 -2.66 14.97
CA SER A 45 2.91 -2.53 16.38
C SER A 45 3.04 -1.06 16.83
N PRO A 46 2.49 -0.63 18.01
CA PRO A 46 2.72 0.73 18.54
C PRO A 46 4.23 1.00 18.78
N ASP A 47 5.00 -0.09 19.00
CA ASP A 47 6.46 -0.01 19.23
C ASP A 47 7.26 -0.25 17.94
N HIS A 48 6.58 -0.60 16.83
CA HIS A 48 7.18 -0.76 15.47
C HIS A 48 8.24 -1.89 15.39
N GLU A 49 8.22 -2.79 16.37
CA GLU A 49 9.15 -3.94 16.43
C GLU A 49 8.45 -5.21 15.90
N LYS A 50 7.13 -5.12 15.71
CA LYS A 50 6.31 -6.22 15.20
C LYS A 50 5.64 -5.76 13.90
N MET A 51 5.61 -6.66 12.89
CA MET A 51 5.06 -6.37 11.54
C MET A 51 3.92 -7.31 11.21
N GLY A 52 3.21 -7.02 10.10
CA GLY A 52 2.17 -7.91 9.59
C GLY A 52 1.93 -7.70 8.11
N LYS A 53 0.65 -7.75 7.69
CA LYS A 53 0.26 -7.74 6.27
C LYS A 53 0.66 -6.41 5.60
N GLY A 54 1.44 -6.47 4.50
CA GLY A 54 1.84 -5.27 3.77
C GLY A 54 2.76 -5.58 2.61
N ILE A 55 3.27 -4.52 1.96
CA ILE A 55 4.08 -4.66 0.72
C ILE A 55 5.13 -3.52 0.64
N THR A 56 6.28 -3.83 0.00
CA THR A 56 7.38 -2.86 -0.19
C THR A 56 7.37 -2.35 -1.65
N LEU A 57 7.68 -1.06 -1.80
CA LEU A 57 7.64 -0.32 -3.06
C LEU A 57 8.94 0.47 -3.21
N SER A 58 9.47 0.55 -4.43
CA SER A 58 10.70 1.29 -4.74
C SER A 58 10.36 2.73 -5.13
N GLU A 59 11.38 3.55 -5.40
CA GLU A 59 11.17 4.94 -5.87
C GLU A 59 10.36 4.96 -7.18
N GLU A 60 10.64 3.98 -8.06
CA GLU A 60 9.95 3.83 -9.35
C GLU A 60 8.48 3.43 -9.16
N GLU A 61 8.28 2.31 -8.43
CA GLU A 61 6.96 1.69 -8.23
C GLU A 61 6.01 2.66 -7.49
N PHE A 62 6.50 3.18 -6.36
CA PHE A 62 5.79 4.16 -5.53
C PHE A 62 5.65 5.51 -6.27
N GLY A 63 6.66 5.86 -7.11
CA GLY A 63 6.58 7.05 -7.96
C GLY A 63 5.42 6.98 -8.95
N VAL A 64 5.26 5.81 -9.60
CA VAL A 64 4.15 5.53 -10.52
C VAL A 64 2.81 5.61 -9.75
N LEU A 65 2.81 5.13 -8.49
CA LEU A 65 1.64 5.23 -7.59
C LEU A 65 1.23 6.69 -7.42
N LEU A 66 2.20 7.56 -7.03
CA LEU A 66 1.97 8.99 -6.77
C LEU A 66 1.44 9.75 -8.00
N LYS A 67 2.05 9.43 -9.16
CA LYS A 67 1.68 10.04 -10.46
C LYS A 67 0.22 9.74 -10.81
N GLU A 68 -0.08 8.44 -10.87
CA GLU A 68 -1.39 7.95 -11.27
C GLU A 68 -2.47 8.31 -10.24
N LEU A 69 -2.10 8.39 -8.94
CA LEU A 69 -3.01 8.85 -7.88
C LEU A 69 -3.34 10.33 -8.05
N GLY A 70 -2.32 11.15 -8.38
CA GLY A 70 -2.52 12.58 -8.63
C GLY A 70 -3.44 12.83 -9.83
N ASN A 71 -3.37 11.92 -10.82
CA ASN A 71 -4.27 11.90 -11.99
C ASN A 71 -5.71 11.53 -11.55
N LYS A 72 -5.81 10.40 -10.83
CA LYS A 72 -7.05 9.98 -10.12
C LYS A 72 -7.61 11.06 -9.18
N LEU A 73 -6.76 11.97 -8.67
CA LEU A 73 -7.21 13.10 -7.82
C LEU A 73 -7.70 14.29 -8.65
N GLU A 74 -7.77 14.13 -10.00
CA GLU A 74 -8.40 15.11 -10.91
C GLU A 74 -9.91 14.82 -11.07
N HIS A 75 -10.49 14.08 -10.12
CA HIS A 75 -11.95 13.88 -10.04
C HIS A 75 -12.37 14.18 -8.59
N HIS A 76 -13.27 15.16 -8.42
CA HIS A 76 -13.66 15.66 -7.11
C HIS A 76 -14.43 14.60 -6.29
N HIS A 77 -14.18 14.60 -4.98
CA HIS A 77 -14.72 13.58 -4.05
C HIS A 77 -14.95 14.21 -2.66
N HIS A 78 -15.82 13.57 -1.86
CA HIS A 78 -16.20 14.07 -0.52
C HIS A 78 -16.22 12.96 0.52
N HIS A 79 -16.89 11.84 0.16
CA HIS A 79 -17.33 10.78 1.10
C HIS A 79 -18.49 11.33 1.97
N HIS A 80 -19.71 10.81 1.72
CA HIS A 80 -20.95 11.42 2.24
C HIS A 80 -22.12 10.41 2.10
N MET B 1 -19.51 -18.47 9.23
CA MET B 1 -18.58 -17.34 9.01
C MET B 1 -17.67 -17.64 7.81
N ALA B 2 -16.74 -16.71 7.52
CA ALA B 2 -15.82 -16.82 6.39
C ALA B 2 -14.36 -16.92 6.88
N ASP B 3 -13.95 -18.16 7.18
CA ASP B 3 -12.54 -18.51 7.50
C ASP B 3 -11.70 -18.34 6.22
N LYS B 4 -12.31 -18.79 5.11
CA LYS B 4 -11.82 -18.53 3.76
C LYS B 4 -12.69 -17.40 3.20
N LEU B 5 -12.05 -16.35 2.66
CA LEU B 5 -12.76 -15.16 2.17
C LEU B 5 -13.18 -15.33 0.71
N LYS B 6 -14.06 -14.44 0.30
CA LYS B 6 -14.43 -14.26 -1.11
C LYS B 6 -13.88 -12.91 -1.52
N PHE B 7 -13.41 -12.77 -2.75
CA PHE B 7 -12.89 -11.50 -3.26
C PHE B 7 -13.45 -11.31 -4.67
N GLU B 8 -13.93 -10.10 -4.95
CA GLU B 8 -14.45 -9.74 -6.27
C GLU B 8 -13.84 -8.40 -6.65
N ILE B 9 -13.06 -8.38 -7.73
CA ILE B 9 -12.34 -7.18 -8.15
C ILE B 9 -13.33 -6.21 -8.79
N ILE B 10 -13.59 -5.13 -8.06
CA ILE B 10 -14.54 -4.09 -8.44
C ILE B 10 -13.90 -3.18 -9.49
N GLU B 11 -12.60 -2.87 -9.28
CA GLU B 11 -11.85 -1.98 -10.17
C GLU B 11 -10.35 -2.25 -10.02
N GLU B 12 -9.58 -1.96 -11.07
CA GLU B 12 -8.11 -1.85 -11.01
C GLU B 12 -7.75 -0.37 -11.01
N LEU B 13 -6.89 0.06 -10.07
CA LEU B 13 -6.56 1.49 -9.93
C LEU B 13 -5.25 1.82 -10.63
N ILE B 14 -4.16 1.15 -10.20
CA ILE B 14 -2.78 1.43 -10.68
C ILE B 14 -1.95 0.12 -10.65
N VAL B 15 -1.12 -0.09 -11.69
CA VAL B 15 -0.07 -1.13 -11.68
C VAL B 15 1.29 -0.44 -11.47
N LEU B 16 2.05 -0.95 -10.50
CA LEU B 16 3.32 -0.33 -10.02
C LEU B 16 4.55 -1.06 -10.57
N SER B 17 4.39 -2.37 -10.81
CA SER B 17 5.52 -3.25 -11.16
C SER B 17 5.00 -4.57 -11.73
N GLU B 18 5.81 -5.18 -12.62
CA GLU B 18 5.52 -6.49 -13.26
C GLU B 18 6.72 -7.41 -13.03
N ASN B 19 6.46 -8.69 -12.65
CA ASN B 19 7.54 -9.67 -12.37
C ASN B 19 7.81 -10.53 -13.61
N ALA B 20 8.89 -11.34 -13.60
CA ALA B 20 9.24 -12.27 -14.70
C ALA B 20 8.11 -13.28 -14.97
N LYS B 21 7.59 -13.89 -13.88
CA LYS B 21 6.40 -14.77 -13.95
C LYS B 21 5.10 -13.94 -14.11
N GLY B 22 5.25 -12.61 -14.03
CA GLY B 22 4.17 -11.65 -14.29
C GLY B 22 3.77 -10.88 -13.06
N TRP B 23 3.94 -11.53 -11.87
CA TRP B 23 3.41 -11.05 -10.57
C TRP B 23 3.51 -9.51 -10.38
N ARG B 24 2.36 -8.85 -10.45
CA ARG B 24 2.23 -7.40 -10.52
C ARG B 24 1.97 -6.82 -9.14
N LYS B 25 2.80 -5.86 -8.73
CA LYS B 25 2.54 -5.05 -7.55
C LYS B 25 1.51 -4.01 -7.97
N GLU B 26 0.27 -4.15 -7.52
CA GLU B 26 -0.81 -3.25 -7.95
C GLU B 26 -1.73 -2.84 -6.80
N LEU B 27 -2.38 -1.71 -7.02
CA LEU B 27 -3.44 -1.17 -6.18
C LEU B 27 -4.77 -1.32 -6.95
N ASN B 28 -5.72 -2.02 -6.36
CA ASN B 28 -7.04 -2.26 -6.97
C ASN B 28 -8.14 -2.16 -5.91
N ARG B 29 -9.41 -2.08 -6.33
CA ARG B 29 -10.55 -2.10 -5.41
C ARG B 29 -11.18 -3.48 -5.45
N VAL B 30 -11.32 -4.10 -4.27
CA VAL B 30 -11.88 -5.44 -4.11
C VAL B 30 -13.04 -5.41 -3.09
N SER B 31 -14.04 -6.28 -3.30
CA SER B 31 -15.15 -6.48 -2.37
C SER B 31 -14.95 -7.85 -1.70
N TRP B 32 -14.86 -7.87 -0.37
CA TRP B 32 -14.58 -9.09 0.39
C TRP B 32 -15.89 -9.65 0.96
N ASN B 33 -16.28 -10.85 0.46
CA ASN B 33 -17.53 -11.55 0.86
C ASN B 33 -18.77 -10.70 0.49
N ASP B 34 -18.66 -9.91 -0.59
CA ASP B 34 -19.65 -8.91 -1.02
C ASP B 34 -20.00 -7.93 0.14
N ALA B 35 -18.96 -7.35 0.75
CA ALA B 35 -19.10 -6.22 1.72
C ALA B 35 -18.68 -4.91 1.04
N GLU B 36 -18.54 -3.84 1.83
CA GLU B 36 -18.10 -2.50 1.36
C GLU B 36 -16.82 -2.60 0.47
N PRO B 37 -16.93 -2.28 -0.87
CA PRO B 37 -15.77 -2.32 -1.79
C PRO B 37 -14.66 -1.38 -1.34
N LYS B 38 -13.47 -1.93 -1.07
CA LYS B 38 -12.39 -1.21 -0.41
C LYS B 38 -11.06 -1.48 -1.12
N TYR B 39 -10.08 -0.66 -0.79
CA TYR B 39 -8.83 -0.53 -1.55
C TYR B 39 -7.79 -1.53 -1.06
N ASP B 40 -7.26 -2.30 -1.99
CA ASP B 40 -6.33 -3.40 -1.74
C ASP B 40 -5.02 -3.13 -2.48
N ILE B 41 -3.89 -3.38 -1.82
CA ILE B 41 -2.57 -3.16 -2.41
C ILE B 41 -1.67 -4.35 -2.06
N ARG B 42 -1.21 -5.04 -3.10
CA ARG B 42 -0.43 -6.28 -2.96
C ARG B 42 0.11 -6.72 -4.31
N THR B 43 0.80 -7.86 -4.33
CA THR B 43 1.29 -8.45 -5.55
C THR B 43 0.32 -9.58 -5.94
N TRP B 44 -0.26 -9.48 -7.14
CA TRP B 44 -1.20 -10.47 -7.69
C TRP B 44 -0.52 -11.15 -8.88
N SER B 45 -1.11 -12.23 -9.35
CA SER B 45 -0.74 -12.85 -10.63
C SER B 45 -1.25 -11.97 -11.80
N PRO B 46 -0.67 -12.09 -13.04
CA PRO B 46 -1.18 -11.39 -14.25
C PRO B 46 -2.67 -11.68 -14.59
N ASP B 47 -3.23 -12.78 -14.04
CA ASP B 47 -4.66 -13.17 -14.25
C ASP B 47 -5.50 -12.93 -12.98
N HIS B 48 -4.83 -12.53 -11.87
CA HIS B 48 -5.44 -12.29 -10.54
C HIS B 48 -6.00 -13.58 -9.90
N GLU B 49 -5.54 -14.73 -10.42
CA GLU B 49 -5.93 -16.06 -9.91
C GLU B 49 -5.19 -16.37 -8.59
N LYS B 50 -4.04 -15.70 -8.44
CA LYS B 50 -3.18 -15.82 -7.27
C LYS B 50 -3.01 -14.45 -6.62
N MET B 51 -2.88 -14.45 -5.29
CA MET B 51 -2.66 -13.24 -4.48
C MET B 51 -1.35 -13.41 -3.68
N GLY B 52 -0.88 -12.32 -3.07
CA GLY B 52 0.30 -12.37 -2.22
C GLY B 52 0.36 -11.25 -1.21
N LYS B 53 1.58 -11.07 -0.64
CA LYS B 53 1.82 -10.19 0.51
C LYS B 53 1.34 -8.75 0.22
N GLY B 54 0.45 -8.25 1.08
CA GLY B 54 -0.13 -6.93 0.93
C GLY B 54 -1.12 -6.62 2.02
N ILE B 55 -1.83 -5.50 1.89
CA ILE B 55 -2.70 -4.96 2.94
C ILE B 55 -3.95 -4.33 2.30
N THR B 56 -5.07 -4.38 3.03
CA THR B 56 -6.34 -3.79 2.59
C THR B 56 -6.65 -2.55 3.45
N LEU B 57 -7.31 -1.57 2.83
CA LEU B 57 -7.56 -0.22 3.35
C LEU B 57 -9.02 0.13 3.10
N SER B 58 -9.64 0.86 4.03
CA SER B 58 -11.03 1.30 3.93
C SER B 58 -11.08 2.72 3.35
N GLU B 59 -12.30 3.26 3.16
CA GLU B 59 -12.53 4.66 2.71
C GLU B 59 -11.74 5.68 3.53
N GLU B 60 -11.78 5.50 4.87
CA GLU B 60 -11.09 6.35 5.83
C GLU B 60 -9.57 6.28 5.67
N GLU B 61 -9.05 5.05 5.68
CA GLU B 61 -7.59 4.77 5.70
C GLU B 61 -6.94 5.24 4.38
N PHE B 62 -7.50 4.76 3.25
CA PHE B 62 -7.03 5.12 1.92
C PHE B 62 -7.31 6.60 1.60
N GLY B 63 -8.41 7.14 2.14
CA GLY B 63 -8.69 8.58 2.04
C GLY B 63 -7.58 9.43 2.64
N VAL B 64 -7.15 9.07 3.86
CA VAL B 64 -6.02 9.71 4.55
C VAL B 64 -4.72 9.55 3.74
N LEU B 65 -4.56 8.38 3.07
CA LEU B 65 -3.41 8.10 2.18
C LEU B 65 -3.36 9.15 1.05
N LEU B 66 -4.48 9.30 0.29
CA LEU B 66 -4.59 10.25 -0.84
C LEU B 66 -4.31 11.71 -0.42
N LYS B 67 -4.89 12.08 0.74
CA LYS B 67 -4.73 13.41 1.35
C LYS B 67 -3.25 13.75 1.55
N GLU B 68 -2.59 12.92 2.37
CA GLU B 68 -1.22 13.18 2.80
C GLU B 68 -0.20 12.90 1.70
N LEU B 69 -0.54 12.05 0.71
CA LEU B 69 0.30 11.86 -0.49
C LEU B 69 0.28 13.12 -1.34
N GLY B 70 -0.93 13.65 -1.57
CA GLY B 70 -1.13 14.90 -2.33
C GLY B 70 -0.38 16.07 -1.70
N ASN B 71 -0.30 16.07 -0.35
CA ASN B 71 0.51 17.04 0.41
C ASN B 71 2.01 16.79 0.14
N LYS B 72 2.47 15.58 0.52
CA LYS B 72 3.86 15.08 0.32
C LYS B 72 4.37 15.13 -1.14
N LEU B 73 3.50 15.45 -2.12
CA LEU B 73 3.92 15.72 -3.52
C LEU B 73 4.62 17.09 -3.66
N GLU B 74 4.83 17.79 -2.49
CA GLU B 74 5.65 19.02 -2.42
C GLU B 74 7.07 18.72 -2.93
N HIS B 75 7.64 17.59 -2.47
CA HIS B 75 8.87 17.02 -3.02
C HIS B 75 8.57 16.40 -4.38
N HIS B 76 9.17 16.93 -5.45
CA HIS B 76 9.01 16.34 -6.80
C HIS B 76 9.85 15.06 -6.92
N HIS B 77 9.17 13.93 -7.20
CA HIS B 77 9.82 12.61 -7.31
C HIS B 77 10.59 12.49 -8.65
N HIS B 78 11.87 12.87 -8.61
CA HIS B 78 12.80 12.72 -9.74
C HIS B 78 13.94 11.79 -9.31
N HIS B 79 13.94 10.59 -9.88
CA HIS B 79 15.00 9.59 -9.66
C HIS B 79 16.30 10.07 -10.31
N HIS B 80 17.42 9.94 -9.61
CA HIS B 80 18.75 10.33 -10.11
C HIS B 80 19.43 9.07 -10.67
N MET A 1 22.33 -10.91 -2.10
CA MET A 1 21.47 -11.99 -1.54
C MET A 1 20.59 -11.45 -0.41
N ALA A 2 19.49 -12.17 -0.15
CA ALA A 2 18.54 -11.86 0.93
C ALA A 2 18.22 -13.16 1.68
N ASP A 3 19.23 -13.68 2.41
CA ASP A 3 19.11 -14.86 3.29
C ASP A 3 18.25 -14.51 4.51
N LYS A 4 18.71 -13.47 5.23
CA LYS A 4 18.00 -12.87 6.37
C LYS A 4 18.03 -11.36 6.16
N LEU A 5 16.93 -10.67 6.50
CA LEU A 5 16.85 -9.21 6.40
C LEU A 5 16.98 -8.57 7.77
N LYS A 6 17.48 -7.35 7.76
CA LYS A 6 17.47 -6.41 8.89
C LYS A 6 16.61 -5.24 8.44
N PHE A 7 15.94 -4.53 9.34
CA PHE A 7 15.05 -3.43 8.96
C PHE A 7 15.38 -2.21 9.84
N GLU A 8 15.58 -1.07 9.20
CA GLU A 8 15.88 0.20 9.87
C GLU A 8 14.90 1.24 9.36
N ILE A 9 14.04 1.75 10.24
CA ILE A 9 13.00 2.71 9.83
C ILE A 9 13.66 4.07 9.58
N ILE A 10 13.79 4.38 8.31
CA ILE A 10 14.48 5.58 7.80
C ILE A 10 13.63 6.82 8.08
N GLU A 11 12.31 6.66 7.91
CA GLU A 11 11.34 7.73 8.11
C GLU A 11 9.95 7.11 8.34
N GLU A 12 9.10 7.81 9.11
CA GLU A 12 7.66 7.47 9.25
C GLU A 12 6.87 8.47 8.42
N LEU A 13 5.98 7.99 7.54
CA LEU A 13 5.38 8.86 6.51
C LEU A 13 3.93 9.25 6.86
N ILE A 14 3.04 8.25 6.94
CA ILE A 14 1.59 8.47 7.10
C ILE A 14 1.00 7.34 7.98
N VAL A 15 0.20 7.68 9.01
CA VAL A 15 -0.68 6.69 9.68
C VAL A 15 -2.08 6.80 9.07
N LEU A 16 -2.63 5.67 8.62
CA LEU A 16 -3.94 5.59 7.96
C LEU A 16 -5.03 5.17 8.95
N SER A 17 -4.61 4.38 9.97
CA SER A 17 -5.53 3.77 10.95
C SER A 17 -4.73 3.25 12.17
N GLU A 18 -5.37 3.28 13.34
CA GLU A 18 -4.81 2.79 14.64
C GLU A 18 -5.85 1.88 15.32
N ASN A 19 -5.41 0.73 15.85
CA ASN A 19 -6.35 -0.31 16.38
C ASN A 19 -6.65 -0.05 17.87
N ALA A 20 -7.74 -0.67 18.38
CA ALA A 20 -8.01 -0.76 19.84
C ALA A 20 -6.90 -1.56 20.56
N LYS A 21 -6.22 -2.43 19.78
CA LYS A 21 -5.04 -3.18 20.24
C LYS A 21 -3.76 -2.35 20.02
N GLY A 22 -3.91 -1.27 19.23
CA GLY A 22 -2.86 -0.31 18.91
C GLY A 22 -2.45 -0.39 17.44
N TRP A 23 -2.52 -1.63 16.90
CA TRP A 23 -1.99 -1.99 15.56
C TRP A 23 -2.33 -0.97 14.45
N ARG A 24 -1.29 -0.25 13.99
CA ARG A 24 -1.43 0.89 13.08
C ARG A 24 -1.19 0.45 11.65
N LYS A 25 -2.22 0.61 10.78
CA LYS A 25 -2.05 0.40 9.34
C LYS A 25 -1.44 1.67 8.78
N GLU A 26 -0.14 1.63 8.53
CA GLU A 26 0.64 2.82 8.19
C GLU A 26 1.60 2.58 7.02
N LEU A 27 2.12 3.71 6.53
CA LEU A 27 3.15 3.81 5.52
C LEU A 27 4.40 4.41 6.20
N ASN A 28 5.49 3.62 6.24
CA ASN A 28 6.79 4.04 6.80
C ASN A 28 7.88 3.62 5.80
N ARG A 29 8.97 4.40 5.74
CA ARG A 29 10.07 4.15 4.81
C ARG A 29 11.19 3.44 5.58
N VAL A 30 11.60 2.26 5.07
CA VAL A 30 12.53 1.34 5.74
C VAL A 30 13.71 0.97 4.79
N SER A 31 14.88 0.72 5.39
CA SER A 31 16.08 0.22 4.68
C SER A 31 16.32 -1.22 5.14
N TRP A 32 16.53 -2.12 4.19
CA TRP A 32 16.70 -3.56 4.47
C TRP A 32 18.18 -3.94 4.28
N ASN A 33 18.85 -4.30 5.40
CA ASN A 33 20.28 -4.72 5.40
C ASN A 33 21.20 -3.56 4.93
N ASP A 34 20.91 -2.33 5.43
CA ASP A 34 21.67 -1.09 5.11
C ASP A 34 21.68 -0.79 3.60
N ALA A 35 20.56 -1.08 2.92
CA ALA A 35 20.41 -0.85 1.47
C ALA A 35 19.82 0.56 1.22
N GLU A 36 19.37 0.77 -0.02
CA GLU A 36 18.50 1.91 -0.38
C GLU A 36 17.23 1.94 0.53
N PRO A 37 16.79 3.14 1.01
CA PRO A 37 15.49 3.30 1.68
C PRO A 37 14.36 3.12 0.65
N LYS A 38 13.32 2.39 1.04
CA LYS A 38 12.15 2.15 0.19
C LYS A 38 10.90 2.14 1.06
N TYR A 39 9.76 2.35 0.44
CA TYR A 39 8.48 2.60 1.10
C TYR A 39 7.84 1.27 1.53
N ASP A 40 7.34 1.23 2.74
CA ASP A 40 6.74 0.01 3.33
C ASP A 40 5.34 0.31 3.84
N ILE A 41 4.35 -0.52 3.48
CA ILE A 41 2.96 -0.30 3.87
C ILE A 41 2.35 -1.62 4.38
N ARG A 42 1.88 -1.57 5.62
CA ARG A 42 1.37 -2.75 6.35
C ARG A 42 0.79 -2.33 7.68
N THR A 43 0.36 -3.32 8.47
CA THR A 43 -0.07 -3.11 9.83
C THR A 43 1.12 -3.45 10.75
N TRP A 44 1.51 -2.48 11.56
CA TRP A 44 2.58 -2.61 12.54
C TRP A 44 1.96 -2.50 13.93
N SER A 45 2.76 -2.77 14.96
CA SER A 45 2.45 -2.34 16.33
C SER A 45 3.02 -0.92 16.55
N PRO A 46 2.54 -0.16 17.58
CA PRO A 46 3.15 1.15 17.97
C PRO A 46 4.68 1.04 18.16
N ASP A 47 5.10 -0.09 18.76
CA ASP A 47 6.52 -0.37 19.08
C ASP A 47 7.34 -0.76 17.84
N HIS A 48 6.66 -0.95 16.69
CA HIS A 48 7.29 -1.30 15.37
C HIS A 48 8.18 -2.56 15.40
N GLU A 49 8.01 -3.37 16.44
CA GLU A 49 8.71 -4.66 16.61
C GLU A 49 7.85 -5.79 16.01
N LYS A 50 6.55 -5.51 15.86
CA LYS A 50 5.55 -6.46 15.34
C LYS A 50 5.00 -5.94 14.01
N MET A 51 4.79 -6.87 13.07
CA MET A 51 4.39 -6.58 11.68
C MET A 51 3.34 -7.61 11.22
N GLY A 52 2.74 -7.38 10.04
CA GLY A 52 1.83 -8.35 9.44
C GLY A 52 1.71 -8.19 7.94
N LYS A 53 0.55 -8.61 7.40
CA LYS A 53 0.26 -8.55 5.95
C LYS A 53 0.46 -7.12 5.40
N GLY A 54 1.25 -7.04 4.33
CA GLY A 54 1.59 -5.78 3.69
C GLY A 54 2.71 -5.98 2.68
N ILE A 55 3.12 -4.90 2.03
CA ILE A 55 4.00 -4.96 0.86
C ILE A 55 5.07 -3.87 0.94
N THR A 56 6.27 -4.19 0.44
CA THR A 56 7.40 -3.26 0.38
C THR A 56 7.53 -2.79 -1.09
N LEU A 57 7.80 -1.51 -1.24
CA LEU A 57 7.61 -0.72 -2.46
C LEU A 57 8.87 0.14 -2.69
N SER A 58 9.40 0.17 -3.90
CA SER A 58 10.64 0.91 -4.20
C SER A 58 10.32 2.27 -4.86
N GLU A 59 11.39 3.07 -5.10
CA GLU A 59 11.32 4.47 -5.59
C GLU A 59 10.42 4.69 -6.81
N GLU A 60 10.74 3.99 -7.92
CA GLU A 60 10.08 4.23 -9.23
C GLU A 60 8.63 3.73 -9.22
N GLU A 61 8.37 2.65 -8.46
CA GLU A 61 7.03 2.06 -8.31
C GLU A 61 6.13 3.00 -7.51
N PHE A 62 6.62 3.43 -6.33
CA PHE A 62 5.98 4.45 -5.49
C PHE A 62 5.82 5.76 -6.24
N GLY A 63 6.75 6.04 -7.16
CA GLY A 63 6.63 7.13 -8.09
C GLY A 63 5.41 6.99 -9.01
N VAL A 64 5.21 5.77 -9.56
CA VAL A 64 4.02 5.43 -10.39
C VAL A 64 2.72 5.66 -9.58
N LEU A 65 2.76 5.29 -8.28
CA LEU A 65 1.63 5.51 -7.36
C LEU A 65 1.30 7.01 -7.26
N LEU A 66 2.31 7.82 -6.86
CA LEU A 66 2.18 9.29 -6.66
C LEU A 66 1.62 9.99 -7.92
N LYS A 67 2.12 9.53 -9.09
CA LYS A 67 1.67 9.98 -10.43
C LYS A 67 0.17 9.76 -10.59
N GLU A 68 -0.23 8.48 -10.55
CA GLU A 68 -1.58 8.07 -10.91
C GLU A 68 -2.60 8.43 -9.80
N LEU A 69 -2.10 8.66 -8.56
CA LEU A 69 -2.92 9.18 -7.45
C LEU A 69 -3.23 10.67 -7.69
N GLY A 70 -2.20 11.45 -8.09
CA GLY A 70 -2.40 12.86 -8.45
C GLY A 70 -3.38 13.04 -9.62
N ASN A 71 -3.30 12.10 -10.57
CA ASN A 71 -4.16 12.07 -11.77
C ASN A 71 -5.65 11.76 -11.41
N LYS A 72 -5.89 10.57 -10.81
CA LYS A 72 -7.25 10.17 -10.35
C LYS A 72 -7.97 11.23 -9.46
N LEU A 73 -7.19 12.01 -8.69
CA LEU A 73 -7.74 13.13 -7.86
C LEU A 73 -8.40 14.24 -8.72
N GLU A 74 -7.97 14.37 -9.99
CA GLU A 74 -8.58 15.31 -10.96
C GLU A 74 -9.87 14.75 -11.62
N HIS A 75 -10.51 13.77 -10.96
CA HIS A 75 -11.89 13.35 -11.25
C HIS A 75 -12.56 13.02 -9.89
N HIS A 76 -13.30 14.02 -9.37
CA HIS A 76 -13.84 13.99 -8.01
C HIS A 76 -15.21 13.32 -7.99
N HIS A 77 -15.27 12.08 -7.50
CA HIS A 77 -16.52 11.38 -7.24
C HIS A 77 -17.09 11.85 -5.90
N HIS A 78 -18.16 12.68 -5.97
CA HIS A 78 -18.89 13.18 -4.80
C HIS A 78 -20.02 12.19 -4.42
N HIS A 79 -19.63 10.91 -4.19
CA HIS A 79 -20.50 9.77 -3.79
C HIS A 79 -21.81 9.63 -4.63
N HIS A 80 -21.80 10.12 -5.88
CA HIS A 80 -22.91 9.98 -6.83
C HIS A 80 -22.58 8.86 -7.86
N MET B 1 -19.65 -14.33 9.15
CA MET B 1 -18.82 -15.52 9.40
C MET B 1 -17.84 -15.69 8.23
N ALA B 2 -16.56 -15.34 8.46
CA ALA B 2 -15.52 -15.32 7.42
C ALA B 2 -14.30 -16.14 7.86
N ASP B 3 -14.31 -17.45 7.55
CA ASP B 3 -13.16 -18.34 7.80
C ASP B 3 -12.28 -18.38 6.54
N LYS B 4 -12.81 -18.98 5.46
CA LYS B 4 -12.19 -18.89 4.13
C LYS B 4 -12.71 -17.61 3.47
N LEU B 5 -11.78 -16.78 2.99
CA LEU B 5 -12.11 -15.45 2.47
C LEU B 5 -12.43 -15.54 0.98
N LYS B 6 -13.24 -14.60 0.53
CA LYS B 6 -13.63 -14.44 -0.87
C LYS B 6 -13.26 -13.03 -1.28
N PHE B 7 -12.94 -12.84 -2.56
CA PHE B 7 -12.55 -11.53 -3.08
C PHE B 7 -13.08 -11.41 -4.51
N GLU B 8 -13.50 -10.20 -4.89
CA GLU B 8 -13.86 -9.88 -6.27
C GLU B 8 -13.34 -8.50 -6.56
N ILE B 9 -12.59 -8.35 -7.65
CA ILE B 9 -12.00 -7.07 -8.02
C ILE B 9 -13.06 -6.26 -8.75
N ILE B 10 -13.46 -5.15 -8.13
CA ILE B 10 -14.59 -4.31 -8.56
C ILE B 10 -14.07 -3.20 -9.51
N GLU B 11 -12.83 -2.76 -9.25
CA GLU B 11 -12.13 -1.74 -10.04
C GLU B 11 -10.61 -2.00 -9.94
N GLU B 12 -9.87 -1.69 -11.01
CA GLU B 12 -8.39 -1.66 -11.02
C GLU B 12 -7.93 -0.23 -11.29
N LEU B 13 -7.07 0.29 -10.39
CA LEU B 13 -6.72 1.72 -10.37
C LEU B 13 -5.35 1.95 -11.03
N ILE B 14 -4.31 1.32 -10.44
CA ILE B 14 -2.91 1.60 -10.77
C ILE B 14 -2.14 0.27 -10.79
N VAL B 15 -1.59 -0.13 -11.93
CA VAL B 15 -0.62 -1.24 -11.97
C VAL B 15 0.79 -0.64 -11.79
N LEU B 16 1.42 -1.01 -10.69
CA LEU B 16 2.69 -0.43 -10.22
C LEU B 16 3.88 -1.03 -10.97
N SER B 17 3.74 -2.34 -11.31
CA SER B 17 4.78 -3.14 -11.96
C SER B 17 4.26 -4.58 -12.22
N GLU B 18 4.92 -5.26 -13.16
CA GLU B 18 4.59 -6.61 -13.66
C GLU B 18 5.86 -7.47 -13.56
N ASN B 19 5.75 -8.70 -13.03
CA ASN B 19 6.95 -9.49 -12.64
C ASN B 19 7.49 -10.32 -13.83
N ALA B 20 8.72 -10.84 -13.66
CA ALA B 20 9.31 -11.85 -14.58
C ALA B 20 8.47 -13.14 -14.61
N LYS B 21 7.81 -13.43 -13.47
CA LYS B 21 6.86 -14.56 -13.32
C LYS B 21 5.42 -14.10 -13.67
N GLY B 22 5.29 -12.79 -13.95
CA GLY B 22 4.04 -12.16 -14.38
C GLY B 22 3.42 -11.29 -13.28
N TRP B 23 3.64 -11.74 -12.01
CA TRP B 23 2.99 -11.19 -10.80
C TRP B 23 2.94 -9.64 -10.76
N ARG B 24 1.72 -9.10 -10.83
CA ARG B 24 1.49 -7.67 -10.92
C ARG B 24 1.22 -7.10 -9.53
N LYS B 25 2.12 -6.22 -9.07
CA LYS B 25 1.86 -5.45 -7.86
C LYS B 25 0.98 -4.27 -8.27
N GLU B 26 -0.28 -4.32 -7.83
CA GLU B 26 -1.30 -3.36 -8.24
C GLU B 26 -2.08 -2.82 -7.05
N LEU B 27 -2.67 -1.66 -7.28
CA LEU B 27 -3.65 -1.01 -6.43
C LEU B 27 -5.00 -1.05 -7.16
N ASN B 28 -5.98 -1.64 -6.50
CA ASN B 28 -7.33 -1.84 -7.04
C ASN B 28 -8.37 -1.57 -5.93
N ARG B 29 -9.65 -1.68 -6.28
CA ARG B 29 -10.76 -1.74 -5.32
C ARG B 29 -11.38 -3.13 -5.38
N VAL B 30 -11.37 -3.83 -4.24
CA VAL B 30 -11.84 -5.22 -4.09
C VAL B 30 -12.97 -5.28 -3.02
N SER B 31 -13.92 -6.18 -3.24
CA SER B 31 -14.98 -6.53 -2.29
C SER B 31 -14.56 -7.86 -1.65
N TRP B 32 -14.42 -7.88 -0.31
CA TRP B 32 -14.01 -9.09 0.43
C TRP B 32 -15.24 -9.69 1.16
N ASN B 33 -15.60 -10.93 0.76
CA ASN B 33 -16.70 -11.71 1.36
C ASN B 33 -18.07 -10.99 1.19
N ASP B 34 -18.26 -10.38 0.00
CA ASP B 34 -19.47 -9.60 -0.37
C ASP B 34 -19.78 -8.46 0.62
N ALA B 35 -18.72 -7.92 1.25
CA ALA B 35 -18.80 -6.71 2.09
C ALA B 35 -18.52 -5.48 1.21
N GLU B 36 -18.50 -4.30 1.83
CA GLU B 36 -18.21 -3.02 1.15
C GLU B 36 -16.93 -3.08 0.26
N PRO B 37 -16.99 -2.58 -1.02
CA PRO B 37 -15.79 -2.44 -1.87
C PRO B 37 -14.86 -1.34 -1.34
N LYS B 38 -13.57 -1.68 -1.21
CA LYS B 38 -12.55 -0.81 -0.63
C LYS B 38 -11.22 -1.08 -1.31
N TYR B 39 -10.21 -0.29 -0.99
CA TYR B 39 -8.93 -0.30 -1.70
C TYR B 39 -8.03 -1.45 -1.21
N ASP B 40 -7.38 -2.12 -2.15
CA ASP B 40 -6.46 -3.22 -1.87
C ASP B 40 -5.16 -2.98 -2.65
N ILE B 41 -4.01 -3.15 -1.97
CA ILE B 41 -2.68 -2.93 -2.57
C ILE B 41 -1.83 -4.16 -2.26
N ARG B 42 -1.56 -4.95 -3.30
CA ARG B 42 -0.99 -6.31 -3.17
C ARG B 42 -0.34 -6.72 -4.49
N THR B 43 0.48 -7.80 -4.45
CA THR B 43 1.03 -8.41 -5.64
C THR B 43 0.18 -9.65 -5.93
N TRP B 44 -0.43 -9.66 -7.11
CA TRP B 44 -1.34 -10.72 -7.56
C TRP B 44 -0.70 -11.42 -8.77
N SER B 45 -1.32 -12.51 -9.22
CA SER B 45 -1.00 -13.11 -10.53
C SER B 45 -1.92 -12.52 -11.63
N PRO B 46 -1.64 -12.72 -12.97
CA PRO B 46 -2.51 -12.24 -14.09
C PRO B 46 -3.99 -12.71 -13.95
N ASP B 47 -4.18 -13.96 -13.50
CA ASP B 47 -5.51 -14.57 -13.32
C ASP B 47 -6.18 -14.05 -12.04
N HIS B 48 -5.42 -13.31 -11.19
CA HIS B 48 -5.89 -12.73 -9.90
C HIS B 48 -6.38 -13.81 -8.91
N GLU B 49 -5.97 -15.08 -9.13
CA GLU B 49 -6.32 -16.22 -8.27
C GLU B 49 -5.25 -16.41 -7.17
N LYS B 50 -4.04 -15.89 -7.44
CA LYS B 50 -2.87 -16.04 -6.57
C LYS B 50 -2.55 -14.67 -5.95
N MET B 51 -2.32 -14.67 -4.63
CA MET B 51 -2.05 -13.46 -3.82
C MET B 51 -0.75 -13.62 -3.03
N GLY B 52 -0.27 -12.50 -2.46
CA GLY B 52 0.90 -12.51 -1.58
C GLY B 52 0.93 -11.28 -0.68
N LYS B 53 2.10 -10.64 -0.57
CA LYS B 53 2.30 -9.42 0.23
C LYS B 53 1.31 -8.32 -0.18
N GLY B 54 0.42 -7.92 0.75
CA GLY B 54 -0.51 -6.83 0.49
C GLY B 54 -1.38 -6.53 1.69
N ILE B 55 -2.15 -5.43 1.58
CA ILE B 55 -2.94 -4.87 2.70
C ILE B 55 -4.22 -4.21 2.16
N THR B 56 -5.30 -4.24 2.99
CA THR B 56 -6.57 -3.58 2.71
C THR B 56 -6.62 -2.20 3.37
N LEU B 57 -7.19 -1.24 2.63
CA LEU B 57 -7.37 0.15 3.02
C LEU B 57 -8.84 0.52 2.73
N SER B 58 -9.41 1.43 3.51
CA SER B 58 -10.81 1.87 3.34
C SER B 58 -10.82 3.21 2.60
N GLU B 59 -12.01 3.69 2.20
CA GLU B 59 -12.15 4.96 1.46
C GLU B 59 -11.65 6.16 2.29
N GLU B 60 -11.90 6.10 3.61
CA GLU B 60 -11.41 7.09 4.59
C GLU B 60 -9.88 7.05 4.75
N GLU B 61 -9.34 5.84 4.96
CA GLU B 61 -7.89 5.63 5.25
C GLU B 61 -7.04 5.96 4.02
N PHE B 62 -7.44 5.37 2.88
CA PHE B 62 -6.86 5.66 1.57
C PHE B 62 -7.10 7.13 1.17
N GLY B 63 -8.24 7.71 1.59
CA GLY B 63 -8.48 9.15 1.43
C GLY B 63 -7.40 9.99 2.12
N VAL B 64 -7.06 9.60 3.36
CA VAL B 64 -5.96 10.22 4.12
C VAL B 64 -4.63 10.03 3.38
N LEU B 65 -4.40 8.83 2.80
CA LEU B 65 -3.18 8.53 2.00
C LEU B 65 -3.04 9.53 0.83
N LEU B 66 -4.15 9.72 0.08
CA LEU B 66 -4.25 10.68 -1.06
C LEU B 66 -3.85 12.12 -0.64
N LYS B 67 -4.47 12.58 0.47
CA LYS B 67 -4.23 13.91 1.06
C LYS B 67 -2.76 14.12 1.41
N GLU B 68 -2.24 13.25 2.29
CA GLU B 68 -0.91 13.38 2.86
C GLU B 68 0.20 13.20 1.78
N LEU B 69 -0.06 12.33 0.78
CA LEU B 69 0.85 12.16 -0.37
C LEU B 69 0.86 13.40 -1.27
N GLY B 70 -0.33 14.04 -1.44
CA GLY B 70 -0.43 15.31 -2.15
C GLY B 70 0.43 16.41 -1.51
N ASN B 71 0.49 16.38 -0.16
CA ASN B 71 1.39 17.27 0.62
C ASN B 71 2.87 16.89 0.35
N LYS B 72 3.17 15.59 0.52
CA LYS B 72 4.48 14.98 0.16
C LYS B 72 4.93 15.19 -1.32
N LEU B 73 4.02 15.66 -2.22
CA LEU B 73 4.40 16.05 -3.60
C LEU B 73 5.01 17.47 -3.61
N GLU B 74 4.74 18.26 -2.55
CA GLU B 74 5.40 19.57 -2.31
C GLU B 74 6.83 19.36 -1.76
N HIS B 75 7.09 18.17 -1.20
CA HIS B 75 8.47 17.71 -0.90
C HIS B 75 9.22 17.45 -2.24
N HIS B 76 8.42 17.08 -3.27
CA HIS B 76 8.91 16.74 -4.62
C HIS B 76 9.83 15.51 -4.56
N HIS B 77 9.21 14.32 -4.66
CA HIS B 77 9.88 13.01 -4.57
C HIS B 77 11.05 12.91 -5.56
N HIS B 78 12.27 13.13 -5.03
CA HIS B 78 13.52 13.08 -5.79
C HIS B 78 14.62 12.45 -4.94
N HIS B 79 15.09 11.27 -5.37
CA HIS B 79 16.28 10.64 -4.80
C HIS B 79 17.53 11.30 -5.40
N HIS B 80 18.54 11.55 -4.56
CA HIS B 80 19.79 12.20 -4.97
C HIS B 80 20.87 11.10 -5.02
N MET A 1 19.53 -14.08 1.64
CA MET A 1 20.80 -14.48 2.29
C MET A 1 20.60 -14.66 3.81
N ALA A 2 20.14 -13.59 4.48
CA ALA A 2 19.93 -13.57 5.94
C ALA A 2 18.68 -14.39 6.35
N ASP A 3 18.85 -15.28 7.36
CA ASP A 3 17.72 -16.05 7.95
C ASP A 3 16.83 -15.11 8.77
N LYS A 4 17.49 -14.31 9.61
CA LYS A 4 16.86 -13.20 10.36
C LYS A 4 17.04 -11.93 9.54
N LEU A 5 15.94 -11.33 9.08
CA LEU A 5 15.99 -10.13 8.23
C LEU A 5 16.23 -8.89 9.08
N LYS A 6 16.90 -7.90 8.49
CA LYS A 6 17.16 -6.61 9.11
C LYS A 6 16.20 -5.60 8.48
N PHE A 7 15.58 -4.76 9.31
CA PHE A 7 14.66 -3.72 8.84
C PHE A 7 14.80 -2.51 9.76
N GLU A 8 15.00 -1.33 9.16
CA GLU A 8 15.22 -0.10 9.91
C GLU A 8 14.32 0.99 9.32
N ILE A 9 13.51 1.62 10.18
CA ILE A 9 12.61 2.69 9.76
C ILE A 9 13.45 3.95 9.54
N ILE A 10 13.72 4.23 8.26
CA ILE A 10 14.55 5.36 7.82
C ILE A 10 13.76 6.65 7.95
N GLU A 11 12.43 6.56 7.73
CA GLU A 11 11.49 7.68 7.91
C GLU A 11 10.07 7.13 8.08
N GLU A 12 9.22 7.84 8.84
CA GLU A 12 7.77 7.54 8.95
C GLU A 12 7.00 8.58 8.11
N LEU A 13 6.17 8.12 7.16
CA LEU A 13 5.56 9.01 6.15
C LEU A 13 4.13 9.43 6.55
N ILE A 14 3.26 8.42 6.71
CA ILE A 14 1.82 8.61 6.95
C ILE A 14 1.31 7.47 7.86
N VAL A 15 0.46 7.79 8.83
CA VAL A 15 -0.38 6.80 9.54
C VAL A 15 -1.81 6.90 8.99
N LEU A 16 -2.28 5.79 8.40
CA LEU A 16 -3.57 5.72 7.69
C LEU A 16 -4.71 5.38 8.67
N SER A 17 -4.33 4.74 9.79
CA SER A 17 -5.23 4.27 10.84
C SER A 17 -4.40 3.73 12.01
N GLU A 18 -5.03 3.69 13.19
CA GLU A 18 -4.42 3.24 14.45
C GLU A 18 -5.47 2.51 15.28
N ASN A 19 -5.09 1.40 15.95
CA ASN A 19 -6.06 0.47 16.59
C ASN A 19 -6.19 0.80 18.09
N ALA A 20 -7.26 0.32 18.73
CA ALA A 20 -7.43 0.32 20.21
C ALA A 20 -6.27 -0.47 20.88
N LYS A 21 -5.83 -1.53 20.18
CA LYS A 21 -4.65 -2.33 20.57
C LYS A 21 -3.34 -1.57 20.22
N GLY A 22 -3.49 -0.59 19.31
CA GLY A 22 -2.43 0.33 18.89
C GLY A 22 -2.13 0.18 17.41
N TRP A 23 -2.30 -1.07 16.90
CA TRP A 23 -1.87 -1.51 15.56
C TRP A 23 -2.22 -0.50 14.44
N ARG A 24 -1.19 0.19 13.94
CA ARG A 24 -1.34 1.24 12.93
C ARG A 24 -1.20 0.63 11.55
N LYS A 25 -2.11 0.93 10.60
CA LYS A 25 -1.83 0.64 9.19
C LYS A 25 -1.07 1.86 8.66
N GLU A 26 0.26 1.74 8.65
CA GLU A 26 1.20 2.85 8.49
C GLU A 26 2.05 2.67 7.22
N LEU A 27 2.25 3.79 6.50
CA LEU A 27 3.20 3.93 5.41
C LEU A 27 4.47 4.61 5.95
N ASN A 28 5.60 3.94 5.77
CA ASN A 28 6.91 4.43 6.18
C ASN A 28 7.96 4.05 5.12
N ARG A 29 9.18 4.56 5.28
CA ARG A 29 10.34 4.15 4.49
C ARG A 29 11.24 3.30 5.37
N VAL A 30 11.55 2.09 4.90
CA VAL A 30 12.37 1.10 5.59
C VAL A 30 13.60 0.76 4.71
N SER A 31 14.69 0.34 5.38
CA SER A 31 15.87 -0.25 4.75
C SER A 31 15.86 -1.73 5.15
N TRP A 32 15.79 -2.62 4.15
CA TRP A 32 15.73 -4.07 4.35
C TRP A 32 17.11 -4.68 4.05
N ASN A 33 17.74 -5.26 5.09
CA ASN A 33 19.11 -5.84 5.02
C ASN A 33 20.13 -4.82 4.47
N ASP A 34 19.98 -3.56 4.94
CA ASP A 34 20.85 -2.41 4.59
C ASP A 34 20.81 -2.10 3.06
N ALA A 35 19.62 -2.31 2.45
CA ALA A 35 19.39 -1.90 1.04
C ALA A 35 19.07 -0.40 0.96
N GLU A 36 19.05 0.13 -0.28
CA GLU A 36 18.62 1.52 -0.57
C GLU A 36 17.24 1.81 0.09
N PRO A 37 17.17 2.82 1.04
CA PRO A 37 15.91 3.20 1.73
C PRO A 37 14.74 3.40 0.73
N LYS A 38 13.63 2.71 0.97
CA LYS A 38 12.51 2.68 0.03
C LYS A 38 11.20 2.50 0.79
N TYR A 39 10.10 2.60 0.06
CA TYR A 39 8.77 2.71 0.64
C TYR A 39 8.23 1.32 1.02
N ASP A 40 7.64 1.27 2.21
CA ASP A 40 7.04 0.06 2.78
C ASP A 40 5.71 0.43 3.46
N ILE A 41 4.70 -0.41 3.28
CA ILE A 41 3.34 -0.16 3.80
C ILE A 41 2.82 -1.47 4.42
N ARG A 42 2.48 -1.39 5.71
CA ARG A 42 2.08 -2.56 6.49
C ARG A 42 1.41 -2.12 7.77
N THR A 43 0.94 -3.07 8.59
CA THR A 43 0.40 -2.78 9.90
C THR A 43 1.52 -3.03 10.92
N TRP A 44 1.80 -2.02 11.74
CA TRP A 44 2.84 -2.05 12.78
C TRP A 44 2.15 -1.99 14.16
N SER A 45 2.92 -2.28 15.21
CA SER A 45 2.54 -1.93 16.60
C SER A 45 2.93 -0.47 16.89
N PRO A 46 2.44 0.14 18.02
CA PRO A 46 2.96 1.45 18.49
C PRO A 46 4.46 1.37 18.81
N ASP A 47 4.89 0.18 19.27
CA ASP A 47 6.29 -0.12 19.64
C ASP A 47 7.14 -0.54 18.42
N HIS A 48 6.48 -0.74 17.24
CA HIS A 48 7.15 -1.08 15.95
C HIS A 48 8.01 -2.36 16.01
N GLU A 49 7.73 -3.24 16.99
CA GLU A 49 8.39 -4.57 17.14
C GLU A 49 7.44 -5.70 16.66
N LYS A 50 6.20 -5.31 16.38
CA LYS A 50 5.20 -6.16 15.73
C LYS A 50 4.89 -5.58 14.35
N MET A 51 4.66 -6.47 13.39
CA MET A 51 4.26 -6.13 12.02
C MET A 51 3.42 -7.28 11.43
N GLY A 52 2.79 -7.03 10.29
CA GLY A 52 1.94 -8.03 9.64
C GLY A 52 1.76 -7.77 8.15
N LYS A 53 0.56 -8.09 7.63
CA LYS A 53 0.21 -7.99 6.19
C LYS A 53 0.63 -6.64 5.60
N GLY A 54 1.48 -6.68 4.55
CA GLY A 54 1.98 -5.48 3.89
C GLY A 54 2.93 -5.82 2.75
N ILE A 55 3.41 -4.77 2.06
CA ILE A 55 4.19 -4.91 0.83
C ILE A 55 5.22 -3.76 0.70
N THR A 56 6.28 -4.01 -0.09
CA THR A 56 7.31 -3.03 -0.44
C THR A 56 7.01 -2.42 -1.81
N LEU A 57 7.31 -1.12 -1.92
CA LEU A 57 7.26 -0.32 -3.13
C LEU A 57 8.66 0.28 -3.32
N SER A 58 9.20 0.22 -4.54
CA SER A 58 10.44 0.94 -4.87
C SER A 58 10.07 2.39 -5.23
N GLU A 59 11.09 3.23 -5.45
CA GLU A 59 10.89 4.65 -5.80
C GLU A 59 10.16 4.78 -7.15
N GLU A 60 10.37 3.78 -8.03
CA GLU A 60 9.62 3.59 -9.28
C GLU A 60 8.11 3.39 -8.99
N GLU A 61 7.79 2.35 -8.18
CA GLU A 61 6.39 1.98 -7.82
C GLU A 61 5.64 3.16 -7.20
N PHE A 62 6.23 3.72 -6.15
CA PHE A 62 5.63 4.80 -5.36
C PHE A 62 5.52 6.09 -6.17
N GLY A 63 6.53 6.38 -7.02
CA GLY A 63 6.46 7.53 -7.92
C GLY A 63 5.27 7.45 -8.88
N VAL A 64 5.10 6.27 -9.51
CA VAL A 64 3.96 5.99 -10.41
C VAL A 64 2.63 6.04 -9.62
N LEU A 65 2.66 5.58 -8.35
CA LEU A 65 1.49 5.62 -7.45
C LEU A 65 1.06 7.08 -7.25
N LEU A 66 2.03 7.96 -6.92
CA LEU A 66 1.81 9.40 -6.69
C LEU A 66 1.21 10.09 -7.95
N LYS A 67 1.79 9.77 -9.12
CA LYS A 67 1.36 10.32 -10.43
C LYS A 67 -0.10 9.96 -10.74
N GLU A 68 -0.38 8.65 -10.67
CA GLU A 68 -1.67 8.09 -11.08
C GLU A 68 -2.77 8.39 -10.05
N LEU A 69 -2.42 8.41 -8.74
CA LEU A 69 -3.32 8.89 -7.68
C LEU A 69 -3.65 10.35 -7.93
N GLY A 70 -2.62 11.14 -8.29
CA GLY A 70 -2.77 12.55 -8.60
C GLY A 70 -3.75 12.81 -9.75
N ASN A 71 -3.70 11.93 -10.77
CA ASN A 71 -4.63 11.95 -11.92
C ASN A 71 -6.07 11.64 -11.43
N LYS A 72 -6.22 10.49 -10.75
CA LYS A 72 -7.45 10.11 -10.02
C LYS A 72 -7.97 11.24 -9.09
N LEU A 73 -7.06 12.09 -8.55
CA LEU A 73 -7.42 13.23 -7.65
C LEU A 73 -7.94 14.45 -8.43
N GLU A 74 -7.60 14.54 -9.74
CA GLU A 74 -8.11 15.62 -10.62
C GLU A 74 -9.61 15.36 -10.92
N HIS A 75 -9.92 14.15 -11.41
CA HIS A 75 -11.32 13.71 -11.66
C HIS A 75 -11.78 12.74 -10.53
N HIS A 76 -11.89 13.27 -9.29
CA HIS A 76 -12.09 12.42 -8.09
C HIS A 76 -13.57 12.36 -7.65
N HIS A 77 -14.50 12.60 -8.59
CA HIS A 77 -15.96 12.53 -8.31
C HIS A 77 -16.36 11.09 -7.88
N HIS A 78 -16.67 10.94 -6.58
CA HIS A 78 -17.01 9.64 -5.96
C HIS A 78 -18.05 9.85 -4.84
N HIS A 79 -18.65 8.75 -4.35
CA HIS A 79 -19.63 8.81 -3.25
C HIS A 79 -18.94 9.25 -1.94
N HIS A 80 -19.66 10.00 -1.09
CA HIS A 80 -19.14 10.44 0.21
C HIS A 80 -19.46 9.35 1.28
N MET B 1 -16.49 -13.68 11.12
CA MET B 1 -17.85 -14.22 10.91
C MET B 1 -17.77 -15.54 10.10
N ALA B 2 -17.36 -15.42 8.82
CA ALA B 2 -17.12 -16.59 7.94
C ALA B 2 -15.67 -17.05 8.06
N ASP B 3 -15.44 -18.39 8.02
CA ASP B 3 -14.07 -18.98 8.06
C ASP B 3 -13.30 -18.61 6.79
N LYS B 4 -13.97 -18.81 5.65
CA LYS B 4 -13.42 -18.55 4.32
C LYS B 4 -13.98 -17.22 3.79
N LEU B 5 -13.13 -16.48 3.06
CA LEU B 5 -13.53 -15.25 2.37
C LEU B 5 -13.70 -15.54 0.87
N LYS B 6 -14.40 -14.61 0.21
CA LYS B 6 -14.45 -14.50 -1.25
C LYS B 6 -13.79 -13.18 -1.59
N PHE B 7 -13.16 -13.07 -2.75
CA PHE B 7 -12.52 -11.83 -3.20
C PHE B 7 -12.88 -11.63 -4.65
N GLU B 8 -13.25 -10.40 -5.01
CA GLU B 8 -13.55 -10.03 -6.39
C GLU B 8 -12.97 -8.65 -6.65
N ILE B 9 -12.12 -8.54 -7.67
CA ILE B 9 -11.49 -7.27 -8.03
C ILE B 9 -12.54 -6.42 -8.75
N ILE B 10 -12.96 -5.37 -8.05
CA ILE B 10 -14.01 -4.44 -8.47
C ILE B 10 -13.45 -3.53 -9.56
N GLU B 11 -12.18 -3.13 -9.37
CA GLU B 11 -11.50 -2.20 -10.28
C GLU B 11 -9.97 -2.34 -10.11
N GLU B 12 -9.22 -2.23 -11.21
CA GLU B 12 -7.75 -2.16 -11.19
C GLU B 12 -7.37 -0.68 -11.27
N LEU B 13 -6.75 -0.15 -10.19
CA LEU B 13 -6.63 1.31 -10.00
C LEU B 13 -5.34 1.83 -10.65
N ILE B 14 -4.20 1.26 -10.21
CA ILE B 14 -2.86 1.64 -10.68
C ILE B 14 -1.97 0.39 -10.74
N VAL B 15 -1.29 0.17 -11.88
CA VAL B 15 -0.22 -0.83 -12.01
C VAL B 15 1.10 -0.19 -11.54
N LEU B 16 1.70 -0.74 -10.48
CA LEU B 16 2.92 -0.19 -9.87
C LEU B 16 4.18 -0.91 -10.38
N SER B 17 4.03 -2.21 -10.71
CA SER B 17 5.14 -3.07 -11.17
C SER B 17 4.60 -4.44 -11.62
N GLU B 18 5.27 -4.99 -12.65
CA GLU B 18 4.90 -6.25 -13.32
C GLU B 18 6.12 -7.20 -13.33
N ASN B 19 5.91 -8.46 -12.92
CA ASN B 19 7.03 -9.42 -12.66
C ASN B 19 7.36 -10.22 -13.94
N ALA B 20 8.48 -10.95 -13.94
CA ALA B 20 8.90 -11.80 -15.09
C ALA B 20 7.96 -13.03 -15.24
N LYS B 21 7.44 -13.52 -14.09
CA LYS B 21 6.33 -14.50 -14.04
C LYS B 21 4.97 -13.82 -14.40
N GLY B 22 4.99 -12.47 -14.43
CA GLY B 22 3.84 -11.62 -14.76
C GLY B 22 3.36 -10.84 -13.55
N TRP B 23 3.57 -11.43 -12.35
CA TRP B 23 2.88 -11.03 -11.09
C TRP B 23 2.95 -9.52 -10.85
N ARG B 24 1.78 -8.86 -10.87
CA ARG B 24 1.71 -7.41 -10.79
C ARG B 24 1.48 -7.00 -9.34
N LYS B 25 2.48 -6.32 -8.74
CA LYS B 25 2.32 -5.74 -7.40
C LYS B 25 1.74 -4.35 -7.59
N GLU B 26 0.42 -4.26 -7.47
CA GLU B 26 -0.36 -3.10 -7.88
C GLU B 26 -1.40 -2.72 -6.82
N LEU B 27 -2.02 -1.56 -7.06
CA LEU B 27 -3.14 -1.04 -6.29
C LEU B 27 -4.44 -1.34 -7.08
N ASN B 28 -5.33 -2.10 -6.46
CA ASN B 28 -6.65 -2.44 -7.02
C ASN B 28 -7.68 -2.53 -5.90
N ARG B 29 -8.95 -2.24 -6.24
CA ARG B 29 -10.05 -2.18 -5.30
C ARG B 29 -10.80 -3.51 -5.38
N VAL B 30 -10.89 -4.21 -4.23
CA VAL B 30 -11.44 -5.58 -4.12
C VAL B 30 -12.61 -5.56 -3.11
N SER B 31 -13.58 -6.49 -3.29
CA SER B 31 -14.71 -6.69 -2.38
C SER B 31 -14.57 -8.10 -1.77
N TRP B 32 -14.73 -8.17 -0.43
CA TRP B 32 -14.55 -9.41 0.34
C TRP B 32 -15.92 -9.94 0.82
N ASN B 33 -16.36 -11.09 0.24
CA ASN B 33 -17.69 -11.73 0.54
C ASN B 33 -18.86 -10.80 0.13
N ASP B 34 -18.67 -10.06 -0.99
CA ASP B 34 -19.64 -9.03 -1.47
C ASP B 34 -19.92 -7.98 -0.36
N ALA B 35 -18.84 -7.52 0.31
CA ALA B 35 -18.91 -6.43 1.31
C ALA B 35 -18.64 -5.07 0.66
N GLU B 36 -18.44 -4.04 1.49
CA GLU B 36 -17.92 -2.73 1.05
C GLU B 36 -16.59 -2.92 0.25
N PRO B 37 -16.55 -2.50 -1.07
CA PRO B 37 -15.31 -2.51 -1.86
C PRO B 37 -14.27 -1.55 -1.25
N LYS B 38 -13.04 -1.99 -1.13
CA LYS B 38 -11.97 -1.22 -0.48
C LYS B 38 -10.65 -1.49 -1.18
N TYR B 39 -9.68 -0.65 -0.87
CA TYR B 39 -8.42 -0.56 -1.60
C TYR B 39 -7.43 -1.57 -1.08
N ASP B 40 -6.88 -2.36 -1.99
CA ASP B 40 -5.90 -3.40 -1.69
C ASP B 40 -4.63 -3.07 -2.47
N ILE B 41 -3.49 -3.25 -1.82
CA ILE B 41 -2.18 -2.98 -2.40
C ILE B 41 -1.30 -4.21 -2.10
N ARG B 42 -1.12 -5.02 -3.15
CA ARG B 42 -0.56 -6.38 -3.03
C ARG B 42 -0.06 -6.87 -4.37
N THR B 43 0.55 -8.07 -4.39
CA THR B 43 0.97 -8.72 -5.62
C THR B 43 -0.07 -9.77 -5.99
N TRP B 44 -0.56 -9.69 -7.23
CA TRP B 44 -1.49 -10.65 -7.83
C TRP B 44 -0.78 -11.34 -9.00
N SER B 45 -1.31 -12.51 -9.39
CA SER B 45 -0.95 -13.15 -10.65
C SER B 45 -1.58 -12.36 -11.83
N PRO B 46 -1.09 -12.53 -13.09
CA PRO B 46 -1.79 -12.04 -14.31
C PRO B 46 -3.28 -12.49 -14.36
N ASP B 47 -3.56 -13.71 -13.88
CA ASP B 47 -4.95 -14.26 -13.81
C ASP B 47 -5.73 -13.77 -12.57
N HIS B 48 -5.04 -13.06 -11.65
CA HIS B 48 -5.66 -12.35 -10.49
C HIS B 48 -6.42 -13.30 -9.53
N GLU B 49 -6.08 -14.59 -9.57
CA GLU B 49 -6.68 -15.61 -8.68
C GLU B 49 -5.66 -16.04 -7.60
N LYS B 50 -4.40 -15.57 -7.77
CA LYS B 50 -3.30 -15.86 -6.87
C LYS B 50 -2.85 -14.53 -6.25
N MET B 51 -2.70 -14.51 -4.92
CA MET B 51 -2.34 -13.31 -4.15
C MET B 51 -1.17 -13.61 -3.21
N GLY B 52 -0.58 -12.56 -2.65
CA GLY B 52 0.53 -12.71 -1.71
C GLY B 52 0.72 -11.48 -0.85
N LYS B 53 1.99 -11.05 -0.70
CA LYS B 53 2.41 -9.95 0.19
C LYS B 53 1.66 -8.66 -0.13
N GLY B 54 0.83 -8.18 0.82
CA GLY B 54 0.10 -6.93 0.67
C GLY B 54 -0.87 -6.67 1.81
N ILE B 55 -1.63 -5.57 1.71
CA ILE B 55 -2.46 -5.07 2.81
C ILE B 55 -3.75 -4.40 2.28
N THR B 56 -4.83 -4.47 3.10
CA THR B 56 -6.14 -3.85 2.81
C THR B 56 -6.25 -2.51 3.55
N LEU B 57 -6.90 -1.57 2.86
CA LEU B 57 -7.13 -0.19 3.30
C LEU B 57 -8.61 0.12 3.02
N SER B 58 -9.32 0.70 3.99
CA SER B 58 -10.72 1.13 3.78
C SER B 58 -10.71 2.55 3.20
N GLU B 59 -11.89 3.10 2.85
CA GLU B 59 -11.99 4.44 2.25
C GLU B 59 -11.46 5.54 3.21
N GLU B 60 -11.57 5.31 4.55
CA GLU B 60 -10.92 6.16 5.57
C GLU B 60 -9.40 6.20 5.37
N GLU B 61 -8.76 5.01 5.50
CA GLU B 61 -7.29 4.84 5.46
C GLU B 61 -6.68 5.40 4.17
N PHE B 62 -7.25 4.94 3.04
CA PHE B 62 -6.81 5.32 1.71
C PHE B 62 -7.11 6.80 1.42
N GLY B 63 -8.21 7.33 2.00
CA GLY B 63 -8.50 8.76 1.93
C GLY B 63 -7.41 9.60 2.61
N VAL B 64 -6.99 9.16 3.82
CA VAL B 64 -5.89 9.77 4.58
C VAL B 64 -4.60 9.72 3.75
N LEU B 65 -4.41 8.59 3.01
CA LEU B 65 -3.28 8.40 2.11
C LEU B 65 -3.28 9.49 1.02
N LEU B 66 -4.43 9.64 0.31
CA LEU B 66 -4.59 10.62 -0.80
C LEU B 66 -4.31 12.07 -0.37
N LYS B 67 -4.82 12.43 0.81
CA LYS B 67 -4.67 13.78 1.41
C LYS B 67 -3.20 14.07 1.78
N GLU B 68 -2.62 13.14 2.55
CA GLU B 68 -1.23 13.27 3.03
C GLU B 68 -0.22 13.06 1.89
N LEU B 69 -0.63 12.39 0.79
CA LEU B 69 0.17 12.29 -0.45
C LEU B 69 0.02 13.57 -1.28
N GLY B 70 -1.15 14.23 -1.16
CA GLY B 70 -1.35 15.58 -1.70
C GLY B 70 -0.36 16.58 -1.07
N ASN B 71 -0.07 16.35 0.23
CA ASN B 71 0.99 17.09 0.95
C ASN B 71 2.39 16.70 0.41
N LYS B 72 2.66 15.37 0.36
CA LYS B 72 3.89 14.78 -0.26
C LYS B 72 4.23 15.40 -1.63
N LEU B 73 3.23 15.52 -2.53
CA LEU B 73 3.42 16.02 -3.91
C LEU B 73 3.89 17.50 -3.94
N GLU B 74 3.86 18.17 -2.78
CA GLU B 74 4.40 19.53 -2.60
C GLU B 74 5.74 19.49 -1.83
N HIS B 75 5.72 18.95 -0.60
CA HIS B 75 6.81 19.14 0.39
C HIS B 75 7.90 18.03 0.32
N HIS B 76 7.56 16.85 -0.22
CA HIS B 76 8.51 15.70 -0.32
C HIS B 76 9.66 16.00 -1.32
N HIS B 77 10.77 16.54 -0.77
CA HIS B 77 12.00 16.85 -1.53
C HIS B 77 13.05 15.76 -1.24
N HIS B 78 13.86 15.44 -2.27
CA HIS B 78 14.85 14.35 -2.21
C HIS B 78 16.02 14.67 -3.16
N HIS B 79 17.23 14.23 -2.77
CA HIS B 79 18.46 14.45 -3.58
C HIS B 79 18.45 13.55 -4.82
N HIS B 80 18.25 12.24 -4.61
CA HIS B 80 17.98 11.27 -5.70
C HIS B 80 16.78 10.39 -5.30
N MET A 1 18.82 -19.34 1.96
CA MET A 1 18.55 -18.16 1.13
C MET A 1 17.75 -17.13 1.95
N ALA A 2 17.24 -16.06 1.26
CA ALA A 2 16.45 -14.99 1.91
C ALA A 2 15.11 -15.53 2.46
N ASP A 3 15.17 -16.06 3.69
CA ASP A 3 14.02 -16.62 4.41
C ASP A 3 13.56 -15.60 5.46
N LYS A 4 14.49 -15.18 6.33
CA LYS A 4 14.27 -14.13 7.32
C LYS A 4 14.93 -12.84 6.82
N LEU A 5 14.16 -11.76 6.71
CA LEU A 5 14.68 -10.44 6.35
C LEU A 5 14.97 -9.64 7.64
N LYS A 6 15.73 -8.56 7.48
CA LYS A 6 16.02 -7.60 8.56
C LYS A 6 15.49 -6.25 8.09
N PHE A 7 15.04 -5.38 9.01
CA PHE A 7 14.38 -4.12 8.64
C PHE A 7 14.94 -2.97 9.50
N GLU A 8 15.25 -1.84 8.87
CA GLU A 8 15.67 -0.61 9.56
C GLU A 8 14.70 0.49 9.12
N ILE A 9 13.92 1.05 10.04
CA ILE A 9 12.95 2.09 9.70
C ILE A 9 13.70 3.40 9.48
N ILE A 10 13.81 3.77 8.20
CA ILE A 10 14.55 4.93 7.73
C ILE A 10 13.72 6.19 8.01
N GLU A 11 12.40 6.09 7.77
CA GLU A 11 11.50 7.24 7.89
C GLU A 11 10.05 6.78 8.08
N GLU A 12 9.25 7.61 8.75
CA GLU A 12 7.78 7.44 8.86
C GLU A 12 7.12 8.54 8.02
N LEU A 13 6.08 8.20 7.24
CA LEU A 13 5.44 9.19 6.34
C LEU A 13 4.04 9.57 6.84
N ILE A 14 3.16 8.56 6.89
CA ILE A 14 1.72 8.75 7.08
C ILE A 14 1.18 7.61 7.95
N VAL A 15 0.43 7.92 9.01
CA VAL A 15 -0.39 6.92 9.70
C VAL A 15 -1.80 7.01 9.09
N LEU A 16 -2.24 5.92 8.45
CA LEU A 16 -3.51 5.86 7.71
C LEU A 16 -4.65 5.47 8.64
N SER A 17 -4.32 4.76 9.74
CA SER A 17 -5.29 4.27 10.72
C SER A 17 -4.56 3.69 11.94
N GLU A 18 -5.23 3.69 13.10
CA GLU A 18 -4.67 3.22 14.39
C GLU A 18 -5.69 2.31 15.09
N ASN A 19 -5.21 1.20 15.69
CA ASN A 19 -6.10 0.16 16.28
C ASN A 19 -6.36 0.42 17.77
N ALA A 20 -7.34 -0.30 18.36
CA ALA A 20 -7.62 -0.27 19.83
C ALA A 20 -6.50 -0.97 20.64
N LYS A 21 -5.66 -1.73 19.92
CA LYS A 21 -4.42 -2.35 20.43
C LYS A 21 -3.22 -1.43 20.08
N GLY A 22 -3.48 -0.49 19.17
CA GLY A 22 -2.50 0.47 18.68
C GLY A 22 -2.18 0.24 17.21
N TRP A 23 -2.27 -1.05 16.76
CA TRP A 23 -1.76 -1.51 15.45
C TRP A 23 -2.14 -0.57 14.29
N ARG A 24 -1.12 0.15 13.79
CA ARG A 24 -1.31 1.25 12.85
C ARG A 24 -1.13 0.74 11.42
N LYS A 25 -2.17 0.92 10.60
CA LYS A 25 -2.07 0.73 9.15
C LYS A 25 -1.42 2.00 8.61
N GLU A 26 -0.12 1.92 8.32
CA GLU A 26 0.71 3.10 8.04
C GLU A 26 1.61 2.91 6.82
N LEU A 27 2.00 4.06 6.24
CA LEU A 27 3.02 4.19 5.21
C LEU A 27 4.29 4.79 5.85
N ASN A 28 5.36 4.01 5.83
CA ASN A 28 6.69 4.39 6.33
C ASN A 28 7.73 4.06 5.25
N ARG A 29 9.02 4.03 5.62
CA ARG A 29 10.16 3.74 4.71
C ARG A 29 11.17 2.88 5.48
N VAL A 30 11.54 1.73 4.89
CA VAL A 30 12.42 0.71 5.50
C VAL A 30 13.59 0.33 4.54
N SER A 31 14.75 0.01 5.15
CA SER A 31 15.90 -0.59 4.48
C SER A 31 15.91 -2.07 4.85
N TRP A 32 15.83 -2.96 3.86
CA TRP A 32 15.74 -4.42 4.08
C TRP A 32 17.10 -5.07 3.83
N ASN A 33 17.68 -5.65 4.90
CA ASN A 33 19.01 -6.30 4.89
C ASN A 33 20.13 -5.31 4.50
N ASP A 34 19.95 -4.05 4.92
CA ASP A 34 20.84 -2.91 4.60
C ASP A 34 20.95 -2.65 3.09
N ALA A 35 19.85 -2.93 2.36
CA ALA A 35 19.77 -2.66 0.91
C ALA A 35 19.05 -1.32 0.66
N GLU A 36 18.79 -1.01 -0.62
CA GLU A 36 18.15 0.23 -1.08
C GLU A 36 16.86 0.58 -0.28
N PRO A 37 16.88 1.69 0.57
CA PRO A 37 15.72 2.11 1.40
C PRO A 37 14.51 2.49 0.53
N LYS A 38 13.37 1.86 0.82
CA LYS A 38 12.17 1.94 -0.02
C LYS A 38 10.97 2.22 0.85
N TYR A 39 9.82 2.40 0.21
CA TYR A 39 8.56 2.66 0.90
C TYR A 39 7.97 1.35 1.40
N ASP A 40 7.36 1.42 2.58
CA ASP A 40 6.71 0.28 3.24
C ASP A 40 5.29 0.69 3.63
N ILE A 41 4.31 -0.20 3.41
CA ILE A 41 2.90 0.04 3.78
C ILE A 41 2.32 -1.25 4.36
N ARG A 42 2.04 -1.23 5.66
CA ARG A 42 1.73 -2.43 6.45
C ARG A 42 1.02 -2.03 7.74
N THR A 43 0.45 -3.01 8.46
CA THR A 43 -0.06 -2.78 9.79
C THR A 43 1.05 -3.20 10.74
N TRP A 44 1.53 -2.24 11.53
CA TRP A 44 2.64 -2.45 12.47
C TRP A 44 2.08 -2.32 13.87
N SER A 45 2.80 -2.88 14.84
CA SER A 45 2.52 -2.67 16.26
C SER A 45 2.77 -1.17 16.61
N PRO A 46 2.11 -0.62 17.68
CA PRO A 46 2.34 0.78 18.14
C PRO A 46 3.84 1.10 18.44
N ASP A 47 4.65 0.07 18.73
CA ASP A 47 6.10 0.20 19.01
C ASP A 47 6.98 -0.23 17.80
N HIS A 48 6.32 -0.77 16.75
CA HIS A 48 6.97 -1.24 15.48
C HIS A 48 7.84 -2.49 15.71
N GLU A 49 7.67 -3.13 16.87
CA GLU A 49 8.40 -4.35 17.25
C GLU A 49 7.87 -5.56 16.47
N LYS A 50 6.58 -5.49 16.09
CA LYS A 50 5.85 -6.56 15.39
C LYS A 50 5.20 -5.99 14.13
N MET A 51 4.71 -6.91 13.28
CA MET A 51 4.28 -6.62 11.90
C MET A 51 3.21 -7.62 11.45
N GLY A 52 2.56 -7.35 10.32
CA GLY A 52 1.57 -8.28 9.77
C GLY A 52 1.37 -8.09 8.28
N LYS A 53 0.10 -8.09 7.84
CA LYS A 53 -0.26 -8.02 6.42
C LYS A 53 0.05 -6.62 5.84
N GLY A 54 0.88 -6.62 4.78
CA GLY A 54 1.30 -5.40 4.11
C GLY A 54 2.17 -5.71 2.91
N ILE A 55 2.59 -4.66 2.20
CA ILE A 55 3.41 -4.76 0.99
C ILE A 55 4.51 -3.68 1.01
N THR A 56 5.64 -3.99 0.37
CA THR A 56 6.74 -3.05 0.14
C THR A 56 6.63 -2.46 -1.27
N LEU A 57 6.97 -1.17 -1.37
CA LEU A 57 6.96 -0.40 -2.63
C LEU A 57 8.35 0.21 -2.84
N SER A 58 8.85 0.16 -4.07
CA SER A 58 10.09 0.83 -4.46
C SER A 58 9.77 2.27 -4.90
N GLU A 59 10.80 3.10 -5.09
CA GLU A 59 10.62 4.51 -5.51
C GLU A 59 9.95 4.62 -6.89
N GLU A 60 10.27 3.65 -7.79
CA GLU A 60 9.62 3.48 -9.11
C GLU A 60 8.09 3.35 -8.94
N GLU A 61 7.73 2.36 -8.12
CA GLU A 61 6.34 1.89 -7.91
C GLU A 61 5.49 2.96 -7.23
N PHE A 62 6.05 3.50 -6.15
CA PHE A 62 5.46 4.56 -5.36
C PHE A 62 5.31 5.85 -6.20
N GLY A 63 6.27 6.10 -7.12
CA GLY A 63 6.17 7.20 -8.07
C GLY A 63 4.97 7.07 -9.01
N VAL A 64 4.78 5.85 -9.57
CA VAL A 64 3.61 5.53 -10.42
C VAL A 64 2.31 5.76 -9.63
N LEU A 65 2.34 5.35 -8.33
CA LEU A 65 1.21 5.52 -7.40
C LEU A 65 0.84 7.00 -7.26
N LEU A 66 1.85 7.85 -6.91
CA LEU A 66 1.67 9.32 -6.72
C LEU A 66 1.06 9.98 -7.97
N LYS A 67 1.59 9.61 -9.14
CA LYS A 67 1.16 10.11 -10.46
C LYS A 67 -0.34 9.84 -10.71
N GLU A 68 -0.69 8.55 -10.69
CA GLU A 68 -2.02 8.09 -11.09
C GLU A 68 -3.08 8.39 -10.01
N LEU A 69 -2.63 8.57 -8.75
CA LEU A 69 -3.50 9.08 -7.67
C LEU A 69 -3.81 10.56 -7.92
N GLY A 70 -2.75 11.31 -8.30
CA GLY A 70 -2.87 12.74 -8.62
C GLY A 70 -3.82 12.98 -9.80
N ASN A 71 -3.86 12.00 -10.73
CA ASN A 71 -4.85 11.97 -11.82
C ASN A 71 -6.26 11.71 -11.25
N LYS A 72 -6.42 10.53 -10.60
CA LYS A 72 -7.67 10.11 -9.87
C LYS A 72 -8.29 11.19 -8.95
N LEU A 73 -7.48 12.15 -8.49
CA LEU A 73 -7.96 13.27 -7.66
C LEU A 73 -8.98 14.16 -8.41
N GLU A 74 -9.06 14.03 -9.74
CA GLU A 74 -10.11 14.70 -10.55
C GLU A 74 -11.52 14.13 -10.19
N HIS A 75 -11.56 12.80 -9.95
CA HIS A 75 -12.77 12.08 -9.51
C HIS A 75 -12.96 12.19 -7.99
N HIS A 76 -11.92 12.68 -7.30
CA HIS A 76 -11.88 12.82 -5.84
C HIS A 76 -11.78 14.30 -5.43
N HIS A 77 -12.37 15.20 -6.25
CA HIS A 77 -12.52 16.63 -5.91
C HIS A 77 -13.98 16.91 -5.57
N HIS A 78 -14.42 16.39 -4.42
CA HIS A 78 -15.75 16.65 -3.87
C HIS A 78 -15.58 17.64 -2.70
N HIS A 79 -15.69 18.94 -3.01
CA HIS A 79 -15.50 20.04 -2.05
C HIS A 79 -16.84 20.78 -1.85
N HIS A 80 -16.81 22.11 -1.59
CA HIS A 80 -18.01 22.88 -1.20
C HIS A 80 -17.82 24.39 -1.46
N MET B 1 -15.91 -15.93 11.91
CA MET B 1 -14.61 -15.73 11.20
C MET B 1 -14.59 -16.51 9.89
N ALA B 2 -14.00 -15.91 8.84
CA ALA B 2 -13.71 -16.58 7.56
C ALA B 2 -12.26 -17.10 7.60
N ASP B 3 -12.12 -18.43 7.78
CA ASP B 3 -10.80 -19.09 7.87
C ASP B 3 -10.06 -18.99 6.53
N LYS B 4 -10.79 -19.27 5.44
CA LYS B 4 -10.36 -18.93 4.08
C LYS B 4 -11.20 -17.74 3.60
N LEU B 5 -10.55 -16.74 3.01
CA LEU B 5 -11.24 -15.53 2.54
C LEU B 5 -11.81 -15.74 1.13
N LYS B 6 -12.75 -14.87 0.76
CA LYS B 6 -13.28 -14.75 -0.60
C LYS B 6 -12.86 -13.37 -1.09
N PHE B 7 -12.55 -13.22 -2.39
CA PHE B 7 -12.13 -11.93 -2.96
C PHE B 7 -12.68 -11.78 -4.37
N GLU B 8 -13.22 -10.60 -4.67
CA GLU B 8 -13.78 -10.24 -5.98
C GLU B 8 -13.18 -8.90 -6.37
N ILE B 9 -12.42 -8.86 -7.47
CA ILE B 9 -11.74 -7.62 -7.89
C ILE B 9 -12.76 -6.68 -8.55
N ILE B 10 -13.03 -5.58 -7.88
CA ILE B 10 -14.07 -4.61 -8.25
C ILE B 10 -13.54 -3.63 -9.30
N GLU B 11 -12.25 -3.29 -9.19
CA GLU B 11 -11.56 -2.38 -10.14
C GLU B 11 -10.05 -2.56 -10.06
N GLU B 12 -9.34 -2.31 -11.19
CA GLU B 12 -7.86 -2.19 -11.21
C GLU B 12 -7.53 -0.69 -11.25
N LEU B 13 -6.88 -0.18 -10.20
CA LEU B 13 -6.68 1.27 -10.05
C LEU B 13 -5.36 1.71 -10.71
N ILE B 14 -4.24 1.16 -10.22
CA ILE B 14 -2.89 1.54 -10.66
C ILE B 14 -1.99 0.29 -10.65
N VAL B 15 -1.27 0.03 -11.74
CA VAL B 15 -0.18 -0.97 -11.77
C VAL B 15 1.13 -0.25 -11.42
N LEU B 16 1.79 -0.69 -10.34
CA LEU B 16 3.00 -0.05 -9.79
C LEU B 16 4.28 -0.73 -10.35
N SER B 17 4.19 -2.04 -10.65
CA SER B 17 5.32 -2.86 -11.13
C SER B 17 4.82 -4.21 -11.65
N GLU B 18 5.63 -4.86 -12.52
CA GLU B 18 5.34 -6.16 -13.13
C GLU B 18 6.59 -7.05 -13.03
N ASN B 19 6.44 -8.25 -12.42
CA ASN B 19 7.60 -9.05 -11.94
C ASN B 19 8.24 -9.86 -13.08
N ALA B 20 9.41 -10.49 -12.80
CA ALA B 20 10.05 -11.46 -13.71
C ALA B 20 9.23 -12.77 -13.83
N LYS B 21 8.32 -12.98 -12.86
CA LYS B 21 7.33 -14.09 -12.88
C LYS B 21 5.96 -13.52 -13.33
N GLY B 22 5.96 -12.20 -13.62
CA GLY B 22 4.80 -11.46 -14.10
C GLY B 22 4.11 -10.69 -12.99
N TRP B 23 4.25 -11.20 -11.73
CA TRP B 23 3.45 -10.77 -10.56
C TRP B 23 3.43 -9.24 -10.39
N ARG B 24 2.24 -8.64 -10.55
CA ARG B 24 2.10 -7.19 -10.63
C ARG B 24 1.77 -6.63 -9.25
N LYS B 25 2.66 -5.75 -8.76
CA LYS B 25 2.44 -5.01 -7.53
C LYS B 25 1.51 -3.86 -7.90
N GLU B 26 0.25 -3.94 -7.47
CA GLU B 26 -0.77 -2.98 -7.91
C GLU B 26 -1.75 -2.60 -6.80
N LEU B 27 -2.30 -1.39 -6.98
CA LEU B 27 -3.43 -0.86 -6.23
C LEU B 27 -4.71 -1.18 -7.02
N ASN B 28 -5.63 -1.89 -6.39
CA ASN B 28 -6.93 -2.27 -6.99
C ASN B 28 -8.01 -2.34 -5.90
N ARG B 29 -9.28 -2.15 -6.28
CA ARG B 29 -10.40 -2.23 -5.33
C ARG B 29 -10.91 -3.67 -5.32
N VAL B 30 -11.05 -4.24 -4.12
CA VAL B 30 -11.53 -5.62 -3.92
C VAL B 30 -12.68 -5.64 -2.88
N SER B 31 -13.62 -6.59 -3.06
CA SER B 31 -14.67 -6.91 -2.10
C SER B 31 -14.25 -8.22 -1.44
N TRP B 32 -14.03 -8.19 -0.13
CA TRP B 32 -13.60 -9.36 0.65
C TRP B 32 -14.82 -9.98 1.33
N ASN B 33 -15.13 -11.23 0.95
CA ASN B 33 -16.23 -12.04 1.52
C ASN B 33 -17.60 -11.34 1.34
N ASP B 34 -17.78 -10.73 0.15
CA ASP B 34 -19.00 -10.01 -0.26
C ASP B 34 -19.33 -8.82 0.66
N ALA B 35 -18.30 -8.26 1.33
CA ALA B 35 -18.47 -7.10 2.24
C ALA B 35 -18.32 -5.79 1.47
N GLU B 36 -18.31 -4.65 2.20
CA GLU B 36 -18.01 -3.31 1.64
C GLU B 36 -16.71 -3.30 0.80
N PRO B 37 -16.81 -3.10 -0.56
CA PRO B 37 -15.62 -2.99 -1.43
C PRO B 37 -14.77 -1.79 -1.04
N LYS B 38 -13.47 -2.00 -0.98
CA LYS B 38 -12.52 -1.00 -0.50
C LYS B 38 -11.21 -1.17 -1.24
N TYR B 39 -10.28 -0.26 -0.95
CA TYR B 39 -9.02 -0.17 -1.65
C TYR B 39 -8.08 -1.23 -1.11
N ASP B 40 -7.39 -1.92 -2.00
CA ASP B 40 -6.42 -2.95 -1.65
C ASP B 40 -5.13 -2.69 -2.42
N ILE B 41 -4.00 -2.89 -1.77
CA ILE B 41 -2.69 -2.66 -2.35
C ILE B 41 -1.81 -3.87 -2.03
N ARG B 42 -1.50 -4.65 -3.08
CA ARG B 42 -0.85 -5.95 -2.95
C ARG B 42 -0.23 -6.38 -4.25
N THR B 43 0.50 -7.50 -4.22
CA THR B 43 1.03 -8.11 -5.42
C THR B 43 0.06 -9.25 -5.81
N TRP B 44 -0.38 -9.22 -7.06
CA TRP B 44 -1.24 -10.25 -7.64
C TRP B 44 -0.42 -10.97 -8.71
N SER B 45 -0.91 -12.12 -9.14
CA SER B 45 -0.38 -12.82 -10.31
C SER B 45 -0.77 -12.01 -11.59
N PRO B 46 -0.06 -12.19 -12.75
CA PRO B 46 -0.41 -11.50 -14.02
C PRO B 46 -1.84 -11.83 -14.54
N ASP B 47 -2.37 -13.00 -14.16
CA ASP B 47 -3.76 -13.42 -14.48
C ASP B 47 -4.74 -13.04 -13.35
N HIS B 48 -4.20 -12.50 -12.23
CA HIS B 48 -4.96 -12.13 -10.99
C HIS B 48 -5.54 -13.37 -10.27
N GLU B 49 -5.12 -14.58 -10.68
CA GLU B 49 -5.62 -15.85 -10.11
C GLU B 49 -5.20 -15.99 -8.63
N LYS B 50 -4.02 -15.45 -8.27
CA LYS B 50 -3.44 -15.59 -6.93
C LYS B 50 -2.99 -14.23 -6.41
N MET B 51 -2.62 -14.20 -5.14
CA MET B 51 -2.28 -12.97 -4.41
C MET B 51 -1.20 -13.28 -3.37
N GLY B 52 -0.64 -12.22 -2.77
CA GLY B 52 0.38 -12.37 -1.74
C GLY B 52 0.47 -11.15 -0.86
N LYS B 53 1.71 -10.70 -0.60
CA LYS B 53 2.03 -9.55 0.29
C LYS B 53 1.14 -8.34 -0.02
N GLY B 54 0.29 -7.90 0.93
CA GLY B 54 -0.52 -6.73 0.73
C GLY B 54 -1.41 -6.41 1.92
N ILE B 55 -2.11 -5.28 1.81
CA ILE B 55 -2.91 -4.70 2.91
C ILE B 55 -4.15 -4.00 2.32
N THR B 56 -5.24 -4.00 3.09
CA THR B 56 -6.51 -3.37 2.69
C THR B 56 -6.66 -2.02 3.44
N LEU B 57 -7.18 -1.04 2.73
CA LEU B 57 -7.36 0.35 3.16
C LEU B 57 -8.84 0.71 2.95
N SER B 58 -9.43 1.42 3.92
CA SER B 58 -10.81 1.94 3.81
C SER B 58 -10.77 3.33 3.15
N GLU B 59 -11.95 3.95 2.91
CA GLU B 59 -12.05 5.33 2.37
C GLU B 59 -11.36 6.35 3.30
N GLU B 60 -11.38 6.06 4.61
CA GLU B 60 -10.64 6.82 5.63
C GLU B 60 -9.12 6.77 5.36
N GLU B 61 -8.55 5.54 5.38
CA GLU B 61 -7.11 5.31 5.14
C GLU B 61 -6.64 5.94 3.82
N PHE B 62 -7.32 5.55 2.74
CA PHE B 62 -7.00 5.96 1.38
C PHE B 62 -7.20 7.47 1.16
N GLY B 63 -8.28 8.04 1.71
CA GLY B 63 -8.54 9.49 1.63
C GLY B 63 -7.44 10.31 2.27
N VAL B 64 -7.03 9.91 3.51
CA VAL B 64 -5.91 10.53 4.23
C VAL B 64 -4.60 10.37 3.42
N LEU B 65 -4.44 9.19 2.77
CA LEU B 65 -3.27 8.89 1.91
C LEU B 65 -3.19 9.91 0.76
N LEU B 66 -4.30 10.08 0.02
CA LEU B 66 -4.41 11.02 -1.12
C LEU B 66 -4.05 12.47 -0.72
N LYS B 67 -4.59 12.88 0.45
CA LYS B 67 -4.35 14.21 1.03
C LYS B 67 -2.85 14.45 1.32
N GLU B 68 -2.28 13.55 2.14
CA GLU B 68 -0.93 13.68 2.65
C GLU B 68 0.11 13.53 1.54
N LEU B 69 -0.15 12.61 0.58
CA LEU B 69 0.69 12.44 -0.61
C LEU B 69 0.65 13.72 -1.47
N GLY B 70 -0.58 14.25 -1.70
CA GLY B 70 -0.78 15.48 -2.49
C GLY B 70 -0.03 16.68 -1.91
N ASN B 71 0.14 16.66 -0.57
CA ASN B 71 1.01 17.62 0.14
C ASN B 71 2.49 17.31 -0.20
N LYS B 72 2.94 16.09 0.18
CA LYS B 72 4.31 15.55 -0.05
C LYS B 72 4.84 15.66 -1.51
N LEU B 73 3.94 15.87 -2.48
CA LEU B 73 4.31 16.09 -3.90
C LEU B 73 5.04 17.44 -4.11
N GLU B 74 5.07 18.27 -3.04
CA GLU B 74 5.81 19.55 -3.00
C GLU B 74 7.33 19.30 -3.15
N HIS B 75 7.82 18.24 -2.45
CA HIS B 75 9.23 17.81 -2.50
C HIS B 75 9.45 16.76 -3.58
N HIS B 76 8.38 16.04 -3.98
CA HIS B 76 8.46 15.04 -5.06
C HIS B 76 8.30 15.73 -6.44
N HIS B 77 9.43 16.25 -6.96
CA HIS B 77 9.52 16.90 -8.28
C HIS B 77 10.99 17.06 -8.69
N HIS B 78 11.27 16.97 -10.00
CA HIS B 78 12.64 17.14 -10.54
C HIS B 78 12.91 18.64 -10.78
N HIS B 79 14.19 18.99 -10.97
CA HIS B 79 14.62 20.34 -11.41
C HIS B 79 14.84 20.30 -12.93
N HIS B 80 14.66 21.44 -13.61
CA HIS B 80 14.74 21.53 -15.08
C HIS B 80 15.75 22.62 -15.49
N MET A 1 14.84 -14.78 0.31
CA MET A 1 14.31 -14.38 1.62
C MET A 1 14.84 -15.35 2.69
N ALA A 2 15.71 -14.83 3.58
CA ALA A 2 16.20 -15.56 4.75
C ALA A 2 15.10 -15.64 5.82
N ASP A 3 15.24 -16.58 6.78
CA ASP A 3 14.24 -16.82 7.84
C ASP A 3 13.93 -15.56 8.62
N LYS A 4 14.89 -15.05 9.40
CA LYS A 4 14.74 -13.83 10.19
C LYS A 4 15.36 -12.70 9.37
N LEU A 5 14.54 -11.74 8.96
CA LEU A 5 14.99 -10.57 8.19
C LEU A 5 15.32 -9.39 9.10
N LYS A 6 16.05 -8.44 8.53
CA LYS A 6 16.41 -7.18 9.18
C LYS A 6 15.61 -6.07 8.50
N PHE A 7 15.20 -5.09 9.29
CA PHE A 7 14.56 -3.87 8.77
C PHE A 7 14.97 -2.69 9.66
N GLU A 8 15.13 -1.51 9.06
CA GLU A 8 15.42 -0.26 9.76
C GLU A 8 14.47 0.79 9.21
N ILE A 9 13.70 1.43 10.08
CA ILE A 9 12.75 2.45 9.66
C ILE A 9 13.53 3.76 9.43
N ILE A 10 13.67 4.09 8.16
CA ILE A 10 14.41 5.26 7.68
C ILE A 10 13.60 6.52 8.00
N GLU A 11 12.27 6.42 7.81
CA GLU A 11 11.35 7.53 8.02
C GLU A 11 9.92 7.00 8.17
N GLU A 12 9.06 7.76 8.88
CA GLU A 12 7.61 7.55 8.94
C GLU A 12 6.93 8.63 8.09
N LEU A 13 6.05 8.24 7.15
CA LEU A 13 5.46 9.17 6.18
C LEU A 13 4.05 9.58 6.60
N ILE A 14 3.17 8.58 6.74
CA ILE A 14 1.73 8.78 6.97
C ILE A 14 1.23 7.66 7.89
N VAL A 15 0.49 8.00 8.95
CA VAL A 15 -0.32 7.02 9.71
C VAL A 15 -1.76 7.08 9.17
N LEU A 16 -2.27 5.95 8.67
CA LEU A 16 -3.57 5.87 7.99
C LEU A 16 -4.70 5.54 8.96
N SER A 17 -4.35 4.84 10.06
CA SER A 17 -5.30 4.37 11.08
C SER A 17 -4.54 3.63 12.20
N GLU A 18 -5.22 3.47 13.35
CA GLU A 18 -4.65 2.89 14.59
C GLU A 18 -5.65 1.91 15.23
N ASN A 19 -5.13 0.78 15.77
CA ASN A 19 -6.01 -0.34 16.25
C ASN A 19 -6.15 -0.28 17.79
N ALA A 20 -7.10 -1.06 18.36
CA ALA A 20 -7.30 -1.17 19.83
C ALA A 20 -6.07 -1.79 20.53
N LYS A 21 -5.47 -2.78 19.86
CA LYS A 21 -4.17 -3.38 20.25
C LYS A 21 -3.01 -2.39 19.98
N GLY A 22 -3.33 -1.34 19.21
CA GLY A 22 -2.44 -0.25 18.87
C GLY A 22 -2.14 -0.23 17.38
N TRP A 23 -2.17 -1.43 16.76
CA TRP A 23 -1.56 -1.68 15.43
C TRP A 23 -1.95 -0.62 14.39
N ARG A 24 -0.97 0.19 13.97
CA ARG A 24 -1.19 1.32 13.09
C ARG A 24 -0.90 0.89 11.66
N LYS A 25 -1.89 0.98 10.76
CA LYS A 25 -1.64 0.74 9.33
C LYS A 25 -1.12 2.04 8.75
N GLU A 26 0.18 2.05 8.46
CA GLU A 26 0.91 3.26 8.08
C GLU A 26 1.80 3.02 6.85
N LEU A 27 2.09 4.13 6.18
CA LEU A 27 3.09 4.22 5.11
C LEU A 27 4.38 4.81 5.71
N ASN A 28 5.47 4.05 5.64
CA ASN A 28 6.78 4.48 6.15
C ASN A 28 7.90 3.99 5.21
N ARG A 29 9.05 4.65 5.25
CA ARG A 29 10.23 4.27 4.46
C ARG A 29 11.10 3.36 5.31
N VAL A 30 11.32 2.13 4.83
CA VAL A 30 12.07 1.07 5.53
C VAL A 30 13.21 0.55 4.63
N SER A 31 14.33 0.17 5.25
CA SER A 31 15.47 -0.44 4.57
C SER A 31 15.55 -1.89 5.03
N TRP A 32 15.45 -2.82 4.08
CA TRP A 32 15.38 -4.26 4.39
C TRP A 32 16.78 -4.86 4.29
N ASN A 33 17.31 -5.34 5.43
CA ASN A 33 18.62 -5.99 5.55
C ASN A 33 19.75 -5.06 5.07
N ASP A 34 19.65 -3.77 5.47
CA ASP A 34 20.63 -2.71 5.16
C ASP A 34 20.79 -2.51 3.64
N ALA A 35 19.74 -2.85 2.87
CA ALA A 35 19.74 -2.68 1.41
C ALA A 35 19.21 -1.29 1.02
N GLU A 36 18.77 -1.17 -0.23
CA GLU A 36 18.00 -0.01 -0.72
C GLU A 36 16.86 0.38 0.26
N PRO A 37 16.83 1.65 0.75
CA PRO A 37 15.66 2.18 1.46
C PRO A 37 14.49 2.36 0.45
N LYS A 38 13.36 1.73 0.74
CA LYS A 38 12.18 1.76 -0.10
C LYS A 38 10.97 2.11 0.74
N TYR A 39 9.84 2.29 0.07
CA TYR A 39 8.57 2.58 0.73
C TYR A 39 7.91 1.26 1.16
N ASP A 40 7.21 1.33 2.28
CA ASP A 40 6.48 0.19 2.87
C ASP A 40 5.12 0.68 3.34
N ILE A 41 4.07 -0.07 3.00
CA ILE A 41 2.68 0.27 3.35
C ILE A 41 2.08 -0.99 4.00
N ARG A 42 2.00 -0.93 5.33
CA ARG A 42 1.86 -2.13 6.17
C ARG A 42 1.15 -1.76 7.46
N THR A 43 0.74 -2.77 8.25
CA THR A 43 0.23 -2.53 9.59
C THR A 43 1.34 -2.98 10.56
N TRP A 44 1.80 -2.04 11.38
CA TRP A 44 2.85 -2.25 12.36
C TRP A 44 2.25 -2.09 13.75
N SER A 45 3.02 -2.43 14.76
CA SER A 45 2.74 -1.99 16.14
C SER A 45 3.17 -0.51 16.25
N PRO A 46 2.63 0.29 17.22
CA PRO A 46 3.17 1.62 17.51
C PRO A 46 4.61 1.52 18.07
N ASP A 47 4.92 0.34 18.66
CA ASP A 47 6.26 -0.01 19.14
C ASP A 47 7.17 -0.44 17.95
N HIS A 48 6.55 -0.61 16.77
CA HIS A 48 7.21 -0.94 15.47
C HIS A 48 8.04 -2.25 15.49
N GLU A 49 7.78 -3.11 16.49
CA GLU A 49 8.48 -4.40 16.62
C GLU A 49 7.64 -5.53 16.02
N LYS A 50 6.36 -5.22 15.75
CA LYS A 50 5.39 -6.16 15.16
C LYS A 50 4.93 -5.64 13.81
N MET A 51 4.56 -6.57 12.92
CA MET A 51 4.10 -6.27 11.55
C MET A 51 3.18 -7.38 11.03
N GLY A 52 2.48 -7.10 9.93
CA GLY A 52 1.54 -8.04 9.33
C GLY A 52 1.27 -7.71 7.87
N LYS A 53 -0.03 -7.70 7.47
CA LYS A 53 -0.47 -7.39 6.10
C LYS A 53 0.14 -6.08 5.60
N GLY A 54 0.98 -6.17 4.56
CA GLY A 54 1.54 -5.00 3.91
C GLY A 54 2.42 -5.38 2.74
N ILE A 55 2.82 -4.37 1.97
CA ILE A 55 3.57 -4.56 0.72
C ILE A 55 4.67 -3.49 0.59
N THR A 56 5.79 -3.88 -0.03
CA THR A 56 6.95 -3.01 -0.25
C THR A 56 6.92 -2.45 -1.69
N LEU A 57 7.25 -1.17 -1.81
CA LEU A 57 7.22 -0.42 -3.07
C LEU A 57 8.58 0.29 -3.23
N SER A 58 9.14 0.28 -4.44
CA SER A 58 10.41 0.97 -4.74
C SER A 58 10.10 2.43 -5.10
N GLU A 59 11.14 3.26 -5.22
CA GLU A 59 10.98 4.70 -5.55
C GLU A 59 10.26 4.91 -6.89
N GLU A 60 10.57 4.05 -7.87
CA GLU A 60 9.91 4.04 -9.19
C GLU A 60 8.43 3.64 -9.06
N GLU A 61 8.17 2.51 -8.39
CA GLU A 61 6.83 1.90 -8.26
C GLU A 61 5.87 2.80 -7.48
N PHE A 62 6.33 3.24 -6.30
CA PHE A 62 5.63 4.20 -5.44
C PHE A 62 5.50 5.57 -6.14
N GLY A 63 6.52 5.94 -6.94
CA GLY A 63 6.45 7.15 -7.77
C GLY A 63 5.31 7.08 -8.78
N VAL A 64 5.12 5.90 -9.41
CA VAL A 64 4.01 5.64 -10.33
C VAL A 64 2.66 5.77 -9.58
N LEU A 65 2.65 5.29 -8.32
CA LEU A 65 1.47 5.42 -7.43
C LEU A 65 1.13 6.90 -7.23
N LEU A 66 2.15 7.73 -6.88
CA LEU A 66 1.99 9.18 -6.65
C LEU A 66 1.46 9.92 -7.88
N LYS A 67 2.02 9.59 -9.05
CA LYS A 67 1.64 10.18 -10.34
C LYS A 67 0.15 9.94 -10.62
N GLU A 68 -0.22 8.66 -10.63
CA GLU A 68 -1.57 8.22 -10.98
C GLU A 68 -2.60 8.60 -9.92
N LEU A 69 -2.22 8.59 -8.63
CA LEU A 69 -3.09 9.07 -7.52
C LEU A 69 -3.36 10.57 -7.68
N GLY A 70 -2.30 11.33 -8.01
CA GLY A 70 -2.41 12.77 -8.27
C GLY A 70 -3.34 13.08 -9.44
N ASN A 71 -3.30 12.19 -10.47
CA ASN A 71 -4.20 12.26 -11.64
C ASN A 71 -5.65 12.04 -11.18
N LYS A 72 -5.88 10.88 -10.55
CA LYS A 72 -7.16 10.53 -9.88
C LYS A 72 -7.71 11.63 -8.94
N LEU A 73 -6.81 12.34 -8.22
CA LEU A 73 -7.17 13.44 -7.30
C LEU A 73 -7.63 14.67 -8.07
N GLU A 74 -6.97 14.90 -9.21
CA GLU A 74 -7.31 16.01 -10.11
C GLU A 74 -8.66 15.74 -10.75
N HIS A 75 -8.76 14.65 -11.55
CA HIS A 75 -9.98 14.26 -12.31
C HIS A 75 -10.34 15.42 -13.27
N HIS A 76 -9.28 16.05 -13.80
CA HIS A 76 -9.38 17.22 -14.68
C HIS A 76 -9.51 16.76 -16.14
N HIS A 77 -10.68 17.00 -16.71
CA HIS A 77 -10.97 16.79 -18.14
C HIS A 77 -10.88 18.15 -18.85
N HIS A 78 -11.25 18.18 -20.14
CA HIS A 78 -11.26 19.44 -20.91
C HIS A 78 -12.35 20.39 -20.34
N HIS A 79 -11.90 21.28 -19.43
CA HIS A 79 -12.72 22.32 -18.81
C HIS A 79 -12.44 23.64 -19.55
N HIS A 80 -13.50 24.26 -20.09
CA HIS A 80 -13.40 25.52 -20.84
C HIS A 80 -13.04 26.69 -19.88
N MET B 1 -14.39 -14.70 10.63
CA MET B 1 -14.74 -14.22 9.28
C MET B 1 -14.63 -15.37 8.27
N ALA B 2 -13.39 -15.69 7.84
CA ALA B 2 -13.13 -16.76 6.88
C ALA B 2 -11.67 -17.25 7.04
N ASP B 3 -11.47 -18.59 7.08
CA ASP B 3 -10.12 -19.20 7.10
C ASP B 3 -9.37 -18.84 5.81
N LYS B 4 -10.08 -19.02 4.70
CA LYS B 4 -9.64 -18.60 3.38
C LYS B 4 -10.45 -17.36 3.00
N LEU B 5 -9.78 -16.24 2.69
CA LEU B 5 -10.46 -14.98 2.39
C LEU B 5 -10.94 -15.03 0.93
N LYS B 6 -12.07 -14.37 0.69
CA LYS B 6 -12.71 -14.33 -0.62
C LYS B 6 -12.46 -12.95 -1.21
N PHE B 7 -12.30 -12.83 -2.52
CA PHE B 7 -12.02 -11.53 -3.15
C PHE B 7 -12.66 -11.49 -4.54
N GLU B 8 -13.09 -10.31 -4.98
CA GLU B 8 -13.45 -10.05 -6.38
C GLU B 8 -12.92 -8.67 -6.76
N ILE B 9 -12.20 -8.59 -7.89
CA ILE B 9 -11.59 -7.34 -8.35
C ILE B 9 -12.65 -6.53 -9.11
N ILE B 10 -13.09 -5.44 -8.47
CA ILE B 10 -14.20 -4.61 -8.92
C ILE B 10 -13.68 -3.54 -9.89
N GLU B 11 -12.42 -3.09 -9.65
CA GLU B 11 -11.71 -2.15 -10.52
C GLU B 11 -10.19 -2.32 -10.34
N GLU B 12 -9.44 -2.08 -11.42
CA GLU B 12 -7.97 -1.98 -11.39
C GLU B 12 -7.59 -0.49 -11.48
N LEU B 13 -6.98 0.05 -10.43
CA LEU B 13 -6.74 1.51 -10.34
C LEU B 13 -5.38 1.86 -10.96
N ILE B 14 -4.30 1.30 -10.39
CA ILE B 14 -2.92 1.65 -10.75
C ILE B 14 -2.04 0.39 -10.66
N VAL B 15 -1.43 -0.02 -11.77
CA VAL B 15 -0.40 -1.07 -11.76
C VAL B 15 0.97 -0.41 -11.59
N LEU B 16 1.67 -0.78 -10.51
CA LEU B 16 2.94 -0.13 -10.10
C LEU B 16 4.14 -0.81 -10.74
N SER B 17 3.96 -2.10 -11.08
CA SER B 17 5.00 -2.95 -11.65
C SER B 17 4.43 -4.35 -11.95
N GLU B 18 5.14 -5.07 -12.81
CA GLU B 18 4.81 -6.40 -13.31
C GLU B 18 6.03 -7.31 -13.21
N ASN B 19 5.84 -8.59 -12.84
CA ASN B 19 6.97 -9.53 -12.65
C ASN B 19 7.26 -10.25 -13.98
N ALA B 20 8.45 -10.82 -14.12
CA ALA B 20 8.78 -11.77 -15.21
C ALA B 20 7.81 -12.97 -15.18
N LYS B 21 7.50 -13.42 -13.95
CA LYS B 21 6.47 -14.45 -13.68
C LYS B 21 5.04 -13.89 -13.94
N GLY B 22 4.95 -12.56 -13.93
CA GLY B 22 3.75 -11.80 -14.23
C GLY B 22 3.28 -10.99 -13.04
N TRP B 23 3.53 -11.52 -11.82
CA TRP B 23 3.01 -10.97 -10.55
C TRP B 23 3.12 -9.43 -10.47
N ARG B 24 1.97 -8.74 -10.59
CA ARG B 24 1.93 -7.29 -10.66
C ARG B 24 1.58 -6.74 -9.28
N LYS B 25 2.36 -5.78 -8.79
CA LYS B 25 2.00 -5.08 -7.56
C LYS B 25 1.13 -3.90 -7.95
N GLU B 26 -0.15 -4.00 -7.63
CA GLU B 26 -1.17 -3.05 -8.09
C GLU B 26 -2.10 -2.63 -6.95
N LEU B 27 -2.55 -1.38 -7.09
CA LEU B 27 -3.67 -0.82 -6.36
C LEU B 27 -4.95 -1.08 -7.17
N ASN B 28 -5.87 -1.82 -6.58
CA ASN B 28 -7.19 -2.16 -7.15
C ASN B 28 -8.29 -1.92 -6.12
N ARG B 29 -9.56 -1.83 -6.55
CA ARG B 29 -10.71 -1.85 -5.66
C ARG B 29 -11.28 -3.26 -5.67
N VAL B 30 -11.28 -3.92 -4.50
CA VAL B 30 -11.68 -5.32 -4.33
C VAL B 30 -12.78 -5.43 -3.25
N SER B 31 -13.66 -6.44 -3.39
CA SER B 31 -14.67 -6.80 -2.40
C SER B 31 -14.16 -8.08 -1.70
N TRP B 32 -13.94 -8.00 -0.38
CA TRP B 32 -13.40 -9.12 0.42
C TRP B 32 -14.52 -9.81 1.20
N ASN B 33 -14.60 -11.16 1.10
CA ASN B 33 -15.57 -12.00 1.83
C ASN B 33 -17.03 -11.60 1.52
N ASP B 34 -17.25 -11.19 0.25
CA ASP B 34 -18.56 -10.72 -0.26
C ASP B 34 -19.09 -9.50 0.54
N ALA B 35 -18.15 -8.74 1.15
CA ALA B 35 -18.45 -7.53 1.92
C ALA B 35 -18.37 -6.29 1.03
N GLU B 36 -18.68 -5.13 1.65
CA GLU B 36 -18.66 -3.83 0.98
C GLU B 36 -17.27 -3.55 0.37
N PRO B 37 -17.19 -3.21 -0.97
CA PRO B 37 -15.90 -3.02 -1.69
C PRO B 37 -15.10 -1.82 -1.16
N LYS B 38 -13.78 -2.00 -1.09
CA LYS B 38 -12.84 -0.98 -0.62
C LYS B 38 -11.53 -1.11 -1.39
N TYR B 39 -10.59 -0.23 -1.10
CA TYR B 39 -9.30 -0.18 -1.78
C TYR B 39 -8.38 -1.29 -1.24
N ASP B 40 -7.63 -1.88 -2.15
CA ASP B 40 -6.67 -2.94 -1.84
C ASP B 40 -5.37 -2.69 -2.61
N ILE B 41 -4.23 -2.97 -1.99
CA ILE B 41 -2.91 -2.78 -2.60
C ILE B 41 -2.02 -3.99 -2.25
N ARG B 42 -1.67 -4.76 -3.29
CA ARG B 42 -1.05 -6.08 -3.13
C ARG B 42 -0.33 -6.50 -4.42
N THR B 43 0.54 -7.53 -4.34
CA THR B 43 1.13 -8.14 -5.52
C THR B 43 0.28 -9.37 -5.85
N TRP B 44 -0.35 -9.37 -7.02
CA TRP B 44 -1.28 -10.41 -7.47
C TRP B 44 -0.64 -11.12 -8.67
N SER B 45 -1.02 -12.38 -8.88
CA SER B 45 -0.55 -13.18 -10.04
C SER B 45 -1.10 -12.59 -11.36
N PRO B 46 -0.52 -12.96 -12.56
CA PRO B 46 -1.11 -12.56 -13.88
C PRO B 46 -2.49 -13.22 -14.11
N ASP B 47 -2.79 -14.25 -13.30
CA ASP B 47 -4.09 -14.94 -13.30
C ASP B 47 -5.04 -14.34 -12.24
N HIS B 48 -4.48 -13.46 -11.36
CA HIS B 48 -5.22 -12.77 -10.26
C HIS B 48 -5.90 -13.73 -9.27
N GLU B 49 -5.55 -15.03 -9.31
CA GLU B 49 -6.15 -16.06 -8.41
C GLU B 49 -5.21 -16.33 -7.23
N LYS B 50 -3.99 -15.78 -7.30
CA LYS B 50 -2.93 -15.97 -6.30
C LYS B 50 -2.60 -14.60 -5.70
N MET B 51 -2.48 -14.58 -4.36
CA MET B 51 -2.20 -13.35 -3.59
C MET B 51 -0.88 -13.49 -2.82
N GLY B 52 -0.39 -12.37 -2.28
CA GLY B 52 0.78 -12.36 -1.42
C GLY B 52 0.83 -11.14 -0.55
N LYS B 53 2.02 -10.49 -0.47
CA LYS B 53 2.23 -9.31 0.39
C LYS B 53 1.31 -8.16 -0.06
N GLY B 54 0.41 -7.73 0.82
CA GLY B 54 -0.48 -6.61 0.55
C GLY B 54 -1.34 -6.28 1.75
N ILE B 55 -2.08 -5.17 1.64
CA ILE B 55 -2.88 -4.60 2.74
C ILE B 55 -4.17 -3.97 2.17
N THR B 56 -5.22 -3.95 3.01
CA THR B 56 -6.51 -3.32 2.68
C THR B 56 -6.56 -1.89 3.21
N LEU B 57 -7.16 -0.99 2.42
CA LEU B 57 -7.39 0.42 2.79
C LEU B 57 -8.88 0.71 2.62
N SER B 58 -9.50 1.31 3.63
CA SER B 58 -10.92 1.72 3.55
C SER B 58 -10.97 3.14 3.00
N GLU B 59 -12.18 3.71 2.88
CA GLU B 59 -12.38 5.11 2.44
C GLU B 59 -11.56 6.09 3.31
N GLU B 60 -11.58 5.85 4.64
CA GLU B 60 -10.84 6.66 5.62
C GLU B 60 -9.33 6.64 5.34
N GLU B 61 -8.73 5.43 5.39
CA GLU B 61 -7.27 5.25 5.28
C GLU B 61 -6.73 5.73 3.94
N PHE B 62 -7.41 5.33 2.85
CA PHE B 62 -7.04 5.71 1.49
C PHE B 62 -7.18 7.22 1.31
N GLY B 63 -8.24 7.81 1.89
CA GLY B 63 -8.45 9.26 1.87
C GLY B 63 -7.32 10.02 2.56
N VAL B 64 -6.95 9.58 3.77
CA VAL B 64 -5.84 10.17 4.56
C VAL B 64 -4.50 10.01 3.79
N LEU B 65 -4.37 8.86 3.08
CA LEU B 65 -3.22 8.59 2.21
C LEU B 65 -3.14 9.64 1.11
N LEU B 66 -4.27 9.85 0.38
CA LEU B 66 -4.37 10.82 -0.73
C LEU B 66 -4.03 12.25 -0.27
N LYS B 67 -4.58 12.63 0.90
CA LYS B 67 -4.38 13.95 1.53
C LYS B 67 -2.90 14.22 1.77
N GLU B 68 -2.31 13.32 2.56
CA GLU B 68 -0.93 13.44 3.00
C GLU B 68 0.07 13.25 1.84
N LEU B 69 -0.28 12.40 0.85
CA LEU B 69 0.54 12.21 -0.37
C LEU B 69 0.50 13.48 -1.22
N GLY B 70 -0.68 14.10 -1.32
CA GLY B 70 -0.85 15.38 -2.01
C GLY B 70 0.00 16.48 -1.40
N ASN B 71 0.10 16.45 -0.06
CA ASN B 71 0.99 17.35 0.71
C ASN B 71 2.46 17.08 0.34
N LYS B 72 2.85 15.79 0.47
CA LYS B 72 4.16 15.26 0.00
C LYS B 72 4.53 15.75 -1.42
N LEU B 73 3.55 15.70 -2.35
CA LEU B 73 3.76 16.07 -3.77
C LEU B 73 3.93 17.58 -3.93
N GLU B 74 3.29 18.36 -3.06
CA GLU B 74 3.44 19.81 -3.04
C GLU B 74 4.76 20.19 -2.36
N HIS B 75 4.78 20.14 -1.00
CA HIS B 75 5.92 20.61 -0.16
C HIS B 75 6.43 21.99 -0.61
N HIS B 76 5.51 22.82 -1.11
CA HIS B 76 5.78 24.18 -1.52
C HIS B 76 5.60 25.08 -0.31
N HIS B 77 6.71 25.31 0.43
CA HIS B 77 6.73 26.25 1.56
C HIS B 77 6.57 27.66 0.96
N HIS B 78 5.30 28.07 0.80
CA HIS B 78 4.88 29.24 0.00
C HIS B 78 5.63 30.51 0.40
N HIS B 79 6.66 30.86 -0.38
CA HIS B 79 7.52 32.02 -0.14
C HIS B 79 6.80 33.29 -0.62
N HIS B 80 6.26 34.05 0.36
CA HIS B 80 5.56 35.33 0.15
C HIS B 80 4.26 35.11 -0.68
N MET A 1 13.17 -16.09 -1.45
CA MET A 1 13.03 -16.41 -0.01
C MET A 1 13.90 -15.49 0.84
N ALA A 2 13.75 -15.56 2.17
CA ALA A 2 14.55 -14.77 3.12
C ALA A 2 15.19 -15.71 4.16
N ASP A 3 16.48 -15.53 4.39
CA ASP A 3 17.22 -16.22 5.48
C ASP A 3 17.09 -15.41 6.77
N LYS A 4 17.15 -14.10 6.60
CA LYS A 4 17.15 -13.10 7.69
C LYS A 4 16.95 -11.71 7.10
N LEU A 5 15.84 -11.05 7.45
CA LEU A 5 15.63 -9.64 7.11
C LEU A 5 16.00 -8.77 8.30
N LYS A 6 16.72 -7.69 7.99
CA LYS A 6 17.01 -6.61 8.93
C LYS A 6 16.09 -5.47 8.53
N PHE A 7 15.60 -4.69 9.48
CA PHE A 7 14.73 -3.54 9.17
C PHE A 7 15.05 -2.41 10.15
N GLU A 8 15.12 -1.19 9.63
CA GLU A 8 15.19 0.01 10.43
C GLU A 8 14.24 0.99 9.79
N ILE A 9 13.32 1.53 10.59
CA ILE A 9 12.33 2.48 10.11
C ILE A 9 13.03 3.84 10.04
N ILE A 10 13.27 4.26 8.81
CA ILE A 10 14.04 5.45 8.48
C ILE A 10 13.19 6.69 8.77
N GLU A 11 11.88 6.58 8.50
CA GLU A 11 10.93 7.69 8.61
C GLU A 11 9.49 7.15 8.67
N GLU A 12 8.59 7.91 9.30
CA GLU A 12 7.12 7.67 9.24
C GLU A 12 6.52 8.67 8.26
N LEU A 13 5.83 8.17 7.20
CA LEU A 13 5.35 9.05 6.12
C LEU A 13 3.90 9.49 6.39
N ILE A 14 2.98 8.50 6.46
CA ILE A 14 1.53 8.73 6.64
C ILE A 14 0.95 7.60 7.49
N VAL A 15 0.50 7.88 8.73
CA VAL A 15 -0.16 6.85 9.56
C VAL A 15 -1.65 6.77 9.16
N LEU A 16 -2.09 5.59 8.71
CA LEU A 16 -3.41 5.37 8.08
C LEU A 16 -4.45 4.93 9.11
N SER A 17 -4.00 4.23 10.16
CA SER A 17 -4.89 3.62 11.15
C SER A 17 -4.09 3.20 12.40
N GLU A 18 -4.82 3.08 13.52
CA GLU A 18 -4.30 2.59 14.81
C GLU A 18 -5.27 1.51 15.33
N ASN A 19 -4.76 0.32 15.66
CA ASN A 19 -5.65 -0.86 15.89
C ASN A 19 -6.26 -0.82 17.30
N ALA A 20 -7.26 -1.71 17.54
CA ALA A 20 -7.82 -1.97 18.88
C ALA A 20 -6.73 -2.52 19.85
N LYS A 21 -5.67 -3.11 19.27
CA LYS A 21 -4.50 -3.61 20.01
C LYS A 21 -3.34 -2.58 19.95
N GLY A 22 -3.63 -1.47 19.28
CA GLY A 22 -2.70 -0.35 19.08
C GLY A 22 -2.04 -0.38 17.71
N TRP A 23 -1.84 -1.61 17.17
CA TRP A 23 -1.05 -1.86 15.94
C TRP A 23 -1.38 -0.87 14.80
N ARG A 24 -0.40 -0.02 14.45
CA ARG A 24 -0.64 1.12 13.58
C ARG A 24 -0.40 0.70 12.12
N LYS A 25 -1.47 0.74 11.33
CA LYS A 25 -1.40 0.45 9.91
C LYS A 25 -1.01 1.74 9.20
N GLU A 26 0.24 1.81 8.77
CA GLU A 26 0.84 3.05 8.24
C GLU A 26 1.65 2.83 6.96
N LEU A 27 2.02 3.96 6.36
CA LEU A 27 3.01 4.07 5.31
C LEU A 27 4.24 4.72 5.96
N ASN A 28 5.32 3.98 6.00
CA ASN A 28 6.59 4.41 6.61
C ASN A 28 7.74 4.03 5.68
N ARG A 29 8.84 4.78 5.71
CA ARG A 29 10.00 4.51 4.86
C ARG A 29 10.98 3.69 5.69
N VAL A 30 11.30 2.47 5.23
CA VAL A 30 12.12 1.49 5.94
C VAL A 30 13.31 1.05 5.07
N SER A 31 14.43 0.75 5.72
CA SER A 31 15.63 0.19 5.10
C SER A 31 15.67 -1.30 5.47
N TRP A 32 15.65 -2.19 4.47
CA TRP A 32 15.64 -3.64 4.67
C TRP A 32 17.01 -4.21 4.27
N ASN A 33 17.71 -4.83 5.25
CA ASN A 33 19.03 -5.46 5.05
C ASN A 33 20.05 -4.45 4.46
N ASP A 34 20.04 -3.21 5.01
CA ASP A 34 20.97 -2.12 4.66
C ASP A 34 20.81 -1.64 3.21
N ALA A 35 19.59 -1.79 2.65
CA ALA A 35 19.28 -1.30 1.30
C ALA A 35 18.97 0.20 1.34
N GLU A 36 19.03 0.84 0.16
CA GLU A 36 18.59 2.25 0.01
C GLU A 36 17.15 2.39 0.53
N PRO A 37 16.85 3.38 1.45
CA PRO A 37 15.51 3.49 2.10
C PRO A 37 14.35 3.45 1.09
N LYS A 38 13.41 2.55 1.32
CA LYS A 38 12.30 2.28 0.39
C LYS A 38 10.99 2.41 1.13
N TYR A 39 9.90 2.50 0.38
CA TYR A 39 8.58 2.77 0.93
C TYR A 39 7.93 1.45 1.37
N ASP A 40 7.42 1.42 2.58
CA ASP A 40 6.78 0.24 3.16
C ASP A 40 5.39 0.63 3.67
N ILE A 41 4.38 -0.18 3.32
CA ILE A 41 2.99 0.07 3.71
C ILE A 41 2.51 -1.20 4.43
N ARG A 42 2.49 -1.12 5.75
CA ARG A 42 2.40 -2.28 6.64
C ARG A 42 1.70 -1.90 7.94
N THR A 43 1.23 -2.90 8.69
CA THR A 43 0.74 -2.71 10.03
C THR A 43 1.88 -3.09 10.98
N TRP A 44 2.31 -2.14 11.79
CA TRP A 44 3.42 -2.29 12.74
C TRP A 44 2.85 -2.22 14.15
N SER A 45 3.68 -2.54 15.14
CA SER A 45 3.35 -2.28 16.54
C SER A 45 3.27 -0.75 16.79
N PRO A 46 2.53 -0.28 17.84
CA PRO A 46 2.51 1.17 18.23
C PRO A 46 3.95 1.74 18.44
N ASP A 47 4.79 0.95 19.15
CA ASP A 47 6.21 1.31 19.41
C ASP A 47 7.14 0.80 18.29
N HIS A 48 6.54 0.14 17.27
CA HIS A 48 7.25 -0.41 16.08
C HIS A 48 8.17 -1.60 16.42
N GLU A 49 7.98 -2.22 17.61
CA GLU A 49 8.80 -3.36 18.07
C GLU A 49 8.64 -4.61 17.17
N LYS A 50 7.46 -4.73 16.53
CA LYS A 50 7.12 -5.86 15.65
C LYS A 50 6.46 -5.35 14.37
N MET A 51 6.18 -6.32 13.47
CA MET A 51 5.72 -6.08 12.09
C MET A 51 4.74 -7.19 11.68
N GLY A 52 3.95 -6.93 10.62
CA GLY A 52 3.01 -7.91 10.10
C GLY A 52 2.58 -7.61 8.67
N LYS A 53 1.26 -7.73 8.41
CA LYS A 53 0.63 -7.61 7.07
C LYS A 53 1.05 -6.31 6.37
N GLY A 54 1.76 -6.43 5.23
CA GLY A 54 2.16 -5.26 4.46
C GLY A 54 2.91 -5.63 3.20
N ILE A 55 3.41 -4.61 2.48
CA ILE A 55 4.14 -4.78 1.22
C ILE A 55 5.15 -3.62 1.04
N THR A 56 6.27 -3.92 0.38
CA THR A 56 7.36 -2.96 0.13
C THR A 56 7.29 -2.45 -1.33
N LEU A 57 7.73 -1.20 -1.54
CA LEU A 57 7.67 -0.49 -2.82
C LEU A 57 9.02 0.23 -3.03
N SER A 58 9.51 0.21 -4.26
CA SER A 58 10.76 0.89 -4.66
C SER A 58 10.42 2.32 -5.14
N GLU A 59 11.45 3.15 -5.41
CA GLU A 59 11.26 4.54 -5.89
C GLU A 59 10.49 4.59 -7.24
N GLU A 60 10.76 3.60 -8.12
CA GLU A 60 10.04 3.45 -9.40
C GLU A 60 8.56 3.12 -9.17
N GLU A 61 8.29 2.10 -8.34
CA GLU A 61 6.93 1.56 -8.09
C GLU A 61 6.04 2.60 -7.41
N PHE A 62 6.56 3.13 -6.29
CA PHE A 62 5.89 4.18 -5.51
C PHE A 62 5.77 5.47 -6.34
N GLY A 63 6.76 5.73 -7.23
CA GLY A 63 6.67 6.84 -8.19
C GLY A 63 5.50 6.70 -9.15
N VAL A 64 5.31 5.48 -9.71
CA VAL A 64 4.16 5.17 -10.60
C VAL A 64 2.84 5.38 -9.83
N LEU A 65 2.85 5.00 -8.53
CA LEU A 65 1.71 5.18 -7.63
C LEU A 65 1.36 6.68 -7.53
N LEU A 66 2.37 7.53 -7.21
CA LEU A 66 2.19 9.00 -7.04
C LEU A 66 1.73 9.69 -8.34
N LYS A 67 2.24 9.20 -9.47
CA LYS A 67 1.89 9.69 -10.82
C LYS A 67 0.39 9.49 -11.10
N GLU A 68 -0.03 8.22 -11.02
CA GLU A 68 -1.40 7.82 -11.33
C GLU A 68 -2.39 8.30 -10.26
N LEU A 69 -1.92 8.48 -9.01
CA LEU A 69 -2.73 9.08 -7.94
C LEU A 69 -2.94 10.57 -8.23
N GLY A 70 -1.87 11.27 -8.66
CA GLY A 70 -1.95 12.70 -9.04
C GLY A 70 -2.95 12.94 -10.17
N ASN A 71 -3.04 11.94 -11.07
CA ASN A 71 -4.08 11.87 -12.12
C ASN A 71 -5.48 11.68 -11.49
N LYS A 72 -5.63 10.62 -10.69
CA LYS A 72 -6.86 10.34 -9.88
C LYS A 72 -7.24 11.51 -8.92
N LEU A 73 -6.28 12.43 -8.66
CA LEU A 73 -6.44 13.58 -7.75
C LEU A 73 -6.30 14.92 -8.51
N GLU A 74 -6.61 14.93 -9.85
CA GLU A 74 -6.63 16.18 -10.71
C GLU A 74 -7.28 17.37 -9.98
N HIS A 75 -8.47 17.14 -9.47
CA HIS A 75 -9.14 18.04 -8.55
C HIS A 75 -9.56 17.21 -7.32
N HIS A 76 -8.58 17.01 -6.42
CA HIS A 76 -8.77 16.23 -5.18
C HIS A 76 -9.76 16.95 -4.23
N HIS A 77 -11.05 16.73 -4.50
CA HIS A 77 -12.14 17.28 -3.69
C HIS A 77 -12.29 16.45 -2.40
N HIS A 78 -12.21 17.14 -1.28
CA HIS A 78 -12.31 16.57 0.07
C HIS A 78 -12.47 17.76 1.02
N HIS A 79 -11.36 18.48 1.24
CA HIS A 79 -11.30 19.80 1.90
C HIS A 79 -10.00 20.51 1.43
N HIS A 80 -10.10 21.83 1.16
CA HIS A 80 -8.95 22.70 0.82
C HIS A 80 -7.76 22.47 1.78
N MET B 1 -8.90 -15.51 10.85
CA MET B 1 -10.34 -15.68 10.61
C MET B 1 -10.63 -15.49 9.11
N ALA B 2 -10.56 -16.61 8.36
CA ALA B 2 -10.77 -16.64 6.90
C ALA B 2 -11.28 -18.04 6.50
N ASP B 3 -12.41 -18.42 7.11
CA ASP B 3 -13.08 -19.72 6.89
C ASP B 3 -13.50 -19.89 5.44
N LYS B 4 -14.00 -18.80 4.87
CA LYS B 4 -14.33 -18.67 3.45
C LYS B 4 -14.46 -17.20 3.11
N LEU B 5 -13.41 -16.66 2.49
CA LEU B 5 -13.43 -15.34 1.90
C LEU B 5 -13.64 -15.49 0.40
N LYS B 6 -14.39 -14.55 -0.16
CA LYS B 6 -14.58 -14.40 -1.60
C LYS B 6 -14.03 -13.03 -1.95
N PHE B 7 -13.46 -12.87 -3.13
CA PHE B 7 -12.86 -11.61 -3.56
C PHE B 7 -13.22 -11.36 -5.01
N GLU B 8 -13.74 -10.16 -5.31
CA GLU B 8 -14.08 -9.76 -6.68
C GLU B 8 -13.48 -8.39 -6.92
N ILE B 9 -12.75 -8.24 -8.02
CA ILE B 9 -12.11 -6.98 -8.37
C ILE B 9 -13.19 -6.04 -8.92
N ILE B 10 -13.49 -5.05 -8.12
CA ILE B 10 -14.50 -4.03 -8.40
C ILE B 10 -13.94 -3.04 -9.43
N GLU B 11 -12.67 -2.65 -9.21
CA GLU B 11 -12.00 -1.66 -10.08
C GLU B 11 -10.48 -1.89 -10.03
N GLU B 12 -9.79 -1.68 -11.17
CA GLU B 12 -8.31 -1.72 -11.23
C GLU B 12 -7.81 -0.28 -11.26
N LEU B 13 -7.00 0.12 -10.26
CA LEU B 13 -6.65 1.54 -10.09
C LEU B 13 -5.31 1.86 -10.76
N ILE B 14 -4.24 1.19 -10.29
CA ILE B 14 -2.85 1.48 -10.69
C ILE B 14 -2.03 0.17 -10.68
N VAL B 15 -1.41 -0.22 -11.80
CA VAL B 15 -0.41 -1.30 -11.82
C VAL B 15 0.98 -0.69 -11.62
N LEU B 16 1.72 -1.14 -10.60
CA LEU B 16 3.03 -0.56 -10.21
C LEU B 16 4.19 -1.31 -10.88
N SER B 17 3.99 -2.62 -11.10
CA SER B 17 5.04 -3.54 -11.59
C SER B 17 4.41 -4.86 -12.06
N GLU B 18 5.11 -5.51 -13.01
CA GLU B 18 4.75 -6.81 -13.59
C GLU B 18 6.00 -7.72 -13.49
N ASN B 19 5.84 -8.94 -12.98
CA ASN B 19 7.00 -9.81 -12.62
C ASN B 19 7.50 -10.59 -13.86
N ALA B 20 8.66 -11.28 -13.71
CA ALA B 20 9.17 -12.23 -14.73
C ALA B 20 8.31 -13.53 -14.76
N LYS B 21 7.48 -13.70 -13.71
CA LYS B 21 6.42 -14.74 -13.65
C LYS B 21 5.05 -14.12 -14.03
N GLY B 22 5.06 -12.79 -14.26
CA GLY B 22 3.89 -12.01 -14.64
C GLY B 22 3.32 -11.26 -13.44
N TRP B 23 3.49 -11.86 -12.23
CA TRP B 23 2.87 -11.39 -10.97
C TRP B 23 2.98 -9.87 -10.75
N ARG B 24 1.83 -9.19 -10.77
CA ARG B 24 1.75 -7.73 -10.80
C ARG B 24 1.54 -7.16 -9.40
N LYS B 25 2.47 -6.29 -8.98
CA LYS B 25 2.32 -5.54 -7.76
C LYS B 25 1.43 -4.34 -8.08
N GLU B 26 0.14 -4.45 -7.76
CA GLU B 26 -0.88 -3.47 -8.16
C GLU B 26 -1.79 -3.05 -6.99
N LEU B 27 -2.46 -1.92 -7.22
CA LEU B 27 -3.49 -1.33 -6.37
C LEU B 27 -4.83 -1.42 -7.13
N ASN B 28 -5.79 -2.07 -6.51
CA ASN B 28 -7.15 -2.25 -7.06
C ASN B 28 -8.17 -2.16 -5.94
N ARG B 29 -9.44 -2.03 -6.28
CA ARG B 29 -10.56 -2.06 -5.33
C ARG B 29 -11.18 -3.43 -5.41
N VAL B 30 -11.29 -4.10 -4.26
CA VAL B 30 -11.83 -5.47 -4.13
C VAL B 30 -12.97 -5.50 -3.10
N SER B 31 -13.99 -6.32 -3.37
CA SER B 31 -15.08 -6.61 -2.44
C SER B 31 -14.80 -7.98 -1.85
N TRP B 32 -14.84 -8.09 -0.52
CA TRP B 32 -14.60 -9.35 0.21
C TRP B 32 -15.93 -9.88 0.78
N ASN B 33 -16.41 -11.00 0.21
CA ASN B 33 -17.66 -11.68 0.62
C ASN B 33 -18.88 -10.76 0.44
N ASP B 34 -18.93 -10.07 -0.71
CA ASP B 34 -20.01 -9.13 -1.08
C ASP B 34 -20.18 -7.99 -0.05
N ALA B 35 -19.09 -7.64 0.66
CA ALA B 35 -19.10 -6.57 1.68
C ALA B 35 -18.63 -5.25 1.04
N GLU B 36 -18.32 -4.25 1.89
CA GLU B 36 -17.72 -2.97 1.46
C GLU B 36 -16.51 -3.18 0.50
N PRO B 37 -16.53 -2.57 -0.73
CA PRO B 37 -15.33 -2.49 -1.60
C PRO B 37 -14.27 -1.60 -0.93
N LYS B 38 -13.05 -2.11 -0.84
CA LYS B 38 -11.96 -1.42 -0.15
C LYS B 38 -10.72 -1.41 -1.03
N TYR B 39 -9.77 -0.52 -0.70
CA TYR B 39 -8.58 -0.31 -1.49
C TYR B 39 -7.50 -1.34 -1.10
N ASP B 40 -7.21 -2.19 -2.05
CA ASP B 40 -6.42 -3.42 -1.86
C ASP B 40 -5.10 -3.25 -2.61
N ILE B 41 -3.95 -3.51 -1.96
CA ILE B 41 -2.63 -3.34 -2.58
C ILE B 41 -1.74 -4.53 -2.21
N ARG B 42 -1.27 -5.23 -3.25
CA ARG B 42 -0.52 -6.49 -3.11
C ARG B 42 0.03 -6.94 -4.45
N THR B 43 0.62 -8.13 -4.48
CA THR B 43 1.00 -8.78 -5.71
C THR B 43 -0.09 -9.81 -6.07
N TRP B 44 -0.62 -9.71 -7.27
CA TRP B 44 -1.59 -10.65 -7.85
C TRP B 44 -0.91 -11.36 -9.04
N SER B 45 -1.61 -12.33 -9.62
CA SER B 45 -1.27 -12.86 -10.96
C SER B 45 -1.96 -12.00 -12.04
N PRO B 46 -1.53 -12.07 -13.33
CA PRO B 46 -2.29 -11.45 -14.46
C PRO B 46 -3.72 -12.05 -14.55
N ASP B 47 -3.85 -13.35 -14.20
CA ASP B 47 -5.14 -14.07 -14.16
C ASP B 47 -5.95 -13.70 -12.92
N HIS B 48 -5.31 -12.97 -11.95
CA HIS B 48 -5.96 -12.39 -10.74
C HIS B 48 -6.69 -13.41 -9.84
N GLU B 49 -6.43 -14.70 -10.09
CA GLU B 49 -7.00 -15.81 -9.31
C GLU B 49 -6.06 -16.12 -8.12
N LYS B 50 -4.81 -15.62 -8.22
CA LYS B 50 -3.76 -15.85 -7.24
C LYS B 50 -3.35 -14.50 -6.65
N MET B 51 -3.17 -14.49 -5.33
CA MET B 51 -2.82 -13.30 -4.55
C MET B 51 -1.59 -13.60 -3.69
N GLY B 52 -1.00 -12.56 -3.10
CA GLY B 52 0.18 -12.72 -2.25
C GLY B 52 0.35 -11.58 -1.27
N LYS B 53 1.61 -11.40 -0.78
CA LYS B 53 1.96 -10.42 0.27
C LYS B 53 1.44 -9.01 -0.07
N GLY B 54 0.70 -8.43 0.88
CA GLY B 54 0.11 -7.11 0.71
C GLY B 54 -0.74 -6.73 1.88
N ILE B 55 -1.51 -5.65 1.70
CA ILE B 55 -2.28 -5.03 2.78
C ILE B 55 -3.60 -4.43 2.23
N THR B 56 -4.64 -4.48 3.08
CA THR B 56 -5.99 -3.94 2.77
C THR B 56 -6.20 -2.59 3.47
N LEU B 57 -6.85 -1.64 2.77
CA LEU B 57 -7.10 -0.27 3.24
C LEU B 57 -8.58 0.06 3.05
N SER B 58 -9.12 0.94 3.90
CA SER B 58 -10.53 1.37 3.86
C SER B 58 -10.63 2.73 3.17
N GLU B 59 -11.87 3.19 2.92
CA GLU B 59 -12.15 4.51 2.31
C GLU B 59 -11.53 5.68 3.10
N GLU B 60 -11.69 5.61 4.44
CA GLU B 60 -11.14 6.59 5.40
C GLU B 60 -9.60 6.65 5.32
N GLU B 61 -8.99 5.48 5.49
CA GLU B 61 -7.53 5.32 5.64
C GLU B 61 -6.79 5.70 4.35
N PHE B 62 -7.28 5.15 3.22
CA PHE B 62 -6.76 5.46 1.89
C PHE B 62 -7.04 6.93 1.53
N GLY B 63 -8.17 7.51 2.02
CA GLY B 63 -8.43 8.94 1.89
C GLY B 63 -7.37 9.81 2.56
N VAL B 64 -6.96 9.40 3.79
CA VAL B 64 -5.88 10.05 4.54
C VAL B 64 -4.55 9.93 3.78
N LEU B 65 -4.34 8.75 3.15
CA LEU B 65 -3.17 8.50 2.29
C LEU B 65 -3.12 9.54 1.15
N LEU B 66 -4.24 9.70 0.43
CA LEU B 66 -4.38 10.66 -0.71
C LEU B 66 -4.13 12.12 -0.28
N LYS B 67 -4.60 12.45 0.94
CA LYS B 67 -4.44 13.79 1.55
C LYS B 67 -2.95 14.13 1.78
N GLU B 68 -2.27 13.27 2.55
CA GLU B 68 -0.90 13.52 3.00
C GLU B 68 0.12 13.26 1.86
N LEU B 69 -0.30 12.42 0.87
CA LEU B 69 0.42 12.29 -0.42
C LEU B 69 0.22 13.58 -1.22
N GLY B 70 -0.99 14.17 -1.15
CA GLY B 70 -1.26 15.48 -1.77
C GLY B 70 -0.37 16.59 -1.21
N ASN B 71 -0.01 16.47 0.07
CA ASN B 71 1.01 17.34 0.72
C ASN B 71 2.40 17.08 0.10
N LYS B 72 2.75 15.78 0.03
CA LYS B 72 3.95 15.30 -0.68
C LYS B 72 3.95 15.69 -2.19
N LEU B 73 2.74 15.92 -2.77
CA LEU B 73 2.51 16.15 -4.21
C LEU B 73 1.84 17.53 -4.47
N GLU B 74 2.09 18.52 -3.58
CA GLU B 74 1.67 19.97 -3.78
C GLU B 74 1.87 20.42 -5.25
N HIS B 75 3.00 19.96 -5.82
CA HIS B 75 3.21 19.92 -7.25
C HIS B 75 3.85 18.57 -7.58
N HIS B 76 3.03 17.58 -8.03
CA HIS B 76 3.53 16.23 -8.37
C HIS B 76 4.52 16.33 -9.55
N HIS B 77 5.75 15.84 -9.34
CA HIS B 77 6.86 15.98 -10.30
C HIS B 77 7.61 14.64 -10.45
N HIS B 78 7.44 14.01 -11.60
CA HIS B 78 8.16 12.79 -12.00
C HIS B 78 8.16 12.68 -13.55
N HIS B 79 7.57 13.70 -14.21
CA HIS B 79 7.41 13.73 -15.67
C HIS B 79 7.07 15.17 -16.11
N HIS B 80 8.05 15.88 -16.68
CA HIS B 80 7.84 17.20 -17.31
C HIS B 80 6.86 17.09 -18.52
N MET A 1 24.63 -12.68 2.20
CA MET A 1 23.76 -13.76 2.71
C MET A 1 23.28 -13.43 4.13
N ALA A 2 22.11 -13.96 4.52
CA ALA A 2 21.49 -13.73 5.83
C ALA A 2 20.53 -14.87 6.20
N ASP A 3 20.43 -15.14 7.51
CA ASP A 3 19.46 -16.11 8.07
C ASP A 3 18.05 -15.49 8.13
N LYS A 4 18.05 -14.15 8.21
CA LYS A 4 16.85 -13.32 8.35
C LYS A 4 17.15 -11.95 7.74
N LEU A 5 16.10 -11.23 7.29
CA LEU A 5 16.27 -9.90 6.71
C LEU A 5 15.74 -8.90 7.72
N LYS A 6 16.61 -8.00 8.15
CA LYS A 6 16.29 -6.98 9.14
C LYS A 6 15.42 -5.88 8.54
N PHE A 7 14.76 -5.09 9.39
CA PHE A 7 13.88 -3.99 8.98
C PHE A 7 14.14 -2.82 9.93
N GLU A 8 14.32 -1.62 9.38
CA GLU A 8 14.57 -0.43 10.19
C GLU A 8 13.81 0.74 9.57
N ILE A 9 13.01 1.44 10.38
CA ILE A 9 12.18 2.54 9.92
C ILE A 9 13.08 3.77 9.79
N ILE A 10 13.29 4.18 8.54
CA ILE A 10 14.13 5.33 8.19
C ILE A 10 13.30 6.62 8.30
N GLU A 11 12.02 6.51 7.93
CA GLU A 11 11.08 7.65 7.92
C GLU A 11 9.65 7.14 8.12
N GLU A 12 8.80 7.95 8.74
CA GLU A 12 7.34 7.76 8.81
C GLU A 12 6.68 8.76 7.84
N LEU A 13 5.90 8.27 6.85
CA LEU A 13 5.34 9.16 5.81
C LEU A 13 3.94 9.62 6.22
N ILE A 14 3.04 8.64 6.43
CA ILE A 14 1.62 8.87 6.74
C ILE A 14 1.15 7.71 7.62
N VAL A 15 0.48 8.00 8.75
CA VAL A 15 -0.28 6.99 9.49
C VAL A 15 -1.73 7.04 8.96
N LEU A 16 -2.23 5.88 8.51
CA LEU A 16 -3.54 5.77 7.82
C LEU A 16 -4.65 5.38 8.81
N SER A 17 -4.24 4.68 9.89
CA SER A 17 -5.17 4.16 10.90
C SER A 17 -4.35 3.60 12.10
N GLU A 18 -5.04 3.48 13.24
CA GLU A 18 -4.49 2.94 14.49
C GLU A 18 -5.44 1.83 14.99
N ASN A 19 -4.89 0.71 15.48
CA ASN A 19 -5.73 -0.43 15.93
C ASN A 19 -6.28 -0.18 17.34
N ALA A 20 -7.27 -0.98 17.77
CA ALA A 20 -7.74 -1.00 19.17
C ALA A 20 -6.59 -1.35 20.13
N LYS A 21 -5.75 -2.36 19.73
CA LYS A 21 -4.50 -2.72 20.45
C LYS A 21 -3.30 -1.83 20.04
N GLY A 22 -3.58 -0.84 19.18
CA GLY A 22 -2.65 0.24 18.82
C GLY A 22 -2.06 0.08 17.42
N TRP A 23 -1.90 -1.19 16.95
CA TRP A 23 -1.21 -1.55 15.67
C TRP A 23 -1.60 -0.59 14.51
N ARG A 24 -0.66 0.26 14.11
CA ARG A 24 -0.94 1.36 13.21
C ARG A 24 -0.77 0.92 11.76
N LYS A 25 -1.84 1.02 10.97
CA LYS A 25 -1.80 0.73 9.54
C LYS A 25 -1.22 1.98 8.88
N GLU A 26 0.08 1.95 8.56
CA GLU A 26 0.81 3.13 8.11
C GLU A 26 1.67 2.87 6.86
N LEU A 27 1.96 3.98 6.18
CA LEU A 27 2.92 4.08 5.10
C LEU A 27 4.18 4.78 5.67
N ASN A 28 5.31 4.10 5.60
CA ASN A 28 6.61 4.58 6.08
C ASN A 28 7.71 4.20 5.08
N ARG A 29 8.93 4.70 5.28
CA ARG A 29 10.11 4.24 4.53
C ARG A 29 10.96 3.38 5.44
N VAL A 30 11.24 2.15 4.99
CA VAL A 30 12.02 1.15 5.73
C VAL A 30 13.22 0.69 4.87
N SER A 31 14.35 0.45 5.53
CA SER A 31 15.52 -0.18 4.93
C SER A 31 15.49 -1.64 5.37
N TRP A 32 15.61 -2.56 4.42
CA TRP A 32 15.64 -3.99 4.69
C TRP A 32 17.09 -4.48 4.58
N ASN A 33 17.61 -5.00 5.71
CA ASN A 33 18.94 -5.64 5.79
C ASN A 33 20.08 -4.64 5.46
N ASP A 34 19.90 -3.39 5.95
CA ASP A 34 20.84 -2.24 5.74
C ASP A 34 21.05 -1.93 4.22
N ALA A 35 20.05 -2.28 3.40
CA ALA A 35 20.09 -2.09 1.93
C ALA A 35 19.35 -0.80 1.55
N GLU A 36 19.00 -0.66 0.25
CA GLU A 36 18.25 0.49 -0.27
C GLU A 36 17.00 0.84 0.60
N PRO A 37 16.91 2.11 1.13
CA PRO A 37 15.71 2.59 1.86
C PRO A 37 14.54 2.78 0.86
N LYS A 38 13.46 2.03 1.08
CA LYS A 38 12.35 1.91 0.11
C LYS A 38 11.04 2.20 0.83
N TYR A 39 9.96 2.39 0.06
CA TYR A 39 8.64 2.71 0.60
C TYR A 39 7.93 1.43 1.03
N ASP A 40 7.60 1.39 2.30
CA ASP A 40 7.04 0.22 2.98
C ASP A 40 5.62 0.56 3.45
N ILE A 41 4.65 -0.32 3.24
CA ILE A 41 3.26 -0.08 3.66
C ILE A 41 2.66 -1.36 4.25
N ARG A 42 2.23 -1.25 5.51
CA ARG A 42 1.69 -2.38 6.31
C ARG A 42 1.22 -1.88 7.67
N THR A 43 0.79 -2.83 8.52
CA THR A 43 0.42 -2.56 9.89
C THR A 43 1.62 -2.92 10.77
N TRP A 44 2.08 -1.95 11.56
CA TRP A 44 3.22 -2.09 12.47
C TRP A 44 2.69 -2.01 13.91
N SER A 45 3.38 -2.68 14.83
CA SER A 45 3.02 -2.65 16.26
C SER A 45 3.21 -1.24 16.88
N PRO A 46 2.61 -0.96 18.09
CA PRO A 46 2.89 0.30 18.86
C PRO A 46 4.39 0.52 19.16
N ASP A 47 5.18 -0.58 19.15
CA ASP A 47 6.65 -0.54 19.38
C ASP A 47 7.43 -0.63 18.07
N HIS A 48 6.72 -0.85 16.94
CA HIS A 48 7.29 -0.88 15.56
C HIS A 48 8.33 -2.02 15.35
N GLU A 49 8.31 -2.99 16.26
CA GLU A 49 9.22 -4.16 16.23
C GLU A 49 8.50 -5.39 15.67
N LYS A 50 7.16 -5.29 15.53
CA LYS A 50 6.33 -6.36 14.97
C LYS A 50 5.58 -5.83 13.75
N MET A 51 5.09 -6.77 12.94
CA MET A 51 4.62 -6.50 11.58
C MET A 51 3.63 -7.57 11.13
N GLY A 52 2.97 -7.31 9.99
CA GLY A 52 2.04 -8.26 9.41
C GLY A 52 1.88 -8.02 7.92
N LYS A 53 0.67 -8.26 7.39
CA LYS A 53 0.40 -8.20 5.96
C LYS A 53 0.64 -6.80 5.39
N GLY A 54 1.51 -6.74 4.37
CA GLY A 54 1.89 -5.50 3.72
C GLY A 54 2.87 -5.75 2.60
N ILE A 55 3.24 -4.70 1.87
CA ILE A 55 4.03 -4.80 0.63
C ILE A 55 5.14 -3.71 0.63
N THR A 56 6.28 -4.09 0.01
CA THR A 56 7.43 -3.21 -0.22
C THR A 56 7.38 -2.64 -1.64
N LEU A 57 7.75 -1.37 -1.78
CA LEU A 57 7.69 -0.60 -3.02
C LEU A 57 9.02 0.14 -3.21
N SER A 58 9.49 0.18 -4.47
CA SER A 58 10.70 0.92 -4.86
C SER A 58 10.31 2.37 -5.16
N GLU A 59 11.32 3.24 -5.29
CA GLU A 59 11.11 4.68 -5.60
C GLU A 59 10.35 4.88 -6.93
N GLU A 60 10.69 4.01 -7.90
CA GLU A 60 10.05 3.97 -9.23
C GLU A 60 8.56 3.61 -9.13
N GLU A 61 8.28 2.47 -8.46
CA GLU A 61 6.91 1.89 -8.35
C GLU A 61 5.97 2.83 -7.58
N PHE A 62 6.43 3.26 -6.39
CA PHE A 62 5.71 4.19 -5.53
C PHE A 62 5.59 5.57 -6.20
N GLY A 63 6.61 5.95 -7.00
CA GLY A 63 6.54 7.15 -7.82
C GLY A 63 5.38 7.12 -8.81
N VAL A 64 5.20 5.97 -9.49
CA VAL A 64 4.06 5.73 -10.40
C VAL A 64 2.74 5.83 -9.63
N LEU A 65 2.74 5.32 -8.37
CA LEU A 65 1.58 5.39 -7.47
C LEU A 65 1.20 6.86 -7.22
N LEU A 66 2.19 7.71 -6.84
CA LEU A 66 2.00 9.15 -6.55
C LEU A 66 1.43 9.91 -7.76
N LYS A 67 2.02 9.63 -8.93
CA LYS A 67 1.64 10.25 -10.22
C LYS A 67 0.18 9.96 -10.55
N GLU A 68 -0.18 8.68 -10.48
CA GLU A 68 -1.50 8.21 -10.87
C GLU A 68 -2.53 8.41 -9.75
N LEU A 69 -2.11 8.64 -8.51
CA LEU A 69 -3.02 9.06 -7.42
C LEU A 69 -3.37 10.53 -7.59
N GLY A 70 -2.35 11.34 -7.97
CA GLY A 70 -2.53 12.76 -8.29
C GLY A 70 -3.45 12.95 -9.49
N ASN A 71 -3.34 12.00 -10.44
CA ASN A 71 -4.25 11.90 -11.60
C ASN A 71 -5.69 11.62 -11.08
N LYS A 72 -5.84 10.45 -10.43
CA LYS A 72 -7.09 9.96 -9.81
C LYS A 72 -7.55 10.75 -8.56
N LEU A 73 -7.02 11.97 -8.32
CA LEU A 73 -7.63 12.93 -7.38
C LEU A 73 -8.81 13.66 -8.07
N GLU A 74 -9.12 13.24 -9.30
CA GLU A 74 -10.27 13.69 -10.07
C GLU A 74 -11.56 12.91 -9.67
N HIS A 75 -11.40 11.83 -8.87
CA HIS A 75 -12.51 10.90 -8.52
C HIS A 75 -13.72 11.63 -7.88
N HIS A 76 -13.46 12.65 -7.04
CA HIS A 76 -14.54 13.49 -6.48
C HIS A 76 -14.98 14.49 -7.57
N HIS A 77 -16.28 14.42 -7.93
CA HIS A 77 -16.83 15.13 -9.09
C HIS A 77 -17.18 16.59 -8.73
N HIS A 78 -17.11 17.46 -9.75
CA HIS A 78 -17.35 18.91 -9.61
C HIS A 78 -18.84 19.20 -9.42
N HIS A 79 -19.23 19.37 -8.16
CA HIS A 79 -20.59 19.76 -7.76
C HIS A 79 -20.46 20.70 -6.56
N HIS A 80 -20.50 22.01 -6.83
CA HIS A 80 -20.43 23.07 -5.83
C HIS A 80 -21.68 24.00 -5.98
N MET B 1 -17.82 -16.42 10.35
CA MET B 1 -17.10 -17.71 10.26
C MET B 1 -16.75 -17.98 8.78
N ALA B 2 -15.49 -17.76 8.41
CA ALA B 2 -15.00 -17.93 7.03
C ALA B 2 -13.53 -18.37 7.05
N ASP B 3 -13.32 -19.70 6.98
CA ASP B 3 -11.97 -20.29 6.86
C ASP B 3 -11.37 -19.94 5.50
N LYS B 4 -12.22 -20.05 4.48
CA LYS B 4 -11.95 -19.59 3.13
C LYS B 4 -12.64 -18.22 2.95
N LEU B 5 -11.86 -17.20 2.57
CA LEU B 5 -12.38 -15.87 2.25
C LEU B 5 -12.69 -15.80 0.74
N LYS B 6 -13.43 -14.77 0.36
CA LYS B 6 -13.72 -14.45 -1.03
C LYS B 6 -13.08 -13.11 -1.34
N PHE B 7 -12.48 -12.98 -2.52
CA PHE B 7 -11.88 -11.74 -3.00
C PHE B 7 -12.39 -11.55 -4.43
N GLU B 8 -13.06 -10.44 -4.69
CA GLU B 8 -13.73 -10.20 -5.97
C GLU B 8 -13.38 -8.78 -6.40
N ILE B 9 -12.62 -8.67 -7.50
CA ILE B 9 -12.01 -7.41 -7.91
C ILE B 9 -13.06 -6.55 -8.63
N ILE B 10 -13.35 -5.41 -8.01
CA ILE B 10 -14.37 -4.46 -8.45
C ILE B 10 -13.79 -3.58 -9.58
N GLU B 11 -12.51 -3.19 -9.43
CA GLU B 11 -11.83 -2.28 -10.37
C GLU B 11 -10.30 -2.42 -10.23
N GLU B 12 -9.55 -2.12 -11.31
CA GLU B 12 -8.09 -1.93 -11.28
C GLU B 12 -7.80 -0.43 -11.33
N LEU B 13 -7.02 0.07 -10.36
CA LEU B 13 -6.76 1.52 -10.23
C LEU B 13 -5.44 1.92 -10.89
N ILE B 14 -4.34 1.29 -10.43
CA ILE B 14 -2.96 1.60 -10.88
C ILE B 14 -2.13 0.30 -10.89
N VAL B 15 -1.36 0.06 -11.97
CA VAL B 15 -0.32 -0.98 -12.00
C VAL B 15 1.05 -0.31 -11.80
N LEU B 16 1.78 -0.75 -10.77
CA LEU B 16 3.08 -0.15 -10.37
C LEU B 16 4.25 -0.89 -11.01
N SER B 17 4.04 -2.19 -11.31
CA SER B 17 5.09 -3.11 -11.79
C SER B 17 4.47 -4.49 -12.12
N GLU B 18 5.23 -5.28 -12.88
CA GLU B 18 4.85 -6.63 -13.35
C GLU B 18 6.08 -7.57 -13.27
N ASN B 19 5.87 -8.83 -12.85
CA ASN B 19 7.01 -9.78 -12.60
C ASN B 19 7.30 -10.58 -13.87
N ALA B 20 8.47 -11.24 -13.95
CA ALA B 20 8.78 -12.25 -14.99
C ALA B 20 7.73 -13.39 -14.96
N LYS B 21 7.39 -13.81 -13.72
CA LYS B 21 6.25 -14.73 -13.44
C LYS B 21 4.89 -14.09 -13.80
N GLY B 22 4.87 -12.75 -13.84
CA GLY B 22 3.71 -11.95 -14.18
C GLY B 22 3.25 -11.09 -13.01
N TRP B 23 3.52 -11.60 -11.77
CA TRP B 23 3.01 -11.02 -10.50
C TRP B 23 3.19 -9.49 -10.42
N ARG B 24 2.07 -8.76 -10.55
CA ARG B 24 2.04 -7.30 -10.65
C ARG B 24 1.86 -6.68 -9.28
N LYS B 25 2.69 -5.68 -8.94
CA LYS B 25 2.45 -4.85 -7.77
C LYS B 25 1.45 -3.81 -8.20
N GLU B 26 0.20 -3.93 -7.75
CA GLU B 26 -0.87 -3.05 -8.18
C GLU B 26 -1.79 -2.62 -7.02
N LEU B 27 -2.43 -1.48 -7.26
CA LEU B 27 -3.51 -0.94 -6.45
C LEU B 27 -4.81 -1.17 -7.23
N ASN B 28 -5.74 -1.90 -6.63
CA ASN B 28 -7.05 -2.22 -7.22
C ASN B 28 -8.11 -2.16 -6.13
N ARG B 29 -9.38 -2.08 -6.50
CA ARG B 29 -10.50 -2.14 -5.54
C ARG B 29 -11.03 -3.57 -5.56
N VAL B 30 -11.11 -4.17 -4.36
CA VAL B 30 -11.57 -5.56 -4.15
C VAL B 30 -12.67 -5.56 -3.08
N SER B 31 -13.58 -6.54 -3.18
CA SER B 31 -14.63 -6.82 -2.19
C SER B 31 -14.28 -8.14 -1.52
N TRP B 32 -14.26 -8.15 -0.20
CA TRP B 32 -13.94 -9.33 0.62
C TRP B 32 -15.23 -9.90 1.21
N ASN B 33 -15.63 -11.10 0.73
CA ASN B 33 -16.87 -11.80 1.12
C ASN B 33 -18.13 -10.96 0.79
N ASP B 34 -18.08 -10.30 -0.40
CA ASP B 34 -19.14 -9.40 -0.93
C ASP B 34 -19.51 -8.28 0.09
N ALA B 35 -18.49 -7.82 0.83
CA ALA B 35 -18.64 -6.73 1.81
C ALA B 35 -18.33 -5.39 1.14
N GLU B 36 -18.25 -4.33 1.96
CA GLU B 36 -17.89 -2.97 1.52
C GLU B 36 -16.63 -2.97 0.61
N PRO B 37 -16.80 -2.69 -0.73
CA PRO B 37 -15.68 -2.73 -1.70
C PRO B 37 -14.69 -1.58 -1.45
N LYS B 38 -13.41 -1.92 -1.28
CA LYS B 38 -12.41 -0.98 -0.77
C LYS B 38 -11.08 -1.15 -1.48
N TYR B 39 -10.13 -0.27 -1.14
CA TYR B 39 -8.85 -0.14 -1.81
C TYR B 39 -7.88 -1.19 -1.29
N ASP B 40 -7.31 -1.93 -2.22
CA ASP B 40 -6.47 -3.09 -1.96
C ASP B 40 -5.14 -2.88 -2.68
N ILE B 41 -4.01 -3.05 -1.98
CA ILE B 41 -2.67 -2.80 -2.55
C ILE B 41 -1.75 -3.97 -2.19
N ARG B 42 -1.31 -4.68 -3.23
CA ARG B 42 -0.51 -5.92 -3.09
C ARG B 42 0.03 -6.36 -4.44
N THR B 43 0.70 -7.51 -4.42
CA THR B 43 1.17 -8.17 -5.61
C THR B 43 0.16 -9.30 -5.94
N TRP B 44 -0.41 -9.25 -7.14
CA TRP B 44 -1.38 -10.23 -7.64
C TRP B 44 -0.74 -11.01 -8.79
N SER B 45 -1.18 -12.26 -8.98
CA SER B 45 -0.79 -13.06 -10.15
C SER B 45 -1.23 -12.40 -11.48
N PRO B 46 -0.65 -12.80 -12.66
CA PRO B 46 -1.09 -12.31 -13.99
C PRO B 46 -2.55 -12.70 -14.30
N ASP B 47 -3.07 -13.72 -13.57
CA ASP B 47 -4.45 -14.21 -13.69
C ASP B 47 -5.36 -13.65 -12.59
N HIS B 48 -4.75 -12.92 -11.60
CA HIS B 48 -5.45 -12.34 -10.41
C HIS B 48 -6.13 -13.42 -9.53
N GLU B 49 -5.75 -14.70 -9.73
CA GLU B 49 -6.33 -15.85 -9.01
C GLU B 49 -5.57 -16.12 -7.70
N LYS B 50 -4.34 -15.56 -7.64
CA LYS B 50 -3.42 -15.74 -6.53
C LYS B 50 -3.10 -14.35 -5.94
N MET B 51 -3.26 -14.24 -4.61
CA MET B 51 -2.90 -13.04 -3.84
C MET B 51 -1.64 -13.31 -3.01
N GLY B 52 -1.03 -12.23 -2.50
CA GLY B 52 0.17 -12.35 -1.68
C GLY B 52 0.35 -11.15 -0.78
N LYS B 53 1.62 -10.82 -0.48
CA LYS B 53 1.98 -9.75 0.48
C LYS B 53 1.35 -8.40 0.10
N GLY B 54 0.49 -7.87 1.00
CA GLY B 54 -0.17 -6.58 0.79
C GLY B 54 -1.15 -6.27 1.90
N ILE B 55 -1.86 -5.16 1.75
CA ILE B 55 -2.69 -4.58 2.82
C ILE B 55 -3.98 -3.94 2.22
N THR B 56 -5.05 -3.94 3.02
CA THR B 56 -6.33 -3.30 2.70
C THR B 56 -6.38 -1.89 3.31
N LEU B 57 -7.05 -0.99 2.59
CA LEU B 57 -7.26 0.41 2.95
C LEU B 57 -8.76 0.72 2.74
N SER B 58 -9.38 1.32 3.75
CA SER B 58 -10.78 1.73 3.70
C SER B 58 -10.88 3.13 3.07
N GLU B 59 -12.11 3.63 2.82
CA GLU B 59 -12.35 4.97 2.22
C GLU B 59 -11.66 6.08 3.04
N GLU B 60 -11.78 5.98 4.38
CA GLU B 60 -11.14 6.90 5.33
C GLU B 60 -9.61 6.86 5.21
N GLU B 61 -9.03 5.64 5.30
CA GLU B 61 -7.56 5.42 5.31
C GLU B 61 -6.92 5.94 4.02
N PHE B 62 -7.47 5.46 2.89
CA PHE B 62 -7.02 5.79 1.55
C PHE B 62 -7.23 7.28 1.25
N GLY B 63 -8.32 7.86 1.78
CA GLY B 63 -8.57 9.30 1.69
C GLY B 63 -7.46 10.12 2.35
N VAL B 64 -7.09 9.71 3.59
CA VAL B 64 -6.01 10.35 4.36
C VAL B 64 -4.67 10.20 3.60
N LEU B 65 -4.48 9.03 2.95
CA LEU B 65 -3.31 8.75 2.09
C LEU B 65 -3.24 9.80 0.97
N LEU B 66 -4.33 9.96 0.20
CA LEU B 66 -4.42 10.88 -0.96
C LEU B 66 -4.10 12.35 -0.58
N LYS B 67 -4.69 12.77 0.55
CA LYS B 67 -4.52 14.13 1.12
C LYS B 67 -3.05 14.41 1.44
N GLU B 68 -2.49 13.53 2.28
CA GLU B 68 -1.14 13.70 2.80
C GLU B 68 -0.09 13.47 1.72
N LEU B 69 -0.40 12.63 0.70
CA LEU B 69 0.47 12.46 -0.47
C LEU B 69 0.44 13.72 -1.33
N GLY B 70 -0.75 14.34 -1.44
CA GLY B 70 -0.92 15.62 -2.14
C GLY B 70 -0.08 16.73 -1.50
N ASN B 71 0.06 16.66 -0.17
CA ASN B 71 0.95 17.55 0.61
C ASN B 71 2.43 17.23 0.27
N LYS B 72 2.79 15.95 0.49
CA LYS B 72 4.12 15.37 0.18
C LYS B 72 4.55 15.52 -1.31
N LEU B 73 3.59 15.73 -2.24
CA LEU B 73 3.89 15.97 -3.68
C LEU B 73 4.31 17.43 -3.93
N GLU B 74 4.44 18.21 -2.85
CA GLU B 74 4.90 19.61 -2.89
C GLU B 74 6.28 19.72 -2.21
N HIS B 75 6.96 18.56 -2.05
CA HIS B 75 8.30 18.49 -1.44
C HIS B 75 9.39 18.71 -2.51
N HIS B 76 9.88 19.97 -2.58
CA HIS B 76 11.14 20.36 -3.26
C HIS B 76 11.28 19.78 -4.70
N HIS B 77 10.65 20.44 -5.66
CA HIS B 77 10.71 20.07 -7.09
C HIS B 77 11.56 21.11 -7.84
N HIS B 78 10.99 22.31 -8.00
CA HIS B 78 11.60 23.44 -8.71
C HIS B 78 11.10 24.76 -8.10
N HIS B 79 11.80 25.86 -8.42
CA HIS B 79 11.51 27.19 -7.84
C HIS B 79 10.25 27.80 -8.48
N HIS B 80 9.15 27.86 -7.70
CA HIS B 80 7.87 28.45 -8.15
C HIS B 80 7.08 28.93 -6.91
N MET A 1 15.65 -16.39 -0.55
CA MET A 1 16.15 -17.61 0.12
C MET A 1 17.05 -17.26 1.34
N ALA A 2 17.09 -15.97 1.71
CA ALA A 2 17.87 -15.50 2.87
C ALA A 2 17.28 -16.07 4.18
N ASP A 3 18.17 -16.64 5.01
CA ASP A 3 17.78 -17.29 6.30
C ASP A 3 17.69 -16.26 7.45
N LYS A 4 17.75 -14.96 7.10
CA LYS A 4 17.68 -13.84 8.05
C LYS A 4 17.63 -12.54 7.25
N LEU A 5 16.47 -11.85 7.29
CA LEU A 5 16.35 -10.49 6.76
C LEU A 5 16.63 -9.48 7.87
N LYS A 6 17.04 -8.28 7.47
CA LYS A 6 17.18 -7.12 8.34
C LYS A 6 16.16 -6.08 7.90
N PHE A 7 15.61 -5.30 8.84
CA PHE A 7 14.72 -4.17 8.54
C PHE A 7 15.06 -3.04 9.51
N GLU A 8 15.18 -1.83 9.00
CA GLU A 8 15.45 -0.64 9.80
C GLU A 8 14.51 0.46 9.31
N ILE A 9 13.69 1.00 10.20
CA ILE A 9 12.68 2.00 9.82
C ILE A 9 13.36 3.37 9.75
N ILE A 10 13.46 3.88 8.52
CA ILE A 10 14.17 5.11 8.21
C ILE A 10 13.28 6.32 8.50
N GLU A 11 11.99 6.19 8.15
CA GLU A 11 11.04 7.32 8.19
C GLU A 11 9.60 6.79 8.32
N GLU A 12 8.72 7.63 8.90
CA GLU A 12 7.26 7.43 8.84
C GLU A 12 6.67 8.50 7.92
N LEU A 13 5.82 8.09 6.98
CA LEU A 13 5.23 9.00 5.97
C LEU A 13 3.83 9.44 6.38
N ILE A 14 2.93 8.45 6.54
CA ILE A 14 1.49 8.68 6.80
C ILE A 14 0.95 7.58 7.72
N VAL A 15 0.21 7.94 8.78
CA VAL A 15 -0.55 6.95 9.59
C VAL A 15 -1.98 6.90 9.05
N LEU A 16 -2.41 5.71 8.60
CA LEU A 16 -3.71 5.53 7.90
C LEU A 16 -4.83 5.12 8.88
N SER A 17 -4.45 4.38 9.94
CA SER A 17 -5.40 3.86 10.95
C SER A 17 -4.64 3.19 12.11
N GLU A 18 -5.31 3.11 13.27
CA GLU A 18 -4.71 2.68 14.56
C GLU A 18 -5.72 1.77 15.32
N ASN A 19 -5.22 0.66 15.89
CA ASN A 19 -6.11 -0.39 16.47
C ASN A 19 -6.33 -0.10 17.96
N ALA A 20 -7.36 -0.74 18.57
CA ALA A 20 -7.55 -0.76 20.03
C ALA A 20 -6.34 -1.39 20.74
N LYS A 21 -5.76 -2.41 20.09
CA LYS A 21 -4.49 -3.05 20.51
C LYS A 21 -3.29 -2.08 20.29
N GLY A 22 -3.53 -1.09 19.41
CA GLY A 22 -2.58 -0.05 19.03
C GLY A 22 -2.23 -0.15 17.56
N TRP A 23 -2.23 -1.41 17.04
CA TRP A 23 -1.66 -1.78 15.71
C TRP A 23 -2.05 -0.80 14.59
N ARG A 24 -1.05 -0.09 14.08
CA ARG A 24 -1.24 0.99 13.11
C ARG A 24 -0.95 0.48 11.72
N LYS A 25 -1.94 0.55 10.82
CA LYS A 25 -1.66 0.34 9.41
C LYS A 25 -1.25 1.68 8.81
N GLU A 26 0.03 1.77 8.45
CA GLU A 26 0.64 3.01 7.99
C GLU A 26 1.57 2.78 6.79
N LEU A 27 1.96 3.90 6.18
CA LEU A 27 2.94 4.00 5.13
C LEU A 27 4.21 4.64 5.73
N ASN A 28 5.30 3.89 5.72
CA ASN A 28 6.59 4.30 6.29
C ASN A 28 7.73 3.83 5.36
N ARG A 29 8.90 4.45 5.47
CA ARG A 29 10.10 4.08 4.69
C ARG A 29 11.00 3.19 5.53
N VAL A 30 11.37 2.03 4.97
CA VAL A 30 12.24 1.02 5.60
C VAL A 30 13.43 0.69 4.66
N SER A 31 14.60 0.48 5.28
CA SER A 31 15.80 -0.03 4.61
C SER A 31 15.84 -1.53 4.92
N TRP A 32 15.80 -2.37 3.89
CA TRP A 32 15.79 -3.83 4.07
C TRP A 32 17.18 -4.38 3.73
N ASN A 33 17.80 -5.06 4.72
CA ASN A 33 19.09 -5.77 4.55
C ASN A 33 20.22 -4.82 4.10
N ASP A 34 20.23 -3.60 4.69
CA ASP A 34 21.23 -2.53 4.44
C ASP A 34 21.13 -1.95 3.01
N ALA A 35 19.99 -2.17 2.34
CA ALA A 35 19.79 -1.70 0.93
C ALA A 35 19.17 -0.30 0.93
N GLU A 36 19.08 0.31 -0.26
CA GLU A 36 18.50 1.66 -0.44
C GLU A 36 17.07 1.73 0.15
N PRO A 37 16.78 2.77 1.02
CA PRO A 37 15.47 2.89 1.69
C PRO A 37 14.33 2.93 0.67
N LYS A 38 13.30 2.15 0.92
CA LYS A 38 12.17 2.00 0.02
C LYS A 38 10.90 2.18 0.84
N TYR A 39 9.81 2.29 0.14
CA TYR A 39 8.51 2.54 0.75
C TYR A 39 7.89 1.22 1.19
N ASP A 40 7.25 1.25 2.36
CA ASP A 40 6.59 0.09 2.98
C ASP A 40 5.22 0.51 3.49
N ILE A 41 4.23 -0.36 3.30
CA ILE A 41 2.86 -0.11 3.76
C ILE A 41 2.31 -1.41 4.34
N ARG A 42 2.02 -1.38 5.64
CA ARG A 42 1.60 -2.57 6.40
C ARG A 42 1.08 -2.17 7.77
N THR A 43 0.66 -3.16 8.56
CA THR A 43 0.21 -2.95 9.91
C THR A 43 1.37 -3.31 10.85
N TRP A 44 1.74 -2.33 11.67
CA TRP A 44 2.80 -2.46 12.67
C TRP A 44 2.15 -2.35 14.04
N SER A 45 2.95 -2.56 15.08
CA SER A 45 2.61 -2.13 16.44
C SER A 45 2.86 -0.60 16.56
N PRO A 46 2.27 0.10 17.58
CA PRO A 46 2.51 1.56 17.77
C PRO A 46 3.97 1.87 18.15
N ASP A 47 4.65 0.87 18.75
CA ASP A 47 6.11 0.94 19.04
C ASP A 47 6.95 0.42 17.88
N HIS A 48 6.26 -0.10 16.83
CA HIS A 48 6.89 -0.72 15.64
C HIS A 48 7.65 -2.04 15.96
N GLU A 49 7.37 -2.62 17.14
CA GLU A 49 8.04 -3.86 17.62
C GLU A 49 7.62 -5.08 16.78
N LYS A 50 6.39 -5.03 16.25
CA LYS A 50 5.82 -6.10 15.44
C LYS A 50 5.44 -5.54 14.06
N MET A 51 5.55 -6.39 13.04
CA MET A 51 5.14 -6.07 11.66
C MET A 51 4.12 -7.11 11.20
N GLY A 52 3.40 -6.82 10.12
CA GLY A 52 2.40 -7.73 9.60
C GLY A 52 2.05 -7.48 8.16
N LYS A 53 0.80 -7.84 7.80
CA LYS A 53 0.28 -7.90 6.42
C LYS A 53 0.47 -6.57 5.68
N GLY A 54 1.23 -6.60 4.58
CA GLY A 54 1.51 -5.42 3.78
C GLY A 54 2.55 -5.69 2.70
N ILE A 55 2.93 -4.65 1.98
CA ILE A 55 3.75 -4.76 0.76
C ILE A 55 4.81 -3.64 0.71
N THR A 56 5.94 -3.95 0.03
CA THR A 56 7.03 -3.00 -0.20
C THR A 56 6.97 -2.46 -1.64
N LEU A 57 7.34 -1.19 -1.79
CA LEU A 57 7.36 -0.45 -3.05
C LEU A 57 8.75 0.21 -3.17
N SER A 58 9.34 0.12 -4.36
CA SER A 58 10.58 0.84 -4.69
C SER A 58 10.24 2.31 -5.03
N GLU A 59 11.27 3.16 -5.18
CA GLU A 59 11.10 4.58 -5.54
C GLU A 59 10.40 4.73 -6.92
N GLU A 60 10.71 3.78 -7.82
CA GLU A 60 10.04 3.62 -9.12
C GLU A 60 8.52 3.39 -8.94
N GLU A 61 8.16 2.43 -8.07
CA GLU A 61 6.77 1.99 -7.87
C GLU A 61 5.92 3.11 -7.28
N PHE A 62 6.45 3.67 -6.18
CA PHE A 62 5.80 4.72 -5.41
C PHE A 62 5.68 6.00 -6.23
N GLY A 63 6.72 6.33 -7.03
CA GLY A 63 6.67 7.48 -7.93
C GLY A 63 5.54 7.36 -8.96
N VAL A 64 5.45 6.18 -9.62
CA VAL A 64 4.35 5.86 -10.56
C VAL A 64 2.99 6.00 -9.84
N LEU A 65 2.92 5.51 -8.58
CA LEU A 65 1.71 5.57 -7.75
C LEU A 65 1.26 7.03 -7.57
N LEU A 66 2.19 7.91 -7.13
CA LEU A 66 1.92 9.34 -6.86
C LEU A 66 1.42 10.07 -8.11
N LYS A 67 2.07 9.80 -9.25
CA LYS A 67 1.74 10.39 -10.56
C LYS A 67 0.30 10.05 -10.97
N GLU A 68 -0.01 8.75 -10.95
CA GLU A 68 -1.30 8.24 -11.39
C GLU A 68 -2.42 8.60 -10.39
N LEU A 69 -2.06 8.72 -9.10
CA LEU A 69 -2.97 9.25 -8.07
C LEU A 69 -3.28 10.72 -8.35
N GLY A 70 -2.24 11.48 -8.76
CA GLY A 70 -2.39 12.90 -9.12
C GLY A 70 -3.35 13.11 -10.28
N ASN A 71 -3.29 12.17 -11.25
CA ASN A 71 -4.24 12.11 -12.39
C ASN A 71 -5.68 11.90 -11.84
N LYS A 72 -5.85 10.80 -11.08
CA LYS A 72 -7.09 10.49 -10.32
C LYS A 72 -7.59 11.67 -9.43
N LEU A 73 -6.65 12.48 -8.89
CA LEU A 73 -6.96 13.58 -7.95
C LEU A 73 -7.35 14.88 -8.68
N GLU A 74 -7.23 14.91 -10.02
CA GLU A 74 -7.78 16.02 -10.84
C GLU A 74 -9.30 16.10 -10.64
N HIS A 75 -9.95 14.92 -10.58
CA HIS A 75 -11.29 14.76 -10.00
C HIS A 75 -11.26 15.23 -8.53
N HIS A 76 -11.57 16.52 -8.33
CA HIS A 76 -11.49 17.18 -7.03
C HIS A 76 -12.83 17.08 -6.29
N HIS A 77 -12.79 16.62 -5.04
CA HIS A 77 -13.90 16.83 -4.09
C HIS A 77 -13.78 18.29 -3.61
N HIS A 78 -14.45 19.20 -4.37
CA HIS A 78 -14.20 20.67 -4.36
C HIS A 78 -14.21 21.25 -2.93
N HIS A 79 -15.16 20.78 -2.12
CA HIS A 79 -15.19 21.05 -0.68
C HIS A 79 -14.95 19.72 0.06
N HIS A 80 -13.68 19.47 0.45
CA HIS A 80 -13.29 18.28 1.22
C HIS A 80 -13.99 18.27 2.60
N MET B 1 -14.61 -13.47 12.47
CA MET B 1 -14.68 -14.93 12.75
C MET B 1 -14.43 -15.77 11.48
N ALA B 2 -14.41 -15.11 10.31
CA ALA B 2 -14.20 -15.79 9.01
C ALA B 2 -12.78 -16.36 8.92
N ASP B 3 -12.69 -17.69 8.76
CA ASP B 3 -11.42 -18.42 8.60
C ASP B 3 -10.87 -18.20 7.19
N LYS B 4 -11.65 -18.68 6.20
CA LYS B 4 -11.37 -18.48 4.78
C LYS B 4 -11.91 -17.10 4.37
N LEU B 5 -11.10 -16.32 3.64
CA LEU B 5 -11.58 -15.07 3.01
C LEU B 5 -11.89 -15.31 1.54
N LYS B 6 -12.76 -14.47 1.00
CA LYS B 6 -13.15 -14.46 -0.41
C LYS B 6 -12.78 -13.09 -0.96
N PHE B 7 -12.38 -13.01 -2.23
CA PHE B 7 -11.91 -11.76 -2.84
C PHE B 7 -12.46 -11.70 -4.27
N GLU B 8 -12.93 -10.53 -4.67
CA GLU B 8 -13.38 -10.27 -6.04
C GLU B 8 -12.90 -8.88 -6.43
N ILE B 9 -12.12 -8.78 -7.52
CA ILE B 9 -11.55 -7.49 -7.94
C ILE B 9 -12.63 -6.75 -8.72
N ILE B 10 -13.07 -5.62 -8.14
CA ILE B 10 -14.15 -4.80 -8.67
C ILE B 10 -13.60 -3.86 -9.76
N GLU B 11 -12.34 -3.40 -9.55
CA GLU B 11 -11.69 -2.44 -10.45
C GLU B 11 -10.18 -2.45 -10.21
N GLU B 12 -9.42 -2.10 -11.26
CA GLU B 12 -7.96 -1.83 -11.17
C GLU B 12 -7.75 -0.31 -11.18
N LEU B 13 -6.90 0.19 -10.25
CA LEU B 13 -6.65 1.64 -10.15
C LEU B 13 -5.34 2.00 -10.85
N ILE B 14 -4.23 1.42 -10.36
CA ILE B 14 -2.86 1.77 -10.80
C ILE B 14 -2.00 0.51 -10.81
N VAL B 15 -1.48 0.13 -11.98
CA VAL B 15 -0.52 -0.98 -12.11
C VAL B 15 0.89 -0.42 -11.92
N LEU B 16 1.64 -0.95 -10.94
CA LEU B 16 2.98 -0.41 -10.59
C LEU B 16 4.10 -1.20 -11.28
N SER B 17 3.87 -2.52 -11.54
CA SER B 17 4.90 -3.44 -12.09
C SER B 17 4.33 -4.83 -12.33
N GLU B 18 5.06 -5.57 -13.18
CA GLU B 18 4.75 -6.94 -13.62
C GLU B 18 6.00 -7.78 -13.47
N ASN B 19 5.87 -8.99 -12.88
CA ASN B 19 7.06 -9.77 -12.44
C ASN B 19 7.60 -10.62 -13.59
N ALA B 20 8.81 -11.18 -13.40
CA ALA B 20 9.37 -12.23 -14.27
C ALA B 20 8.51 -13.51 -14.18
N LYS B 21 7.88 -13.70 -12.99
CA LYS B 21 6.91 -14.79 -12.74
C LYS B 21 5.51 -14.37 -13.31
N GLY B 22 5.40 -13.06 -13.61
CA GLY B 22 4.19 -12.42 -14.15
C GLY B 22 3.55 -11.51 -13.13
N TRP B 23 3.71 -11.86 -11.84
CA TRP B 23 2.94 -11.28 -10.71
C TRP B 23 2.98 -9.74 -10.71
N ARG B 24 1.79 -9.12 -10.75
CA ARG B 24 1.66 -7.67 -10.84
C ARG B 24 1.40 -7.10 -9.47
N LYS B 25 2.29 -6.19 -9.00
CA LYS B 25 2.08 -5.54 -7.71
C LYS B 25 1.45 -4.17 -7.97
N GLU B 26 0.17 -4.06 -7.60
CA GLU B 26 -0.65 -2.92 -7.97
C GLU B 26 -1.64 -2.52 -6.88
N LEU B 27 -2.29 -1.38 -7.14
CA LEU B 27 -3.38 -0.83 -6.34
C LEU B 27 -4.69 -1.05 -7.12
N ASN B 28 -5.62 -1.78 -6.52
CA ASN B 28 -6.95 -2.06 -7.10
C ASN B 28 -8.04 -1.88 -6.05
N ARG B 29 -9.31 -1.94 -6.48
CA ARG B 29 -10.47 -2.00 -5.58
C ARG B 29 -10.99 -3.44 -5.58
N VAL B 30 -11.03 -4.04 -4.39
CA VAL B 30 -11.47 -5.44 -4.17
C VAL B 30 -12.60 -5.47 -3.13
N SER B 31 -13.53 -6.41 -3.30
CA SER B 31 -14.61 -6.68 -2.35
C SER B 31 -14.26 -8.00 -1.66
N TRP B 32 -14.21 -8.00 -0.33
CA TRP B 32 -13.84 -9.16 0.48
C TRP B 32 -15.10 -9.78 1.11
N ASN B 33 -15.31 -11.09 0.84
CA ASN B 33 -16.38 -11.91 1.45
C ASN B 33 -17.78 -11.39 1.07
N ASP B 34 -17.93 -10.89 -0.18
CA ASP B 34 -19.19 -10.30 -0.72
C ASP B 34 -19.69 -9.11 0.14
N ALA B 35 -18.76 -8.45 0.84
CA ALA B 35 -19.05 -7.29 1.72
C ALA B 35 -18.85 -5.98 0.94
N GLU B 36 -18.79 -4.86 1.68
CA GLU B 36 -18.45 -3.53 1.12
C GLU B 36 -17.14 -3.59 0.27
N PRO B 37 -17.12 -2.94 -0.93
CA PRO B 37 -15.89 -2.84 -1.73
C PRO B 37 -14.97 -1.76 -1.16
N LYS B 38 -13.66 -2.03 -1.13
CA LYS B 38 -12.66 -1.11 -0.58
C LYS B 38 -11.37 -1.22 -1.36
N TYR B 39 -10.41 -0.39 -1.01
CA TYR B 39 -9.12 -0.33 -1.67
C TYR B 39 -8.20 -1.43 -1.13
N ASP B 40 -7.46 -2.05 -2.04
CA ASP B 40 -6.50 -3.11 -1.74
C ASP B 40 -5.21 -2.85 -2.51
N ILE B 41 -4.06 -3.07 -1.87
CA ILE B 41 -2.74 -2.84 -2.47
C ILE B 41 -1.84 -4.03 -2.12
N ARG B 42 -1.42 -4.76 -3.16
CA ARG B 42 -0.71 -6.04 -2.99
C ARG B 42 -0.10 -6.51 -4.31
N THR B 43 0.51 -7.70 -4.29
CA THR B 43 0.96 -8.38 -5.49
C THR B 43 -0.05 -9.50 -5.81
N TRP B 44 -0.58 -9.49 -7.02
CA TRP B 44 -1.49 -10.51 -7.56
C TRP B 44 -0.77 -11.24 -8.69
N SER B 45 -1.38 -12.32 -9.18
CA SER B 45 -1.01 -12.92 -10.47
C SER B 45 -1.54 -12.03 -11.62
N PRO B 46 -1.09 -12.25 -12.90
CA PRO B 46 -1.75 -11.66 -14.08
C PRO B 46 -3.24 -12.05 -14.10
N ASP B 47 -3.49 -13.32 -13.71
CA ASP B 47 -4.82 -13.93 -13.69
C ASP B 47 -5.68 -13.41 -12.51
N HIS B 48 -5.03 -12.65 -11.58
CA HIS B 48 -5.69 -11.98 -10.43
C HIS B 48 -6.44 -12.95 -9.48
N GLU B 49 -6.06 -14.24 -9.52
CA GLU B 49 -6.68 -15.29 -8.67
C GLU B 49 -5.63 -15.90 -7.71
N LYS B 50 -4.40 -15.36 -7.79
CA LYS B 50 -3.33 -15.61 -6.82
C LYS B 50 -3.00 -14.28 -6.13
N MET B 51 -2.82 -14.31 -4.80
CA MET B 51 -2.51 -13.11 -4.00
C MET B 51 -1.31 -13.36 -3.09
N GLY B 52 -0.75 -12.30 -2.50
CA GLY B 52 0.38 -12.42 -1.58
C GLY B 52 0.47 -11.23 -0.66
N LYS B 53 1.71 -10.77 -0.39
CA LYS B 53 1.97 -9.68 0.58
C LYS B 53 1.25 -8.39 0.16
N GLY B 54 0.36 -7.91 1.04
CA GLY B 54 -0.40 -6.70 0.79
C GLY B 54 -1.37 -6.42 1.91
N ILE B 55 -2.12 -5.32 1.78
CA ILE B 55 -2.94 -4.78 2.85
C ILE B 55 -4.21 -4.10 2.29
N THR B 56 -5.27 -4.12 3.11
CA THR B 56 -6.56 -3.50 2.80
C THR B 56 -6.61 -2.09 3.42
N LEU B 57 -7.18 -1.17 2.67
CA LEU B 57 -7.42 0.21 3.07
C LEU B 57 -8.91 0.50 2.86
N SER B 58 -9.59 0.97 3.90
CA SER B 58 -10.98 1.41 3.79
C SER B 58 -10.99 2.86 3.27
N GLU B 59 -12.18 3.40 2.98
CA GLU B 59 -12.30 4.75 2.39
C GLU B 59 -11.69 5.84 3.30
N GLU B 60 -11.73 5.61 4.63
CA GLU B 60 -11.04 6.46 5.61
C GLU B 60 -9.52 6.46 5.36
N GLU B 61 -8.89 5.26 5.41
CA GLU B 61 -7.43 5.09 5.28
C GLU B 61 -6.89 5.66 3.97
N PHE B 62 -7.51 5.23 2.86
CA PHE B 62 -7.12 5.64 1.51
C PHE B 62 -7.37 7.14 1.30
N GLY B 63 -8.45 7.69 1.90
CA GLY B 63 -8.68 9.12 1.91
C GLY B 63 -7.51 9.88 2.51
N VAL B 64 -7.12 9.48 3.76
CA VAL B 64 -5.97 10.05 4.49
C VAL B 64 -4.69 9.95 3.63
N LEU B 65 -4.52 8.80 2.96
CA LEU B 65 -3.37 8.54 2.08
C LEU B 65 -3.28 9.63 1.00
N LEU B 66 -4.37 9.82 0.22
CA LEU B 66 -4.40 10.81 -0.90
C LEU B 66 -4.14 12.24 -0.42
N LYS B 67 -4.76 12.59 0.73
CA LYS B 67 -4.62 13.92 1.37
C LYS B 67 -3.15 14.23 1.70
N GLU B 68 -2.56 13.35 2.50
CA GLU B 68 -1.21 13.54 3.03
C GLU B 68 -0.15 13.36 1.94
N LEU B 69 -0.43 12.52 0.92
CA LEU B 69 0.44 12.38 -0.26
C LEU B 69 0.49 13.70 -1.02
N GLY B 70 -0.70 14.28 -1.30
CA GLY B 70 -0.82 15.53 -2.05
C GLY B 70 -0.13 16.70 -1.34
N ASN B 71 -0.14 16.64 0.00
CA ASN B 71 0.61 17.59 0.87
C ASN B 71 2.13 17.36 0.69
N LYS B 72 2.58 16.14 1.06
CA LYS B 72 3.97 15.63 0.87
C LYS B 72 4.50 15.68 -0.59
N LEU B 73 3.62 15.96 -1.59
CA LEU B 73 4.06 16.20 -2.99
C LEU B 73 4.68 17.61 -3.15
N GLU B 74 4.85 18.33 -2.01
CA GLU B 74 5.69 19.53 -1.93
C GLU B 74 7.15 19.15 -2.30
N HIS B 75 7.57 17.96 -1.80
CA HIS B 75 8.84 17.34 -2.15
C HIS B 75 8.72 16.77 -3.57
N HIS B 76 9.10 17.58 -4.55
CA HIS B 76 8.94 17.28 -5.98
C HIS B 76 10.05 17.98 -6.75
N HIS B 77 10.63 17.28 -7.74
CA HIS B 77 11.81 17.78 -8.48
C HIS B 77 11.39 18.73 -9.62
N HIS B 78 10.96 18.16 -10.75
CA HIS B 78 10.45 18.90 -11.93
C HIS B 78 9.22 18.16 -12.44
N HIS B 79 8.89 18.26 -13.76
CA HIS B 79 7.84 17.43 -14.38
C HIS B 79 8.19 15.94 -14.16
N HIS B 80 9.51 15.64 -14.11
CA HIS B 80 10.07 14.40 -13.57
C HIS B 80 11.52 14.75 -13.09
N MET A 1 16.03 -17.28 -0.54
CA MET A 1 17.16 -17.90 0.19
C MET A 1 17.51 -17.08 1.45
N ALA A 2 16.65 -16.13 1.82
CA ALA A 2 16.81 -15.32 3.04
C ALA A 2 16.41 -16.16 4.28
N ASP A 3 17.34 -16.29 5.24
CA ASP A 3 17.04 -16.95 6.52
C ASP A 3 16.23 -15.97 7.41
N LYS A 4 16.77 -14.74 7.61
CA LYS A 4 16.04 -13.63 8.22
C LYS A 4 16.61 -12.30 7.66
N LEU A 5 15.76 -11.29 7.47
CA LEU A 5 16.19 -9.95 7.05
C LEU A 5 15.94 -8.98 8.19
N LYS A 6 16.76 -7.93 8.31
CA LYS A 6 16.42 -6.77 9.14
C LYS A 6 15.29 -5.98 8.50
N PHE A 7 14.54 -5.28 9.34
CA PHE A 7 13.53 -4.32 8.92
C PHE A 7 13.70 -3.13 9.88
N GLU A 8 14.07 -1.98 9.34
CA GLU A 8 14.45 -0.82 10.15
C GLU A 8 13.78 0.42 9.57
N ILE A 9 13.01 1.12 10.41
CA ILE A 9 12.21 2.26 9.96
C ILE A 9 13.12 3.50 9.90
N ILE A 10 13.38 3.92 8.66
CA ILE A 10 14.24 5.05 8.33
C ILE A 10 13.43 6.35 8.52
N GLU A 11 12.13 6.28 8.17
CA GLU A 11 11.22 7.43 8.27
C GLU A 11 9.77 6.93 8.42
N GLU A 12 8.94 7.72 9.12
CA GLU A 12 7.48 7.54 9.17
C GLU A 12 6.83 8.58 8.24
N LEU A 13 5.96 8.15 7.31
CA LEU A 13 5.40 9.06 6.30
C LEU A 13 3.98 9.50 6.67
N ILE A 14 3.08 8.51 6.78
CA ILE A 14 1.62 8.73 6.95
C ILE A 14 1.08 7.60 7.86
N VAL A 15 0.30 7.93 8.91
CA VAL A 15 -0.53 6.94 9.62
C VAL A 15 -1.94 6.97 9.01
N LEU A 16 -2.36 5.83 8.49
CA LEU A 16 -3.63 5.70 7.74
C LEU A 16 -4.79 5.34 8.69
N SER A 17 -4.45 4.60 9.78
CA SER A 17 -5.43 4.15 10.80
C SER A 17 -4.69 3.39 11.92
N GLU A 18 -5.36 3.27 13.09
CA GLU A 18 -4.79 2.69 14.34
C GLU A 18 -5.78 1.68 14.96
N ASN A 19 -5.25 0.52 15.46
CA ASN A 19 -6.09 -0.61 15.97
C ASN A 19 -6.32 -0.48 17.50
N ALA A 20 -7.20 -1.33 18.08
CA ALA A 20 -7.48 -1.33 19.53
C ALA A 20 -6.22 -1.66 20.36
N LYS A 21 -5.47 -2.71 19.94
CA LYS A 21 -4.11 -3.01 20.48
C LYS A 21 -3.04 -2.02 19.95
N GLY A 22 -3.47 -1.07 19.12
CA GLY A 22 -2.65 0.03 18.63
C GLY A 22 -2.28 -0.14 17.16
N TRP A 23 -2.16 -1.42 16.72
CA TRP A 23 -1.61 -1.82 15.40
C TRP A 23 -1.99 -0.83 14.26
N ARG A 24 -1.01 -0.02 13.84
CA ARG A 24 -1.25 1.10 12.93
C ARG A 24 -0.99 0.63 11.50
N LYS A 25 -2.01 0.70 10.64
CA LYS A 25 -1.78 0.52 9.21
C LYS A 25 -1.29 1.86 8.66
N GLU A 26 -0.01 1.89 8.34
CA GLU A 26 0.69 3.11 7.96
C GLU A 26 1.57 2.90 6.72
N LEU A 27 1.96 4.03 6.15
CA LEU A 27 3.00 4.13 5.14
C LEU A 27 4.23 4.77 5.80
N ASN A 28 5.36 4.09 5.72
CA ASN A 28 6.65 4.59 6.24
C ASN A 28 7.78 4.10 5.33
N ARG A 29 8.99 4.60 5.50
CA ARG A 29 10.17 4.12 4.74
C ARG A 29 10.99 3.18 5.63
N VAL A 30 11.22 1.95 5.13
CA VAL A 30 11.99 0.89 5.81
C VAL A 30 13.20 0.48 4.93
N SER A 31 14.32 0.13 5.59
CA SER A 31 15.48 -0.50 4.95
C SER A 31 15.47 -1.95 5.38
N TRP A 32 15.50 -2.87 4.41
CA TRP A 32 15.50 -4.30 4.65
C TRP A 32 16.94 -4.83 4.53
N ASN A 33 17.46 -5.31 5.68
CA ASN A 33 18.81 -5.93 5.78
C ASN A 33 19.93 -4.91 5.48
N ASP A 34 19.69 -3.65 5.91
CA ASP A 34 20.57 -2.47 5.65
C ASP A 34 20.87 -2.31 4.13
N ALA A 35 19.85 -2.53 3.29
CA ALA A 35 19.92 -2.35 1.83
C ALA A 35 19.28 -1.02 1.42
N GLU A 36 18.95 -0.90 0.11
CA GLU A 36 18.19 0.24 -0.44
C GLU A 36 16.90 0.57 0.38
N PRO A 37 16.80 1.81 0.98
CA PRO A 37 15.60 2.25 1.73
C PRO A 37 14.41 2.47 0.77
N LYS A 38 13.27 1.86 1.08
CA LYS A 38 12.10 1.83 0.20
C LYS A 38 10.82 2.06 1.00
N TYR A 39 9.70 2.25 0.28
CA TYR A 39 8.40 2.55 0.88
C TYR A 39 7.70 1.27 1.32
N ASP A 40 7.30 1.25 2.55
CA ASP A 40 6.73 0.10 3.23
C ASP A 40 5.32 0.47 3.71
N ILE A 41 4.32 -0.32 3.33
CA ILE A 41 2.92 -0.02 3.66
C ILE A 41 2.26 -1.30 4.20
N ARG A 42 1.94 -1.24 5.50
CA ARG A 42 1.43 -2.39 6.27
C ARG A 42 0.96 -1.99 7.63
N THR A 43 0.51 -2.97 8.41
CA THR A 43 0.06 -2.77 9.77
C THR A 43 1.22 -3.20 10.69
N TRP A 44 1.70 -2.27 11.50
CA TRP A 44 2.80 -2.47 12.45
C TRP A 44 2.25 -2.40 13.87
N SER A 45 2.99 -2.96 14.83
CA SER A 45 2.70 -2.75 16.26
C SER A 45 2.97 -1.27 16.65
N PRO A 46 2.41 -0.77 17.80
CA PRO A 46 2.82 0.55 18.37
C PRO A 46 4.34 0.59 18.65
N ASP A 47 4.93 -0.60 18.83
CA ASP A 47 6.36 -0.76 19.15
C ASP A 47 7.20 -0.86 17.85
N HIS A 48 6.51 -1.01 16.69
CA HIS A 48 7.12 -1.19 15.34
C HIS A 48 8.05 -2.43 15.23
N GLU A 49 7.94 -3.36 16.19
CA GLU A 49 8.75 -4.61 16.22
C GLU A 49 7.97 -5.79 15.62
N LYS A 50 6.66 -5.59 15.40
CA LYS A 50 5.77 -6.61 14.85
C LYS A 50 5.20 -6.10 13.52
N MET A 51 5.16 -6.98 12.52
CA MET A 51 4.68 -6.67 11.16
C MET A 51 3.60 -7.68 10.73
N GLY A 52 2.88 -7.37 9.64
CA GLY A 52 1.86 -8.27 9.11
C GLY A 52 1.54 -8.00 7.65
N LYS A 53 0.24 -7.98 7.32
CA LYS A 53 -0.23 -7.86 5.92
C LYS A 53 0.18 -6.50 5.34
N GLY A 54 1.02 -6.52 4.29
CA GLY A 54 1.48 -5.32 3.62
C GLY A 54 2.58 -5.59 2.63
N ILE A 55 2.98 -4.54 1.90
CA ILE A 55 3.81 -4.66 0.69
C ILE A 55 4.91 -3.57 0.69
N THR A 56 6.03 -3.90 0.05
CA THR A 56 7.17 -3.02 -0.19
C THR A 56 7.10 -2.45 -1.63
N LEU A 57 7.51 -1.18 -1.78
CA LEU A 57 7.42 -0.40 -3.04
C LEU A 57 8.75 0.35 -3.23
N SER A 58 9.22 0.45 -4.46
CA SER A 58 10.41 1.27 -4.79
C SER A 58 9.95 2.71 -5.13
N GLU A 59 10.90 3.64 -5.34
CA GLU A 59 10.59 5.02 -5.76
C GLU A 59 9.86 5.06 -7.12
N GLU A 60 10.14 4.06 -7.98
CA GLU A 60 9.46 3.89 -9.27
C GLU A 60 7.94 3.65 -9.06
N GLU A 61 7.60 2.56 -8.33
CA GLU A 61 6.21 2.17 -8.06
C GLU A 61 5.44 3.27 -7.33
N PHE A 62 6.08 3.79 -6.28
CA PHE A 62 5.54 4.86 -5.45
C PHE A 62 5.29 6.11 -6.30
N GLY A 63 6.22 6.41 -7.22
CA GLY A 63 6.07 7.52 -8.15
C GLY A 63 4.89 7.36 -9.09
N VAL A 64 4.69 6.13 -9.61
CA VAL A 64 3.55 5.79 -10.48
C VAL A 64 2.22 5.94 -9.69
N LEU A 65 2.25 5.54 -8.40
CA LEU A 65 1.14 5.69 -7.46
C LEU A 65 0.77 7.19 -7.34
N LEU A 66 1.78 8.03 -7.02
CA LEU A 66 1.64 9.50 -6.86
C LEU A 66 0.99 10.16 -8.10
N LYS A 67 1.53 9.79 -9.28
CA LYS A 67 1.10 10.28 -10.60
C LYS A 67 -0.39 10.00 -10.85
N GLU A 68 -0.74 8.71 -10.84
CA GLU A 68 -2.07 8.26 -11.24
C GLU A 68 -3.12 8.55 -10.17
N LEU A 69 -2.70 8.66 -8.89
CA LEU A 69 -3.59 9.16 -7.81
C LEU A 69 -3.94 10.63 -8.06
N GLY A 70 -2.89 11.42 -8.40
CA GLY A 70 -3.06 12.83 -8.73
C GLY A 70 -4.02 13.05 -9.90
N ASN A 71 -3.93 12.14 -10.89
CA ASN A 71 -4.84 12.12 -12.06
C ASN A 71 -6.28 11.80 -11.57
N LYS A 72 -6.45 10.59 -11.01
CA LYS A 72 -7.73 10.08 -10.43
C LYS A 72 -8.40 10.98 -9.34
N LEU A 73 -7.75 12.10 -8.95
CA LEU A 73 -8.41 13.16 -8.12
C LEU A 73 -9.39 14.01 -8.97
N GLU A 74 -9.46 13.73 -10.28
CA GLU A 74 -10.49 14.28 -11.20
C GLU A 74 -11.88 13.75 -10.80
N HIS A 75 -11.90 12.50 -10.35
CA HIS A 75 -13.14 11.81 -9.95
C HIS A 75 -12.91 11.04 -8.64
N HIS A 76 -13.40 11.62 -7.54
CA HIS A 76 -13.45 10.98 -6.22
C HIS A 76 -14.73 11.46 -5.53
N HIS A 77 -15.68 10.53 -5.29
CA HIS A 77 -17.05 10.86 -4.85
C HIS A 77 -17.09 11.60 -3.49
N HIS A 78 -18.14 12.43 -3.31
CA HIS A 78 -18.41 13.15 -2.05
C HIS A 78 -19.90 13.05 -1.73
N HIS A 79 -20.23 12.95 -0.43
CA HIS A 79 -21.61 12.71 0.04
C HIS A 79 -22.47 13.98 -0.11
N HIS A 80 -23.46 13.86 -1.00
CA HIS A 80 -24.47 14.91 -1.22
C HIS A 80 -25.60 14.74 -0.19
N MET B 1 -13.30 -15.44 9.92
CA MET B 1 -14.11 -16.66 10.15
C MET B 1 -13.87 -17.69 9.03
N ALA B 2 -13.63 -17.19 7.80
CA ALA B 2 -13.45 -18.03 6.60
C ALA B 2 -12.00 -18.58 6.54
N ASP B 3 -11.86 -19.92 6.50
CA ASP B 3 -10.54 -20.59 6.37
C ASP B 3 -9.95 -20.34 4.97
N LYS B 4 -10.83 -20.34 3.96
CA LYS B 4 -10.57 -19.81 2.61
C LYS B 4 -11.35 -18.50 2.48
N LEU B 5 -10.67 -17.38 2.15
CA LEU B 5 -11.35 -16.09 1.99
C LEU B 5 -12.04 -16.02 0.63
N LYS B 6 -13.04 -15.14 0.56
CA LYS B 6 -13.70 -14.77 -0.69
C LYS B 6 -13.29 -13.33 -1.01
N PHE B 7 -13.00 -13.07 -2.30
CA PHE B 7 -12.58 -11.75 -2.76
C PHE B 7 -13.03 -11.57 -4.22
N GLU B 8 -13.52 -10.37 -4.55
CA GLU B 8 -13.97 -10.04 -5.91
C GLU B 8 -13.37 -8.69 -6.28
N ILE B 9 -12.69 -8.61 -7.42
CA ILE B 9 -12.07 -7.37 -7.87
C ILE B 9 -13.15 -6.48 -8.49
N ILE B 10 -13.50 -5.43 -7.76
CA ILE B 10 -14.50 -4.46 -8.15
C ILE B 10 -13.94 -3.56 -9.26
N GLU B 11 -12.64 -3.22 -9.13
CA GLU B 11 -11.96 -2.31 -10.07
C GLU B 11 -10.43 -2.42 -9.94
N GLU B 12 -9.72 -2.05 -11.02
CA GLU B 12 -8.24 -1.89 -11.03
C GLU B 12 -7.89 -0.41 -11.22
N LEU B 13 -6.93 0.10 -10.43
CA LEU B 13 -6.64 1.55 -10.40
C LEU B 13 -5.30 1.89 -11.08
N ILE B 14 -4.20 1.34 -10.53
CA ILE B 14 -2.82 1.76 -10.88
C ILE B 14 -1.89 0.55 -10.88
N VAL B 15 -1.29 0.20 -12.03
CA VAL B 15 -0.25 -0.85 -12.08
C VAL B 15 1.09 -0.20 -11.69
N LEU B 16 1.63 -0.60 -10.54
CA LEU B 16 2.85 0.01 -9.97
C LEU B 16 4.12 -0.61 -10.60
N SER B 17 4.02 -1.92 -10.96
CA SER B 17 5.14 -2.69 -11.55
C SER B 17 4.68 -4.15 -11.84
N GLU B 18 5.48 -4.84 -12.69
CA GLU B 18 5.24 -6.21 -13.19
C GLU B 18 6.48 -7.07 -12.90
N ASN B 19 6.30 -8.32 -12.42
CA ASN B 19 7.44 -9.18 -11.96
C ASN B 19 8.05 -9.95 -13.15
N ALA B 20 9.24 -10.54 -12.96
CA ALA B 20 9.84 -11.51 -13.91
C ALA B 20 8.96 -12.79 -13.99
N LYS B 21 8.18 -13.01 -12.91
CA LYS B 21 7.17 -14.09 -12.80
C LYS B 21 5.83 -13.61 -13.44
N GLY B 22 5.78 -12.31 -13.71
CA GLY B 22 4.62 -11.59 -14.24
C GLY B 22 3.91 -10.81 -13.14
N TRP B 23 3.98 -11.36 -11.91
CA TRP B 23 3.21 -10.89 -10.74
C TRP B 23 3.24 -9.35 -10.58
N ARG B 24 2.09 -8.71 -10.78
CA ARG B 24 2.00 -7.25 -10.86
C ARG B 24 1.65 -6.70 -9.49
N LYS B 25 2.58 -5.90 -8.93
CA LYS B 25 2.29 -5.16 -7.71
C LYS B 25 1.54 -3.90 -8.14
N GLU B 26 0.28 -3.85 -7.74
CA GLU B 26 -0.63 -2.80 -8.14
C GLU B 26 -1.58 -2.39 -7.02
N LEU B 27 -2.32 -1.31 -7.30
CA LEU B 27 -3.43 -0.83 -6.50
C LEU B 27 -4.72 -1.10 -7.29
N ASN B 28 -5.61 -1.87 -6.69
CA ASN B 28 -6.93 -2.18 -7.23
C ASN B 28 -7.97 -1.92 -6.13
N ARG B 29 -9.19 -2.44 -6.30
CA ARG B 29 -10.30 -2.33 -5.36
C ARG B 29 -10.98 -3.70 -5.30
N VAL B 30 -11.01 -4.30 -4.10
CA VAL B 30 -11.59 -5.65 -3.86
C VAL B 30 -12.72 -5.55 -2.83
N SER B 31 -13.73 -6.41 -2.99
CA SER B 31 -14.79 -6.63 -2.02
C SER B 31 -14.52 -7.99 -1.38
N TRP B 32 -14.23 -7.97 -0.07
CA TRP B 32 -13.78 -9.17 0.67
C TRP B 32 -14.97 -9.81 1.41
N ASN B 33 -15.26 -11.08 1.07
CA ASN B 33 -16.27 -11.92 1.75
C ASN B 33 -17.67 -11.26 1.77
N ASP B 34 -18.05 -10.68 0.61
CA ASP B 34 -19.36 -10.01 0.38
C ASP B 34 -19.51 -8.70 1.22
N ALA B 35 -18.40 -8.21 1.83
CA ALA B 35 -18.42 -7.02 2.70
C ALA B 35 -18.16 -5.74 1.88
N GLU B 36 -18.02 -4.61 2.61
CA GLU B 36 -17.67 -3.29 2.04
C GLU B 36 -16.43 -3.35 1.09
N PRO B 37 -16.60 -2.95 -0.22
CA PRO B 37 -15.46 -2.85 -1.17
C PRO B 37 -14.50 -1.73 -0.77
N LYS B 38 -13.19 -2.00 -0.85
CA LYS B 38 -12.15 -1.06 -0.44
C LYS B 38 -10.90 -1.22 -1.28
N TYR B 39 -9.94 -0.31 -1.06
CA TYR B 39 -8.72 -0.20 -1.85
C TYR B 39 -7.71 -1.25 -1.42
N ASP B 40 -7.29 -2.05 -2.38
CA ASP B 40 -6.43 -3.21 -2.15
C ASP B 40 -5.09 -2.96 -2.82
N ILE B 41 -3.97 -3.11 -2.09
CA ILE B 41 -2.62 -2.83 -2.63
C ILE B 41 -1.70 -4.00 -2.28
N ARG B 42 -1.22 -4.68 -3.33
CA ARG B 42 -0.40 -5.90 -3.20
C ARG B 42 0.14 -6.35 -4.54
N THR B 43 0.85 -7.50 -4.52
CA THR B 43 1.35 -8.14 -5.70
C THR B 43 0.43 -9.32 -6.00
N TRP B 44 -0.17 -9.33 -7.19
CA TRP B 44 -1.10 -10.35 -7.66
C TRP B 44 -0.45 -11.12 -8.80
N SER B 45 -0.97 -12.32 -9.08
CA SER B 45 -0.65 -13.06 -10.30
C SER B 45 -1.16 -12.29 -11.54
N PRO B 46 -0.64 -12.58 -12.77
CA PRO B 46 -1.26 -12.13 -14.04
C PRO B 46 -2.75 -12.57 -14.13
N ASP B 47 -3.08 -13.69 -13.46
CA ASP B 47 -4.45 -14.26 -13.43
C ASP B 47 -5.31 -13.61 -12.33
N HIS B 48 -4.68 -12.77 -11.46
CA HIS B 48 -5.35 -12.03 -10.37
C HIS B 48 -6.07 -12.94 -9.34
N GLU B 49 -5.74 -14.24 -9.32
CA GLU B 49 -6.36 -15.23 -8.41
C GLU B 49 -5.41 -15.57 -7.24
N LYS B 50 -4.13 -15.22 -7.42
CA LYS B 50 -3.07 -15.54 -6.46
C LYS B 50 -2.59 -14.23 -5.82
N MET B 51 -2.60 -14.20 -4.49
CA MET B 51 -2.24 -13.01 -3.71
C MET B 51 -1.04 -13.32 -2.80
N GLY B 52 -0.47 -12.26 -2.23
CA GLY B 52 0.64 -12.39 -1.27
C GLY B 52 0.76 -11.15 -0.42
N LYS B 53 2.00 -10.66 -0.24
CA LYS B 53 2.30 -9.49 0.62
C LYS B 53 1.52 -8.25 0.17
N GLY B 54 0.56 -7.80 1.01
CA GLY B 54 -0.25 -6.62 0.71
C GLY B 54 -1.32 -6.39 1.75
N ILE B 55 -2.01 -5.24 1.62
CA ILE B 55 -2.85 -4.69 2.69
C ILE B 55 -4.15 -4.06 2.09
N THR B 56 -5.20 -4.06 2.91
CA THR B 56 -6.50 -3.43 2.61
C THR B 56 -6.56 -2.03 3.26
N LEU B 57 -7.12 -1.07 2.52
CA LEU B 57 -7.24 0.34 2.90
C LEU B 57 -8.70 0.76 2.66
N SER B 58 -9.34 1.36 3.65
CA SER B 58 -10.71 1.88 3.51
C SER B 58 -10.62 3.33 2.98
N GLU B 59 -11.78 3.94 2.67
CA GLU B 59 -11.83 5.30 2.10
C GLU B 59 -11.19 6.37 3.02
N GLU B 60 -11.29 6.12 4.35
CA GLU B 60 -10.60 6.94 5.38
C GLU B 60 -9.07 6.88 5.19
N GLU B 61 -8.51 5.66 5.22
CA GLU B 61 -7.06 5.42 5.09
C GLU B 61 -6.53 6.00 3.78
N PHE B 62 -7.19 5.63 2.69
CA PHE B 62 -6.85 6.03 1.32
C PHE B 62 -6.97 7.55 1.13
N GLY B 63 -7.99 8.17 1.75
CA GLY B 63 -8.17 9.62 1.70
C GLY B 63 -7.01 10.38 2.35
N VAL B 64 -6.65 9.96 3.58
CA VAL B 64 -5.50 10.51 4.33
C VAL B 64 -4.20 10.33 3.52
N LEU B 65 -4.10 9.16 2.83
CA LEU B 65 -2.98 8.83 1.93
C LEU B 65 -2.88 9.88 0.79
N LEU B 66 -4.00 10.08 0.04
CA LEU B 66 -4.09 11.02 -1.11
C LEU B 66 -3.62 12.43 -0.71
N LYS B 67 -4.14 12.91 0.43
CA LYS B 67 -3.87 14.24 0.99
C LYS B 67 -2.37 14.43 1.29
N GLU B 68 -1.84 13.52 2.11
CA GLU B 68 -0.44 13.57 2.57
C GLU B 68 0.55 13.33 1.43
N LEU B 69 0.15 12.57 0.41
CA LEU B 69 0.99 12.33 -0.77
C LEU B 69 1.05 13.59 -1.63
N GLY B 70 -0.11 14.27 -1.78
CA GLY B 70 -0.20 15.54 -2.50
C GLY B 70 0.67 16.63 -1.87
N ASN B 71 0.81 16.56 -0.53
CA ASN B 71 1.74 17.41 0.23
C ASN B 71 3.20 17.06 -0.14
N LYS B 72 3.55 15.77 0.04
CA LYS B 72 4.87 15.20 -0.35
C LYS B 72 5.21 15.37 -1.86
N LEU B 73 4.22 15.70 -2.71
CA LEU B 73 4.45 16.02 -4.15
C LEU B 73 5.17 17.37 -4.32
N GLU B 74 5.10 18.21 -3.28
CA GLU B 74 5.80 19.51 -3.24
C GLU B 74 7.26 19.30 -2.83
N HIS B 75 7.45 18.46 -1.79
CA HIS B 75 8.78 18.16 -1.22
C HIS B 75 8.99 16.63 -1.21
N HIS B 76 9.70 16.15 -2.23
CA HIS B 76 10.16 14.74 -2.35
C HIS B 76 11.60 14.74 -2.87
N HIS B 77 12.45 13.85 -2.33
CA HIS B 77 13.91 13.87 -2.59
C HIS B 77 14.25 13.16 -3.93
N HIS B 78 13.78 13.76 -5.03
CA HIS B 78 14.19 13.39 -6.41
C HIS B 78 14.05 14.64 -7.33
N HIS B 79 13.71 15.79 -6.74
CA HIS B 79 13.76 17.10 -7.45
C HIS B 79 15.06 17.83 -7.06
N HIS B 80 16.08 17.05 -6.68
CA HIS B 80 17.22 17.52 -5.86
C HIS B 80 18.04 16.29 -5.42
N MET A 1 20.91 -14.99 -1.15
CA MET A 1 19.54 -14.91 -0.59
C MET A 1 19.55 -14.10 0.73
N ALA A 2 18.37 -13.94 1.34
CA ALA A 2 18.16 -13.16 2.56
C ALA A 2 17.16 -13.91 3.48
N ASP A 3 17.69 -14.70 4.41
CA ASP A 3 16.91 -15.62 5.26
C ASP A 3 16.11 -14.85 6.35
N LYS A 4 16.84 -14.28 7.33
CA LYS A 4 16.27 -13.45 8.40
C LYS A 4 16.72 -12.01 8.18
N LEU A 5 15.77 -11.08 8.05
CA LEU A 5 16.06 -9.70 7.59
C LEU A 5 16.51 -8.79 8.75
N LYS A 6 17.15 -7.68 8.37
CA LYS A 6 17.49 -6.55 9.24
C LYS A 6 16.65 -5.37 8.76
N PHE A 7 16.20 -4.47 9.64
CA PHE A 7 15.44 -3.28 9.21
C PHE A 7 15.74 -2.08 10.11
N GLU A 8 15.66 -0.87 9.53
CA GLU A 8 15.69 0.39 10.27
C GLU A 8 14.68 1.34 9.62
N ILE A 9 13.81 1.96 10.42
CA ILE A 9 12.82 2.92 9.90
C ILE A 9 13.52 4.24 9.58
N ILE A 10 13.63 4.52 8.29
CA ILE A 10 14.33 5.69 7.75
C ILE A 10 13.44 6.93 7.90
N GLU A 11 12.15 6.77 7.54
CA GLU A 11 11.18 7.87 7.59
C GLU A 11 9.76 7.31 7.86
N GLU A 12 8.93 8.08 8.57
CA GLU A 12 7.49 7.81 8.72
C GLU A 12 6.70 8.80 7.86
N LEU A 13 5.81 8.30 6.97
CA LEU A 13 5.14 9.15 5.96
C LEU A 13 3.70 9.47 6.35
N ILE A 14 2.88 8.43 6.53
CA ILE A 14 1.42 8.56 6.76
C ILE A 14 0.98 7.44 7.73
N VAL A 15 0.24 7.78 8.79
CA VAL A 15 -0.50 6.76 9.56
C VAL A 15 -1.95 6.71 9.02
N LEU A 16 -2.38 5.54 8.55
CA LEU A 16 -3.71 5.38 7.92
C LEU A 16 -4.77 5.01 8.96
N SER A 17 -4.32 4.35 10.07
CA SER A 17 -5.19 3.89 11.16
C SER A 17 -4.33 3.22 12.26
N GLU A 18 -4.89 3.20 13.47
CA GLU A 18 -4.22 2.75 14.70
C GLU A 18 -5.14 1.77 15.45
N ASN A 19 -4.57 0.72 16.04
CA ASN A 19 -5.37 -0.34 16.72
C ASN A 19 -5.54 0.04 18.20
N ALA A 20 -6.52 -0.56 18.89
CA ALA A 20 -6.65 -0.48 20.35
C ALA A 20 -5.36 -0.98 21.03
N LYS A 21 -4.84 -2.11 20.51
CA LYS A 21 -3.52 -2.69 20.91
C LYS A 21 -2.33 -1.83 20.38
N GLY A 22 -2.66 -0.87 19.52
CA GLY A 22 -1.75 0.16 19.02
C GLY A 22 -1.45 -0.02 17.54
N TRP A 23 -1.44 -1.30 17.08
CA TRP A 23 -0.96 -1.72 15.74
C TRP A 23 -1.41 -0.76 14.62
N ARG A 24 -0.45 0.01 14.07
CA ARG A 24 -0.74 1.08 13.11
C ARG A 24 -0.54 0.58 11.69
N LYS A 25 -1.62 0.56 10.89
CA LYS A 25 -1.51 0.27 9.46
C LYS A 25 -1.10 1.58 8.77
N GLU A 26 0.22 1.70 8.54
CA GLU A 26 0.84 2.96 8.12
C GLU A 26 1.72 2.76 6.87
N LEU A 27 2.03 3.90 6.23
CA LEU A 27 3.02 4.03 5.17
C LEU A 27 4.28 4.70 5.75
N ASN A 28 5.40 4.01 5.64
CA ASN A 28 6.71 4.48 6.09
C ASN A 28 7.77 4.09 5.04
N ARG A 29 9.05 4.43 5.33
CA ARG A 29 10.22 4.00 4.58
C ARG A 29 11.18 3.29 5.53
N VAL A 30 11.61 2.07 5.16
CA VAL A 30 12.56 1.24 5.93
C VAL A 30 13.74 0.82 5.03
N SER A 31 14.93 0.65 5.65
CA SER A 31 16.12 0.12 4.99
C SER A 31 16.27 -1.33 5.43
N TRP A 32 16.33 -2.26 4.47
CA TRP A 32 16.38 -3.70 4.73
C TRP A 32 17.80 -4.22 4.44
N ASN A 33 18.42 -4.84 5.47
CA ASN A 33 19.74 -5.50 5.39
C ASN A 33 20.87 -4.52 4.98
N ASP A 34 20.80 -3.28 5.52
CA ASP A 34 21.77 -2.19 5.23
C ASP A 34 21.79 -1.81 3.73
N ALA A 35 20.73 -2.19 2.99
CA ALA A 35 20.63 -1.96 1.53
C ALA A 35 19.72 -0.74 1.27
N GLU A 36 19.23 -0.61 0.02
CA GLU A 36 18.31 0.47 -0.41
C GLU A 36 17.13 0.68 0.60
N PRO A 37 16.88 1.95 1.04
CA PRO A 37 15.63 2.31 1.74
C PRO A 37 14.45 2.31 0.74
N LYS A 38 13.35 1.68 1.11
CA LYS A 38 12.17 1.54 0.26
C LYS A 38 10.92 1.80 1.10
N TYR A 39 9.78 1.91 0.44
CA TYR A 39 8.50 2.20 1.09
C TYR A 39 7.85 0.90 1.59
N ASP A 40 7.31 0.97 2.80
CA ASP A 40 6.55 -0.12 3.43
C ASP A 40 5.15 0.40 3.74
N ILE A 41 4.13 -0.36 3.34
CA ILE A 41 2.73 -0.03 3.64
C ILE A 41 2.10 -1.30 4.24
N ARG A 42 2.04 -1.29 5.57
CA ARG A 42 1.74 -2.46 6.40
C ARG A 42 1.37 -2.05 7.80
N THR A 43 0.95 -3.04 8.62
CA THR A 43 0.55 -2.83 9.99
C THR A 43 1.74 -3.19 10.88
N TRP A 44 2.20 -2.24 11.67
CA TRP A 44 3.35 -2.39 12.56
C TRP A 44 2.88 -2.34 14.02
N SER A 45 3.68 -2.90 14.92
CA SER A 45 3.52 -2.71 16.36
C SER A 45 3.89 -1.25 16.74
N PRO A 46 3.28 -0.65 17.81
CA PRO A 46 3.65 0.71 18.30
C PRO A 46 5.15 0.80 18.68
N ASP A 47 5.68 -0.31 19.26
CA ASP A 47 7.13 -0.43 19.59
C ASP A 47 7.95 -0.85 18.36
N HIS A 48 7.25 -1.18 17.26
CA HIS A 48 7.83 -1.69 15.98
C HIS A 48 8.67 -2.97 16.19
N GLU A 49 8.30 -3.72 17.24
CA GLU A 49 8.90 -5.02 17.59
C GLU A 49 8.40 -6.10 16.60
N LYS A 50 7.21 -5.87 16.01
CA LYS A 50 6.58 -6.80 15.04
C LYS A 50 5.95 -6.02 13.88
N MET A 51 5.43 -6.78 12.92
CA MET A 51 4.89 -6.30 11.64
C MET A 51 3.77 -7.27 11.19
N GLY A 52 3.02 -6.88 10.16
CA GLY A 52 1.90 -7.70 9.68
C GLY A 52 1.54 -7.41 8.23
N LYS A 53 0.25 -7.63 7.87
CA LYS A 53 -0.24 -7.57 6.48
C LYS A 53 0.18 -6.27 5.77
N GLY A 54 0.93 -6.39 4.66
CA GLY A 54 1.34 -5.26 3.88
C GLY A 54 2.37 -5.63 2.81
N ILE A 55 2.90 -4.60 2.13
CA ILE A 55 3.73 -4.78 0.93
C ILE A 55 4.86 -3.74 0.88
N THR A 56 5.99 -4.14 0.28
CA THR A 56 7.17 -3.28 0.05
C THR A 56 7.08 -2.68 -1.38
N LEU A 57 7.51 -1.42 -1.53
CA LEU A 57 7.44 -0.66 -2.78
C LEU A 57 8.79 0.05 -3.03
N SER A 58 9.18 0.13 -4.30
CA SER A 58 10.39 0.85 -4.72
C SER A 58 10.04 2.32 -5.03
N GLU A 59 11.06 3.20 -5.16
CA GLU A 59 10.84 4.63 -5.45
C GLU A 59 10.18 4.84 -6.84
N GLU A 60 10.53 3.96 -7.80
CA GLU A 60 9.90 3.91 -9.14
C GLU A 60 8.39 3.66 -9.02
N GLU A 61 8.05 2.53 -8.39
CA GLU A 61 6.68 2.00 -8.30
C GLU A 61 5.77 2.93 -7.49
N PHE A 62 6.31 3.41 -6.37
CA PHE A 62 5.64 4.37 -5.48
C PHE A 62 5.48 5.73 -6.19
N GLY A 63 6.49 6.12 -7.00
CA GLY A 63 6.38 7.31 -7.84
C GLY A 63 5.22 7.23 -8.82
N VAL A 64 5.06 6.04 -9.44
CA VAL A 64 3.93 5.74 -10.34
C VAL A 64 2.60 5.84 -9.57
N LEU A 65 2.60 5.36 -8.30
CA LEU A 65 1.44 5.46 -7.40
C LEU A 65 1.04 6.94 -7.23
N LEU A 66 2.05 7.79 -6.90
CA LEU A 66 1.86 9.25 -6.69
C LEU A 66 1.28 9.93 -7.95
N LYS A 67 1.81 9.54 -9.12
CA LYS A 67 1.44 10.09 -10.44
C LYS A 67 -0.05 9.83 -10.74
N GLU A 68 -0.42 8.56 -10.70
CA GLU A 68 -1.75 8.11 -11.12
C GLU A 68 -2.83 8.47 -10.07
N LEU A 69 -2.43 8.52 -8.78
CA LEU A 69 -3.31 9.04 -7.70
C LEU A 69 -3.52 10.54 -7.90
N GLY A 70 -2.44 11.25 -8.25
CA GLY A 70 -2.50 12.70 -8.52
C GLY A 70 -3.47 13.04 -9.66
N ASN A 71 -3.52 12.13 -10.65
CA ASN A 71 -4.50 12.20 -11.77
C ASN A 71 -5.94 12.03 -11.23
N LYS A 72 -6.15 10.92 -10.48
CA LYS A 72 -7.41 10.66 -9.72
C LYS A 72 -7.84 11.85 -8.81
N LEU A 73 -6.85 12.62 -8.29
CA LEU A 73 -7.10 13.79 -7.42
C LEU A 73 -7.44 15.06 -8.22
N GLU A 74 -7.37 14.96 -9.57
CA GLU A 74 -7.92 16.02 -10.49
C GLU A 74 -9.42 15.78 -10.75
N HIS A 75 -10.03 14.93 -9.92
CA HIS A 75 -11.46 14.59 -9.97
C HIS A 75 -11.97 14.85 -8.55
N HIS A 76 -12.09 16.16 -8.22
CA HIS A 76 -12.41 16.64 -6.87
C HIS A 76 -13.76 16.08 -6.40
N HIS A 77 -13.68 15.06 -5.53
CA HIS A 77 -14.83 14.34 -4.99
C HIS A 77 -14.93 14.59 -3.47
N HIS A 78 -16.14 14.94 -3.01
CA HIS A 78 -16.42 15.11 -1.57
C HIS A 78 -16.42 13.73 -0.90
N HIS A 79 -15.93 13.68 0.36
CA HIS A 79 -15.70 12.42 1.09
C HIS A 79 -16.92 12.02 1.94
N HIS A 80 -18.07 11.90 1.25
CA HIS A 80 -19.34 11.39 1.81
C HIS A 80 -19.17 9.99 2.46
N MET B 1 -15.92 -11.55 9.26
CA MET B 1 -15.44 -12.77 9.94
C MET B 1 -15.94 -14.01 9.19
N ALA B 2 -15.00 -14.76 8.58
CA ALA B 2 -15.29 -16.02 7.84
C ALA B 2 -14.03 -16.91 7.78
N ASP B 3 -14.23 -18.26 7.73
CA ASP B 3 -13.12 -19.23 7.57
C ASP B 3 -12.48 -19.07 6.18
N LYS B 4 -13.27 -19.33 5.13
CA LYS B 4 -12.88 -19.04 3.75
C LYS B 4 -13.27 -17.59 3.45
N LEU B 5 -12.35 -16.82 2.87
CA LEU B 5 -12.66 -15.48 2.37
C LEU B 5 -12.84 -15.55 0.85
N LYS B 6 -13.57 -14.58 0.31
CA LYS B 6 -13.79 -14.45 -1.14
C LYS B 6 -13.29 -13.07 -1.57
N PHE B 7 -13.05 -12.87 -2.88
CA PHE B 7 -12.69 -11.57 -3.45
C PHE B 7 -13.35 -11.41 -4.81
N GLU B 8 -13.65 -10.17 -5.21
CA GLU B 8 -13.97 -9.84 -6.60
C GLU B 8 -13.40 -8.45 -6.91
N ILE B 9 -12.74 -8.32 -8.06
CA ILE B 9 -12.14 -7.06 -8.50
C ILE B 9 -13.23 -6.17 -9.10
N ILE B 10 -13.55 -5.11 -8.37
CA ILE B 10 -14.56 -4.13 -8.76
C ILE B 10 -13.93 -3.11 -9.72
N GLU B 11 -12.65 -2.76 -9.45
CA GLU B 11 -11.90 -1.80 -10.27
C GLU B 11 -10.40 -2.14 -10.23
N GLU B 12 -9.67 -1.81 -11.31
CA GLU B 12 -8.18 -1.75 -11.32
C GLU B 12 -7.77 -0.27 -11.37
N LEU B 13 -6.97 0.18 -10.39
CA LEU B 13 -6.64 1.61 -10.24
C LEU B 13 -5.28 1.93 -10.88
N ILE B 14 -4.21 1.29 -10.38
CA ILE B 14 -2.81 1.60 -10.78
C ILE B 14 -2.00 0.29 -10.79
N VAL B 15 -1.33 -0.01 -11.90
CA VAL B 15 -0.34 -1.12 -11.95
C VAL B 15 1.04 -0.54 -11.60
N LEU B 16 1.62 -0.98 -10.47
CA LEU B 16 2.87 -0.41 -9.94
C LEU B 16 4.10 -1.11 -10.54
N SER B 17 3.92 -2.41 -10.89
CA SER B 17 4.97 -3.25 -11.50
C SER B 17 4.44 -4.68 -11.75
N GLU B 18 5.21 -5.42 -12.55
CA GLU B 18 4.93 -6.79 -13.01
C GLU B 18 6.16 -7.65 -12.68
N ASN B 19 5.97 -8.81 -12.03
CA ASN B 19 7.11 -9.59 -11.48
C ASN B 19 7.83 -10.39 -12.59
N ALA B 20 9.01 -10.93 -12.26
CA ALA B 20 9.72 -11.90 -13.11
C ALA B 20 8.95 -13.23 -13.22
N LYS B 21 7.98 -13.45 -12.29
CA LYS B 21 7.03 -14.58 -12.34
C LYS B 21 5.65 -14.08 -12.85
N GLY B 22 5.61 -12.78 -13.18
CA GLY B 22 4.45 -12.09 -13.73
C GLY B 22 3.70 -11.29 -12.67
N TRP B 23 3.74 -11.80 -11.41
CA TRP B 23 2.95 -11.30 -10.27
C TRP B 23 2.93 -9.75 -10.21
N ARG B 24 1.76 -9.18 -10.48
CA ARG B 24 1.59 -7.73 -10.67
C ARG B 24 1.26 -7.10 -9.34
N LYS B 25 2.17 -6.26 -8.84
CA LYS B 25 1.95 -5.52 -7.62
C LYS B 25 1.23 -4.22 -7.98
N GLU B 26 -0.04 -4.15 -7.61
CA GLU B 26 -0.93 -3.08 -8.04
C GLU B 26 -1.89 -2.63 -6.92
N LEU B 27 -2.47 -1.46 -7.16
CA LEU B 27 -3.57 -0.89 -6.42
C LEU B 27 -4.86 -1.11 -7.25
N ASN B 28 -5.81 -1.83 -6.68
CA ASN B 28 -7.10 -2.13 -7.32
C ASN B 28 -8.20 -2.16 -6.24
N ARG B 29 -9.46 -2.02 -6.61
CA ARG B 29 -10.59 -2.06 -5.66
C ARG B 29 -11.20 -3.46 -5.69
N VAL B 30 -11.37 -4.04 -4.50
CA VAL B 30 -11.94 -5.39 -4.32
C VAL B 30 -13.15 -5.33 -3.36
N SER B 31 -14.19 -6.11 -3.69
CA SER B 31 -15.28 -6.44 -2.77
C SER B 31 -14.89 -7.79 -2.13
N TRP B 32 -14.56 -7.75 -0.84
CA TRP B 32 -14.10 -8.92 -0.10
C TRP B 32 -15.31 -9.62 0.51
N ASN B 33 -15.47 -10.92 0.19
CA ASN B 33 -16.54 -11.79 0.73
C ASN B 33 -17.92 -11.36 0.22
N ASP B 34 -17.94 -10.76 -0.99
CA ASP B 34 -19.13 -10.06 -1.57
C ASP B 34 -19.70 -9.00 -0.61
N ALA B 35 -18.80 -8.31 0.10
CA ALA B 35 -19.14 -7.18 0.98
C ALA B 35 -18.76 -5.85 0.29
N GLU B 36 -18.70 -4.76 1.07
CA GLU B 36 -18.38 -3.40 0.58
C GLU B 36 -17.12 -3.36 -0.34
N PRO B 37 -17.21 -2.75 -1.55
CA PRO B 37 -16.03 -2.48 -2.39
C PRO B 37 -15.12 -1.42 -1.74
N LYS B 38 -13.89 -1.82 -1.44
CA LYS B 38 -12.89 -0.96 -0.77
C LYS B 38 -11.55 -1.14 -1.49
N TYR B 39 -10.60 -0.25 -1.19
CA TYR B 39 -9.35 -0.13 -1.93
C TYR B 39 -8.33 -1.16 -1.43
N ASP B 40 -7.69 -1.85 -2.36
CA ASP B 40 -6.78 -2.97 -2.05
C ASP B 40 -5.43 -2.73 -2.72
N ILE B 41 -4.33 -2.98 -2.00
CA ILE B 41 -2.96 -2.80 -2.54
C ILE B 41 -2.09 -3.99 -2.14
N ARG B 42 -1.66 -4.75 -3.15
CA ARG B 42 -0.90 -6.00 -2.96
C ARG B 42 -0.34 -6.49 -4.27
N THR B 43 0.32 -7.66 -4.22
CA THR B 43 0.82 -8.34 -5.38
C THR B 43 -0.18 -9.47 -5.70
N TRP B 44 -0.69 -9.45 -6.92
CA TRP B 44 -1.60 -10.47 -7.45
C TRP B 44 -0.87 -11.22 -8.56
N SER B 45 -1.50 -12.26 -9.09
CA SER B 45 -1.06 -12.86 -10.37
C SER B 45 -1.55 -11.99 -11.56
N PRO B 46 -0.94 -12.12 -12.80
CA PRO B 46 -1.41 -11.42 -14.02
C PRO B 46 -2.91 -11.68 -14.32
N ASP B 47 -3.36 -12.94 -14.10
CA ASP B 47 -4.80 -13.31 -14.25
C ASP B 47 -5.60 -13.00 -12.97
N HIS B 48 -4.89 -12.59 -11.88
CA HIS B 48 -5.48 -12.24 -10.56
C HIS B 48 -6.13 -13.44 -9.85
N GLU B 49 -5.71 -14.65 -10.24
CA GLU B 49 -6.18 -15.92 -9.66
C GLU B 49 -5.53 -16.17 -8.28
N LYS B 50 -4.41 -15.46 -8.01
CA LYS B 50 -3.65 -15.57 -6.75
C LYS B 50 -3.38 -14.18 -6.19
N MET B 51 -3.12 -14.14 -4.87
CA MET B 51 -2.82 -12.92 -4.11
C MET B 51 -1.60 -13.16 -3.22
N GLY B 52 -1.06 -12.09 -2.63
CA GLY B 52 0.09 -12.22 -1.73
C GLY B 52 0.23 -11.04 -0.79
N LYS B 53 1.49 -10.65 -0.52
CA LYS B 53 1.81 -9.61 0.47
C LYS B 53 1.17 -8.28 0.09
N GLY B 54 0.31 -7.78 0.99
CA GLY B 54 -0.39 -6.53 0.80
C GLY B 54 -1.42 -6.31 1.89
N ILE B 55 -2.19 -5.25 1.73
CA ILE B 55 -3.07 -4.73 2.75
C ILE B 55 -4.30 -4.07 2.10
N THR B 56 -5.43 -4.14 2.78
CA THR B 56 -6.69 -3.54 2.33
C THR B 56 -6.92 -2.24 3.11
N LEU B 57 -7.59 -1.29 2.46
CA LEU B 57 -7.82 0.07 2.94
C LEU B 57 -9.30 0.39 2.74
N SER B 58 -9.91 1.02 3.73
CA SER B 58 -11.29 1.49 3.67
C SER B 58 -11.29 2.89 3.04
N GLU B 59 -12.48 3.40 2.67
CA GLU B 59 -12.63 4.69 1.96
C GLU B 59 -11.92 5.86 2.69
N GLU B 60 -12.06 5.91 4.02
CA GLU B 60 -11.48 6.99 4.84
C GLU B 60 -9.94 6.81 5.03
N GLU B 61 -9.47 5.55 5.14
CA GLU B 61 -8.03 5.24 5.33
C GLU B 61 -7.23 5.58 4.05
N PHE B 62 -7.75 5.08 2.93
CA PHE B 62 -7.24 5.42 1.59
C PHE B 62 -7.40 6.93 1.33
N GLY B 63 -8.48 7.53 1.90
CA GLY B 63 -8.65 8.97 1.90
C GLY B 63 -7.47 9.70 2.52
N VAL B 64 -7.03 9.24 3.72
CA VAL B 64 -5.85 9.78 4.42
C VAL B 64 -4.58 9.64 3.56
N LEU B 65 -4.46 8.47 2.86
CA LEU B 65 -3.33 8.20 1.96
C LEU B 65 -3.28 9.25 0.84
N LEU B 66 -4.42 9.46 0.15
CA LEU B 66 -4.57 10.45 -0.95
C LEU B 66 -4.26 11.88 -0.48
N LYS B 67 -4.74 12.21 0.73
CA LYS B 67 -4.57 13.54 1.34
C LYS B 67 -3.09 13.87 1.51
N GLU B 68 -2.40 12.99 2.23
CA GLU B 68 -1.01 13.23 2.64
C GLU B 68 -0.03 13.01 1.48
N LEU B 69 -0.36 12.11 0.53
CA LEU B 69 0.45 11.95 -0.71
C LEU B 69 0.28 13.18 -1.61
N GLY B 70 -0.96 13.67 -1.69
CA GLY B 70 -1.29 14.88 -2.44
C GLY B 70 -0.59 16.13 -1.88
N ASN B 71 -0.39 16.13 -0.54
CA ASN B 71 0.48 17.12 0.14
C ASN B 71 1.91 16.96 -0.36
N LYS B 72 2.46 15.74 -0.10
CA LYS B 72 3.81 15.29 -0.55
C LYS B 72 4.12 15.50 -2.05
N LEU B 73 3.09 15.73 -2.89
CA LEU B 73 3.28 16.11 -4.32
C LEU B 73 3.79 17.57 -4.48
N GLU B 74 4.02 18.26 -3.34
CA GLU B 74 4.76 19.54 -3.25
C GLU B 74 6.24 19.35 -3.61
N HIS B 75 6.68 18.07 -3.62
CA HIS B 75 8.08 17.70 -3.79
C HIS B 75 8.33 17.44 -5.28
N HIS B 76 8.35 18.54 -6.06
CA HIS B 76 8.81 18.52 -7.45
C HIS B 76 10.34 18.36 -7.44
N HIS B 77 10.78 17.11 -7.51
CA HIS B 77 12.18 16.73 -7.29
C HIS B 77 12.87 16.33 -8.60
N HIS B 78 14.21 16.45 -8.62
CA HIS B 78 15.03 16.12 -9.79
C HIS B 78 15.28 14.61 -9.86
N HIS B 79 14.37 13.90 -10.55
CA HIS B 79 14.47 12.45 -10.79
C HIS B 79 13.58 12.08 -11.98
N HIS B 80 14.12 11.24 -12.88
CA HIS B 80 13.37 10.73 -14.05
C HIS B 80 12.22 9.81 -13.61
N MET A 1 12.44 -14.25 -0.48
CA MET A 1 12.90 -15.66 -0.27
C MET A 1 13.90 -15.76 0.89
N ALA A 2 14.37 -14.62 1.41
CA ALA A 2 15.21 -14.56 2.61
C ALA A 2 14.33 -14.85 3.85
N ASP A 3 14.75 -15.84 4.67
CA ASP A 3 13.99 -16.26 5.88
C ASP A 3 13.94 -15.12 6.90
N LYS A 4 15.10 -14.78 7.48
CA LYS A 4 15.24 -13.65 8.39
C LYS A 4 15.36 -12.34 7.59
N LEU A 5 14.31 -11.52 7.57
CA LEU A 5 14.40 -10.14 7.08
C LEU A 5 14.81 -9.25 8.24
N LYS A 6 15.63 -8.26 7.92
CA LYS A 6 16.04 -7.21 8.85
C LYS A 6 15.39 -5.94 8.34
N PHE A 7 15.05 -5.01 9.23
CA PHE A 7 14.40 -3.75 8.86
C PHE A 7 14.90 -2.64 9.77
N GLU A 8 15.11 -1.46 9.20
CA GLU A 8 15.41 -0.24 9.94
C GLU A 8 14.57 0.87 9.33
N ILE A 9 13.80 1.56 10.16
CA ILE A 9 12.89 2.61 9.70
C ILE A 9 13.70 3.90 9.56
N ILE A 10 13.81 4.34 8.31
CA ILE A 10 14.58 5.53 7.92
C ILE A 10 13.75 6.79 8.20
N GLU A 11 12.43 6.67 8.01
CA GLU A 11 11.47 7.78 8.15
C GLU A 11 10.04 7.23 8.28
N GLU A 12 9.14 8.03 8.86
CA GLU A 12 7.67 7.77 8.88
C GLU A 12 6.94 8.87 8.07
N LEU A 13 5.91 8.48 7.28
CA LEU A 13 5.24 9.40 6.32
C LEU A 13 3.79 9.72 6.73
N ILE A 14 2.93 8.67 6.77
CA ILE A 14 1.46 8.83 6.87
C ILE A 14 0.86 7.68 7.71
N VAL A 15 0.28 7.98 8.89
CA VAL A 15 -0.44 6.94 9.69
C VAL A 15 -1.90 6.88 9.21
N LEU A 16 -2.35 5.69 8.80
CA LEU A 16 -3.67 5.47 8.18
C LEU A 16 -4.71 5.04 9.22
N SER A 17 -4.27 4.31 10.27
CA SER A 17 -5.17 3.77 11.32
C SER A 17 -4.36 3.11 12.47
N GLU A 18 -5.03 3.02 13.63
CA GLU A 18 -4.49 2.42 14.89
C GLU A 18 -5.53 1.43 15.45
N ASN A 19 -5.09 0.20 15.82
CA ASN A 19 -6.02 -0.91 16.19
C ASN A 19 -6.40 -0.80 17.69
N ALA A 20 -7.46 -1.52 18.13
CA ALA A 20 -7.79 -1.71 19.56
C ALA A 20 -6.72 -2.56 20.28
N LYS A 21 -5.93 -3.33 19.50
CA LYS A 21 -4.72 -4.05 20.00
C LYS A 21 -3.49 -3.12 19.90
N GLY A 22 -3.70 -1.97 19.23
CA GLY A 22 -2.72 -0.91 19.02
C GLY A 22 -2.21 -0.88 17.59
N TRP A 23 -2.15 -2.07 16.95
CA TRP A 23 -1.47 -2.30 15.66
C TRP A 23 -1.81 -1.21 14.60
N ARG A 24 -0.79 -0.43 14.22
CA ARG A 24 -0.95 0.77 13.40
C ARG A 24 -0.61 0.43 11.95
N LYS A 25 -1.59 0.58 11.03
CA LYS A 25 -1.31 0.44 9.60
C LYS A 25 -0.96 1.82 9.04
N GLU A 26 0.30 1.94 8.62
CA GLU A 26 0.89 3.20 8.17
C GLU A 26 1.82 3.00 6.97
N LEU A 27 2.23 4.14 6.42
CA LEU A 27 3.22 4.27 5.36
C LEU A 27 4.46 4.93 5.97
N ASN A 28 5.57 4.19 5.98
CA ASN A 28 6.86 4.65 6.49
C ASN A 28 7.97 4.20 5.55
N ARG A 29 9.11 4.91 5.53
CA ARG A 29 10.25 4.55 4.70
C ARG A 29 11.17 3.64 5.52
N VAL A 30 11.41 2.43 4.99
CA VAL A 30 12.19 1.37 5.63
C VAL A 30 13.32 0.89 4.68
N SER A 31 14.41 0.40 5.30
CA SER A 31 15.52 -0.29 4.62
C SER A 31 15.43 -1.76 5.06
N TRP A 32 15.27 -2.69 4.09
CA TRP A 32 15.16 -4.13 4.37
C TRP A 32 16.48 -4.82 4.01
N ASN A 33 17.14 -5.42 5.02
CA ASN A 33 18.42 -6.15 4.87
C ASN A 33 19.51 -5.25 4.23
N ASP A 34 19.54 -3.96 4.68
CA ASP A 34 20.49 -2.91 4.22
C ASP A 34 20.27 -2.51 2.74
N ALA A 35 19.08 -2.78 2.18
CA ALA A 35 18.77 -2.45 0.77
C ALA A 35 18.44 -0.96 0.60
N GLU A 36 18.40 -0.51 -0.68
CA GLU A 36 18.04 0.88 -1.07
C GLU A 36 16.76 1.37 -0.34
N PRO A 37 16.86 2.48 0.49
CA PRO A 37 15.74 2.96 1.36
C PRO A 37 14.49 3.31 0.52
N LYS A 38 13.37 2.66 0.85
CA LYS A 38 12.16 2.68 0.00
C LYS A 38 10.92 2.75 0.89
N TYR A 39 9.76 2.86 0.25
CA TYR A 39 8.48 3.11 0.92
C TYR A 39 7.85 1.78 1.34
N ASP A 40 7.30 1.75 2.53
CA ASP A 40 6.69 0.54 3.13
C ASP A 40 5.31 0.87 3.67
N ILE A 41 4.32 0.02 3.38
CA ILE A 41 2.92 0.22 3.80
C ILE A 41 2.40 -1.11 4.39
N ARG A 42 2.28 -1.10 5.71
CA ARG A 42 2.09 -2.34 6.51
C ARG A 42 1.42 -2.02 7.84
N THR A 43 0.90 -3.05 8.53
CA THR A 43 0.36 -2.91 9.86
C THR A 43 1.43 -3.44 10.83
N TRP A 44 1.92 -2.55 11.68
CA TRP A 44 2.98 -2.84 12.64
C TRP A 44 2.42 -2.72 14.07
N SER A 45 3.25 -2.99 15.06
CA SER A 45 2.95 -2.67 16.46
C SER A 45 3.30 -1.17 16.73
N PRO A 46 2.84 -0.55 17.88
CA PRO A 46 3.27 0.82 18.29
C PRO A 46 4.83 0.98 18.31
N ASP A 47 5.51 -0.02 18.93
CA ASP A 47 6.98 -0.03 19.06
C ASP A 47 7.67 -0.52 17.76
N HIS A 48 6.86 -0.96 16.75
CA HIS A 48 7.36 -1.48 15.45
C HIS A 48 8.19 -2.77 15.62
N GLU A 49 7.96 -3.47 16.74
CA GLU A 49 8.60 -4.76 17.06
C GLU A 49 7.93 -5.90 16.28
N LYS A 50 6.63 -5.73 15.99
CA LYS A 50 5.79 -6.73 15.33
C LYS A 50 5.29 -6.18 13.99
N MET A 51 4.99 -7.08 13.06
CA MET A 51 4.54 -6.74 11.70
C MET A 51 3.62 -7.84 11.15
N GLY A 52 2.91 -7.52 10.05
CA GLY A 52 1.97 -8.44 9.43
C GLY A 52 1.69 -8.08 7.97
N LYS A 53 0.39 -8.07 7.59
CA LYS A 53 -0.06 -7.75 6.21
C LYS A 53 0.46 -6.37 5.77
N GLY A 54 1.31 -6.37 4.74
CA GLY A 54 1.83 -5.15 4.15
C GLY A 54 2.78 -5.44 3.01
N ILE A 55 3.15 -4.40 2.27
CA ILE A 55 3.93 -4.51 1.02
C ILE A 55 4.97 -3.38 0.97
N THR A 56 6.13 -3.66 0.37
CA THR A 56 7.19 -2.68 0.16
C THR A 56 7.16 -2.23 -1.31
N LEU A 57 7.35 -0.93 -1.52
CA LEU A 57 7.22 -0.25 -2.81
C LEU A 57 8.52 0.50 -3.06
N SER A 58 9.07 0.34 -4.25
CA SER A 58 10.31 0.97 -4.67
C SER A 58 9.97 2.38 -5.18
N GLU A 59 10.99 3.25 -5.26
CA GLU A 59 10.81 4.68 -5.55
C GLU A 59 10.14 4.91 -6.92
N GLU A 60 10.46 4.03 -7.89
CA GLU A 60 9.82 3.98 -9.23
C GLU A 60 8.32 3.61 -9.15
N GLU A 61 8.05 2.50 -8.43
CA GLU A 61 6.68 1.91 -8.32
C GLU A 61 5.73 2.87 -7.59
N PHE A 62 6.20 3.32 -6.42
CA PHE A 62 5.51 4.30 -5.58
C PHE A 62 5.43 5.66 -6.29
N GLY A 63 6.44 6.00 -7.13
CA GLY A 63 6.39 7.19 -7.97
C GLY A 63 5.24 7.16 -8.98
N VAL A 64 5.05 5.98 -9.63
CA VAL A 64 3.92 5.73 -10.53
C VAL A 64 2.59 5.87 -9.77
N LEU A 65 2.57 5.36 -8.50
CA LEU A 65 1.41 5.46 -7.60
C LEU A 65 1.05 6.95 -7.37
N LEU A 66 2.08 7.77 -7.01
CA LEU A 66 1.94 9.22 -6.76
C LEU A 66 1.35 9.97 -7.97
N LYS A 67 1.90 9.67 -9.16
CA LYS A 67 1.49 10.25 -10.44
C LYS A 67 0.00 9.99 -10.72
N GLU A 68 -0.35 8.71 -10.72
CA GLU A 68 -1.69 8.26 -11.13
C GLU A 68 -2.74 8.59 -10.06
N LEU A 69 -2.33 8.64 -8.77
CA LEU A 69 -3.21 9.12 -7.68
C LEU A 69 -3.47 10.62 -7.83
N GLY A 70 -2.40 11.37 -8.20
CA GLY A 70 -2.50 12.81 -8.48
C GLY A 70 -3.49 13.11 -9.61
N ASN A 71 -3.52 12.21 -10.60
CA ASN A 71 -4.50 12.25 -11.71
C ASN A 71 -5.92 11.94 -11.18
N LYS A 72 -6.03 10.79 -10.48
CA LYS A 72 -7.25 10.37 -9.72
C LYS A 72 -7.76 11.42 -8.69
N LEU A 73 -6.92 12.44 -8.33
CA LEU A 73 -7.37 13.54 -7.43
C LEU A 73 -8.30 14.53 -8.15
N GLU A 74 -8.37 14.43 -9.50
CA GLU A 74 -9.40 15.13 -10.31
C GLU A 74 -10.78 14.44 -10.14
N HIS A 75 -10.76 13.25 -9.52
CA HIS A 75 -11.98 12.45 -9.21
C HIS A 75 -12.27 12.51 -7.70
N HIS A 76 -11.89 13.64 -7.05
CA HIS A 76 -12.32 13.94 -5.68
C HIS A 76 -13.87 14.14 -5.68
N HIS A 77 -14.54 13.68 -4.61
CA HIS A 77 -16.02 13.51 -4.61
C HIS A 77 -16.78 14.84 -4.77
N HIS A 78 -16.19 15.95 -4.30
CA HIS A 78 -16.80 17.30 -4.40
C HIS A 78 -16.39 17.92 -5.76
N HIS A 79 -16.93 17.36 -6.85
CA HIS A 79 -16.57 17.75 -8.22
C HIS A 79 -17.06 19.18 -8.52
N HIS A 80 -16.10 20.07 -8.77
CA HIS A 80 -16.37 21.47 -9.14
C HIS A 80 -15.23 21.97 -10.06
N MET B 1 -9.66 -13.79 10.87
CA MET B 1 -10.92 -13.69 11.65
C MET B 1 -11.89 -14.81 11.24
N ALA B 2 -12.24 -14.88 9.94
CA ALA B 2 -13.13 -15.92 9.38
C ALA B 2 -12.30 -17.15 8.93
N ASP B 3 -13.01 -18.29 8.76
CA ASP B 3 -12.45 -19.56 8.18
C ASP B 3 -12.59 -19.60 6.64
N LYS B 4 -13.07 -18.49 6.07
CA LYS B 4 -13.38 -18.34 4.65
C LYS B 4 -13.14 -16.88 4.27
N LEU B 5 -12.40 -16.65 3.18
CA LEU B 5 -12.25 -15.33 2.56
C LEU B 5 -12.48 -15.46 1.05
N LYS B 6 -13.27 -14.55 0.51
CA LYS B 6 -13.55 -14.44 -0.92
C LYS B 6 -13.06 -13.07 -1.37
N PHE B 7 -12.71 -12.92 -2.64
CA PHE B 7 -12.25 -11.65 -3.21
C PHE B 7 -12.84 -11.51 -4.62
N GLU B 8 -13.34 -10.31 -4.96
CA GLU B 8 -13.75 -10.00 -6.34
C GLU B 8 -13.19 -8.63 -6.68
N ILE B 9 -12.51 -8.52 -7.82
CA ILE B 9 -11.92 -7.26 -8.27
C ILE B 9 -13.04 -6.43 -8.89
N ILE B 10 -13.45 -5.40 -8.16
CA ILE B 10 -14.53 -4.49 -8.53
C ILE B 10 -14.00 -3.51 -9.59
N GLU B 11 -12.70 -3.16 -9.46
CA GLU B 11 -12.01 -2.26 -10.40
C GLU B 11 -10.48 -2.39 -10.22
N GLU B 12 -9.73 -2.07 -11.29
CA GLU B 12 -8.25 -1.97 -11.26
C GLU B 12 -7.88 -0.50 -11.45
N LEU B 13 -7.06 0.05 -10.52
CA LEU B 13 -6.80 1.51 -10.47
C LEU B 13 -5.45 1.83 -11.14
N ILE B 14 -4.37 1.26 -10.59
CA ILE B 14 -2.99 1.60 -10.97
C ILE B 14 -2.14 0.31 -10.91
N VAL B 15 -1.45 -0.04 -12.00
CA VAL B 15 -0.38 -1.06 -11.96
C VAL B 15 0.96 -0.32 -11.85
N LEU B 16 1.72 -0.68 -10.79
CA LEU B 16 2.98 -0.01 -10.44
C LEU B 16 4.16 -0.69 -11.16
N SER B 17 4.03 -2.02 -11.34
CA SER B 17 5.12 -2.90 -11.76
C SER B 17 4.61 -4.34 -12.00
N GLU B 18 5.39 -5.12 -12.75
CA GLU B 18 5.08 -6.51 -13.15
C GLU B 18 6.36 -7.37 -13.01
N ASN B 19 6.21 -8.60 -12.48
CA ASN B 19 7.40 -9.44 -12.09
C ASN B 19 7.85 -10.33 -13.28
N ALA B 20 9.06 -10.93 -13.18
CA ALA B 20 9.51 -12.02 -14.09
C ALA B 20 8.65 -13.29 -13.87
N LYS B 21 8.07 -13.40 -12.66
CA LYS B 21 7.04 -14.40 -12.31
C LYS B 21 5.66 -13.97 -12.90
N GLY B 22 5.58 -12.68 -13.25
CA GLY B 22 4.40 -12.01 -13.78
C GLY B 22 3.77 -11.11 -12.74
N TRP B 23 3.93 -11.51 -11.45
CA TRP B 23 3.24 -10.91 -10.30
C TRP B 23 3.34 -9.37 -10.27
N ARG B 24 2.18 -8.73 -10.39
CA ARG B 24 2.06 -7.28 -10.53
C ARG B 24 1.90 -6.66 -9.14
N LYS B 25 2.72 -5.64 -8.82
CA LYS B 25 2.45 -4.78 -7.66
C LYS B 25 1.44 -3.75 -8.13
N GLU B 26 0.19 -3.87 -7.66
CA GLU B 26 -0.89 -2.98 -8.11
C GLU B 26 -1.80 -2.56 -6.95
N LEU B 27 -2.54 -1.49 -7.24
CA LEU B 27 -3.62 -0.96 -6.43
C LEU B 27 -4.93 -1.15 -7.24
N ASN B 28 -5.85 -1.92 -6.66
CA ASN B 28 -7.15 -2.21 -7.26
C ASN B 28 -8.20 -2.31 -6.17
N ARG B 29 -9.47 -2.08 -6.52
CA ARG B 29 -10.57 -2.11 -5.56
C ARG B 29 -11.18 -3.51 -5.58
N VAL B 30 -11.22 -4.12 -4.39
CA VAL B 30 -11.72 -5.48 -4.17
C VAL B 30 -12.87 -5.45 -3.14
N SER B 31 -13.86 -6.32 -3.33
CA SER B 31 -14.87 -6.63 -2.32
C SER B 31 -14.44 -7.95 -1.69
N TRP B 32 -14.22 -7.94 -0.37
CA TRP B 32 -13.78 -9.12 0.38
C TRP B 32 -14.99 -9.73 1.10
N ASN B 33 -15.36 -10.96 0.68
CA ASN B 33 -16.48 -11.74 1.25
C ASN B 33 -17.84 -11.03 1.01
N ASP B 34 -18.02 -10.51 -0.22
CA ASP B 34 -19.26 -9.83 -0.67
C ASP B 34 -19.61 -8.61 0.24
N ALA B 35 -18.56 -7.97 0.82
CA ALA B 35 -18.71 -6.79 1.68
C ALA B 35 -18.62 -5.49 0.85
N GLU B 36 -18.53 -4.33 1.55
CA GLU B 36 -18.28 -3.01 0.94
C GLU B 36 -16.98 -3.01 0.09
N PRO B 37 -17.04 -2.62 -1.23
CA PRO B 37 -15.83 -2.47 -2.09
C PRO B 37 -14.85 -1.43 -1.51
N LYS B 38 -13.59 -1.83 -1.36
CA LYS B 38 -12.55 -1.05 -0.67
C LYS B 38 -11.23 -1.16 -1.43
N TYR B 39 -10.23 -0.34 -1.06
CA TYR B 39 -8.96 -0.26 -1.79
C TYR B 39 -7.99 -1.33 -1.30
N ASP B 40 -7.43 -2.07 -2.25
CA ASP B 40 -6.51 -3.18 -1.96
C ASP B 40 -5.18 -2.89 -2.66
N ILE B 41 -4.06 -3.01 -1.92
CA ILE B 41 -2.72 -2.70 -2.42
C ILE B 41 -1.77 -3.85 -2.03
N ARG B 42 -1.29 -4.55 -3.06
CA ARG B 42 -0.46 -5.75 -2.90
C ARG B 42 0.07 -6.23 -4.23
N THR B 43 0.75 -7.37 -4.20
CA THR B 43 1.20 -8.05 -5.37
C THR B 43 0.21 -9.20 -5.66
N TRP B 44 -0.36 -9.18 -6.86
CA TRP B 44 -1.29 -10.20 -7.36
C TRP B 44 -0.61 -10.94 -8.50
N SER B 45 -1.11 -12.13 -8.81
CA SER B 45 -0.66 -12.90 -9.97
C SER B 45 -1.19 -12.25 -11.28
N PRO B 46 -0.58 -12.57 -12.47
CA PRO B 46 -1.18 -12.19 -13.79
C PRO B 46 -2.56 -12.85 -14.01
N ASP B 47 -2.84 -13.94 -13.25
CA ASP B 47 -4.14 -14.65 -13.24
C ASP B 47 -5.06 -14.12 -12.12
N HIS B 48 -4.52 -13.21 -11.26
CA HIS B 48 -5.28 -12.47 -10.20
C HIS B 48 -6.02 -13.37 -9.18
N GLU B 49 -5.65 -14.64 -9.14
CA GLU B 49 -6.23 -15.63 -8.19
C GLU B 49 -5.28 -15.86 -7.01
N LYS B 50 -4.05 -15.37 -7.13
CA LYS B 50 -2.98 -15.57 -6.16
C LYS B 50 -2.55 -14.20 -5.61
N MET B 51 -2.29 -14.17 -4.30
CA MET B 51 -1.99 -12.96 -3.53
C MET B 51 -0.76 -13.20 -2.63
N GLY B 52 -0.24 -12.12 -2.03
CA GLY B 52 0.83 -12.25 -1.04
C GLY B 52 0.93 -11.03 -0.16
N LYS B 53 2.17 -10.57 0.07
CA LYS B 53 2.48 -9.44 0.96
C LYS B 53 1.74 -8.17 0.48
N GLY B 54 0.81 -7.69 1.32
CA GLY B 54 0.00 -6.52 1.01
C GLY B 54 -1.10 -6.32 2.03
N ILE B 55 -1.91 -5.28 1.82
CA ILE B 55 -2.82 -4.78 2.85
C ILE B 55 -4.07 -4.15 2.20
N THR B 56 -5.19 -4.15 2.95
CA THR B 56 -6.47 -3.58 2.51
C THR B 56 -6.76 -2.30 3.32
N LEU B 57 -7.39 -1.32 2.66
CA LEU B 57 -7.60 0.05 3.16
C LEU B 57 -9.07 0.44 2.95
N SER B 58 -9.61 1.23 3.88
CA SER B 58 -10.94 1.84 3.75
C SER B 58 -10.80 3.15 2.98
N GLU B 59 -11.93 3.64 2.44
CA GLU B 59 -11.97 4.87 1.62
C GLU B 59 -11.53 6.09 2.45
N GLU B 60 -11.81 6.01 3.76
CA GLU B 60 -11.37 6.98 4.78
C GLU B 60 -9.82 7.05 4.86
N GLU B 61 -9.20 5.88 5.12
CA GLU B 61 -7.75 5.72 5.36
C GLU B 61 -6.94 6.07 4.10
N PHE B 62 -7.38 5.47 2.98
CA PHE B 62 -6.81 5.70 1.66
C PHE B 62 -6.98 7.17 1.23
N GLY B 63 -8.11 7.80 1.66
CA GLY B 63 -8.31 9.23 1.47
C GLY B 63 -7.26 10.08 2.18
N VAL B 64 -6.98 9.74 3.46
CA VAL B 64 -5.90 10.37 4.27
C VAL B 64 -4.55 10.27 3.52
N LEU B 65 -4.30 9.06 2.96
CA LEU B 65 -3.11 8.75 2.16
C LEU B 65 -3.01 9.73 0.96
N LEU B 66 -4.14 9.87 0.19
CA LEU B 66 -4.24 10.75 -1.01
C LEU B 66 -3.85 12.21 -0.73
N LYS B 67 -4.42 12.78 0.36
CA LYS B 67 -4.18 14.19 0.75
C LYS B 67 -2.70 14.40 1.07
N GLU B 68 -2.20 13.55 1.98
CA GLU B 68 -0.83 13.66 2.51
C GLU B 68 0.23 13.31 1.44
N LEU B 69 -0.16 12.51 0.42
CA LEU B 69 0.69 12.23 -0.76
C LEU B 69 0.70 13.44 -1.70
N GLY B 70 -0.46 14.11 -1.84
CA GLY B 70 -0.56 15.38 -2.59
C GLY B 70 0.32 16.48 -2.00
N ASN B 71 0.47 16.43 -0.65
CA ASN B 71 1.41 17.28 0.09
C ASN B 71 2.85 16.91 -0.29
N LYS B 72 3.15 15.60 -0.19
CA LYS B 72 4.43 15.00 -0.67
C LYS B 72 4.71 15.22 -2.18
N LEU B 73 3.67 15.55 -2.98
CA LEU B 73 3.84 15.92 -4.42
C LEU B 73 4.36 17.36 -4.56
N GLU B 74 4.13 18.18 -3.52
CA GLU B 74 4.71 19.53 -3.39
C GLU B 74 6.15 19.45 -2.84
N HIS B 75 6.55 18.25 -2.36
CA HIS B 75 7.92 17.96 -1.85
C HIS B 75 8.83 17.47 -3.00
N HIS B 76 8.20 17.12 -4.13
CA HIS B 76 8.88 16.91 -5.42
C HIS B 76 9.48 18.27 -5.87
N HIS B 77 10.79 18.44 -5.57
CA HIS B 77 11.51 19.75 -5.68
C HIS B 77 11.50 20.31 -7.10
N HIS B 78 11.36 19.44 -8.11
CA HIS B 78 11.18 19.83 -9.50
C HIS B 78 9.78 20.45 -9.71
N HIS B 79 9.67 21.76 -9.40
CA HIS B 79 8.46 22.56 -9.63
C HIS B 79 8.60 23.27 -10.99
N HIS B 80 7.68 22.98 -11.93
CA HIS B 80 7.75 23.47 -13.33
C HIS B 80 6.48 24.30 -13.66
N MET A 1 21.37 -11.20 1.99
CA MET A 1 20.66 -12.47 1.69
C MET A 1 20.58 -13.34 2.96
N ALA A 2 19.38 -13.42 3.58
CA ALA A 2 19.11 -14.27 4.76
C ALA A 2 17.61 -14.64 4.82
N ASP A 3 17.31 -15.84 5.38
CA ASP A 3 15.92 -16.37 5.53
C ASP A 3 15.10 -15.47 6.46
N LYS A 4 15.77 -14.95 7.49
CA LYS A 4 15.24 -13.93 8.38
C LYS A 4 15.89 -12.60 7.97
N LEU A 5 15.09 -11.58 7.72
CA LEU A 5 15.58 -10.27 7.27
C LEU A 5 15.85 -9.36 8.47
N LYS A 6 16.53 -8.26 8.20
CA LYS A 6 16.70 -7.15 9.13
C LYS A 6 15.94 -5.98 8.54
N PHE A 7 15.41 -5.10 9.38
CA PHE A 7 14.68 -3.92 8.93
C PHE A 7 14.94 -2.76 9.90
N GLU A 8 14.96 -1.55 9.38
CA GLU A 8 14.96 -0.34 10.20
C GLU A 8 14.06 0.68 9.51
N ILE A 9 13.18 1.29 10.30
CA ILE A 9 12.28 2.32 9.80
C ILE A 9 13.08 3.64 9.72
N ILE A 10 13.45 3.97 8.48
CA ILE A 10 14.34 5.08 8.16
C ILE A 10 13.55 6.39 8.24
N GLU A 11 12.26 6.30 7.88
CA GLU A 11 11.33 7.44 7.93
C GLU A 11 9.89 6.91 8.11
N GLU A 12 9.04 7.68 8.80
CA GLU A 12 7.58 7.44 8.84
C GLU A 12 6.90 8.52 7.99
N LEU A 13 6.15 8.09 6.98
CA LEU A 13 5.63 9.01 5.95
C LEU A 13 4.22 9.50 6.34
N ILE A 14 3.29 8.54 6.50
CA ILE A 14 1.86 8.79 6.78
C ILE A 14 1.33 7.69 7.70
N VAL A 15 0.58 8.06 8.75
CA VAL A 15 -0.23 7.10 9.51
C VAL A 15 -1.69 7.23 9.02
N LEU A 16 -2.27 6.10 8.62
CA LEU A 16 -3.60 6.02 7.98
C LEU A 16 -4.69 5.65 8.99
N SER A 17 -4.29 4.91 10.04
CA SER A 17 -5.22 4.25 10.95
C SER A 17 -4.47 3.75 12.21
N GLU A 18 -5.23 3.55 13.30
CA GLU A 18 -4.72 3.02 14.59
C GLU A 18 -5.68 1.93 15.12
N ASN A 19 -5.14 0.88 15.76
CA ASN A 19 -5.98 -0.21 16.36
C ASN A 19 -6.21 0.12 17.85
N ALA A 20 -7.21 -0.51 18.49
CA ALA A 20 -7.42 -0.40 19.95
C ALA A 20 -6.20 -0.97 20.73
N LYS A 21 -5.62 -2.05 20.17
CA LYS A 21 -4.32 -2.62 20.63
C LYS A 21 -3.14 -1.66 20.29
N GLY A 22 -3.41 -0.75 19.33
CA GLY A 22 -2.48 0.28 18.90
C GLY A 22 -2.12 0.15 17.43
N TRP A 23 -2.09 -1.12 16.94
CA TRP A 23 -1.55 -1.51 15.61
C TRP A 23 -1.95 -0.52 14.49
N ARG A 24 -0.97 0.27 14.05
CA ARG A 24 -1.19 1.36 13.12
C ARG A 24 -1.00 0.85 11.71
N LYS A 25 -1.82 1.34 10.77
CA LYS A 25 -1.56 1.13 9.34
C LYS A 25 -0.81 2.34 8.85
N GLU A 26 0.50 2.22 8.63
CA GLU A 26 1.31 3.36 8.18
C GLU A 26 2.08 3.02 6.89
N LEU A 27 2.21 4.07 6.08
CA LEU A 27 3.15 4.16 4.98
C LEU A 27 4.45 4.74 5.57
N ASN A 28 5.52 3.97 5.53
CA ASN A 28 6.83 4.34 6.09
C ASN A 28 7.94 3.86 5.16
N ARG A 29 9.12 4.48 5.27
CA ARG A 29 10.30 4.04 4.52
C ARG A 29 11.14 3.16 5.43
N VAL A 30 11.42 1.95 4.94
CA VAL A 30 12.17 0.90 5.65
C VAL A 30 13.39 0.49 4.80
N SER A 31 14.51 0.18 5.48
CA SER A 31 15.71 -0.38 4.85
C SER A 31 15.79 -1.83 5.30
N TRP A 32 15.87 -2.74 4.33
CA TRP A 32 15.93 -4.19 4.58
C TRP A 32 17.38 -4.66 4.37
N ASN A 33 18.00 -5.15 5.47
CA ASN A 33 19.40 -5.63 5.49
C ASN A 33 20.39 -4.51 5.15
N ASP A 34 20.08 -3.28 5.62
CA ASP A 34 20.89 -2.05 5.40
C ASP A 34 21.12 -1.76 3.90
N ALA A 35 20.15 -2.16 3.05
CA ALA A 35 20.23 -1.98 1.59
C ALA A 35 19.55 -0.64 1.21
N GLU A 36 19.24 -0.44 -0.10
CA GLU A 36 18.45 0.72 -0.57
C GLU A 36 17.12 0.86 0.20
N PRO A 37 16.94 1.95 1.03
CA PRO A 37 15.68 2.18 1.75
C PRO A 37 14.56 2.47 0.73
N LYS A 38 13.41 1.87 0.96
CA LYS A 38 12.29 1.91 0.03
C LYS A 38 11.02 2.11 0.84
N TYR A 39 9.93 2.30 0.12
CA TYR A 39 8.62 2.53 0.71
C TYR A 39 8.00 1.18 1.12
N ASP A 40 7.28 1.23 2.22
CA ASP A 40 6.53 0.08 2.75
C ASP A 40 5.19 0.61 3.26
N ILE A 41 4.15 -0.15 3.02
CA ILE A 41 2.79 0.19 3.46
C ILE A 41 2.20 -1.08 4.09
N ARG A 42 2.00 -1.00 5.40
CA ARG A 42 1.67 -2.16 6.22
C ARG A 42 1.11 -1.74 7.56
N THR A 43 0.84 -2.71 8.42
CA THR A 43 0.47 -2.48 9.80
C THR A 43 1.65 -2.88 10.71
N TRP A 44 2.03 -1.95 11.61
CA TRP A 44 3.02 -2.20 12.67
C TRP A 44 2.31 -2.10 14.03
N SER A 45 3.01 -2.56 15.07
CA SER A 45 2.57 -2.37 16.46
C SER A 45 2.98 -0.96 16.96
N PRO A 46 2.40 -0.45 18.11
CA PRO A 46 2.87 0.81 18.74
C PRO A 46 4.34 0.77 19.21
N ASP A 47 4.95 -0.43 19.21
CA ASP A 47 6.37 -0.63 19.60
C ASP A 47 7.27 -0.91 18.39
N HIS A 48 6.65 -1.09 17.19
CA HIS A 48 7.35 -1.44 15.92
C HIS A 48 8.16 -2.77 16.00
N GLU A 49 7.87 -3.60 17.02
CA GLU A 49 8.52 -4.91 17.20
C GLU A 49 7.68 -6.02 16.54
N LYS A 50 6.41 -5.70 16.28
CA LYS A 50 5.42 -6.61 15.68
C LYS A 50 4.90 -5.98 14.38
N MET A 51 4.56 -6.83 13.42
CA MET A 51 4.17 -6.43 12.06
C MET A 51 3.25 -7.49 11.45
N GLY A 52 2.68 -7.18 10.28
CA GLY A 52 1.85 -8.13 9.56
C GLY A 52 1.76 -7.81 8.09
N LYS A 53 0.59 -8.09 7.50
CA LYS A 53 0.34 -7.98 6.06
C LYS A 53 0.62 -6.56 5.53
N GLY A 54 1.48 -6.51 4.50
CA GLY A 54 1.86 -5.27 3.84
C GLY A 54 2.67 -5.54 2.59
N ILE A 55 3.10 -4.47 1.91
CA ILE A 55 3.78 -4.55 0.61
C ILE A 55 4.84 -3.44 0.50
N THR A 56 5.98 -3.79 -0.13
CA THR A 56 7.12 -2.89 -0.36
C THR A 56 7.05 -2.31 -1.78
N LEU A 57 7.40 -1.02 -1.90
CA LEU A 57 7.41 -0.26 -3.16
C LEU A 57 8.78 0.44 -3.30
N SER A 58 9.28 0.53 -4.53
CA SER A 58 10.52 1.25 -4.85
C SER A 58 10.20 2.70 -5.23
N GLU A 59 11.24 3.56 -5.37
CA GLU A 59 11.06 4.99 -5.70
C GLU A 59 10.33 5.22 -7.02
N GLU A 60 10.66 4.40 -8.04
CA GLU A 60 9.98 4.42 -9.36
C GLU A 60 8.48 4.08 -9.22
N GLU A 61 8.21 2.97 -8.52
CA GLU A 61 6.84 2.40 -8.37
C GLU A 61 5.92 3.35 -7.60
N PHE A 62 6.41 3.78 -6.43
CA PHE A 62 5.72 4.73 -5.55
C PHE A 62 5.54 6.09 -6.25
N GLY A 63 6.52 6.48 -7.08
CA GLY A 63 6.39 7.67 -7.93
C GLY A 63 5.22 7.56 -8.90
N VAL A 64 5.11 6.40 -9.58
CA VAL A 64 3.99 6.07 -10.48
C VAL A 64 2.65 6.11 -9.71
N LEU A 65 2.67 5.67 -8.43
CA LEU A 65 1.50 5.73 -7.53
C LEU A 65 1.07 7.20 -7.33
N LEU A 66 2.02 8.08 -6.94
CA LEU A 66 1.77 9.53 -6.70
C LEU A 66 1.16 10.23 -7.94
N LYS A 67 1.74 9.91 -9.12
CA LYS A 67 1.34 10.45 -10.43
C LYS A 67 -0.12 10.09 -10.75
N GLU A 68 -0.37 8.78 -10.80
CA GLU A 68 -1.65 8.23 -11.21
C GLU A 68 -2.74 8.54 -10.18
N LEU A 69 -2.38 8.63 -8.88
CA LEU A 69 -3.31 9.09 -7.82
C LEU A 69 -3.68 10.55 -8.04
N GLY A 70 -2.66 11.39 -8.36
CA GLY A 70 -2.88 12.81 -8.67
C GLY A 70 -3.86 13.02 -9.83
N ASN A 71 -3.84 12.06 -10.77
CA ASN A 71 -4.84 12.00 -11.87
C ASN A 71 -6.23 11.64 -11.29
N LYS A 72 -6.28 10.50 -10.56
CA LYS A 72 -7.48 9.99 -9.82
C LYS A 72 -8.06 10.98 -8.77
N LEU A 73 -7.30 12.07 -8.42
CA LEU A 73 -7.77 13.11 -7.47
C LEU A 73 -8.79 14.08 -8.10
N GLU A 74 -9.05 13.91 -9.43
CA GLU A 74 -10.11 14.64 -10.14
C GLU A 74 -11.48 13.97 -9.87
N HIS A 75 -11.41 12.68 -9.51
CA HIS A 75 -12.55 11.93 -8.97
C HIS A 75 -12.66 12.19 -7.45
N HIS A 76 -13.68 11.56 -6.80
CA HIS A 76 -14.18 11.97 -5.46
C HIS A 76 -14.77 13.39 -5.59
N HIS A 77 -15.57 13.53 -6.65
CA HIS A 77 -16.05 14.83 -7.18
C HIS A 77 -17.43 15.18 -6.52
N HIS A 78 -17.55 14.89 -5.21
CA HIS A 78 -18.79 15.12 -4.44
C HIS A 78 -18.41 15.73 -3.08
N HIS A 79 -18.92 16.95 -2.81
CA HIS A 79 -18.57 17.74 -1.62
C HIS A 79 -19.00 17.03 -0.31
N HIS A 80 -18.16 17.19 0.73
CA HIS A 80 -18.39 16.60 2.08
C HIS A 80 -18.40 17.71 3.15
N MET B 1 -18.43 -14.46 9.62
CA MET B 1 -17.46 -14.57 8.50
C MET B 1 -16.76 -15.93 8.51
N ALA B 2 -16.35 -16.39 7.33
CA ALA B 2 -15.55 -17.61 7.15
C ALA B 2 -14.07 -17.32 7.43
N ASP B 3 -13.33 -18.33 7.95
CA ASP B 3 -11.88 -18.20 8.24
C ASP B 3 -11.10 -18.01 6.94
N LYS B 4 -11.61 -18.66 5.88
CA LYS B 4 -11.08 -18.51 4.53
C LYS B 4 -11.90 -17.40 3.86
N LEU B 5 -11.22 -16.36 3.36
CA LEU B 5 -11.89 -15.16 2.84
C LEU B 5 -12.23 -15.37 1.36
N LYS B 6 -13.14 -14.53 0.89
CA LYS B 6 -13.51 -14.42 -0.52
C LYS B 6 -13.02 -13.06 -0.98
N PHE B 7 -12.49 -12.99 -2.20
CA PHE B 7 -11.90 -11.77 -2.75
C PHE B 7 -12.39 -11.65 -4.20
N GLU B 8 -12.94 -10.51 -4.54
CA GLU B 8 -13.46 -10.24 -5.88
C GLU B 8 -12.92 -8.89 -6.33
N ILE B 9 -12.13 -8.87 -7.40
CA ILE B 9 -11.49 -7.65 -7.86
C ILE B 9 -12.53 -6.82 -8.62
N ILE B 10 -12.88 -5.67 -8.03
CA ILE B 10 -13.91 -4.76 -8.55
C ILE B 10 -13.29 -3.86 -9.63
N GLU B 11 -12.00 -3.50 -9.43
CA GLU B 11 -11.27 -2.62 -10.36
C GLU B 11 -9.75 -2.81 -10.20
N GLU B 12 -9.00 -2.48 -11.25
CA GLU B 12 -7.53 -2.35 -11.21
C GLU B 12 -7.18 -0.85 -11.41
N LEU B 13 -6.48 -0.26 -10.42
CA LEU B 13 -6.34 1.20 -10.34
C LEU B 13 -5.03 1.69 -10.98
N ILE B 14 -3.90 1.23 -10.44
CA ILE B 14 -2.55 1.70 -10.81
C ILE B 14 -1.59 0.52 -10.78
N VAL B 15 -0.97 0.20 -11.94
CA VAL B 15 0.08 -0.84 -12.00
C VAL B 15 1.41 -0.19 -11.57
N LEU B 16 1.98 -0.68 -10.48
CA LEU B 16 3.23 -0.15 -9.90
C LEU B 16 4.42 -0.96 -10.42
N SER B 17 4.17 -2.25 -10.69
CA SER B 17 5.21 -3.22 -11.01
C SER B 17 4.56 -4.52 -11.53
N GLU B 18 5.22 -5.11 -12.54
CA GLU B 18 4.85 -6.40 -13.16
C GLU B 18 6.06 -7.33 -13.08
N ASN B 19 5.83 -8.62 -12.78
CA ASN B 19 6.95 -9.58 -12.59
C ASN B 19 7.21 -10.28 -13.94
N ALA B 20 8.40 -10.87 -14.10
CA ALA B 20 8.71 -11.73 -15.27
C ALA B 20 7.83 -13.00 -15.25
N LYS B 21 7.51 -13.46 -14.01
CA LYS B 21 6.47 -14.50 -13.76
C LYS B 21 5.04 -13.97 -14.07
N GLY B 22 4.94 -12.63 -14.10
CA GLY B 22 3.72 -11.88 -14.43
C GLY B 22 3.25 -11.04 -13.26
N TRP B 23 3.47 -11.58 -12.04
CA TRP B 23 2.91 -11.08 -10.77
C TRP B 23 3.00 -9.55 -10.61
N ARG B 24 1.83 -8.89 -10.66
CA ARG B 24 1.74 -7.44 -10.62
C ARG B 24 1.47 -6.99 -9.20
N LYS B 25 2.41 -6.24 -8.60
CA LYS B 25 2.20 -5.68 -7.27
C LYS B 25 1.72 -4.23 -7.45
N GLU B 26 0.42 -4.07 -7.30
CA GLU B 26 -0.28 -2.86 -7.70
C GLU B 26 -1.37 -2.47 -6.71
N LEU B 27 -1.96 -1.31 -7.01
CA LEU B 27 -3.14 -0.80 -6.33
C LEU B 27 -4.36 -1.16 -7.20
N ASN B 28 -5.30 -1.89 -6.60
CA ASN B 28 -6.58 -2.23 -7.25
C ASN B 28 -7.71 -2.11 -6.20
N ARG B 29 -8.98 -2.18 -6.60
CA ARG B 29 -10.11 -2.26 -5.65
C ARG B 29 -10.63 -3.69 -5.58
N VAL B 30 -10.75 -4.22 -4.34
CA VAL B 30 -11.27 -5.57 -4.05
C VAL B 30 -12.45 -5.47 -3.06
N SER B 31 -13.43 -6.37 -3.25
CA SER B 31 -14.56 -6.58 -2.35
C SER B 31 -14.33 -7.93 -1.67
N TRP B 32 -14.29 -7.93 -0.33
CA TRP B 32 -14.02 -9.14 0.44
C TRP B 32 -15.32 -9.65 1.07
N ASN B 33 -15.69 -10.90 0.73
CA ASN B 33 -16.87 -11.59 1.30
C ASN B 33 -18.19 -10.83 1.02
N ASP B 34 -18.28 -10.23 -0.21
CA ASP B 34 -19.48 -9.47 -0.67
C ASP B 34 -19.71 -8.17 0.16
N ALA B 35 -18.65 -7.69 0.83
CA ALA B 35 -18.72 -6.47 1.65
C ALA B 35 -18.57 -5.23 0.76
N GLU B 36 -18.70 -4.04 1.36
CA GLU B 36 -18.46 -2.77 0.66
C GLU B 36 -17.02 -2.74 0.08
N PRO B 37 -16.86 -2.59 -1.28
CA PRO B 37 -15.53 -2.60 -1.94
C PRO B 37 -14.58 -1.54 -1.35
N LYS B 38 -13.30 -1.90 -1.25
CA LYS B 38 -12.27 -1.02 -0.69
C LYS B 38 -11.00 -1.14 -1.52
N TYR B 39 -10.03 -0.29 -1.20
CA TYR B 39 -8.78 -0.18 -1.92
C TYR B 39 -7.81 -1.21 -1.38
N ASP B 40 -7.13 -1.87 -2.27
CA ASP B 40 -6.24 -2.99 -1.99
C ASP B 40 -4.90 -2.74 -2.67
N ILE B 41 -3.81 -3.07 -1.99
CA ILE B 41 -2.46 -2.90 -2.55
C ILE B 41 -1.64 -4.16 -2.19
N ARG B 42 -1.42 -4.99 -3.21
CA ARG B 42 -0.92 -6.38 -3.05
C ARG B 42 -0.28 -6.85 -4.35
N THR B 43 0.45 -7.98 -4.29
CA THR B 43 0.97 -8.64 -5.47
C THR B 43 -0.04 -9.73 -5.86
N TRP B 44 -0.62 -9.57 -7.05
CA TRP B 44 -1.62 -10.49 -7.61
C TRP B 44 -1.01 -11.14 -8.86
N SER B 45 -1.58 -12.27 -9.27
CA SER B 45 -1.25 -12.89 -10.57
C SER B 45 -2.09 -12.22 -11.68
N PRO B 46 -1.60 -12.22 -12.96
CA PRO B 46 -2.38 -11.75 -14.13
C PRO B 46 -3.72 -12.51 -14.31
N ASP B 47 -3.76 -13.76 -13.82
CA ASP B 47 -4.94 -14.64 -13.88
C ASP B 47 -5.92 -14.37 -12.71
N HIS B 48 -5.48 -13.52 -11.74
CA HIS B 48 -6.28 -13.10 -10.54
C HIS B 48 -6.68 -14.29 -9.61
N GLU B 49 -6.05 -15.46 -9.85
CA GLU B 49 -6.32 -16.70 -9.10
C GLU B 49 -5.40 -16.81 -7.87
N LYS B 50 -4.25 -16.12 -7.95
CA LYS B 50 -3.19 -16.18 -6.94
C LYS B 50 -2.91 -14.78 -6.37
N MET B 51 -2.52 -14.75 -5.09
CA MET B 51 -2.23 -13.52 -4.33
C MET B 51 -1.02 -13.77 -3.41
N GLY B 52 -0.54 -12.69 -2.77
CA GLY B 52 0.56 -12.79 -1.82
C GLY B 52 0.53 -11.65 -0.82
N LYS B 53 1.69 -11.05 -0.55
CA LYS B 53 1.83 -10.02 0.49
C LYS B 53 1.24 -8.67 0.03
N GLY B 54 0.35 -8.12 0.87
CA GLY B 54 -0.27 -6.84 0.63
C GLY B 54 -1.17 -6.45 1.80
N ILE B 55 -1.85 -5.30 1.67
CA ILE B 55 -2.68 -4.75 2.74
C ILE B 55 -3.95 -4.10 2.14
N THR B 56 -5.04 -4.14 2.92
CA THR B 56 -6.32 -3.51 2.58
C THR B 56 -6.42 -2.14 3.26
N LEU B 57 -6.97 -1.19 2.51
CA LEU B 57 -7.19 0.19 2.92
C LEU B 57 -8.68 0.50 2.73
N SER B 58 -9.32 1.04 3.76
CA SER B 58 -10.71 1.46 3.71
C SER B 58 -10.78 2.85 3.10
N GLU B 59 -11.98 3.27 2.67
CA GLU B 59 -12.19 4.54 1.94
C GLU B 59 -11.58 5.76 2.66
N GLU B 60 -11.74 5.83 3.99
CA GLU B 60 -11.20 6.92 4.83
C GLU B 60 -9.68 6.81 5.03
N GLU B 61 -9.16 5.58 5.17
CA GLU B 61 -7.70 5.34 5.37
C GLU B 61 -6.92 5.75 4.10
N PHE B 62 -7.41 5.25 2.95
CA PHE B 62 -6.90 5.58 1.62
C PHE B 62 -7.12 7.06 1.29
N GLY B 63 -8.25 7.64 1.75
CA GLY B 63 -8.52 9.07 1.62
C GLY B 63 -7.45 9.92 2.30
N VAL B 64 -7.07 9.52 3.53
CA VAL B 64 -5.96 10.14 4.27
C VAL B 64 -4.64 9.99 3.47
N LEU B 65 -4.43 8.80 2.87
CA LEU B 65 -3.24 8.53 2.03
C LEU B 65 -3.14 9.57 0.90
N LEU B 66 -4.25 9.76 0.14
CA LEU B 66 -4.35 10.72 -0.98
C LEU B 66 -4.01 12.16 -0.55
N LYS B 67 -4.62 12.58 0.57
CA LYS B 67 -4.43 13.93 1.14
C LYS B 67 -2.95 14.21 1.47
N GLU B 68 -2.36 13.28 2.23
CA GLU B 68 -1.02 13.44 2.78
C GLU B 68 0.07 13.22 1.71
N LEU B 69 -0.27 12.45 0.64
CA LEU B 69 0.59 12.30 -0.54
C LEU B 69 0.57 13.59 -1.38
N GLY B 70 -0.61 14.21 -1.48
CA GLY B 70 -0.77 15.51 -2.15
C GLY B 70 -0.02 16.63 -1.42
N ASN B 71 0.05 16.50 -0.08
CA ASN B 71 0.88 17.37 0.79
C ASN B 71 2.36 17.15 0.43
N LYS B 72 2.79 15.89 0.54
CA LYS B 72 4.12 15.41 0.07
C LYS B 72 4.52 15.89 -1.33
N LEU B 73 3.56 16.04 -2.27
CA LEU B 73 3.86 16.55 -3.63
C LEU B 73 4.30 18.03 -3.59
N GLU B 74 3.78 18.76 -2.60
CA GLU B 74 4.23 20.12 -2.27
C GLU B 74 5.57 20.09 -1.49
N HIS B 75 5.74 19.06 -0.65
CA HIS B 75 6.99 18.83 0.12
C HIS B 75 8.03 18.02 -0.70
N HIS B 76 7.76 17.81 -2.01
CA HIS B 76 8.72 17.21 -2.96
C HIS B 76 9.18 18.25 -4.01
N HIS B 77 8.96 19.54 -3.73
CA HIS B 77 9.50 20.64 -4.56
C HIS B 77 10.95 20.95 -4.09
N HIS B 78 11.90 20.10 -4.52
CA HIS B 78 13.34 20.24 -4.18
C HIS B 78 14.12 20.72 -5.41
N HIS B 79 13.92 20.01 -6.54
CA HIS B 79 14.47 20.39 -7.86
C HIS B 79 13.67 19.67 -8.98
N HIS B 80 14.19 19.71 -10.22
CA HIS B 80 13.62 18.97 -11.36
C HIS B 80 14.74 18.12 -12.00
N MET A 1 21.58 -14.82 2.47
CA MET A 1 22.48 -15.20 3.60
C MET A 1 21.66 -15.84 4.76
N ALA A 2 20.42 -15.35 4.98
CA ALA A 2 19.55 -15.81 6.09
C ALA A 2 18.13 -16.16 5.60
N ASP A 3 17.44 -17.02 6.38
CA ASP A 3 16.04 -17.45 6.14
C ASP A 3 15.04 -16.41 6.70
N LYS A 4 15.57 -15.43 7.44
CA LYS A 4 14.80 -14.38 8.12
C LYS A 4 15.27 -13.00 7.65
N LEU A 5 14.36 -12.00 7.66
CA LEU A 5 14.68 -10.60 7.31
C LEU A 5 14.90 -9.75 8.58
N LYS A 6 15.47 -8.56 8.38
CA LYS A 6 15.64 -7.51 9.39
C LYS A 6 15.07 -6.21 8.84
N PHE A 7 14.64 -5.28 9.71
CA PHE A 7 14.03 -3.99 9.29
C PHE A 7 14.66 -2.85 10.10
N GLU A 8 14.90 -1.71 9.44
CA GLU A 8 15.38 -0.47 10.09
C GLU A 8 14.60 0.70 9.49
N ILE A 9 13.79 1.37 10.32
CA ILE A 9 12.93 2.46 9.84
C ILE A 9 13.78 3.72 9.62
N ILE A 10 13.96 4.05 8.34
CA ILE A 10 14.79 5.17 7.87
C ILE A 10 13.99 6.48 7.99
N GLU A 11 12.69 6.41 7.66
CA GLU A 11 11.76 7.55 7.68
C GLU A 11 10.34 7.04 7.96
N GLU A 12 9.49 7.85 8.61
CA GLU A 12 8.03 7.63 8.69
C GLU A 12 7.30 8.74 7.93
N LEU A 13 6.38 8.35 7.03
CA LEU A 13 5.76 9.27 6.06
C LEU A 13 4.35 9.69 6.48
N ILE A 14 3.45 8.69 6.63
CA ILE A 14 2.00 8.91 6.87
C ILE A 14 1.49 7.85 7.85
N VAL A 15 0.66 8.25 8.83
CA VAL A 15 -0.13 7.30 9.64
C VAL A 15 -1.57 7.30 9.09
N LEU A 16 -2.07 6.12 8.70
CA LEU A 16 -3.39 5.97 8.05
C LEU A 16 -4.49 5.67 9.08
N SER A 17 -4.12 4.92 10.15
CA SER A 17 -5.09 4.39 11.13
C SER A 17 -4.38 3.60 12.25
N GLU A 18 -5.11 3.44 13.37
CA GLU A 18 -4.63 2.80 14.61
C GLU A 18 -5.67 1.75 15.05
N ASN A 19 -5.21 0.60 15.56
CA ASN A 19 -6.13 -0.51 15.96
C ASN A 19 -6.48 -0.37 17.45
N ALA A 20 -7.54 -1.09 17.90
CA ALA A 20 -7.88 -1.25 19.33
C ALA A 20 -6.68 -1.84 20.09
N LYS A 21 -6.06 -2.88 19.49
CA LYS A 21 -4.77 -3.48 19.94
C LYS A 21 -3.59 -2.48 19.85
N GLY A 22 -3.79 -1.44 19.03
CA GLY A 22 -2.83 -0.37 18.78
C GLY A 22 -2.34 -0.39 17.33
N TRP A 23 -2.29 -1.62 16.76
CA TRP A 23 -1.67 -1.92 15.44
C TRP A 23 -1.97 -0.85 14.37
N ARG A 24 -0.95 -0.07 14.00
CA ARG A 24 -1.10 1.11 13.15
C ARG A 24 -0.74 0.74 11.72
N LYS A 25 -1.66 0.97 10.78
CA LYS A 25 -1.34 0.84 9.36
C LYS A 25 -0.80 2.19 8.90
N GLU A 26 0.45 2.19 8.47
CA GLU A 26 1.15 3.40 8.07
C GLU A 26 2.01 3.15 6.83
N LEU A 27 2.44 4.27 6.24
CA LEU A 27 3.42 4.31 5.16
C LEU A 27 4.71 4.93 5.71
N ASN A 28 5.82 4.22 5.54
CA ASN A 28 7.15 4.66 5.96
C ASN A 28 8.16 4.36 4.85
N ARG A 29 9.45 4.60 5.16
CA ARG A 29 10.60 4.06 4.42
C ARG A 29 11.44 3.21 5.39
N VAL A 30 11.66 1.93 5.02
CA VAL A 30 12.43 0.95 5.79
C VAL A 30 13.65 0.46 4.95
N SER A 31 14.71 0.05 5.65
CA SER A 31 15.88 -0.61 5.10
C SER A 31 15.81 -2.07 5.56
N TRP A 32 15.63 -2.97 4.59
CA TRP A 32 15.52 -4.40 4.86
C TRP A 32 16.92 -5.02 4.82
N ASN A 33 17.38 -5.51 5.99
CA ASN A 33 18.70 -6.16 6.18
C ASN A 33 19.88 -5.22 5.82
N ASP A 34 19.75 -3.95 6.25
CA ASP A 34 20.77 -2.88 6.02
C ASP A 34 21.06 -2.65 4.52
N ALA A 35 20.07 -2.95 3.66
CA ALA A 35 20.15 -2.74 2.21
C ALA A 35 19.58 -1.36 1.83
N GLU A 36 19.36 -1.14 0.52
CA GLU A 36 18.77 0.10 -0.04
C GLU A 36 17.49 0.55 0.72
N PRO A 37 17.44 1.83 1.24
CA PRO A 37 16.24 2.38 1.90
C PRO A 37 15.11 2.64 0.88
N LYS A 38 13.93 2.07 1.11
CA LYS A 38 12.80 2.11 0.18
C LYS A 38 11.49 2.18 0.98
N TYR A 39 10.38 2.42 0.28
CA TYR A 39 9.06 2.61 0.92
C TYR A 39 8.48 1.27 1.36
N ASP A 40 7.72 1.29 2.46
CA ASP A 40 6.96 0.11 2.93
C ASP A 40 5.63 0.60 3.51
N ILE A 41 4.54 -0.11 3.20
CA ILE A 41 3.17 0.24 3.60
C ILE A 41 2.54 -1.01 4.22
N ARG A 42 2.36 -0.94 5.54
CA ARG A 42 2.18 -2.14 6.38
C ARG A 42 1.42 -1.78 7.65
N THR A 43 0.96 -2.81 8.39
CA THR A 43 0.39 -2.64 9.72
C THR A 43 1.43 -3.14 10.73
N TRP A 44 1.86 -2.24 11.61
CA TRP A 44 2.89 -2.49 12.63
C TRP A 44 2.27 -2.35 14.02
N SER A 45 3.09 -2.55 15.05
CA SER A 45 2.77 -2.13 16.43
C SER A 45 2.80 -0.58 16.55
N PRO A 46 2.21 0.02 17.62
CA PRO A 46 2.49 1.44 18.00
C PRO A 46 3.98 1.62 18.38
N ASP A 47 4.62 0.51 18.77
CA ASP A 47 6.05 0.43 19.11
C ASP A 47 6.91 0.03 17.88
N HIS A 48 6.24 -0.33 16.75
CA HIS A 48 6.89 -0.88 15.52
C HIS A 48 7.70 -2.18 15.77
N GLU A 49 7.41 -2.86 16.89
CA GLU A 49 8.13 -4.10 17.31
C GLU A 49 7.56 -5.33 16.58
N LYS A 50 6.30 -5.23 16.12
CA LYS A 50 5.61 -6.28 15.36
C LYS A 50 5.13 -5.72 14.02
N MET A 51 4.84 -6.63 13.09
CA MET A 51 4.39 -6.30 11.73
C MET A 51 3.55 -7.45 11.16
N GLY A 52 2.90 -7.19 10.01
CA GLY A 52 1.99 -8.16 9.39
C GLY A 52 1.80 -7.87 7.92
N LYS A 53 0.54 -7.92 7.44
CA LYS A 53 0.20 -7.68 6.01
C LYS A 53 0.67 -6.29 5.57
N GLY A 54 1.56 -6.29 4.57
CA GLY A 54 2.07 -5.09 3.96
C GLY A 54 2.92 -5.39 2.76
N ILE A 55 3.37 -4.35 2.06
CA ILE A 55 4.09 -4.49 0.79
C ILE A 55 5.12 -3.35 0.63
N THR A 56 6.24 -3.67 -0.01
CA THR A 56 7.37 -2.74 -0.21
C THR A 56 7.26 -2.08 -1.59
N LEU A 57 7.62 -0.79 -1.68
CA LEU A 57 7.59 0.00 -2.91
C LEU A 57 8.98 0.64 -3.11
N SER A 58 9.44 0.69 -4.36
CA SER A 58 10.62 1.47 -4.76
C SER A 58 10.17 2.90 -5.09
N GLU A 59 11.14 3.81 -5.25
CA GLU A 59 10.85 5.22 -5.63
C GLU A 59 10.12 5.32 -6.97
N GLU A 60 10.43 4.40 -7.89
CA GLU A 60 9.78 4.30 -9.20
C GLU A 60 8.29 3.92 -9.06
N GLU A 61 8.03 2.83 -8.28
CA GLU A 61 6.65 2.28 -8.10
C GLU A 61 5.77 3.34 -7.41
N PHE A 62 6.32 3.87 -6.30
CA PHE A 62 5.69 4.91 -5.49
C PHE A 62 5.44 6.18 -6.32
N GLY A 63 6.40 6.52 -7.22
CA GLY A 63 6.25 7.63 -8.14
C GLY A 63 5.05 7.47 -9.07
N VAL A 64 4.90 6.25 -9.65
CA VAL A 64 3.75 5.90 -10.51
C VAL A 64 2.44 5.97 -9.70
N LEU A 65 2.49 5.56 -8.42
CA LEU A 65 1.35 5.63 -7.50
C LEU A 65 0.91 7.10 -7.35
N LEU A 66 1.88 8.00 -7.02
CA LEU A 66 1.64 9.46 -6.85
C LEU A 66 0.99 10.10 -8.08
N LYS A 67 1.50 9.72 -9.27
CA LYS A 67 1.02 10.19 -10.58
C LYS A 67 -0.46 9.83 -10.77
N GLU A 68 -0.74 8.53 -10.74
CA GLU A 68 -2.05 8.00 -11.07
C GLU A 68 -3.08 8.29 -9.97
N LEU A 69 -2.60 8.51 -8.72
CA LEU A 69 -3.47 9.00 -7.62
C LEU A 69 -3.83 10.47 -7.84
N GLY A 70 -2.85 11.26 -8.34
CA GLY A 70 -3.08 12.65 -8.74
C GLY A 70 -4.11 12.76 -9.87
N ASN A 71 -4.11 11.72 -10.75
CA ASN A 71 -5.14 11.56 -11.80
C ASN A 71 -6.51 11.31 -11.14
N LYS A 72 -6.58 10.20 -10.37
CA LYS A 72 -7.75 9.80 -9.55
C LYS A 72 -8.38 10.96 -8.73
N LEU A 73 -7.53 11.85 -8.17
CA LEU A 73 -7.99 13.00 -7.36
C LEU A 73 -8.83 13.97 -8.20
N GLU A 74 -8.51 14.08 -9.49
CA GLU A 74 -9.27 14.92 -10.44
C GLU A 74 -10.44 14.14 -11.07
N HIS A 75 -10.23 12.81 -11.24
CA HIS A 75 -11.24 11.86 -11.74
C HIS A 75 -12.38 11.69 -10.69
N HIS A 76 -13.44 12.51 -10.85
CA HIS A 76 -14.65 12.50 -9.99
C HIS A 76 -14.31 12.80 -8.51
N HIS A 77 -13.90 14.05 -8.22
CA HIS A 77 -13.76 14.54 -6.83
C HIS A 77 -15.10 15.14 -6.36
N HIS A 78 -15.20 15.40 -5.04
CA HIS A 78 -16.40 16.04 -4.48
C HIS A 78 -16.48 17.49 -4.99
N HIS A 79 -17.47 17.76 -5.86
CA HIS A 79 -17.71 19.09 -6.45
C HIS A 79 -18.96 19.71 -5.81
N HIS A 80 -18.87 21.00 -5.43
CA HIS A 80 -19.99 21.72 -4.79
C HIS A 80 -20.79 22.50 -5.87
N MET B 1 -19.20 -17.85 9.18
CA MET B 1 -18.36 -18.83 8.48
C MET B 1 -17.41 -18.09 7.50
N ALA B 2 -16.19 -17.74 7.98
CA ALA B 2 -15.14 -17.14 7.13
C ALA B 2 -13.75 -17.59 7.62
N ASP B 3 -13.58 -18.92 7.71
CA ASP B 3 -12.26 -19.55 7.98
C ASP B 3 -11.36 -19.34 6.76
N LYS B 4 -11.99 -19.48 5.60
CA LYS B 4 -11.43 -19.15 4.30
C LYS B 4 -12.22 -17.97 3.75
N LEU B 5 -11.52 -16.95 3.22
CA LEU B 5 -12.15 -15.75 2.68
C LEU B 5 -12.46 -15.97 1.20
N LYS B 6 -13.33 -15.11 0.69
CA LYS B 6 -13.70 -15.02 -0.73
C LYS B 6 -13.40 -13.59 -1.18
N PHE B 7 -13.29 -13.36 -2.49
CA PHE B 7 -13.09 -12.00 -3.01
C PHE B 7 -13.58 -11.91 -4.46
N GLU B 8 -13.92 -10.68 -4.86
CA GLU B 8 -14.19 -10.31 -6.25
C GLU B 8 -13.59 -8.92 -6.46
N ILE B 9 -12.78 -8.77 -7.50
CA ILE B 9 -12.07 -7.52 -7.78
C ILE B 9 -13.01 -6.58 -8.56
N ILE B 10 -13.31 -5.46 -7.91
CA ILE B 10 -14.32 -4.48 -8.32
C ILE B 10 -13.73 -3.57 -9.43
N GLU B 11 -12.45 -3.22 -9.28
CA GLU B 11 -11.76 -2.33 -10.24
C GLU B 11 -10.23 -2.54 -10.17
N GLU B 12 -9.54 -2.29 -11.30
CA GLU B 12 -8.06 -2.21 -11.37
C GLU B 12 -7.68 -0.72 -11.50
N LEU B 13 -6.97 -0.17 -10.49
CA LEU B 13 -6.75 1.29 -10.40
C LEU B 13 -5.42 1.71 -11.04
N ILE B 14 -4.34 1.13 -10.53
CA ILE B 14 -2.95 1.50 -10.86
C ILE B 14 -2.10 0.22 -10.88
N VAL B 15 -1.29 0.03 -11.92
CA VAL B 15 -0.20 -0.96 -11.92
C VAL B 15 1.11 -0.22 -11.64
N LEU B 16 1.82 -0.64 -10.60
CA LEU B 16 3.11 -0.05 -10.18
C LEU B 16 4.27 -0.84 -10.78
N SER B 17 4.03 -2.14 -11.05
CA SER B 17 5.06 -3.10 -11.49
C SER B 17 4.39 -4.35 -12.07
N GLU B 18 5.08 -5.00 -13.03
CA GLU B 18 4.70 -6.28 -13.64
C GLU B 18 5.92 -7.21 -13.60
N ASN B 19 5.74 -8.44 -13.10
CA ASN B 19 6.89 -9.35 -12.80
C ASN B 19 7.26 -10.20 -14.05
N ALA B 20 8.42 -10.87 -14.01
CA ALA B 20 8.84 -11.85 -15.04
C ALA B 20 7.90 -13.08 -15.06
N LYS B 21 7.27 -13.36 -13.90
CA LYS B 21 6.20 -14.40 -13.78
C LYS B 21 4.81 -13.79 -14.11
N GLY B 22 4.80 -12.45 -14.19
CA GLY B 22 3.65 -11.63 -14.55
C GLY B 22 3.18 -10.78 -13.37
N TRP B 23 3.41 -11.32 -12.14
CA TRP B 23 2.87 -10.80 -10.85
C TRP B 23 2.94 -9.27 -10.75
N ARG B 24 1.78 -8.62 -10.82
CA ARG B 24 1.67 -7.18 -10.88
C ARG B 24 1.56 -6.61 -9.47
N LYS B 25 2.53 -5.77 -9.10
CA LYS B 25 2.47 -4.99 -7.87
C LYS B 25 1.56 -3.81 -8.16
N GLU B 26 0.30 -3.92 -7.75
CA GLU B 26 -0.77 -3.02 -8.19
C GLU B 26 -1.67 -2.57 -7.02
N LEU B 27 -2.32 -1.44 -7.25
CA LEU B 27 -3.43 -0.92 -6.46
C LEU B 27 -4.72 -1.21 -7.25
N ASN B 28 -5.63 -1.97 -6.65
CA ASN B 28 -6.94 -2.28 -7.24
C ASN B 28 -7.99 -2.36 -6.12
N ARG B 29 -9.27 -2.22 -6.46
CA ARG B 29 -10.37 -2.26 -5.48
C ARG B 29 -10.92 -3.68 -5.46
N VAL B 30 -11.00 -4.29 -4.26
CA VAL B 30 -11.48 -5.65 -4.04
C VAL B 30 -12.62 -5.63 -2.99
N SER B 31 -13.58 -6.54 -3.15
CA SER B 31 -14.66 -6.77 -2.19
C SER B 31 -14.44 -8.16 -1.60
N TRP B 32 -14.22 -8.22 -0.28
CA TRP B 32 -13.87 -9.47 0.42
C TRP B 32 -15.14 -10.03 1.07
N ASN B 33 -15.53 -11.25 0.62
CA ASN B 33 -16.76 -11.95 1.04
C ASN B 33 -18.02 -11.17 0.56
N ASP B 34 -17.90 -10.54 -0.64
CA ASP B 34 -18.98 -9.70 -1.26
C ASP B 34 -19.48 -8.60 -0.28
N ALA B 35 -18.56 -8.09 0.55
CA ALA B 35 -18.86 -7.06 1.56
C ALA B 35 -18.45 -5.67 1.03
N GLU B 36 -18.13 -4.72 1.94
CA GLU B 36 -17.62 -3.37 1.59
C GLU B 36 -16.45 -3.43 0.55
N PRO B 37 -16.64 -2.83 -0.69
CA PRO B 37 -15.55 -2.67 -1.68
C PRO B 37 -14.52 -1.66 -1.16
N LYS B 38 -13.27 -2.09 -1.01
CA LYS B 38 -12.20 -1.31 -0.38
C LYS B 38 -10.98 -1.29 -1.30
N TYR B 39 -10.00 -0.46 -0.99
CA TYR B 39 -8.75 -0.36 -1.75
C TYR B 39 -7.79 -1.45 -1.30
N ASP B 40 -7.12 -2.06 -2.25
CA ASP B 40 -6.20 -3.17 -2.02
C ASP B 40 -4.86 -2.85 -2.71
N ILE B 41 -3.75 -2.99 -2.00
CA ILE B 41 -2.41 -2.71 -2.53
C ILE B 41 -1.52 -3.92 -2.22
N ARG B 42 -1.28 -4.70 -3.26
CA ARG B 42 -0.68 -6.04 -3.18
C ARG B 42 -0.06 -6.42 -4.52
N THR B 43 0.81 -7.44 -4.52
CA THR B 43 1.32 -8.02 -5.74
C THR B 43 0.46 -9.26 -5.99
N TRP B 44 -0.28 -9.24 -7.10
CA TRP B 44 -1.25 -10.26 -7.47
C TRP B 44 -0.73 -10.98 -8.71
N SER B 45 -1.27 -12.15 -8.98
CA SER B 45 -1.04 -12.83 -10.27
C SER B 45 -1.75 -12.03 -11.39
N PRO B 46 -1.27 -12.09 -12.67
CA PRO B 46 -2.00 -11.49 -13.82
C PRO B 46 -3.43 -12.08 -13.97
N ASP B 47 -3.59 -13.33 -13.50
CA ASP B 47 -4.86 -14.07 -13.52
C ASP B 47 -5.72 -13.76 -12.28
N HIS B 48 -5.14 -13.00 -11.31
CA HIS B 48 -5.85 -12.44 -10.12
C HIS B 48 -6.44 -13.51 -9.17
N GLU B 49 -5.99 -14.77 -9.28
CA GLU B 49 -6.46 -15.88 -8.41
C GLU B 49 -5.38 -16.28 -7.40
N LYS B 50 -4.21 -15.63 -7.48
CA LYS B 50 -3.10 -15.80 -6.53
C LYS B 50 -2.70 -14.45 -5.93
N MET B 51 -2.28 -14.50 -4.66
CA MET B 51 -1.99 -13.32 -3.83
C MET B 51 -0.70 -13.54 -3.03
N GLY B 52 -0.17 -12.44 -2.45
CA GLY B 52 0.99 -12.52 -1.56
C GLY B 52 1.08 -11.30 -0.64
N LYS B 53 2.31 -10.77 -0.47
CA LYS B 53 2.58 -9.59 0.38
C LYS B 53 1.78 -8.37 -0.10
N GLY B 54 0.86 -7.91 0.76
CA GLY B 54 0.06 -6.72 0.51
C GLY B 54 -0.88 -6.45 1.67
N ILE B 55 -1.58 -5.31 1.59
CA ILE B 55 -2.42 -4.80 2.69
C ILE B 55 -3.71 -4.17 2.09
N THR B 56 -4.80 -4.26 2.86
CA THR B 56 -6.11 -3.68 2.51
C THR B 56 -6.26 -2.32 3.22
N LEU B 57 -6.96 -1.38 2.58
CA LEU B 57 -7.17 0.00 3.06
C LEU B 57 -8.65 0.37 2.90
N SER B 58 -9.19 1.11 3.88
CA SER B 58 -10.56 1.63 3.85
C SER B 58 -10.55 2.98 3.10
N GLU B 59 -11.74 3.46 2.72
CA GLU B 59 -11.88 4.73 1.99
C GLU B 59 -11.37 5.92 2.83
N GLU B 60 -11.61 5.86 4.18
CA GLU B 60 -11.09 6.85 5.16
C GLU B 60 -9.56 6.93 5.12
N GLU B 61 -8.93 5.76 5.33
CA GLU B 61 -7.48 5.61 5.58
C GLU B 61 -6.69 5.91 4.30
N PHE B 62 -7.20 5.36 3.18
CA PHE B 62 -6.67 5.61 1.84
C PHE B 62 -6.89 7.09 1.44
N GLY B 63 -8.00 7.69 1.94
CA GLY B 63 -8.23 9.12 1.78
C GLY B 63 -7.15 9.96 2.43
N VAL B 64 -6.78 9.58 3.68
CA VAL B 64 -5.67 10.22 4.44
C VAL B 64 -4.34 10.07 3.66
N LEU B 65 -4.16 8.88 3.03
CA LEU B 65 -3.00 8.61 2.16
C LEU B 65 -2.97 9.63 1.01
N LEU B 66 -4.11 9.78 0.29
CA LEU B 66 -4.26 10.70 -0.87
C LEU B 66 -3.93 12.16 -0.50
N LYS B 67 -4.44 12.60 0.68
CA LYS B 67 -4.25 13.95 1.23
C LYS B 67 -2.76 14.23 1.47
N GLU B 68 -2.14 13.36 2.28
CA GLU B 68 -0.76 13.49 2.72
C GLU B 68 0.22 13.30 1.55
N LEU B 69 -0.17 12.49 0.54
CA LEU B 69 0.61 12.34 -0.71
C LEU B 69 0.48 13.60 -1.57
N GLY B 70 -0.72 14.24 -1.53
CA GLY B 70 -0.95 15.53 -2.19
C GLY B 70 -0.05 16.63 -1.64
N ASN B 71 0.18 16.61 -0.30
CA ASN B 71 1.14 17.54 0.37
C ASN B 71 2.59 17.22 -0.05
N LYS B 72 2.92 15.92 0.03
CA LYS B 72 4.21 15.36 -0.48
C LYS B 72 4.48 15.69 -1.97
N LEU B 73 3.42 15.85 -2.79
CA LEU B 73 3.55 16.32 -4.19
C LEU B 73 3.99 17.80 -4.21
N GLU B 74 3.66 18.55 -3.14
CA GLU B 74 4.06 19.95 -2.94
C GLU B 74 5.38 20.07 -2.12
N HIS B 75 6.04 18.92 -1.85
CA HIS B 75 7.27 18.88 -1.00
C HIS B 75 8.54 19.12 -1.86
N HIS B 76 8.61 20.32 -2.49
CA HIS B 76 9.81 20.87 -3.17
C HIS B 76 10.28 20.01 -4.39
N HIS B 77 9.50 18.97 -4.75
CA HIS B 77 9.84 17.99 -5.81
C HIS B 77 10.00 18.66 -7.18
N HIS B 78 9.14 19.68 -7.43
CA HIS B 78 9.21 20.49 -8.64
C HIS B 78 10.49 21.34 -8.61
N HIS B 79 11.39 21.05 -9.54
CA HIS B 79 12.73 21.67 -9.60
C HIS B 79 13.27 21.52 -11.05
N HIS B 80 14.61 21.41 -11.20
CA HIS B 80 15.37 21.42 -12.49
C HIS B 80 16.88 21.63 -12.20
N MET A 1 22.28 -14.67 -0.10
CA MET A 1 22.00 -15.43 1.15
C MET A 1 21.22 -14.54 2.13
N ALA A 2 19.89 -14.48 1.94
CA ALA A 2 18.97 -13.74 2.82
C ALA A 2 18.37 -14.71 3.85
N ASP A 3 19.09 -14.90 4.96
CA ASP A 3 18.70 -15.80 6.07
C ASP A 3 17.43 -15.24 6.75
N LYS A 4 17.53 -13.96 7.11
CA LYS A 4 16.46 -13.19 7.74
C LYS A 4 16.41 -11.80 7.08
N LEU A 5 15.25 -11.14 7.12
CA LEU A 5 15.13 -9.74 6.72
C LEU A 5 15.24 -8.89 7.99
N LYS A 6 16.03 -7.82 7.92
CA LYS A 6 16.23 -6.88 9.04
C LYS A 6 15.56 -5.58 8.62
N PHE A 7 15.04 -4.78 9.54
CA PHE A 7 14.33 -3.54 9.20
C PHE A 7 14.83 -2.40 10.07
N GLU A 8 15.03 -1.23 9.47
CA GLU A 8 15.33 0.00 10.20
C GLU A 8 14.45 1.09 9.62
N ILE A 9 13.67 1.77 10.48
CA ILE A 9 12.76 2.83 10.05
C ILE A 9 13.60 4.09 9.78
N ILE A 10 13.74 4.39 8.49
CA ILE A 10 14.56 5.50 7.97
C ILE A 10 13.79 6.82 8.10
N GLU A 11 12.47 6.76 7.87
CA GLU A 11 11.57 7.93 8.03
C GLU A 11 10.12 7.44 8.16
N GLU A 12 9.29 8.17 8.90
CA GLU A 12 7.84 7.88 9.04
C GLU A 12 7.03 8.87 8.23
N LEU A 13 6.19 8.38 7.29
CA LEU A 13 5.59 9.23 6.25
C LEU A 13 4.14 9.60 6.59
N ILE A 14 3.30 8.56 6.73
CA ILE A 14 1.84 8.68 6.92
C ILE A 14 1.36 7.63 7.95
N VAL A 15 0.39 7.97 8.79
CA VAL A 15 -0.40 6.99 9.57
C VAL A 15 -1.82 6.94 8.96
N LEU A 16 -2.20 5.79 8.41
CA LEU A 16 -3.45 5.63 7.65
C LEU A 16 -4.64 5.34 8.60
N SER A 17 -4.34 4.64 9.73
CA SER A 17 -5.33 4.28 10.77
C SER A 17 -4.65 3.51 11.91
N GLU A 18 -5.38 3.41 13.05
CA GLU A 18 -4.91 2.79 14.31
C GLU A 18 -5.97 1.79 14.80
N ASN A 19 -5.52 0.61 15.29
CA ASN A 19 -6.45 -0.50 15.68
C ASN A 19 -6.90 -0.30 17.15
N ALA A 20 -7.97 -1.00 17.57
CA ALA A 20 -8.38 -1.08 18.99
C ALA A 20 -7.38 -1.92 19.81
N LYS A 21 -6.53 -2.68 19.10
CA LYS A 21 -5.36 -3.39 19.68
C LYS A 21 -4.11 -2.47 19.60
N GLY A 22 -4.29 -1.35 18.89
CA GLY A 22 -3.28 -0.33 18.68
C GLY A 22 -2.75 -0.37 17.25
N TRP A 23 -2.68 -1.60 16.69
CA TRP A 23 -1.98 -1.91 15.41
C TRP A 23 -2.24 -0.85 14.32
N ARG A 24 -1.21 -0.06 14.00
CA ARG A 24 -1.35 1.11 13.14
C ARG A 24 -0.97 0.72 11.72
N LYS A 25 -1.94 0.78 10.80
CA LYS A 25 -1.68 0.52 9.39
C LYS A 25 -1.20 1.84 8.80
N GLU A 26 0.11 1.90 8.51
CA GLU A 26 0.82 3.13 8.16
C GLU A 26 1.77 2.93 6.97
N LEU A 27 2.28 4.06 6.48
CA LEU A 27 3.30 4.15 5.43
C LEU A 27 4.57 4.78 6.04
N ASN A 28 5.69 4.08 5.93
CA ASN A 28 7.00 4.59 6.36
C ASN A 28 8.10 4.00 5.47
N ARG A 29 9.24 4.70 5.44
CA ARG A 29 10.38 4.38 4.58
C ARG A 29 11.35 3.55 5.42
N VAL A 30 11.59 2.31 4.98
CA VAL A 30 12.37 1.29 5.72
C VAL A 30 13.60 0.89 4.89
N SER A 31 14.67 0.50 5.59
CA SER A 31 15.85 -0.14 5.00
C SER A 31 15.78 -1.62 5.41
N TRP A 32 15.77 -2.54 4.43
CA TRP A 32 15.68 -3.99 4.67
C TRP A 32 17.05 -4.64 4.42
N ASN A 33 17.67 -5.17 5.51
CA ASN A 33 19.01 -5.82 5.49
C ASN A 33 20.11 -4.80 5.10
N ASP A 34 19.89 -3.53 5.52
CA ASP A 34 20.73 -2.36 5.17
C ASP A 34 20.86 -2.19 3.62
N ALA A 35 19.78 -2.51 2.89
CA ALA A 35 19.70 -2.24 1.45
C ALA A 35 19.20 -0.80 1.24
N GLU A 36 19.26 -0.32 -0.02
CA GLU A 36 18.84 1.06 -0.37
C GLU A 36 17.39 1.34 0.13
N PRO A 37 17.21 2.32 1.09
CA PRO A 37 15.89 2.64 1.70
C PRO A 37 14.79 2.83 0.65
N LYS A 38 13.62 2.27 0.93
CA LYS A 38 12.45 2.34 0.06
C LYS A 38 11.19 2.32 0.93
N TYR A 39 10.05 2.45 0.29
CA TYR A 39 8.76 2.62 0.95
C TYR A 39 8.20 1.25 1.37
N ASP A 40 7.48 1.26 2.49
CA ASP A 40 6.71 0.09 2.96
C ASP A 40 5.37 0.58 3.52
N ILE A 41 4.32 -0.15 3.19
CA ILE A 41 2.95 0.16 3.59
C ILE A 41 2.35 -1.14 4.17
N ARG A 42 2.17 -1.12 5.48
CA ARG A 42 1.86 -2.33 6.28
C ARG A 42 1.30 -1.93 7.64
N THR A 43 0.84 -2.92 8.41
CA THR A 43 0.32 -2.69 9.75
C THR A 43 1.40 -3.06 10.77
N TRP A 44 1.70 -2.14 11.67
CA TRP A 44 2.69 -2.31 12.75
C TRP A 44 1.96 -2.27 14.11
N SER A 45 2.71 -2.50 15.18
CA SER A 45 2.27 -2.15 16.55
C SER A 45 2.78 -0.73 16.92
N PRO A 46 2.20 -0.07 17.99
CA PRO A 46 2.74 1.21 18.52
C PRO A 46 4.22 1.10 18.93
N ASP A 47 4.65 -0.12 19.31
CA ASP A 47 6.04 -0.40 19.75
C ASP A 47 6.99 -0.58 18.55
N HIS A 48 6.40 -0.66 17.33
CA HIS A 48 7.12 -0.92 16.04
C HIS A 48 8.02 -2.19 16.06
N GLU A 49 7.76 -3.12 17.00
CA GLU A 49 8.44 -4.43 17.05
C GLU A 49 7.65 -5.48 16.26
N LYS A 50 6.34 -5.22 16.10
CA LYS A 50 5.39 -6.14 15.46
C LYS A 50 4.97 -5.53 14.12
N MET A 51 4.78 -6.39 13.13
CA MET A 51 4.35 -6.03 11.77
C MET A 51 3.58 -7.21 11.16
N GLY A 52 2.91 -6.97 10.02
CA GLY A 52 2.16 -8.02 9.34
C GLY A 52 1.89 -7.69 7.89
N LYS A 53 0.64 -7.94 7.44
CA LYS A 53 0.21 -7.76 6.03
C LYS A 53 0.59 -6.38 5.48
N GLY A 54 1.39 -6.38 4.41
CA GLY A 54 1.86 -5.18 3.77
C GLY A 54 2.70 -5.48 2.53
N ILE A 55 3.11 -4.42 1.85
CA ILE A 55 3.86 -4.51 0.59
C ILE A 55 4.93 -3.38 0.55
N THR A 56 6.08 -3.71 -0.04
CA THR A 56 7.19 -2.77 -0.24
C THR A 56 7.06 -2.14 -1.62
N LEU A 57 7.25 -0.82 -1.66
CA LEU A 57 7.16 0.00 -2.85
C LEU A 57 8.53 0.63 -3.07
N SER A 58 9.10 0.43 -4.25
CA SER A 58 10.38 1.06 -4.64
C SER A 58 10.12 2.51 -5.05
N GLU A 59 11.19 3.33 -5.23
CA GLU A 59 11.06 4.73 -5.68
C GLU A 59 10.28 4.79 -7.02
N GLU A 60 10.56 3.77 -7.85
CA GLU A 60 9.89 3.53 -9.14
C GLU A 60 8.37 3.37 -8.96
N GLU A 61 7.99 2.33 -8.18
CA GLU A 61 6.59 1.90 -7.96
C GLU A 61 5.77 3.02 -7.30
N PHE A 62 6.30 3.50 -6.18
CA PHE A 62 5.70 4.58 -5.38
C PHE A 62 5.63 5.88 -6.19
N GLY A 63 6.64 6.14 -7.04
CA GLY A 63 6.60 7.26 -7.97
C GLY A 63 5.41 7.20 -8.92
N VAL A 64 5.23 6.03 -9.58
CA VAL A 64 4.09 5.76 -10.48
C VAL A 64 2.77 5.99 -9.71
N LEU A 65 2.74 5.51 -8.45
CA LEU A 65 1.59 5.63 -7.56
C LEU A 65 1.23 7.11 -7.34
N LEU A 66 2.24 7.93 -6.95
CA LEU A 66 2.09 9.38 -6.69
C LEU A 66 1.51 10.13 -7.91
N LYS A 67 2.08 9.82 -9.09
CA LYS A 67 1.71 10.44 -10.37
C LYS A 67 0.25 10.13 -10.73
N GLU A 68 -0.10 8.84 -10.65
CA GLU A 68 -1.44 8.34 -11.00
C GLU A 68 -2.50 8.75 -9.96
N LEU A 69 -2.08 8.89 -8.69
CA LEU A 69 -2.97 9.39 -7.61
C LEU A 69 -3.20 10.89 -7.79
N GLY A 70 -2.15 11.62 -8.20
CA GLY A 70 -2.23 13.04 -8.52
C GLY A 70 -3.21 13.32 -9.67
N ASN A 71 -3.26 12.37 -10.62
CA ASN A 71 -4.28 12.35 -11.70
C ASN A 71 -5.68 12.18 -11.06
N LYS A 72 -5.84 11.09 -10.27
CA LYS A 72 -7.06 10.81 -9.47
C LYS A 72 -7.44 11.95 -8.49
N LEU A 73 -6.49 12.85 -8.17
CA LEU A 73 -6.73 14.02 -7.29
C LEU A 73 -7.26 15.24 -8.08
N GLU A 74 -7.82 14.98 -9.27
CA GLU A 74 -8.80 15.88 -9.92
C GLU A 74 -10.22 15.60 -9.34
N HIS A 75 -10.32 14.56 -8.48
CA HIS A 75 -11.58 14.09 -7.85
C HIS A 75 -11.62 14.53 -6.37
N HIS A 76 -10.64 15.37 -5.97
CA HIS A 76 -10.49 15.85 -4.60
C HIS A 76 -11.59 16.87 -4.24
N HIS A 77 -11.94 16.95 -2.94
CA HIS A 77 -12.91 17.94 -2.44
C HIS A 77 -12.16 19.21 -2.00
N HIS A 78 -11.65 19.93 -3.01
CA HIS A 78 -10.94 21.21 -2.86
C HIS A 78 -11.41 22.18 -3.95
N HIS A 79 -11.47 23.47 -3.61
CA HIS A 79 -11.82 24.57 -4.53
C HIS A 79 -10.60 24.92 -5.44
N HIS A 80 -10.77 25.86 -6.37
CA HIS A 80 -9.66 26.42 -7.17
C HIS A 80 -9.81 27.97 -7.18
N MET B 1 -16.34 -18.64 10.73
CA MET B 1 -15.38 -19.47 9.99
C MET B 1 -15.19 -18.91 8.57
N ALA B 2 -14.18 -18.03 8.41
CA ALA B 2 -13.79 -17.44 7.12
C ALA B 2 -12.25 -17.37 7.05
N ASP B 3 -11.64 -18.54 7.26
CA ASP B 3 -10.16 -18.70 7.31
C ASP B 3 -9.57 -18.59 5.90
N LYS B 4 -10.30 -19.15 4.92
CA LYS B 4 -9.98 -18.99 3.50
C LYS B 4 -10.87 -17.86 2.97
N LEU B 5 -10.26 -16.78 2.48
CA LEU B 5 -10.98 -15.57 2.10
C LEU B 5 -11.61 -15.69 0.71
N LYS B 6 -12.67 -14.93 0.52
CA LYS B 6 -13.35 -14.74 -0.76
C LYS B 6 -12.96 -13.34 -1.24
N PHE B 7 -12.66 -13.19 -2.53
CA PHE B 7 -12.23 -11.90 -3.10
C PHE B 7 -12.80 -11.78 -4.51
N GLU B 8 -13.30 -10.59 -4.84
CA GLU B 8 -13.75 -10.25 -6.19
C GLU B 8 -13.23 -8.86 -6.51
N ILE B 9 -12.50 -8.71 -7.62
CA ILE B 9 -11.89 -7.43 -8.00
C ILE B 9 -12.96 -6.59 -8.72
N ILE B 10 -13.33 -5.49 -8.06
CA ILE B 10 -14.39 -4.57 -8.50
C ILE B 10 -13.84 -3.61 -9.55
N GLU B 11 -12.58 -3.19 -9.34
CA GLU B 11 -11.91 -2.21 -10.22
C GLU B 11 -10.39 -2.38 -10.12
N GLU B 12 -9.66 -1.95 -11.16
CA GLU B 12 -8.19 -1.82 -11.14
C GLU B 12 -7.80 -0.36 -11.36
N LEU B 13 -6.99 0.17 -10.43
CA LEU B 13 -6.72 1.62 -10.31
C LEU B 13 -5.38 1.98 -10.97
N ILE B 14 -4.30 1.35 -10.47
CA ILE B 14 -2.91 1.64 -10.85
C ILE B 14 -2.13 0.33 -10.85
N VAL B 15 -1.45 0.01 -11.96
CA VAL B 15 -0.44 -1.06 -11.99
C VAL B 15 0.94 -0.41 -11.82
N LEU B 16 1.65 -0.85 -10.78
CA LEU B 16 2.96 -0.29 -10.37
C LEU B 16 4.09 -1.08 -11.06
N SER B 17 3.86 -2.41 -11.24
CA SER B 17 4.90 -3.36 -11.70
C SER B 17 4.25 -4.68 -12.17
N GLU B 18 5.00 -5.42 -13.01
CA GLU B 18 4.64 -6.77 -13.51
C GLU B 18 5.87 -7.68 -13.46
N ASN B 19 5.69 -8.96 -13.09
CA ASN B 19 6.85 -9.89 -12.88
C ASN B 19 7.06 -10.77 -14.14
N ALA B 20 8.23 -11.42 -14.25
CA ALA B 20 8.48 -12.51 -15.23
C ALA B 20 7.53 -13.70 -14.99
N LYS B 21 7.18 -13.90 -13.70
CA LYS B 21 6.16 -14.87 -13.26
C LYS B 21 4.74 -14.32 -13.57
N GLY B 22 4.69 -13.01 -13.84
CA GLY B 22 3.50 -12.27 -14.24
C GLY B 22 3.07 -11.32 -13.13
N TRP B 23 3.36 -11.75 -11.87
CA TRP B 23 2.82 -11.17 -10.63
C TRP B 23 2.92 -9.63 -10.61
N ARG B 24 1.75 -8.99 -10.74
CA ARG B 24 1.65 -7.54 -10.86
C ARG B 24 1.49 -6.92 -9.47
N LYS B 25 2.39 -5.97 -9.15
CA LYS B 25 2.22 -5.11 -7.98
C LYS B 25 1.22 -4.05 -8.37
N GLU B 26 0.00 -4.19 -7.89
CA GLU B 26 -1.11 -3.33 -8.31
C GLU B 26 -1.94 -2.83 -7.12
N LEU B 27 -2.43 -1.60 -7.30
CA LEU B 27 -3.47 -0.99 -6.49
C LEU B 27 -4.79 -1.17 -7.26
N ASN B 28 -5.67 -1.99 -6.71
CA ASN B 28 -6.98 -2.29 -7.30
C ASN B 28 -8.02 -2.35 -6.18
N ARG B 29 -9.31 -2.21 -6.51
CA ARG B 29 -10.39 -2.28 -5.52
C ARG B 29 -10.97 -3.70 -5.52
N VAL B 30 -11.04 -4.29 -4.31
CA VAL B 30 -11.54 -5.66 -4.07
C VAL B 30 -12.67 -5.65 -3.02
N SER B 31 -13.64 -6.55 -3.21
CA SER B 31 -14.67 -6.85 -2.21
C SER B 31 -14.24 -8.16 -1.52
N TRP B 32 -14.05 -8.11 -0.20
CA TRP B 32 -13.55 -9.26 0.58
C TRP B 32 -14.70 -9.86 1.40
N ASN B 33 -15.00 -11.15 1.11
CA ASN B 33 -16.05 -11.95 1.78
C ASN B 33 -17.44 -11.27 1.68
N ASP B 34 -17.76 -10.82 0.44
CA ASP B 34 -19.06 -10.18 0.08
C ASP B 34 -19.31 -8.85 0.84
N ALA B 35 -18.26 -8.30 1.48
CA ALA B 35 -18.38 -7.08 2.32
C ALA B 35 -18.03 -5.82 1.51
N GLU B 36 -17.92 -4.68 2.23
CA GLU B 36 -17.62 -3.35 1.65
C GLU B 36 -16.42 -3.39 0.66
N PRO B 37 -16.66 -3.03 -0.67
CA PRO B 37 -15.59 -2.91 -1.67
C PRO B 37 -14.61 -1.80 -1.25
N LYS B 38 -13.34 -2.17 -1.10
CA LYS B 38 -12.31 -1.35 -0.48
C LYS B 38 -11.10 -1.33 -1.40
N TYR B 39 -10.10 -0.53 -1.04
CA TYR B 39 -8.85 -0.44 -1.79
C TYR B 39 -7.92 -1.57 -1.35
N ASP B 40 -7.19 -2.12 -2.31
CA ASP B 40 -6.24 -3.22 -2.09
C ASP B 40 -4.93 -2.88 -2.79
N ILE B 41 -3.81 -3.07 -2.08
CA ILE B 41 -2.48 -2.76 -2.59
C ILE B 41 -1.58 -3.97 -2.27
N ARG B 42 -1.35 -4.78 -3.31
CA ARG B 42 -0.84 -6.15 -3.16
C ARG B 42 -0.23 -6.62 -4.49
N THR B 43 0.54 -7.72 -4.43
CA THR B 43 1.09 -8.36 -5.62
C THR B 43 0.19 -9.57 -5.91
N TRP B 44 -0.47 -9.53 -7.06
CA TRP B 44 -1.43 -10.55 -7.50
C TRP B 44 -0.86 -11.26 -8.74
N SER B 45 -1.40 -12.43 -9.08
CA SER B 45 -1.09 -13.08 -10.38
C SER B 45 -1.87 -12.38 -11.50
N PRO B 46 -1.45 -12.54 -12.81
CA PRO B 46 -2.24 -12.03 -13.97
C PRO B 46 -3.70 -12.52 -13.94
N ASP B 47 -3.90 -13.78 -13.53
CA ASP B 47 -5.23 -14.43 -13.45
C ASP B 47 -6.01 -13.98 -12.18
N HIS B 48 -5.32 -13.25 -11.26
CA HIS B 48 -5.89 -12.68 -10.00
C HIS B 48 -6.52 -13.75 -9.06
N GLU B 49 -6.22 -15.03 -9.31
CA GLU B 49 -6.67 -16.16 -8.48
C GLU B 49 -5.67 -16.41 -7.33
N LYS B 50 -4.48 -15.82 -7.49
CA LYS B 50 -3.37 -15.93 -6.52
C LYS B 50 -3.06 -14.54 -5.98
N MET B 51 -2.84 -14.47 -4.69
CA MET B 51 -2.45 -13.25 -3.96
C MET B 51 -1.20 -13.54 -3.12
N GLY B 52 -0.57 -12.48 -2.61
CA GLY B 52 0.61 -12.62 -1.78
C GLY B 52 0.83 -11.40 -0.91
N LYS B 53 2.08 -10.91 -0.83
CA LYS B 53 2.46 -9.77 0.03
C LYS B 53 1.68 -8.50 -0.35
N GLY B 54 0.84 -8.03 0.57
CA GLY B 54 0.06 -6.81 0.38
C GLY B 54 -0.86 -6.54 1.56
N ILE B 55 -1.61 -5.44 1.48
CA ILE B 55 -2.46 -4.93 2.58
C ILE B 55 -3.76 -4.33 1.99
N THR B 56 -4.83 -4.41 2.78
CA THR B 56 -6.14 -3.82 2.48
C THR B 56 -6.23 -2.42 3.11
N LEU B 57 -6.93 -1.49 2.43
CA LEU B 57 -7.18 -0.11 2.88
C LEU B 57 -8.68 0.18 2.68
N SER B 58 -9.27 0.95 3.60
CA SER B 58 -10.65 1.46 3.45
C SER B 58 -10.59 2.84 2.74
N GLU B 59 -11.76 3.41 2.44
CA GLU B 59 -11.88 4.77 1.87
C GLU B 59 -11.30 5.82 2.84
N GLU B 60 -11.43 5.56 4.15
CA GLU B 60 -10.80 6.37 5.21
C GLU B 60 -9.26 6.38 5.06
N GLU B 61 -8.62 5.18 5.14
CA GLU B 61 -7.15 5.03 5.06
C GLU B 61 -6.59 5.62 3.77
N PHE B 62 -7.23 5.26 2.65
CA PHE B 62 -6.84 5.71 1.31
C PHE B 62 -7.00 7.23 1.16
N GLY B 63 -8.06 7.80 1.78
CA GLY B 63 -8.26 9.25 1.81
C GLY B 63 -7.13 9.97 2.52
N VAL B 64 -6.72 9.42 3.69
CA VAL B 64 -5.60 9.94 4.49
C VAL B 64 -4.29 9.88 3.66
N LEU B 65 -4.12 8.75 2.93
CA LEU B 65 -3.00 8.52 2.02
C LEU B 65 -2.94 9.66 0.98
N LEU B 66 -4.08 9.90 0.29
CA LEU B 66 -4.20 10.94 -0.77
C LEU B 66 -3.87 12.35 -0.24
N LYS B 67 -4.31 12.64 1.00
CA LYS B 67 -4.09 13.94 1.69
C LYS B 67 -2.59 14.19 1.92
N GLU B 68 -1.94 13.26 2.65
CA GLU B 68 -0.56 13.43 3.09
C GLU B 68 0.43 13.28 1.92
N LEU B 69 0.04 12.49 0.90
CA LEU B 69 0.76 12.43 -0.37
C LEU B 69 0.58 13.75 -1.12
N GLY B 70 -0.64 14.33 -1.05
CA GLY B 70 -0.93 15.64 -1.65
C GLY B 70 -0.07 16.76 -1.09
N ASN B 71 0.26 16.63 0.23
CA ASN B 71 1.27 17.46 0.90
C ASN B 71 2.64 17.24 0.24
N LYS B 72 3.10 15.97 0.25
CA LYS B 72 4.35 15.51 -0.43
C LYS B 72 4.43 15.92 -1.93
N LEU B 73 3.27 16.03 -2.61
CA LEU B 73 3.18 16.30 -4.06
C LEU B 73 3.22 17.81 -4.36
N GLU B 74 3.48 18.65 -3.34
CA GLU B 74 3.79 20.07 -3.54
C GLU B 74 5.16 20.20 -4.23
N HIS B 75 6.16 19.43 -3.74
CA HIS B 75 7.42 19.22 -4.48
C HIS B 75 7.15 18.41 -5.77
N HIS B 76 6.70 19.14 -6.81
CA HIS B 76 6.37 18.58 -8.13
C HIS B 76 7.06 19.43 -9.20
N HIS B 77 7.60 18.79 -10.24
CA HIS B 77 8.39 19.47 -11.29
C HIS B 77 7.47 19.93 -12.45
N HIS B 78 6.44 20.72 -12.08
CA HIS B 78 5.50 21.36 -13.01
C HIS B 78 5.09 22.71 -12.40
N HIS B 79 5.97 23.72 -12.54
CA HIS B 79 5.76 25.06 -11.97
C HIS B 79 4.59 25.78 -12.71
N HIS B 80 3.42 25.79 -12.05
CA HIS B 80 2.17 26.34 -12.63
C HIS B 80 2.04 27.83 -12.26
N MET A 1 26.44 -12.57 4.99
CA MET A 1 25.10 -13.16 4.78
C MET A 1 24.23 -12.96 6.02
N ALA A 2 22.90 -13.04 5.84
CA ALA A 2 21.93 -12.75 6.90
C ALA A 2 20.91 -13.90 7.04
N ASP A 3 21.21 -14.81 7.98
CA ASP A 3 20.29 -15.91 8.39
C ASP A 3 19.09 -15.32 9.17
N LYS A 4 19.35 -14.17 9.80
CA LYS A 4 18.36 -13.34 10.48
C LYS A 4 18.08 -12.13 9.59
N LEU A 5 16.80 -11.86 9.31
CA LEU A 5 16.41 -10.71 8.49
C LEU A 5 16.28 -9.50 9.40
N LYS A 6 16.61 -8.32 8.87
CA LYS A 6 16.53 -7.07 9.61
C LYS A 6 15.53 -6.16 8.90
N PHE A 7 14.75 -5.43 9.67
CA PHE A 7 13.78 -4.44 9.16
C PHE A 7 13.96 -3.17 10.01
N GLU A 8 14.25 -2.05 9.37
CA GLU A 8 14.53 -0.79 10.06
C GLU A 8 13.73 0.30 9.38
N ILE A 9 12.87 0.98 10.14
CA ILE A 9 12.07 2.08 9.61
C ILE A 9 12.98 3.30 9.52
N ILE A 10 13.39 3.58 8.29
CA ILE A 10 14.35 4.65 7.96
C ILE A 10 13.63 5.99 8.08
N GLU A 11 12.34 5.99 7.67
CA GLU A 11 11.50 7.20 7.66
C GLU A 11 10.02 6.80 7.72
N GLU A 12 9.19 7.64 8.34
CA GLU A 12 7.71 7.47 8.33
C GLU A 12 7.11 8.52 7.39
N LEU A 13 6.13 8.12 6.57
CA LEU A 13 5.50 9.04 5.60
C LEU A 13 4.12 9.47 6.11
N ILE A 14 3.25 8.48 6.34
CA ILE A 14 1.81 8.68 6.65
C ILE A 14 1.34 7.58 7.62
N VAL A 15 0.57 7.94 8.67
CA VAL A 15 -0.18 6.96 9.49
C VAL A 15 -1.66 6.99 9.05
N LEU A 16 -2.16 5.83 8.57
CA LEU A 16 -3.49 5.73 7.91
C LEU A 16 -4.60 5.38 8.93
N SER A 17 -4.20 4.72 10.03
CA SER A 17 -5.12 4.25 11.08
C SER A 17 -4.30 3.62 12.23
N GLU A 18 -4.91 3.59 13.42
CA GLU A 18 -4.27 3.15 14.68
C GLU A 18 -5.23 2.22 15.45
N ASN A 19 -4.71 1.11 15.97
CA ASN A 19 -5.57 0.01 16.52
C ASN A 19 -5.90 0.28 18.01
N ALA A 20 -6.92 -0.43 18.53
CA ALA A 20 -7.20 -0.49 19.98
C ALA A 20 -6.01 -1.13 20.74
N LYS A 21 -5.28 -2.02 20.04
CA LYS A 21 -4.03 -2.64 20.53
C LYS A 21 -2.81 -1.71 20.26
N GLY A 22 -3.08 -0.64 19.47
CA GLY A 22 -2.13 0.41 19.11
C GLY A 22 -1.72 0.31 17.65
N TRP A 23 -1.71 -0.95 17.13
CA TRP A 23 -1.16 -1.31 15.80
C TRP A 23 -1.59 -0.34 14.67
N ARG A 24 -0.62 0.38 14.12
CA ARG A 24 -0.87 1.46 13.16
C ARG A 24 -0.66 0.92 11.74
N LYS A 25 -1.71 0.93 10.90
CA LYS A 25 -1.50 0.65 9.47
C LYS A 25 -1.02 1.95 8.83
N GLU A 26 0.25 1.96 8.46
CA GLU A 26 0.94 3.16 7.98
C GLU A 26 1.79 2.86 6.75
N LEU A 27 2.08 3.95 6.03
CA LEU A 27 3.00 4.00 4.91
C LEU A 27 4.32 4.61 5.42
N ASN A 28 5.40 3.84 5.35
CA ASN A 28 6.73 4.27 5.81
C ASN A 28 7.83 3.57 5.00
N ARG A 29 9.03 4.16 5.04
CA ARG A 29 10.20 3.69 4.29
C ARG A 29 11.04 2.81 5.22
N VAL A 30 11.22 1.55 4.79
CA VAL A 30 11.91 0.50 5.57
C VAL A 30 13.14 -0.01 4.76
N SER A 31 14.17 -0.47 5.47
CA SER A 31 15.34 -1.14 4.88
C SER A 31 15.37 -2.57 5.39
N TRP A 32 15.61 -3.51 4.45
CA TRP A 32 15.72 -4.94 4.73
C TRP A 32 17.19 -5.37 4.67
N ASN A 33 17.75 -5.72 5.86
CA ASN A 33 19.15 -6.15 6.03
C ASN A 33 20.15 -5.08 5.54
N ASP A 34 19.86 -3.82 5.92
CA ASP A 34 20.68 -2.63 5.55
C ASP A 34 20.86 -2.47 4.02
N ALA A 35 19.81 -2.81 3.26
CA ALA A 35 19.77 -2.60 1.80
C ALA A 35 19.39 -1.16 1.48
N GLU A 36 19.42 -0.81 0.18
CA GLU A 36 18.89 0.47 -0.31
C GLU A 36 17.39 0.57 0.06
N PRO A 37 17.01 1.49 1.01
CA PRO A 37 15.64 1.54 1.59
C PRO A 37 14.57 1.86 0.52
N LYS A 38 13.36 1.38 0.77
CA LYS A 38 12.22 1.57 -0.14
C LYS A 38 10.96 1.75 0.67
N TYR A 39 9.87 2.01 -0.04
CA TYR A 39 8.57 2.28 0.57
C TYR A 39 7.93 0.95 1.01
N ASP A 40 7.13 1.04 2.05
CA ASP A 40 6.36 -0.08 2.58
C ASP A 40 5.03 0.45 3.14
N ILE A 41 4.00 -0.39 3.08
CA ILE A 41 2.68 -0.08 3.62
C ILE A 41 2.13 -1.37 4.26
N ARG A 42 1.88 -1.30 5.56
CA ARG A 42 1.49 -2.47 6.39
C ARG A 42 1.00 -1.98 7.75
N THR A 43 0.67 -2.92 8.64
CA THR A 43 0.34 -2.61 10.03
C THR A 43 1.55 -2.97 10.91
N TRP A 44 2.01 -1.99 11.70
CA TRP A 44 3.13 -2.12 12.65
C TRP A 44 2.57 -1.97 14.07
N SER A 45 3.36 -2.36 15.08
CA SER A 45 3.03 -2.09 16.50
C SER A 45 3.19 -0.57 16.81
N PRO A 46 2.63 -0.05 17.95
CA PRO A 46 2.93 1.33 18.43
C PRO A 46 4.45 1.58 18.56
N ASP A 47 5.19 0.52 18.95
CA ASP A 47 6.65 0.56 19.17
C ASP A 47 7.44 0.29 17.86
N HIS A 48 6.73 -0.08 16.76
CA HIS A 48 7.33 -0.37 15.42
C HIS A 48 8.28 -1.60 15.44
N GLU A 49 8.16 -2.44 16.48
CA GLU A 49 9.01 -3.64 16.69
C GLU A 49 8.34 -4.89 16.08
N LYS A 50 7.03 -4.79 15.84
CA LYS A 50 6.19 -5.87 15.30
C LYS A 50 5.61 -5.40 13.97
N MET A 51 5.39 -6.35 13.05
CA MET A 51 4.94 -6.06 11.68
C MET A 51 3.91 -7.10 11.23
N GLY A 52 3.21 -6.78 10.12
CA GLY A 52 2.19 -7.68 9.57
C GLY A 52 1.94 -7.43 8.09
N LYS A 53 0.73 -7.85 7.64
CA LYS A 53 0.34 -7.89 6.21
C LYS A 53 0.51 -6.54 5.52
N GLY A 54 1.30 -6.53 4.43
CA GLY A 54 1.52 -5.33 3.66
C GLY A 54 2.50 -5.56 2.53
N ILE A 55 2.75 -4.52 1.73
CA ILE A 55 3.54 -4.63 0.48
C ILE A 55 4.62 -3.52 0.45
N THR A 56 5.79 -3.88 -0.13
CA THR A 56 6.90 -2.96 -0.37
C THR A 56 6.84 -2.45 -1.82
N LEU A 57 7.13 -1.15 -1.99
CA LEU A 57 7.13 -0.46 -3.28
C LEU A 57 8.51 0.19 -3.46
N SER A 58 9.06 0.14 -4.67
CA SER A 58 10.32 0.87 -5.00
C SER A 58 9.94 2.31 -5.40
N GLU A 59 10.94 3.17 -5.62
CA GLU A 59 10.71 4.57 -6.04
C GLU A 59 9.91 4.67 -7.36
N GLU A 60 10.15 3.71 -8.28
CA GLU A 60 9.41 3.58 -9.55
C GLU A 60 7.90 3.32 -9.30
N GLU A 61 7.61 2.25 -8.51
CA GLU A 61 6.23 1.86 -8.14
C GLU A 61 5.48 3.03 -7.50
N PHE A 62 6.05 3.53 -6.39
CA PHE A 62 5.45 4.56 -5.55
C PHE A 62 5.28 5.88 -6.33
N GLY A 63 6.24 6.19 -7.23
CA GLY A 63 6.16 7.36 -8.09
C GLY A 63 4.96 7.34 -9.05
N VAL A 64 4.78 6.20 -9.76
CA VAL A 64 3.61 5.98 -10.64
C VAL A 64 2.30 6.08 -9.83
N LEU A 65 2.34 5.57 -8.56
CA LEU A 65 1.21 5.60 -7.62
C LEU A 65 0.83 7.06 -7.34
N LEU A 66 1.83 7.88 -6.93
CA LEU A 66 1.67 9.33 -6.61
C LEU A 66 1.05 10.12 -7.77
N LYS A 67 1.54 9.85 -8.98
CA LYS A 67 1.07 10.51 -10.22
C LYS A 67 -0.42 10.25 -10.46
N GLU A 68 -0.76 8.96 -10.49
CA GLU A 68 -2.12 8.50 -10.79
C GLU A 68 -3.11 8.87 -9.68
N LEU A 69 -2.63 8.93 -8.42
CA LEU A 69 -3.44 9.40 -7.28
C LEU A 69 -3.64 10.92 -7.34
N GLY A 70 -2.59 11.65 -7.77
CA GLY A 70 -2.66 13.09 -8.05
C GLY A 70 -3.75 13.44 -9.06
N ASN A 71 -3.96 12.52 -10.01
CA ASN A 71 -5.10 12.58 -10.97
C ASN A 71 -6.43 12.27 -10.23
N LYS A 72 -6.40 11.17 -9.45
CA LYS A 72 -7.54 10.73 -8.59
C LYS A 72 -7.92 11.70 -7.45
N LEU A 73 -7.19 12.86 -7.30
CA LEU A 73 -7.60 13.93 -6.36
C LEU A 73 -8.66 14.85 -7.01
N GLU A 74 -9.10 14.49 -8.22
CA GLU A 74 -10.25 15.09 -8.91
C GLU A 74 -11.48 14.16 -8.81
N HIS A 75 -11.35 13.08 -7.97
CA HIS A 75 -12.40 12.04 -7.65
C HIS A 75 -13.85 12.52 -7.86
N HIS A 76 -14.19 13.65 -7.22
CA HIS A 76 -15.47 14.38 -7.40
C HIS A 76 -15.44 15.67 -6.56
N HIS A 77 -16.49 16.50 -6.73
CA HIS A 77 -16.67 17.74 -5.96
C HIS A 77 -16.78 17.40 -4.44
N HIS A 78 -15.83 17.93 -3.64
CA HIS A 78 -15.77 17.72 -2.17
C HIS A 78 -17.00 18.35 -1.47
N HIS A 79 -18.09 17.57 -1.40
CA HIS A 79 -19.35 17.97 -0.76
C HIS A 79 -20.20 16.71 -0.52
N HIS A 80 -21.05 16.76 0.52
CA HIS A 80 -21.90 15.64 0.95
C HIS A 80 -23.28 16.18 1.39
N MET B 1 -20.76 -18.20 6.04
CA MET B 1 -19.51 -18.67 6.68
C MET B 1 -18.35 -18.62 5.67
N ALA B 2 -17.14 -18.27 6.15
CA ALA B 2 -15.91 -18.24 5.34
C ALA B 2 -14.69 -18.38 6.26
N ASP B 3 -14.02 -19.55 6.15
CA ASP B 3 -12.71 -19.83 6.82
C ASP B 3 -11.54 -19.24 6.00
N LYS B 4 -11.90 -18.63 4.86
CA LYS B 4 -11.00 -18.06 3.88
C LYS B 4 -11.80 -16.97 3.19
N LEU B 5 -11.20 -15.79 2.95
CA LEU B 5 -11.99 -14.62 2.55
C LEU B 5 -12.07 -14.57 1.03
N LYS B 6 -13.29 -14.67 0.53
CA LYS B 6 -13.58 -14.54 -0.90
C LYS B 6 -13.38 -13.08 -1.31
N PHE B 7 -13.00 -12.87 -2.56
CA PHE B 7 -12.65 -11.55 -3.08
C PHE B 7 -13.11 -11.44 -4.54
N GLU B 8 -13.52 -10.24 -4.94
CA GLU B 8 -13.90 -9.94 -6.32
C GLU B 8 -13.33 -8.56 -6.67
N ILE B 9 -12.52 -8.50 -7.73
CA ILE B 9 -11.90 -7.24 -8.16
C ILE B 9 -12.98 -6.42 -8.88
N ILE B 10 -13.44 -5.37 -8.20
CA ILE B 10 -14.53 -4.49 -8.66
C ILE B 10 -13.99 -3.54 -9.75
N GLU B 11 -12.72 -3.13 -9.57
CA GLU B 11 -11.99 -2.29 -10.53
C GLU B 11 -10.48 -2.43 -10.30
N GLU B 12 -9.69 -2.24 -11.36
CA GLU B 12 -8.21 -2.12 -11.26
C GLU B 12 -7.86 -0.63 -11.37
N LEU B 13 -7.04 -0.11 -10.44
CA LEU B 13 -6.77 1.33 -10.36
C LEU B 13 -5.45 1.71 -11.05
N ILE B 14 -4.34 1.14 -10.55
CA ILE B 14 -2.97 1.52 -10.96
C ILE B 14 -2.07 0.26 -10.99
N VAL B 15 -1.34 0.03 -12.09
CA VAL B 15 -0.29 -1.02 -12.14
C VAL B 15 1.08 -0.33 -11.92
N LEU B 16 1.79 -0.80 -10.89
CA LEU B 16 3.03 -0.17 -10.39
C LEU B 16 4.29 -0.87 -10.93
N SER B 17 4.20 -2.19 -11.13
CA SER B 17 5.35 -3.05 -11.51
C SER B 17 4.87 -4.43 -11.98
N GLU B 18 5.74 -5.12 -12.76
CA GLU B 18 5.50 -6.49 -13.30
C GLU B 18 6.75 -7.34 -13.04
N ASN B 19 6.57 -8.58 -12.55
CA ASN B 19 7.72 -9.44 -12.12
C ASN B 19 8.27 -10.23 -13.33
N ALA B 20 9.46 -10.82 -13.20
CA ALA B 20 9.98 -11.83 -14.16
C ALA B 20 9.21 -13.17 -14.02
N LYS B 21 8.45 -13.29 -12.92
CA LYS B 21 7.43 -14.36 -12.72
C LYS B 21 6.06 -13.91 -13.33
N GLY B 22 6.00 -12.60 -13.63
CA GLY B 22 4.85 -11.91 -14.19
C GLY B 22 4.14 -11.06 -13.13
N TRP B 23 4.20 -11.54 -11.87
CA TRP B 23 3.45 -11.00 -10.71
C TRP B 23 3.51 -9.46 -10.63
N ARG B 24 2.34 -8.80 -10.71
CA ARG B 24 2.25 -7.34 -10.79
C ARG B 24 1.92 -6.73 -9.44
N LYS B 25 2.73 -5.75 -9.03
CA LYS B 25 2.42 -4.91 -7.85
C LYS B 25 1.40 -3.88 -8.32
N GLU B 26 0.16 -3.99 -7.84
CA GLU B 26 -0.93 -3.10 -8.28
C GLU B 26 -1.84 -2.70 -7.12
N LEU B 27 -2.49 -1.55 -7.33
CA LEU B 27 -3.58 -1.02 -6.51
C LEU B 27 -4.89 -1.26 -7.28
N ASN B 28 -5.83 -1.94 -6.64
CA ASN B 28 -7.17 -2.22 -7.20
C ASN B 28 -8.24 -2.00 -6.13
N ARG B 29 -9.51 -1.93 -6.56
CA ARG B 29 -10.68 -1.93 -5.66
C ARG B 29 -11.25 -3.35 -5.67
N VAL B 30 -11.30 -3.97 -4.48
CA VAL B 30 -11.75 -5.37 -4.28
C VAL B 30 -12.84 -5.42 -3.19
N SER B 31 -13.81 -6.34 -3.35
CA SER B 31 -14.91 -6.57 -2.39
C SER B 31 -14.67 -7.94 -1.76
N TRP B 32 -14.64 -7.98 -0.42
CA TRP B 32 -14.35 -9.20 0.34
C TRP B 32 -15.65 -9.83 0.87
N ASN B 33 -15.97 -11.04 0.38
CA ASN B 33 -17.20 -11.79 0.72
C ASN B 33 -18.46 -11.03 0.27
N ASP B 34 -18.35 -10.29 -0.86
CA ASP B 34 -19.41 -9.39 -1.39
C ASP B 34 -19.91 -8.40 -0.32
N ALA B 35 -18.97 -7.88 0.48
CA ALA B 35 -19.23 -6.81 1.46
C ALA B 35 -18.98 -5.44 0.77
N GLU B 36 -18.68 -4.41 1.57
CA GLU B 36 -18.17 -3.12 1.07
C GLU B 36 -16.97 -3.33 0.07
N PRO B 37 -17.07 -2.80 -1.19
CA PRO B 37 -15.92 -2.69 -2.10
C PRO B 37 -14.96 -1.62 -1.56
N LYS B 38 -13.72 -2.03 -1.26
CA LYS B 38 -12.73 -1.18 -0.59
C LYS B 38 -11.46 -1.15 -1.45
N TYR B 39 -10.50 -0.33 -1.05
CA TYR B 39 -9.21 -0.26 -1.73
C TYR B 39 -8.29 -1.38 -1.22
N ASP B 40 -7.63 -2.04 -2.15
CA ASP B 40 -6.71 -3.15 -1.88
C ASP B 40 -5.40 -2.92 -2.66
N ILE B 41 -4.25 -3.20 -2.03
CA ILE B 41 -2.94 -3.03 -2.66
C ILE B 41 -2.04 -4.23 -2.31
N ARG B 42 -1.48 -4.87 -3.35
CA ARG B 42 -0.60 -6.05 -3.20
C ARG B 42 0.00 -6.46 -4.55
N THR B 43 0.74 -7.56 -4.55
CA THR B 43 1.25 -8.17 -5.75
C THR B 43 0.34 -9.39 -6.06
N TRP B 44 -0.20 -9.43 -7.27
CA TRP B 44 -1.07 -10.51 -7.75
C TRP B 44 -0.33 -11.24 -8.88
N SER B 45 -0.78 -12.44 -9.21
CA SER B 45 -0.26 -13.19 -10.36
C SER B 45 -0.77 -12.54 -11.69
N PRO B 46 -0.15 -12.84 -12.88
CA PRO B 46 -0.65 -12.37 -14.20
C PRO B 46 -2.14 -12.72 -14.46
N ASP B 47 -2.61 -13.84 -13.88
CA ASP B 47 -4.01 -14.29 -14.03
C ASP B 47 -4.89 -13.90 -12.81
N HIS B 48 -4.27 -13.24 -11.79
CA HIS B 48 -4.93 -12.87 -10.49
C HIS B 48 -5.47 -14.11 -9.73
N GLU B 49 -4.95 -15.30 -10.09
CA GLU B 49 -5.32 -16.59 -9.46
C GLU B 49 -4.54 -16.80 -8.14
N LYS B 50 -3.41 -16.07 -8.03
CA LYS B 50 -2.52 -16.08 -6.87
C LYS B 50 -2.34 -14.65 -6.35
N MET B 51 -1.93 -14.56 -5.09
CA MET B 51 -1.75 -13.29 -4.36
C MET B 51 -0.73 -13.51 -3.22
N GLY B 52 -0.28 -12.42 -2.59
CA GLY B 52 0.67 -12.52 -1.48
C GLY B 52 0.66 -11.30 -0.58
N LYS B 53 1.87 -10.81 -0.23
CA LYS B 53 2.06 -9.66 0.67
C LYS B 53 1.31 -8.42 0.17
N GLY B 54 0.37 -7.94 1.01
CA GLY B 54 -0.42 -6.76 0.71
C GLY B 54 -1.33 -6.41 1.87
N ILE B 55 -2.06 -5.30 1.72
CA ILE B 55 -2.90 -4.73 2.78
C ILE B 55 -4.17 -4.10 2.15
N THR B 56 -5.25 -4.08 2.94
CA THR B 56 -6.52 -3.43 2.57
C THR B 56 -6.59 -2.03 3.24
N LEU B 57 -7.26 -1.12 2.56
CA LEU B 57 -7.51 0.26 3.00
C LEU B 57 -9.01 0.56 2.80
N SER B 58 -9.62 1.32 3.72
CA SER B 58 -11.01 1.79 3.59
C SER B 58 -10.99 3.21 2.98
N GLU B 59 -12.17 3.83 2.80
CA GLU B 59 -12.28 5.24 2.34
C GLU B 59 -11.54 6.20 3.30
N GLU B 60 -11.57 5.85 4.59
CA GLU B 60 -10.90 6.59 5.66
C GLU B 60 -9.36 6.55 5.49
N GLU B 61 -8.76 5.34 5.48
CA GLU B 61 -7.29 5.19 5.36
C GLU B 61 -6.77 5.74 4.01
N PHE B 62 -7.43 5.32 2.92
CA PHE B 62 -7.07 5.74 1.55
C PHE B 62 -7.26 7.25 1.37
N GLY B 63 -8.31 7.83 2.00
CA GLY B 63 -8.53 9.27 2.01
C GLY B 63 -7.41 10.05 2.69
N VAL B 64 -6.98 9.57 3.87
CA VAL B 64 -5.83 10.13 4.61
C VAL B 64 -4.56 10.05 3.73
N LEU B 65 -4.40 8.91 3.02
CA LEU B 65 -3.28 8.66 2.10
C LEU B 65 -3.25 9.73 1.00
N LEU B 66 -4.42 9.93 0.32
CA LEU B 66 -4.57 10.92 -0.76
C LEU B 66 -4.22 12.36 -0.31
N LYS B 67 -4.69 12.72 0.90
CA LYS B 67 -4.44 14.04 1.52
C LYS B 67 -2.94 14.29 1.73
N GLU B 68 -2.31 13.40 2.52
CA GLU B 68 -0.95 13.58 2.99
C GLU B 68 0.04 13.42 1.83
N LEU B 69 -0.20 12.43 0.93
CA LEU B 69 0.56 12.29 -0.34
C LEU B 69 0.41 13.57 -1.18
N GLY B 70 -0.85 14.06 -1.27
CA GLY B 70 -1.17 15.29 -2.02
C GLY B 70 -0.34 16.50 -1.57
N ASN B 71 -0.05 16.56 -0.25
CA ASN B 71 0.85 17.58 0.33
C ASN B 71 2.30 17.28 -0.12
N LYS B 72 2.72 16.03 0.11
CA LYS B 72 4.05 15.47 -0.32
C LYS B 72 4.26 15.54 -1.86
N LEU B 73 3.20 15.85 -2.63
CA LEU B 73 3.30 16.07 -4.10
C LEU B 73 3.83 17.47 -4.45
N GLU B 74 4.31 18.22 -3.44
CA GLU B 74 5.16 19.41 -3.66
C GLU B 74 6.46 18.93 -4.32
N HIS B 75 6.98 17.80 -3.78
CA HIS B 75 8.05 16.95 -4.37
C HIS B 75 9.22 17.77 -4.98
N HIS B 76 9.56 18.88 -4.30
CA HIS B 76 10.75 19.70 -4.59
C HIS B 76 10.74 20.23 -6.06
N HIS B 77 11.93 20.43 -6.67
CA HIS B 77 12.03 20.95 -8.06
C HIS B 77 11.57 19.88 -9.12
N HIS B 78 11.41 18.62 -8.67
CA HIS B 78 10.92 17.46 -9.48
C HIS B 78 12.01 16.94 -10.45
N HIS B 79 12.38 17.78 -11.43
CA HIS B 79 13.42 17.50 -12.43
C HIS B 79 14.26 18.78 -12.68
N HIS B 80 15.33 18.68 -13.49
CA HIS B 80 16.17 19.84 -13.87
C HIS B 80 16.96 19.51 -15.15
N MET A 1 20.66 -15.63 0.74
CA MET A 1 20.45 -16.63 1.81
C MET A 1 20.04 -15.94 3.13
N ALA A 2 19.49 -14.70 3.05
CA ALA A 2 19.05 -13.92 4.22
C ALA A 2 17.78 -14.54 4.84
N ASP A 3 17.98 -15.39 5.87
CA ASP A 3 16.89 -16.07 6.60
C ASP A 3 16.14 -15.05 7.46
N LYS A 4 16.90 -14.35 8.30
CA LYS A 4 16.41 -13.22 9.10
C LYS A 4 16.79 -11.93 8.35
N LEU A 5 15.78 -11.09 8.11
CA LEU A 5 15.96 -9.77 7.50
C LEU A 5 16.19 -8.74 8.60
N LYS A 6 16.80 -7.61 8.22
CA LYS A 6 16.95 -6.45 9.09
C LYS A 6 16.06 -5.34 8.52
N PHE A 7 15.59 -4.44 9.38
CA PHE A 7 14.83 -3.26 8.97
C PHE A 7 15.23 -2.10 9.87
N GLU A 8 15.35 -0.91 9.28
CA GLU A 8 15.56 0.33 10.02
C GLU A 8 14.56 1.34 9.48
N ILE A 9 13.71 1.90 10.34
CA ILE A 9 12.71 2.89 9.93
C ILE A 9 13.45 4.21 9.69
N ILE A 10 13.51 4.61 8.42
CA ILE A 10 14.21 5.82 7.97
C ILE A 10 13.35 7.06 8.24
N GLU A 11 12.03 6.91 8.05
CA GLU A 11 11.04 7.98 8.30
C GLU A 11 9.63 7.37 8.38
N GLU A 12 8.72 8.03 9.11
CA GLU A 12 7.27 7.74 9.08
C GLU A 12 6.60 8.80 8.20
N LEU A 13 5.75 8.36 7.27
CA LEU A 13 5.17 9.26 6.27
C LEU A 13 3.71 9.62 6.62
N ILE A 14 2.84 8.61 6.70
CA ILE A 14 1.38 8.79 6.84
C ILE A 14 0.80 7.68 7.72
N VAL A 15 0.19 8.03 8.87
CA VAL A 15 -0.57 7.04 9.68
C VAL A 15 -2.00 6.97 9.10
N LEU A 16 -2.39 5.78 8.63
CA LEU A 16 -3.68 5.57 7.93
C LEU A 16 -4.78 5.18 8.91
N SER A 17 -4.39 4.44 9.97
CA SER A 17 -5.33 3.86 10.94
C SER A 17 -4.58 3.14 12.07
N GLU A 18 -5.31 2.95 13.18
CA GLU A 18 -4.84 2.30 14.42
C GLU A 18 -5.87 1.20 14.81
N ASN A 19 -5.38 0.02 15.22
CA ASN A 19 -6.26 -1.15 15.51
C ASN A 19 -6.70 -1.17 17.00
N ALA A 20 -7.60 -2.11 17.37
CA ALA A 20 -8.02 -2.33 18.77
C ALA A 20 -6.82 -2.75 19.64
N LYS A 21 -6.02 -3.72 19.16
CA LYS A 21 -4.70 -4.06 19.77
C LYS A 21 -3.61 -3.01 19.46
N GLY A 22 -3.98 -1.96 18.70
CA GLY A 22 -3.11 -0.82 18.42
C GLY A 22 -2.58 -0.83 17.01
N TRP A 23 -2.45 -2.05 16.43
CA TRP A 23 -1.76 -2.31 15.14
C TRP A 23 -2.07 -1.23 14.07
N ARG A 24 -1.07 -0.37 13.80
CA ARG A 24 -1.25 0.83 13.00
C ARG A 24 -0.86 0.53 11.57
N LYS A 25 -1.84 0.61 10.66
CA LYS A 25 -1.54 0.50 9.24
C LYS A 25 -1.10 1.88 8.78
N GLU A 26 0.13 1.97 8.32
CA GLU A 26 0.72 3.23 7.88
C GLU A 26 1.71 3.04 6.76
N LEU A 27 2.11 4.17 6.17
CA LEU A 27 3.13 4.27 5.15
C LEU A 27 4.38 4.92 5.80
N ASN A 28 5.51 4.23 5.73
CA ASN A 28 6.81 4.73 6.22
C ASN A 28 7.91 4.36 5.23
N ARG A 29 9.07 5.00 5.32
CA ARG A 29 10.25 4.62 4.54
C ARG A 29 11.14 3.76 5.43
N VAL A 30 11.49 2.55 4.94
CA VAL A 30 12.31 1.56 5.65
C VAL A 30 13.53 1.18 4.77
N SER A 31 14.64 0.83 5.42
CA SER A 31 15.83 0.27 4.77
C SER A 31 15.90 -1.20 5.20
N TRP A 32 15.84 -2.12 4.23
CA TRP A 32 15.81 -3.56 4.50
C TRP A 32 17.21 -4.14 4.31
N ASN A 33 17.80 -4.63 5.43
CA ASN A 33 19.16 -5.20 5.49
C ASN A 33 20.22 -4.14 5.10
N ASP A 34 19.94 -2.88 5.48
CA ASP A 34 20.74 -1.68 5.16
C ASP A 34 20.94 -1.51 3.62
N ALA A 35 19.88 -1.80 2.85
CA ALA A 35 19.87 -1.60 1.38
C ALA A 35 19.28 -0.21 1.04
N GLU A 36 18.86 -0.03 -0.24
CA GLU A 36 18.09 1.14 -0.70
C GLU A 36 16.88 1.44 0.25
N PRO A 37 16.88 2.63 0.96
CA PRO A 37 15.71 3.12 1.70
C PRO A 37 14.54 3.40 0.74
N LYS A 38 13.42 2.72 0.96
CA LYS A 38 12.28 2.73 0.03
C LYS A 38 10.97 2.69 0.80
N TYR A 39 9.87 2.91 0.08
CA TYR A 39 8.56 3.17 0.66
C TYR A 39 7.85 1.86 1.00
N ASP A 40 7.43 1.77 2.24
CA ASP A 40 6.87 0.55 2.83
C ASP A 40 5.48 0.87 3.38
N ILE A 41 4.49 0.02 3.10
CA ILE A 41 3.11 0.24 3.56
C ILE A 41 2.71 -1.04 4.31
N ARG A 42 2.75 -0.91 5.63
CA ARG A 42 2.80 -2.02 6.57
C ARG A 42 1.89 -1.75 7.75
N THR A 43 1.42 -2.80 8.44
CA THR A 43 0.75 -2.67 9.71
C THR A 43 1.78 -3.06 10.79
N TRP A 44 2.06 -2.12 11.71
CA TRP A 44 3.06 -2.29 12.77
C TRP A 44 2.34 -2.36 14.12
N SER A 45 3.06 -2.78 15.15
CA SER A 45 2.64 -2.53 16.54
C SER A 45 2.84 -1.04 16.89
N PRO A 46 2.17 -0.50 17.96
CA PRO A 46 2.49 0.85 18.51
C PRO A 46 4.00 1.01 18.88
N ASP A 47 4.66 -0.10 19.22
CA ASP A 47 6.10 -0.14 19.59
C ASP A 47 7.01 -0.45 18.37
N HIS A 48 6.39 -0.69 17.18
CA HIS A 48 7.12 -1.03 15.90
C HIS A 48 7.93 -2.35 15.99
N GLU A 49 7.62 -3.18 17.01
CA GLU A 49 8.29 -4.47 17.23
C GLU A 49 7.60 -5.61 16.44
N LYS A 50 6.33 -5.40 16.09
CA LYS A 50 5.51 -6.38 15.37
C LYS A 50 5.21 -5.87 13.97
N MET A 51 5.20 -6.81 13.01
CA MET A 51 4.93 -6.56 11.58
C MET A 51 4.20 -7.78 10.99
N GLY A 52 3.50 -7.57 9.86
CA GLY A 52 2.63 -8.61 9.29
C GLY A 52 2.34 -8.34 7.81
N LYS A 53 1.05 -8.41 7.42
CA LYS A 53 0.57 -8.12 6.06
C LYS A 53 0.91 -6.67 5.64
N GLY A 54 1.74 -6.55 4.60
CA GLY A 54 2.12 -5.28 3.99
C GLY A 54 3.05 -5.52 2.81
N ILE A 55 3.42 -4.44 2.10
CA ILE A 55 4.20 -4.54 0.85
C ILE A 55 5.19 -3.36 0.76
N THR A 56 6.36 -3.62 0.14
CA THR A 56 7.41 -2.60 -0.07
C THR A 56 7.38 -2.17 -1.54
N LEU A 57 7.73 -0.91 -1.77
CA LEU A 57 7.67 -0.23 -3.06
C LEU A 57 8.99 0.53 -3.24
N SER A 58 9.55 0.47 -4.44
CA SER A 58 10.78 1.19 -4.78
C SER A 58 10.40 2.62 -5.19
N GLU A 59 11.41 3.49 -5.37
CA GLU A 59 11.19 4.89 -5.79
C GLU A 59 10.45 4.95 -7.13
N GLU A 60 10.80 4.01 -8.02
CA GLU A 60 10.18 3.81 -9.35
C GLU A 60 8.66 3.54 -9.21
N GLU A 61 8.34 2.48 -8.46
CA GLU A 61 6.98 1.91 -8.34
C GLU A 61 6.04 2.89 -7.60
N PHE A 62 6.52 3.39 -6.46
CA PHE A 62 5.82 4.38 -5.64
C PHE A 62 5.70 5.72 -6.39
N GLY A 63 6.71 6.04 -7.22
CA GLY A 63 6.64 7.21 -8.11
C GLY A 63 5.49 7.11 -9.10
N VAL A 64 5.33 5.91 -9.73
CA VAL A 64 4.20 5.59 -10.61
C VAL A 64 2.88 5.79 -9.83
N LEU A 65 2.86 5.31 -8.56
CA LEU A 65 1.68 5.42 -7.68
C LEU A 65 1.29 6.90 -7.50
N LEU A 66 2.27 7.77 -7.13
CA LEU A 66 2.06 9.23 -6.90
C LEU A 66 1.52 9.95 -8.15
N LYS A 67 2.08 9.59 -9.32
CA LYS A 67 1.69 10.18 -10.62
C LYS A 67 0.25 9.86 -10.97
N GLU A 68 -0.09 8.55 -10.95
CA GLU A 68 -1.40 8.06 -11.36
C GLU A 68 -2.49 8.44 -10.34
N LEU A 69 -2.11 8.48 -9.03
CA LEU A 69 -2.99 9.00 -7.96
C LEU A 69 -3.24 10.49 -8.18
N GLY A 70 -2.17 11.24 -8.49
CA GLY A 70 -2.25 12.68 -8.77
C GLY A 70 -3.22 13.01 -9.91
N ASN A 71 -3.22 12.10 -10.92
CA ASN A 71 -4.21 12.14 -12.03
C ASN A 71 -5.62 11.97 -11.43
N LYS A 72 -5.81 10.81 -10.77
CA LYS A 72 -7.04 10.46 -10.00
C LYS A 72 -7.48 11.53 -8.95
N LEU A 73 -6.58 12.44 -8.52
CA LEU A 73 -6.91 13.53 -7.56
C LEU A 73 -7.65 14.71 -8.23
N GLU A 74 -7.93 14.57 -9.55
CA GLU A 74 -8.84 15.50 -10.27
C GLU A 74 -10.31 15.06 -10.08
N HIS A 75 -10.53 14.00 -9.28
CA HIS A 75 -11.87 13.43 -9.00
C HIS A 75 -12.40 13.98 -7.67
N HIS A 76 -12.05 15.25 -7.40
CA HIS A 76 -12.51 15.99 -6.23
C HIS A 76 -13.48 17.11 -6.69
N HIS A 77 -14.30 16.81 -7.72
CA HIS A 77 -15.35 17.72 -8.21
C HIS A 77 -16.74 17.06 -8.02
N HIS A 78 -17.24 17.08 -6.78
CA HIS A 78 -18.61 16.61 -6.48
C HIS A 78 -19.63 17.55 -7.12
N HIS A 79 -20.50 16.97 -7.98
CA HIS A 79 -21.59 17.69 -8.67
C HIS A 79 -22.55 18.32 -7.63
N HIS A 80 -22.98 19.57 -7.88
CA HIS A 80 -23.70 20.38 -6.90
C HIS A 80 -25.19 20.46 -7.33
N MET B 1 -14.99 -16.26 13.04
CA MET B 1 -16.07 -16.89 12.26
C MET B 1 -15.69 -16.98 10.77
N ALA B 2 -14.38 -16.84 10.48
CA ALA B 2 -13.81 -16.94 9.14
C ALA B 2 -13.46 -18.40 8.83
N ASP B 3 -14.46 -19.13 8.32
CA ASP B 3 -14.29 -20.50 7.77
C ASP B 3 -13.63 -20.45 6.38
N LYS B 4 -13.89 -19.34 5.68
CA LYS B 4 -13.62 -19.18 4.25
C LYS B 4 -13.96 -17.75 3.85
N LEU B 5 -12.97 -16.99 3.39
CA LEU B 5 -13.19 -15.62 2.88
C LEU B 5 -13.32 -15.67 1.36
N LYS B 6 -13.98 -14.67 0.80
CA LYS B 6 -14.11 -14.47 -0.64
C LYS B 6 -13.50 -13.12 -0.97
N PHE B 7 -12.91 -12.98 -2.16
CA PHE B 7 -12.28 -11.74 -2.63
C PHE B 7 -12.63 -11.59 -4.10
N GLU B 8 -13.12 -10.40 -4.49
CA GLU B 8 -13.53 -10.14 -5.87
C GLU B 8 -13.11 -8.73 -6.25
N ILE B 9 -12.34 -8.61 -7.34
CA ILE B 9 -11.77 -7.33 -7.76
C ILE B 9 -12.86 -6.54 -8.49
N ILE B 10 -13.31 -5.48 -7.83
CA ILE B 10 -14.42 -4.63 -8.29
C ILE B 10 -13.89 -3.64 -9.35
N GLU B 11 -12.64 -3.19 -9.18
CA GLU B 11 -12.01 -2.22 -10.11
C GLU B 11 -10.48 -2.30 -10.01
N GLU B 12 -9.78 -1.92 -11.09
CA GLU B 12 -8.31 -1.69 -11.08
C GLU B 12 -8.04 -0.19 -11.11
N LEU B 13 -7.07 0.29 -10.31
CA LEU B 13 -6.74 1.72 -10.26
C LEU B 13 -5.39 1.99 -10.95
N ILE B 14 -4.34 1.32 -10.45
CA ILE B 14 -2.94 1.56 -10.86
C ILE B 14 -2.17 0.22 -10.83
N VAL B 15 -1.47 -0.12 -11.92
CA VAL B 15 -0.48 -1.22 -11.92
C VAL B 15 0.93 -0.61 -11.71
N LEU B 16 1.65 -1.08 -10.68
CA LEU B 16 2.95 -0.51 -10.26
C LEU B 16 4.12 -1.27 -10.87
N SER B 17 3.89 -2.56 -11.16
CA SER B 17 4.90 -3.52 -11.66
C SER B 17 4.22 -4.85 -12.03
N GLU B 18 4.94 -5.63 -12.86
CA GLU B 18 4.52 -6.95 -13.36
C GLU B 18 5.76 -7.87 -13.46
N ASN B 19 5.61 -9.16 -13.09
CA ASN B 19 6.77 -10.08 -12.94
C ASN B 19 6.95 -10.96 -14.20
N ALA B 20 8.11 -11.65 -14.31
CA ALA B 20 8.34 -12.71 -15.32
C ALA B 20 7.28 -13.81 -15.22
N LYS B 21 7.01 -14.24 -13.97
CA LYS B 21 5.90 -15.16 -13.64
C LYS B 21 4.51 -14.47 -13.79
N GLY B 22 4.54 -13.14 -13.92
CA GLY B 22 3.37 -12.32 -14.21
C GLY B 22 3.00 -11.46 -13.02
N TRP B 23 3.31 -11.98 -11.79
CA TRP B 23 2.88 -11.40 -10.50
C TRP B 23 3.03 -9.85 -10.46
N ARG B 24 1.88 -9.17 -10.56
CA ARG B 24 1.79 -7.73 -10.61
C ARG B 24 1.66 -7.20 -9.20
N LYS B 25 2.36 -6.13 -8.84
CA LYS B 25 2.01 -5.40 -7.61
C LYS B 25 1.16 -4.21 -8.06
N GLU B 26 -0.11 -4.24 -7.69
CA GLU B 26 -1.08 -3.24 -8.13
C GLU B 26 -1.97 -2.77 -6.98
N LEU B 27 -2.52 -1.56 -7.20
CA LEU B 27 -3.54 -0.96 -6.39
C LEU B 27 -4.89 -1.12 -7.14
N ASN B 28 -5.80 -1.87 -6.54
CA ASN B 28 -7.12 -2.16 -7.10
C ASN B 28 -8.14 -2.28 -5.98
N ARG B 29 -9.41 -2.10 -6.32
CA ARG B 29 -10.50 -2.16 -5.35
C ARG B 29 -11.05 -3.58 -5.34
N VAL B 30 -11.08 -4.18 -4.14
CA VAL B 30 -11.55 -5.56 -3.88
C VAL B 30 -12.70 -5.52 -2.85
N SER B 31 -13.66 -6.44 -2.99
CA SER B 31 -14.74 -6.65 -2.03
C SER B 31 -14.49 -8.01 -1.37
N TRP B 32 -14.56 -8.06 -0.04
CA TRP B 32 -14.34 -9.28 0.75
C TRP B 32 -15.68 -9.81 1.26
N ASN B 33 -16.09 -10.99 0.73
CA ASN B 33 -17.36 -11.66 1.11
C ASN B 33 -18.58 -10.80 0.74
N ASP B 34 -18.48 -10.11 -0.42
CA ASP B 34 -19.52 -9.22 -0.96
C ASP B 34 -19.84 -8.05 0.03
N ALA B 35 -18.81 -7.60 0.78
CA ALA B 35 -18.96 -6.49 1.76
C ALA B 35 -18.56 -5.15 1.09
N GLU B 36 -18.22 -4.14 1.92
CA GLU B 36 -17.66 -2.85 1.47
C GLU B 36 -16.50 -3.02 0.44
N PRO B 37 -16.71 -2.60 -0.86
CA PRO B 37 -15.61 -2.55 -1.85
C PRO B 37 -14.61 -1.47 -1.43
N LYS B 38 -13.36 -1.87 -1.22
CA LYS B 38 -12.33 -1.01 -0.62
C LYS B 38 -11.03 -1.21 -1.37
N TYR B 39 -10.05 -0.38 -1.06
CA TYR B 39 -8.77 -0.36 -1.77
C TYR B 39 -7.86 -1.48 -1.23
N ASP B 40 -7.10 -2.07 -2.12
CA ASP B 40 -6.10 -3.11 -1.79
C ASP B 40 -4.83 -2.83 -2.60
N ILE B 41 -3.68 -2.98 -1.96
CA ILE B 41 -2.38 -2.72 -2.56
C ILE B 41 -1.49 -3.91 -2.21
N ARG B 42 -1.24 -4.74 -3.22
CA ARG B 42 -0.62 -6.07 -3.03
C ARG B 42 -0.15 -6.65 -4.33
N THR B 43 0.46 -7.85 -4.26
CA THR B 43 0.91 -8.56 -5.43
C THR B 43 -0.12 -9.66 -5.75
N TRP B 44 -0.65 -9.63 -6.97
CA TRP B 44 -1.60 -10.63 -7.53
C TRP B 44 -0.89 -11.39 -8.65
N SER B 45 -1.44 -12.57 -9.01
CA SER B 45 -1.02 -13.30 -10.23
C SER B 45 -1.56 -12.55 -11.50
N PRO B 46 -1.07 -12.88 -12.74
CA PRO B 46 -1.66 -12.33 -14.00
C PRO B 46 -3.14 -12.73 -14.15
N ASP B 47 -3.50 -13.90 -13.56
CA ASP B 47 -4.88 -14.43 -13.57
C ASP B 47 -5.73 -13.81 -12.44
N HIS B 48 -5.07 -13.06 -11.51
CA HIS B 48 -5.73 -12.41 -10.35
C HIS B 48 -6.35 -13.43 -9.36
N GLU B 49 -5.94 -14.71 -9.45
CA GLU B 49 -6.46 -15.82 -8.62
C GLU B 49 -5.56 -16.05 -7.39
N LYS B 50 -4.33 -15.51 -7.46
CA LYS B 50 -3.31 -15.67 -6.41
C LYS B 50 -3.00 -14.30 -5.85
N MET B 51 -2.67 -14.23 -4.56
CA MET B 51 -2.36 -12.98 -3.85
C MET B 51 -1.27 -13.23 -2.81
N GLY B 52 -0.61 -12.14 -2.36
CA GLY B 52 0.50 -12.27 -1.42
C GLY B 52 0.78 -10.97 -0.68
N LYS B 53 2.07 -10.59 -0.60
CA LYS B 53 2.56 -9.42 0.17
C LYS B 53 1.76 -8.15 -0.16
N GLY B 54 0.96 -7.66 0.79
CA GLY B 54 0.19 -6.45 0.62
C GLY B 54 -0.76 -6.19 1.77
N ILE B 55 -1.63 -5.20 1.61
CA ILE B 55 -2.48 -4.70 2.71
C ILE B 55 -3.78 -4.06 2.17
N THR B 56 -4.86 -4.18 2.97
CA THR B 56 -6.19 -3.62 2.66
C THR B 56 -6.34 -2.23 3.32
N LEU B 57 -6.99 -1.33 2.58
CA LEU B 57 -7.21 0.07 2.96
C LEU B 57 -8.70 0.40 2.73
N SER B 58 -9.33 1.09 3.68
CA SER B 58 -10.73 1.53 3.60
C SER B 58 -10.77 2.92 2.97
N GLU B 59 -11.98 3.42 2.62
CA GLU B 59 -12.12 4.73 1.95
C GLU B 59 -11.62 5.90 2.82
N GLU B 60 -11.80 5.77 4.15
CA GLU B 60 -11.25 6.71 5.16
C GLU B 60 -9.71 6.71 5.13
N GLU B 61 -9.13 5.51 5.30
CA GLU B 61 -7.67 5.30 5.47
C GLU B 61 -6.89 5.72 4.21
N PHE B 62 -7.37 5.21 3.07
CA PHE B 62 -6.83 5.52 1.73
C PHE B 62 -7.10 6.99 1.35
N GLY B 63 -8.24 7.55 1.82
CA GLY B 63 -8.50 8.98 1.66
C GLY B 63 -7.43 9.85 2.33
N VAL B 64 -7.08 9.49 3.59
CA VAL B 64 -6.00 10.14 4.34
C VAL B 64 -4.67 9.98 3.59
N LEU B 65 -4.45 8.78 2.99
CA LEU B 65 -3.25 8.51 2.17
C LEU B 65 -3.14 9.53 1.02
N LEU B 66 -4.24 9.69 0.24
CA LEU B 66 -4.30 10.60 -0.94
C LEU B 66 -4.00 12.07 -0.57
N LYS B 67 -4.65 12.53 0.51
CA LYS B 67 -4.51 13.90 1.06
C LYS B 67 -3.04 14.18 1.42
N GLU B 68 -2.49 13.31 2.28
CA GLU B 68 -1.15 13.47 2.82
C GLU B 68 -0.07 13.30 1.75
N LEU B 69 -0.29 12.41 0.76
CA LEU B 69 0.60 12.27 -0.42
C LEU B 69 0.61 13.58 -1.22
N GLY B 70 -0.61 14.14 -1.43
CA GLY B 70 -0.78 15.38 -2.18
C GLY B 70 -0.01 16.56 -1.56
N ASN B 71 0.04 16.58 -0.20
CA ASN B 71 0.87 17.56 0.54
C ASN B 71 2.37 17.19 0.38
N LYS B 72 2.74 15.97 0.82
CA LYS B 72 4.12 15.40 0.70
C LYS B 72 4.77 15.47 -0.72
N LEU B 73 3.97 15.82 -1.76
CA LEU B 73 4.53 16.14 -3.11
C LEU B 73 5.25 17.51 -3.13
N GLU B 74 5.45 18.13 -1.96
CA GLU B 74 6.38 19.28 -1.79
C GLU B 74 7.84 18.78 -1.90
N HIS B 75 8.04 17.48 -1.64
CA HIS B 75 9.38 16.83 -1.61
C HIS B 75 9.63 15.99 -2.88
N HIS B 76 8.74 16.09 -3.90
CA HIS B 76 8.88 15.29 -5.15
C HIS B 76 9.82 15.98 -6.16
N HIS B 77 10.35 17.16 -5.78
CA HIS B 77 11.29 17.97 -6.58
C HIS B 77 12.49 17.11 -7.07
N HIS B 78 12.65 17.07 -8.40
CA HIS B 78 13.60 16.18 -9.07
C HIS B 78 15.00 16.80 -9.15
N HIS B 79 15.08 18.04 -9.66
CA HIS B 79 16.38 18.70 -9.93
C HIS B 79 16.15 20.17 -10.34
N HIS B 80 16.42 21.11 -9.41
CA HIS B 80 16.46 22.56 -9.74
C HIS B 80 17.52 22.85 -10.84
#